data_6LFG
#
_entry.id   6LFG
#
_entity_poly.entity_id   1
_entity_poly.type   'polypeptide(L)'
_entity_poly.pdbx_seq_one_letter_code
;MKYILVTGGVISGVGKGVIASSFGTLLKSCGLDVTSIKIDPYINIDAGTFSPYEHGEVYVLDDGAEVDLDLGNYERFLDV
TLHRDNNITTGKIYKLVIEKERTGEYLGKTVQVVPHITDAIQEWVERVAQTPVQGSSKPQVCIVELGGTIGDIEGMPFVE
AFRQFQFRVKRENFCLAHVSLVPLPKATGEPKTKPTQSSVRELRGCGLSPDLIVCRSEKPIGLEVKEKISNFCHVGPDQV
ICIHDLNSIYHVPLLMEQNGVIEYLNERLQLNIDMSKRTKCLQQWRDLARRTETVRREVCIAVVGKYTKFTDSYASVVKA
LQHAALAVNRKLELVFIESCLLEEETLHSEPSKYHKEWQKLCDSHGILVPGGFGSRGMEGKIRACQWARENQKPLLGICL
GLQAAVIEFARNKLGLKDANTTEIDPNTANALVIDMPEHHTGQLGGTMRLGKRITVFSDGPSVIRQLYGNPKSVQERHRH
RYEVNPKYVHLLEEQGMRFVGTDVDKTRMEIIELSGHPYFVATQYHPEYLSRPLKPSPPFLGLILASVDRLNQYIQRGCR
LS
;
_entity_poly.pdbx_strand_id   D,A,B,C,E,F,G,H
#
# COMPACT_ATOMS: atom_id res chain seq x y z
N MET A 1 -61.05 -30.88 -0.51
CA MET A 1 -60.48 -30.99 0.83
C MET A 1 -59.86 -32.36 1.04
N LYS A 2 -60.52 -33.39 0.53
CA LYS A 2 -60.07 -34.77 0.65
C LYS A 2 -59.56 -35.26 -0.71
N TYR A 3 -58.32 -35.76 -0.73
CA TYR A 3 -57.69 -36.26 -1.94
C TYR A 3 -57.01 -37.58 -1.62
N ILE A 4 -57.50 -38.67 -2.22
CA ILE A 4 -56.96 -40.00 -2.01
C ILE A 4 -56.54 -40.55 -3.37
N LEU A 5 -55.25 -40.85 -3.53
CA LEU A 5 -54.74 -41.38 -4.77
C LEU A 5 -55.09 -42.86 -4.91
N VAL A 6 -55.31 -43.29 -6.16
CA VAL A 6 -55.65 -44.67 -6.47
C VAL A 6 -54.61 -45.20 -7.44
N THR A 7 -53.92 -46.26 -7.03
CA THR A 7 -52.88 -46.88 -7.83
C THR A 7 -53.46 -48.07 -8.60
N GLY A 8 -53.33 -48.04 -9.93
CA GLY A 8 -53.84 -49.10 -10.76
C GLY A 8 -52.88 -50.27 -10.89
N GLY A 9 -52.37 -50.48 -12.11
CA GLY A 9 -51.45 -51.57 -12.35
C GLY A 9 -50.21 -51.14 -13.10
N VAL A 10 -49.48 -52.12 -13.65
CA VAL A 10 -48.25 -51.85 -14.40
C VAL A 10 -48.44 -52.01 -15.90
N ILE A 11 -49.59 -52.50 -16.34
CA ILE A 11 -49.87 -52.69 -17.76
C ILE A 11 -51.36 -52.49 -17.99
N SER A 12 -51.70 -51.76 -19.05
CA SER A 12 -53.10 -51.48 -19.38
C SER A 12 -53.74 -52.75 -19.93
N GLY A 13 -54.39 -53.51 -19.04
CA GLY A 13 -55.07 -54.73 -19.46
C GLY A 13 -54.79 -55.91 -18.56
N VAL A 14 -54.60 -55.65 -17.27
CA VAL A 14 -54.35 -56.70 -16.30
C VAL A 14 -55.51 -56.92 -15.34
N GLY A 15 -56.19 -55.89 -14.90
CA GLY A 15 -57.32 -56.05 -13.99
C GLY A 15 -57.42 -54.95 -12.95
N LYS A 16 -56.95 -53.75 -13.30
CA LYS A 16 -57.01 -52.62 -12.38
C LYS A 16 -58.37 -51.96 -12.34
N GLY A 17 -59.31 -52.36 -13.21
CA GLY A 17 -60.62 -51.75 -13.21
C GLY A 17 -61.47 -52.17 -12.04
N VAL A 18 -61.35 -53.42 -11.60
CA VAL A 18 -62.13 -53.89 -10.46
C VAL A 18 -61.55 -53.37 -9.14
N ILE A 19 -60.25 -53.11 -9.11
CA ILE A 19 -59.63 -52.61 -7.88
C ILE A 19 -59.99 -51.15 -7.64
N ALA A 20 -59.94 -50.33 -8.68
CA ALA A 20 -60.26 -48.91 -8.51
C ALA A 20 -61.76 -48.70 -8.31
N SER A 21 -62.59 -49.60 -8.83
CA SER A 21 -64.03 -49.48 -8.67
C SER A 21 -64.51 -49.84 -7.27
N SER A 22 -63.68 -50.55 -6.50
CA SER A 22 -64.09 -50.94 -5.15
C SER A 22 -64.06 -49.73 -4.20
N PHE A 23 -63.06 -48.86 -4.35
CA PHE A 23 -62.95 -47.68 -3.50
C PHE A 23 -63.93 -46.58 -3.91
N GLY A 24 -64.46 -46.63 -5.13
CA GLY A 24 -65.40 -45.64 -5.59
C GLY A 24 -66.80 -45.86 -5.09
N THR A 25 -67.22 -47.13 -5.03
CA THR A 25 -68.55 -47.48 -4.55
C THR A 25 -68.65 -47.51 -3.03
N LEU A 26 -67.55 -47.29 -2.32
CA LEU A 26 -67.60 -47.30 -0.85
C LEU A 26 -68.30 -46.06 -0.32
N LEU A 27 -67.90 -44.88 -0.80
CA LEU A 27 -68.55 -43.65 -0.37
C LEU A 27 -69.90 -43.43 -1.02
N LYS A 28 -70.16 -44.07 -2.17
CA LYS A 28 -71.47 -43.94 -2.80
C LYS A 28 -72.55 -44.65 -2.01
N SER A 29 -72.19 -45.71 -1.28
CA SER A 29 -73.16 -46.46 -0.49
C SER A 29 -73.41 -45.84 0.88
N CYS A 30 -72.55 -44.92 1.31
CA CYS A 30 -72.70 -44.27 2.61
C CYS A 30 -73.45 -42.94 2.52
N GLY A 31 -73.90 -42.55 1.34
CA GLY A 31 -74.62 -41.31 1.16
C GLY A 31 -73.81 -40.15 0.63
N LEU A 32 -72.62 -40.39 0.11
CA LEU A 32 -71.76 -39.35 -0.43
C LEU A 32 -71.60 -39.54 -1.94
N ASP A 33 -70.95 -38.58 -2.57
CA ASP A 33 -70.70 -38.61 -4.00
C ASP A 33 -69.28 -38.18 -4.29
N VAL A 34 -68.63 -38.87 -5.23
CA VAL A 34 -67.26 -38.59 -5.62
C VAL A 34 -67.19 -38.50 -7.15
N THR A 35 -65.97 -38.34 -7.65
CA THR A 35 -65.71 -38.26 -9.09
C THR A 35 -64.76 -39.38 -9.50
N SER A 36 -64.10 -39.19 -10.64
CA SER A 36 -63.15 -40.17 -11.17
C SER A 36 -62.23 -39.45 -12.15
N ILE A 37 -61.01 -39.15 -11.70
CA ILE A 37 -60.01 -38.48 -12.52
C ILE A 37 -58.79 -39.39 -12.62
N LYS A 38 -58.37 -39.68 -13.84
CA LYS A 38 -57.24 -40.56 -14.11
C LYS A 38 -56.19 -39.81 -14.94
N ILE A 39 -55.08 -40.49 -15.19
CA ILE A 39 -53.98 -39.93 -15.97
C ILE A 39 -53.24 -41.07 -16.67
N ASP A 40 -52.96 -40.88 -17.96
CA ASP A 40 -52.28 -41.90 -18.73
C ASP A 40 -50.82 -41.49 -18.94
N PRO A 41 -49.86 -42.13 -18.27
CA PRO A 41 -48.44 -41.79 -18.43
C PRO A 41 -47.82 -42.35 -19.71
N TYR A 42 -48.38 -41.97 -20.85
CA TYR A 42 -47.89 -42.44 -22.15
C TYR A 42 -47.30 -41.28 -22.96
N ILE A 43 -47.67 -41.19 -24.23
CA ILE A 43 -47.18 -40.13 -25.10
C ILE A 43 -48.30 -39.15 -25.40
N ASN A 44 -49.33 -39.63 -26.10
CA ASN A 44 -50.47 -38.79 -26.47
C ASN A 44 -51.78 -39.55 -26.32
N ILE A 45 -52.78 -39.18 -27.11
CA ILE A 45 -54.08 -39.83 -27.03
C ILE A 45 -53.99 -41.22 -27.66
N ASP A 46 -54.61 -42.20 -26.99
CA ASP A 46 -54.57 -43.57 -27.50
C ASP A 46 -55.48 -43.74 -28.72
N ALA A 47 -56.53 -42.93 -28.83
CA ALA A 47 -57.47 -43.00 -29.94
C ALA A 47 -57.07 -42.10 -31.11
N GLY A 48 -55.78 -41.89 -31.33
CA GLY A 48 -55.33 -41.05 -32.43
C GLY A 48 -54.95 -41.85 -33.65
N THR A 49 -53.65 -42.06 -33.86
CA THR A 49 -53.15 -42.84 -34.98
C THR A 49 -52.98 -44.31 -34.64
N PHE A 50 -53.25 -44.71 -33.39
CA PHE A 50 -53.11 -46.10 -32.99
C PHE A 50 -54.27 -46.93 -33.56
N SER A 51 -54.08 -48.24 -33.57
CA SER A 51 -55.11 -49.14 -34.07
C SER A 51 -56.38 -49.03 -33.23
N PRO A 52 -57.55 -49.28 -33.82
CA PRO A 52 -58.80 -49.16 -33.05
C PRO A 52 -58.91 -50.16 -31.91
N TYR A 53 -58.31 -51.33 -32.04
CA TYR A 53 -58.34 -52.33 -30.98
C TYR A 53 -57.11 -53.22 -31.09
N GLU A 54 -56.36 -53.32 -29.98
CA GLU A 54 -55.17 -54.16 -29.91
C GLU A 54 -54.75 -54.36 -28.47
N HIS A 55 -54.62 -53.26 -27.72
CA HIS A 55 -54.30 -53.31 -26.30
C HIS A 55 -55.29 -52.56 -25.42
N GLY A 56 -56.01 -51.57 -25.95
CA GLY A 56 -56.98 -50.83 -25.15
C GLY A 56 -58.35 -50.80 -25.78
N GLU A 57 -59.38 -51.09 -24.98
CA GLU A 57 -60.75 -51.12 -25.46
C GLU A 57 -61.28 -49.69 -25.52
N VAL A 58 -61.26 -49.11 -26.72
CA VAL A 58 -61.73 -47.74 -26.95
C VAL A 58 -63.15 -47.79 -27.48
N TYR A 59 -64.04 -47.02 -26.85
CA TYR A 59 -65.44 -46.99 -27.27
C TYR A 59 -65.96 -45.56 -27.34
N VAL A 60 -67.22 -45.35 -26.93
CA VAL A 60 -67.86 -44.04 -27.03
C VAL A 60 -68.97 -43.97 -26.00
N LEU A 61 -68.83 -44.73 -24.92
CA LEU A 61 -69.84 -44.78 -23.87
C LEU A 61 -70.08 -43.40 -23.26
N ASP A 62 -71.09 -42.70 -23.78
CA ASP A 62 -71.50 -41.39 -23.29
C ASP A 62 -70.33 -40.39 -23.35
N ASP A 63 -70.01 -39.99 -24.58
CA ASP A 63 -68.94 -39.04 -24.83
C ASP A 63 -69.08 -38.52 -26.26
N GLY A 64 -68.74 -37.26 -26.45
CA GLY A 64 -68.81 -36.62 -27.75
C GLY A 64 -67.55 -36.70 -28.58
N ALA A 65 -66.55 -37.46 -28.15
CA ALA A 65 -65.31 -37.57 -28.89
C ALA A 65 -64.65 -38.93 -28.64
N GLU A 66 -63.43 -38.91 -28.12
CA GLU A 66 -62.67 -40.12 -27.81
C GLU A 66 -62.65 -40.35 -26.31
N VAL A 67 -62.48 -41.62 -25.93
CA VAL A 67 -62.44 -42.00 -24.52
C VAL A 67 -61.12 -42.68 -24.21
N ASP A 68 -60.99 -43.20 -22.99
CA ASP A 68 -59.76 -43.90 -22.59
C ASP A 68 -59.89 -45.39 -22.87
N LEU A 69 -59.92 -46.21 -21.82
CA LEU A 69 -60.07 -47.65 -21.99
C LEU A 69 -60.65 -48.30 -20.74
N ASP A 70 -60.62 -47.59 -19.62
CA ASP A 70 -61.08 -48.12 -18.34
C ASP A 70 -62.06 -47.14 -17.70
N LEU A 71 -63.07 -46.72 -18.47
CA LEU A 71 -64.08 -45.79 -17.98
C LEU A 71 -65.50 -46.32 -18.18
N GLY A 72 -65.64 -47.58 -18.60
CA GLY A 72 -66.96 -48.16 -18.81
C GLY A 72 -67.56 -48.74 -17.55
N ASN A 73 -66.70 -49.23 -16.64
CA ASN A 73 -67.18 -49.81 -15.40
C ASN A 73 -67.53 -48.76 -14.36
N TYR A 74 -67.01 -47.54 -14.51
CA TYR A 74 -67.32 -46.48 -13.54
C TYR A 74 -68.74 -45.97 -13.72
N GLU A 75 -69.19 -45.82 -14.97
CA GLU A 75 -70.54 -45.33 -15.22
C GLU A 75 -71.58 -46.40 -14.92
N ARG A 76 -71.24 -47.68 -15.11
CA ARG A 76 -72.18 -48.76 -14.86
C ARG A 76 -72.33 -49.03 -13.36
N PHE A 77 -71.23 -49.03 -12.62
CA PHE A 77 -71.29 -49.27 -11.18
C PHE A 77 -71.77 -48.03 -10.44
N LEU A 78 -71.01 -46.93 -10.51
CA LEU A 78 -71.36 -45.70 -9.84
C LEU A 78 -72.44 -44.96 -10.63
N ASP A 79 -72.90 -43.83 -10.07
CA ASP A 79 -73.92 -43.00 -10.69
C ASP A 79 -73.33 -41.75 -11.33
N VAL A 80 -72.06 -41.82 -11.75
CA VAL A 80 -71.39 -40.70 -12.38
C VAL A 80 -71.14 -41.03 -13.85
N THR A 81 -70.79 -40.00 -14.62
CA THR A 81 -70.52 -40.14 -16.04
C THR A 81 -69.15 -39.53 -16.34
N LEU A 82 -68.73 -39.65 -17.61
CA LEU A 82 -67.44 -39.12 -18.05
C LEU A 82 -67.67 -38.17 -19.22
N HIS A 83 -66.87 -37.11 -19.27
CA HIS A 83 -66.98 -36.12 -20.33
C HIS A 83 -65.67 -35.97 -21.08
N ARG A 84 -65.42 -34.78 -21.63
CA ARG A 84 -64.18 -34.53 -22.37
C ARG A 84 -63.04 -34.08 -21.47
N ASP A 85 -63.30 -33.75 -20.21
CA ASP A 85 -62.29 -33.33 -19.27
C ASP A 85 -61.85 -34.44 -18.33
N ASN A 86 -62.16 -35.70 -18.66
CA ASN A 86 -61.79 -36.83 -17.83
C ASN A 86 -60.70 -37.71 -18.43
N ASN A 87 -60.48 -37.64 -19.74
CA ASN A 87 -59.44 -38.43 -20.40
C ASN A 87 -58.12 -37.67 -20.41
N ILE A 88 -57.63 -37.36 -19.21
CA ILE A 88 -56.38 -36.62 -19.06
C ILE A 88 -55.20 -37.53 -19.38
N THR A 89 -54.33 -37.07 -20.27
CA THR A 89 -53.15 -37.83 -20.67
C THR A 89 -51.97 -36.86 -20.79
N THR A 90 -50.80 -37.43 -21.08
CA THR A 90 -49.61 -36.60 -21.22
C THR A 90 -49.64 -35.77 -22.50
N GLY A 91 -50.36 -36.23 -23.53
CA GLY A 91 -50.44 -35.47 -24.75
C GLY A 91 -51.32 -34.24 -24.65
N LYS A 92 -52.36 -34.30 -23.82
CA LYS A 92 -53.25 -33.16 -23.65
C LYS A 92 -52.58 -32.03 -22.89
N ILE A 93 -51.71 -32.36 -21.94
CA ILE A 93 -51.02 -31.33 -21.18
C ILE A 93 -50.01 -30.58 -22.06
N TYR A 94 -49.31 -31.31 -22.93
CA TYR A 94 -48.31 -30.70 -23.80
C TYR A 94 -48.92 -29.76 -24.84
N LYS A 95 -50.25 -29.80 -25.02
CA LYS A 95 -50.88 -28.91 -25.99
C LYS A 95 -50.89 -27.47 -25.51
N LEU A 96 -50.87 -27.25 -24.19
CA LEU A 96 -50.89 -25.90 -23.63
C LEU A 96 -49.56 -25.46 -23.03
N VAL A 97 -48.67 -26.40 -22.70
CA VAL A 97 -47.38 -26.02 -22.16
C VAL A 97 -46.53 -25.34 -23.23
N ILE A 98 -46.59 -25.85 -24.46
CA ILE A 98 -45.84 -25.22 -25.55
C ILE A 98 -46.49 -23.89 -25.95
N GLU A 99 -47.81 -23.76 -25.75
CA GLU A 99 -48.51 -22.55 -26.13
C GLU A 99 -48.28 -21.43 -25.13
N LYS A 100 -48.20 -21.75 -23.84
CA LYS A 100 -48.02 -20.72 -22.83
C LYS A 100 -46.62 -20.14 -22.86
N GLU A 101 -45.63 -20.93 -23.28
CA GLU A 101 -44.25 -20.44 -23.37
C GLU A 101 -43.97 -19.73 -24.68
N ARG A 102 -44.87 -19.81 -25.66
CA ARG A 102 -44.69 -19.14 -26.94
C ARG A 102 -45.46 -17.82 -27.03
N THR A 103 -46.62 -17.72 -26.37
CA THR A 103 -47.38 -16.48 -26.39
C THR A 103 -46.70 -15.39 -25.56
N GLY A 104 -46.46 -15.67 -24.28
CA GLY A 104 -45.79 -14.74 -23.41
C GLY A 104 -46.58 -14.38 -22.17
N GLU A 105 -46.44 -15.18 -21.11
CA GLU A 105 -47.10 -14.93 -19.85
C GLU A 105 -46.15 -14.84 -18.67
N TYR A 106 -44.98 -15.47 -18.73
CA TYR A 106 -43.99 -15.42 -17.66
C TYR A 106 -42.73 -14.71 -18.13
N LEU A 107 -42.91 -13.65 -18.91
CA LEU A 107 -41.82 -12.82 -19.46
C LEU A 107 -40.85 -13.64 -20.30
N GLY A 108 -41.29 -14.80 -20.80
CA GLY A 108 -40.43 -15.62 -21.64
C GLY A 108 -39.21 -16.18 -20.96
N LYS A 109 -39.24 -16.33 -19.63
CA LYS A 109 -38.08 -16.85 -18.91
C LYS A 109 -37.94 -18.35 -19.15
N THR A 110 -36.70 -18.80 -19.23
CA THR A 110 -36.40 -20.23 -19.42
C THR A 110 -36.64 -20.97 -18.12
N VAL A 111 -37.64 -21.85 -18.11
CA VAL A 111 -37.98 -22.62 -16.92
C VAL A 111 -37.32 -23.99 -17.00
N GLN A 112 -37.56 -24.83 -15.99
CA GLN A 112 -36.98 -26.17 -15.98
C GLN A 112 -38.05 -27.21 -15.68
N VAL A 113 -38.46 -27.32 -14.42
CA VAL A 113 -39.47 -28.29 -14.02
C VAL A 113 -40.16 -27.81 -12.74
N VAL A 114 -39.47 -26.96 -11.99
CA VAL A 114 -40.00 -26.42 -10.74
C VAL A 114 -39.71 -24.92 -10.67
N PRO A 115 -40.63 -24.09 -10.18
CA PRO A 115 -41.98 -24.52 -9.75
C PRO A 115 -43.03 -24.26 -10.84
N HIS A 116 -42.89 -24.92 -11.99
CA HIS A 116 -43.81 -24.69 -13.09
C HIS A 116 -44.53 -25.97 -13.50
N ILE A 117 -43.78 -27.04 -13.77
CA ILE A 117 -44.40 -28.29 -14.18
C ILE A 117 -45.17 -28.91 -13.02
N THR A 118 -44.59 -28.90 -11.81
CA THR A 118 -45.28 -29.44 -10.66
C THR A 118 -46.48 -28.59 -10.26
N ASP A 119 -46.45 -27.29 -10.57
CA ASP A 119 -47.57 -26.41 -10.28
C ASP A 119 -48.62 -26.39 -11.39
N ALA A 120 -48.27 -26.85 -12.59
CA ALA A 120 -49.25 -26.89 -13.68
C ALA A 120 -50.29 -27.99 -13.45
N ILE A 121 -49.92 -29.04 -12.71
CA ILE A 121 -50.87 -30.10 -12.41
C ILE A 121 -51.91 -29.64 -11.40
N GLN A 122 -51.60 -28.61 -10.61
CA GLN A 122 -52.57 -28.12 -9.63
C GLN A 122 -53.80 -27.52 -10.29
N GLU A 123 -53.64 -26.99 -11.52
CA GLU A 123 -54.78 -26.43 -12.22
C GLU A 123 -55.70 -27.51 -12.76
N TRP A 124 -55.21 -28.74 -12.91
CA TRP A 124 -56.05 -29.83 -13.39
C TRP A 124 -56.80 -30.52 -12.25
N VAL A 125 -56.41 -30.26 -11.00
CA VAL A 125 -57.08 -30.90 -9.88
C VAL A 125 -58.06 -29.94 -9.21
N GLU A 126 -57.69 -28.67 -9.08
CA GLU A 126 -58.57 -27.70 -8.43
C GLU A 126 -59.71 -27.25 -9.34
N ARG A 127 -59.69 -27.63 -10.62
CA ARG A 127 -60.75 -27.23 -11.53
C ARG A 127 -61.83 -28.31 -11.61
N VAL A 128 -61.45 -29.57 -11.46
CA VAL A 128 -62.41 -30.68 -11.52
C VAL A 128 -62.86 -31.03 -10.11
N ALA A 129 -62.46 -30.22 -9.13
CA ALA A 129 -62.82 -30.48 -7.74
C ALA A 129 -64.26 -30.08 -7.47
N GLN A 130 -64.64 -28.85 -7.84
CA GLN A 130 -65.98 -28.34 -7.61
C GLN A 130 -66.88 -28.47 -8.82
N THR A 131 -66.43 -29.18 -9.87
CA THR A 131 -67.21 -29.39 -11.09
C THR A 131 -67.39 -30.89 -11.30
N PRO A 132 -68.35 -31.51 -10.63
CA PRO A 132 -68.57 -32.95 -10.80
C PRO A 132 -69.32 -33.28 -12.07
N VAL A 133 -70.36 -34.10 -11.96
CA VAL A 133 -71.18 -34.49 -13.11
C VAL A 133 -72.61 -34.00 -12.89
N GLN A 134 -73.51 -34.35 -13.80
CA GLN A 134 -74.91 -33.96 -13.71
C GLN A 134 -75.63 -34.93 -12.78
N GLY A 135 -75.48 -34.68 -11.48
CA GLY A 135 -76.11 -35.51 -10.48
C GLY A 135 -75.74 -35.13 -9.05
N SER A 136 -74.81 -34.19 -8.92
CA SER A 136 -74.36 -33.74 -7.61
C SER A 136 -73.98 -32.27 -7.69
N SER A 137 -73.82 -31.65 -6.52
CA SER A 137 -73.45 -30.23 -6.43
C SER A 137 -71.94 -30.08 -6.33
N LYS A 138 -71.38 -30.45 -5.18
CA LYS A 138 -69.94 -30.35 -4.97
C LYS A 138 -69.46 -31.56 -4.17
N PRO A 139 -68.63 -32.42 -4.76
CA PRO A 139 -68.15 -33.60 -4.03
C PRO A 139 -67.13 -33.21 -2.97
N GLN A 140 -67.30 -33.76 -1.76
CA GLN A 140 -66.38 -33.45 -0.68
C GLN A 140 -65.07 -34.23 -0.82
N VAL A 141 -65.11 -35.44 -1.36
CA VAL A 141 -63.94 -36.27 -1.56
C VAL A 141 -63.63 -36.28 -3.06
N CYS A 142 -62.42 -35.86 -3.42
CA CYS A 142 -61.97 -35.81 -4.80
C CYS A 142 -60.77 -36.75 -4.95
N ILE A 143 -61.03 -37.97 -5.40
CA ILE A 143 -59.99 -38.98 -5.57
C ILE A 143 -59.39 -38.86 -6.96
N VAL A 144 -58.12 -39.21 -7.09
CA VAL A 144 -57.40 -39.18 -8.35
C VAL A 144 -56.84 -40.57 -8.61
N GLU A 145 -57.16 -41.12 -9.77
CA GLU A 145 -56.71 -42.45 -10.14
C GLU A 145 -55.42 -42.39 -10.95
N LEU A 146 -54.71 -43.52 -10.99
CA LEU A 146 -53.45 -43.64 -11.73
C LEU A 146 -53.51 -44.93 -12.53
N GLY A 147 -53.79 -44.81 -13.83
CA GLY A 147 -53.87 -45.96 -14.70
C GLY A 147 -52.63 -46.14 -15.56
N GLY A 148 -52.70 -47.10 -16.47
CA GLY A 148 -51.60 -47.39 -17.37
C GLY A 148 -50.42 -48.04 -16.67
N THR A 149 -49.29 -47.36 -16.66
CA THR A 149 -48.06 -47.84 -16.03
C THR A 149 -47.75 -47.01 -14.78
N ILE A 150 -46.70 -47.41 -14.08
CA ILE A 150 -46.27 -46.72 -12.87
C ILE A 150 -44.77 -46.92 -12.71
N GLY A 151 -44.07 -45.83 -12.41
CA GLY A 151 -42.63 -45.89 -12.22
C GLY A 151 -41.86 -45.92 -13.54
N ASP A 152 -41.57 -44.75 -14.08
CA ASP A 152 -40.86 -44.65 -15.35
C ASP A 152 -39.99 -43.40 -15.29
N ILE A 153 -39.77 -42.76 -16.44
CA ILE A 153 -38.95 -41.55 -16.48
C ILE A 153 -39.75 -40.34 -16.03
N GLU A 154 -40.99 -40.22 -16.50
CA GLU A 154 -41.85 -39.08 -16.16
C GLU A 154 -42.41 -39.17 -14.73
N GLY A 155 -42.00 -40.17 -13.96
CA GLY A 155 -42.48 -40.33 -12.60
C GLY A 155 -41.83 -39.42 -11.57
N MET A 156 -40.88 -38.57 -12.00
CA MET A 156 -40.24 -37.67 -11.04
C MET A 156 -41.11 -36.48 -10.67
N PRO A 157 -41.70 -35.73 -11.62
CA PRO A 157 -42.57 -34.62 -11.20
C PRO A 157 -43.87 -35.07 -10.55
N PHE A 158 -44.24 -36.34 -10.68
CA PHE A 158 -45.46 -36.82 -10.02
C PHE A 158 -45.27 -36.91 -8.51
N VAL A 159 -44.08 -37.28 -8.07
CA VAL A 159 -43.82 -37.38 -6.64
C VAL A 159 -43.69 -35.99 -6.02
N GLU A 160 -43.06 -35.06 -6.74
CA GLU A 160 -42.90 -33.71 -6.23
C GLU A 160 -44.22 -32.94 -6.15
N ALA A 161 -45.24 -33.38 -6.90
CA ALA A 161 -46.53 -32.71 -6.89
C ALA A 161 -47.48 -33.27 -5.84
N PHE A 162 -47.31 -34.54 -5.45
CA PHE A 162 -48.18 -35.12 -4.43
C PHE A 162 -47.86 -34.60 -3.04
N ARG A 163 -46.60 -34.26 -2.78
CA ARG A 163 -46.21 -33.75 -1.47
C ARG A 163 -46.62 -32.29 -1.26
N GLN A 164 -46.94 -31.57 -2.33
CA GLN A 164 -47.34 -30.18 -2.18
C GLN A 164 -48.73 -30.06 -1.55
N PHE A 165 -49.65 -30.92 -1.96
CA PHE A 165 -50.99 -30.89 -1.39
C PHE A 165 -51.05 -31.43 0.03
N GLN A 166 -50.03 -32.19 0.45
CA GLN A 166 -50.02 -32.79 1.78
C GLN A 166 -49.35 -31.90 2.81
N PHE A 167 -48.29 -31.20 2.43
CA PHE A 167 -47.57 -30.35 3.39
C PHE A 167 -48.35 -29.10 3.75
N ARG A 168 -49.36 -28.73 2.96
CA ARG A 168 -50.15 -27.53 3.24
C ARG A 168 -51.35 -27.81 4.13
N VAL A 169 -51.78 -29.06 4.25
CA VAL A 169 -52.92 -29.41 5.08
C VAL A 169 -52.47 -30.36 6.17
N LYS A 170 -53.42 -30.91 6.92
CA LYS A 170 -53.11 -31.84 7.99
C LYS A 170 -52.76 -33.22 7.42
N ARG A 171 -52.36 -34.13 8.30
CA ARG A 171 -51.97 -35.48 7.91
C ARG A 171 -53.17 -36.42 7.83
N GLU A 172 -54.38 -35.95 8.11
CA GLU A 172 -55.58 -36.77 8.08
C GLU A 172 -56.36 -36.60 6.78
N ASN A 173 -55.67 -36.32 5.68
CA ASN A 173 -56.32 -36.11 4.39
C ASN A 173 -55.72 -36.94 3.25
N PHE A 174 -54.62 -37.65 3.47
CA PHE A 174 -53.97 -38.42 2.42
C PHE A 174 -53.60 -39.80 2.97
N CYS A 175 -53.70 -40.81 2.10
CA CYS A 175 -53.36 -42.18 2.44
C CYS A 175 -52.60 -42.78 1.25
N LEU A 176 -51.29 -42.89 1.38
CA LEU A 176 -50.46 -43.39 0.29
C LEU A 176 -50.64 -44.91 0.14
N ALA A 177 -50.79 -45.35 -1.10
CA ALA A 177 -50.94 -46.77 -1.40
C ALA A 177 -50.29 -47.04 -2.75
N HIS A 178 -49.23 -47.83 -2.76
CA HIS A 178 -48.50 -48.13 -3.99
C HIS A 178 -49.07 -49.38 -4.64
N VAL A 179 -48.21 -50.30 -5.05
CA VAL A 179 -48.63 -51.53 -5.71
C VAL A 179 -47.54 -52.57 -5.52
N SER A 180 -47.95 -53.81 -5.23
CA SER A 180 -47.01 -54.90 -5.02
C SER A 180 -47.70 -56.20 -5.38
N LEU A 181 -47.37 -56.75 -6.54
CA LEU A 181 -47.96 -58.01 -6.97
C LEU A 181 -47.33 -59.18 -6.22
N VAL A 182 -48.13 -60.22 -6.00
CA VAL A 182 -47.69 -61.40 -5.28
C VAL A 182 -47.43 -62.54 -6.25
N PRO A 183 -46.18 -62.88 -6.53
CA PRO A 183 -45.88 -63.98 -7.45
C PRO A 183 -46.15 -65.33 -6.81
N LEU A 184 -46.29 -66.33 -7.67
CA LEU A 184 -46.55 -67.70 -7.25
C LEU A 184 -45.42 -68.60 -7.73
N PRO A 185 -44.72 -69.31 -6.84
CA PRO A 185 -43.64 -70.19 -7.28
C PRO A 185 -44.18 -71.44 -7.95
N LYS A 186 -43.28 -72.13 -8.65
CA LYS A 186 -43.63 -73.35 -9.37
C LYS A 186 -42.97 -74.59 -8.78
N ALA A 187 -41.99 -74.42 -7.89
CA ALA A 187 -41.29 -75.55 -7.27
C ALA A 187 -41.66 -75.74 -5.82
N THR A 188 -41.50 -74.70 -4.99
CA THR A 188 -41.84 -74.80 -3.57
C THR A 188 -43.34 -74.67 -3.36
N GLY A 189 -43.79 -73.48 -2.97
CA GLY A 189 -45.20 -73.24 -2.73
C GLY A 189 -45.46 -72.16 -1.71
N GLU A 190 -44.39 -71.64 -1.11
CA GLU A 190 -44.54 -70.59 -0.11
C GLU A 190 -44.75 -69.25 -0.80
N PRO A 191 -45.79 -68.49 -0.44
CA PRO A 191 -46.02 -67.19 -1.11
C PRO A 191 -45.00 -66.14 -0.70
N LYS A 192 -43.78 -66.24 -1.22
CA LYS A 192 -42.72 -65.28 -0.93
C LYS A 192 -42.85 -64.13 -1.93
N THR A 193 -43.37 -63.00 -1.47
CA THR A 193 -43.57 -61.84 -2.33
C THR A 193 -42.27 -61.05 -2.46
N LYS A 194 -41.97 -60.63 -3.68
CA LYS A 194 -40.75 -59.89 -3.97
C LYS A 194 -41.00 -58.41 -4.24
N PRO A 195 -42.01 -58.03 -5.04
CA PRO A 195 -42.25 -56.59 -5.26
C PRO A 195 -42.64 -55.82 -4.02
N THR A 196 -42.99 -56.49 -2.92
CA THR A 196 -43.35 -55.78 -1.69
C THR A 196 -42.13 -55.07 -1.09
N GLN A 197 -41.03 -55.80 -0.90
CA GLN A 197 -39.82 -55.19 -0.36
C GLN A 197 -39.14 -54.26 -1.34
N SER A 198 -39.44 -54.39 -2.64
CA SER A 198 -38.83 -53.52 -3.64
C SER A 198 -39.60 -52.20 -3.79
N SER A 199 -40.90 -52.22 -3.51
CA SER A 199 -41.69 -51.00 -3.63
C SER A 199 -41.40 -50.02 -2.49
N VAL A 200 -40.98 -50.53 -1.33
CA VAL A 200 -40.67 -49.65 -0.20
C VAL A 200 -39.40 -48.87 -0.48
N ARG A 201 -38.42 -49.49 -1.15
CA ARG A 201 -37.18 -48.80 -1.46
C ARG A 201 -37.40 -47.67 -2.46
N GLU A 202 -38.34 -47.84 -3.39
CA GLU A 202 -38.61 -46.79 -4.37
C GLU A 202 -39.31 -45.59 -3.73
N LEU A 203 -40.17 -45.84 -2.74
CA LEU A 203 -40.86 -44.74 -2.07
C LEU A 203 -39.92 -43.97 -1.16
N ARG A 204 -39.00 -44.66 -0.49
CA ARG A 204 -38.04 -43.99 0.38
C ARG A 204 -36.99 -43.21 -0.39
N GLY A 205 -36.74 -43.59 -1.64
CA GLY A 205 -35.76 -42.91 -2.48
C GLY A 205 -36.26 -41.65 -3.16
N CYS A 206 -37.52 -41.28 -2.94
CA CYS A 206 -38.08 -40.08 -3.55
C CYS A 206 -38.73 -39.13 -2.57
N GLY A 207 -39.01 -39.55 -1.34
CA GLY A 207 -39.62 -38.68 -0.36
C GLY A 207 -41.05 -39.06 -0.01
N LEU A 208 -41.34 -40.36 0.01
CA LEU A 208 -42.66 -40.87 0.32
C LEU A 208 -42.56 -41.92 1.43
N SER A 209 -43.70 -42.18 2.05
CA SER A 209 -43.77 -43.16 3.13
C SER A 209 -45.06 -43.98 3.02
N PRO A 210 -44.97 -45.29 2.79
CA PRO A 210 -46.19 -46.10 2.67
C PRO A 210 -46.87 -46.26 4.02
N ASP A 211 -48.20 -46.19 3.99
CA ASP A 211 -49.01 -46.33 5.19
C ASP A 211 -50.09 -47.41 5.08
N LEU A 212 -50.62 -47.66 3.88
CA LEU A 212 -51.64 -48.67 3.69
C LEU A 212 -50.99 -50.01 3.32
N ILE A 213 -51.84 -51.03 3.11
CA ILE A 213 -51.40 -52.36 2.75
C ILE A 213 -52.00 -52.71 1.39
N VAL A 214 -51.14 -53.01 0.42
CA VAL A 214 -51.56 -53.37 -0.93
C VAL A 214 -51.17 -54.82 -1.18
N CYS A 215 -52.10 -55.60 -1.71
CA CYS A 215 -51.86 -57.01 -1.99
C CYS A 215 -52.82 -57.46 -3.09
N ARG A 216 -52.52 -58.64 -3.65
CA ARG A 216 -53.36 -59.20 -4.70
C ARG A 216 -53.10 -60.70 -4.78
N SER A 217 -54.14 -61.50 -4.57
CA SER A 217 -54.04 -62.95 -4.61
C SER A 217 -55.31 -63.51 -5.23
N GLU A 218 -55.49 -64.82 -5.11
CA GLU A 218 -56.67 -65.50 -5.66
C GLU A 218 -57.33 -66.47 -4.69
N LYS A 219 -56.66 -66.90 -3.64
CA LYS A 219 -57.22 -67.83 -2.67
C LYS A 219 -56.73 -67.45 -1.27
N PRO A 220 -57.55 -67.68 -0.24
CA PRO A 220 -57.12 -67.35 1.13
C PRO A 220 -55.87 -68.11 1.56
N ILE A 221 -54.73 -67.42 1.58
CA ILE A 221 -53.47 -68.02 1.96
C ILE A 221 -53.38 -68.07 3.48
N GLY A 222 -52.31 -68.68 4.00
CA GLY A 222 -52.15 -68.81 5.44
C GLY A 222 -51.75 -67.49 6.09
N LEU A 223 -51.71 -67.52 7.42
CA LEU A 223 -51.36 -66.36 8.21
C LEU A 223 -49.87 -66.26 8.51
N GLU A 224 -49.05 -67.13 7.92
CA GLU A 224 -47.61 -67.10 8.17
C GLU A 224 -46.91 -66.00 7.39
N VAL A 225 -47.57 -65.41 6.40
CA VAL A 225 -46.99 -64.32 5.60
C VAL A 225 -47.66 -62.99 5.86
N LYS A 226 -48.71 -62.95 6.69
CA LYS A 226 -49.36 -61.67 6.98
C LYS A 226 -48.51 -60.80 7.90
N GLU A 227 -47.75 -61.42 8.80
CA GLU A 227 -46.86 -60.67 9.69
C GLU A 227 -45.54 -60.30 9.03
N LYS A 228 -45.27 -60.80 7.82
CA LYS A 228 -44.04 -60.46 7.13
C LYS A 228 -44.09 -59.05 6.56
N ILE A 229 -45.25 -58.64 6.02
CA ILE A 229 -45.37 -57.31 5.45
C ILE A 229 -45.55 -56.24 6.53
N SER A 230 -46.05 -56.61 7.71
CA SER A 230 -46.29 -55.62 8.76
C SER A 230 -44.98 -55.06 9.30
N ASN A 231 -43.98 -55.92 9.52
CA ASN A 231 -42.70 -55.44 10.04
C ASN A 231 -41.89 -54.69 9.00
N PHE A 232 -42.07 -55.02 7.72
CA PHE A 232 -41.37 -54.31 6.66
C PHE A 232 -41.96 -52.93 6.38
N CYS A 233 -43.21 -52.69 6.78
CA CYS A 233 -43.85 -51.41 6.58
C CYS A 233 -44.15 -50.66 7.87
N HIS A 234 -43.93 -51.30 9.03
CA HIS A 234 -44.17 -50.69 10.35
C HIS A 234 -45.61 -50.21 10.48
N VAL A 235 -46.55 -51.09 10.11
CA VAL A 235 -47.97 -50.78 10.17
C VAL A 235 -48.66 -51.76 11.12
N GLY A 236 -49.98 -51.69 11.19
CA GLY A 236 -50.75 -52.56 12.05
C GLY A 236 -50.87 -53.96 11.48
N PRO A 237 -50.66 -54.98 12.33
CA PRO A 237 -50.76 -56.35 11.85
C PRO A 237 -52.18 -56.80 11.56
N ASP A 238 -53.19 -56.16 12.15
CA ASP A 238 -54.59 -56.50 11.92
C ASP A 238 -55.21 -55.70 10.79
N GLN A 239 -54.41 -55.07 9.94
CA GLN A 239 -54.91 -54.27 8.83
C GLN A 239 -54.39 -54.77 7.48
N VAL A 240 -53.99 -56.04 7.40
CA VAL A 240 -53.48 -56.60 6.15
C VAL A 240 -54.65 -57.06 5.29
N ILE A 241 -54.67 -56.61 4.04
CA ILE A 241 -55.73 -56.97 3.10
C ILE A 241 -55.32 -58.25 2.38
N CYS A 242 -56.20 -59.24 2.41
CA CYS A 242 -55.98 -60.53 1.75
C CYS A 242 -57.09 -60.73 0.73
N ILE A 243 -56.99 -60.02 -0.39
CA ILE A 243 -58.01 -60.09 -1.43
C ILE A 243 -57.79 -61.33 -2.28
N HIS A 244 -58.86 -62.10 -2.49
CA HIS A 244 -58.79 -63.30 -3.31
C HIS A 244 -59.62 -63.15 -4.57
N ASP A 245 -59.37 -62.09 -5.33
CA ASP A 245 -60.14 -61.84 -6.54
C ASP A 245 -59.79 -62.85 -7.63
N LEU A 246 -60.83 -63.35 -8.30
CA LEU A 246 -60.65 -64.32 -9.38
C LEU A 246 -60.92 -63.67 -10.73
N ASN A 247 -62.20 -63.42 -11.03
CA ASN A 247 -62.54 -62.80 -12.31
C ASN A 247 -63.87 -62.05 -12.26
N SER A 248 -64.38 -61.73 -11.08
CA SER A 248 -65.64 -61.01 -10.97
C SER A 248 -65.52 -59.81 -10.03
N ILE A 249 -66.63 -59.35 -9.47
CA ILE A 249 -66.62 -58.20 -8.59
C ILE A 249 -67.15 -58.48 -7.19
N TYR A 250 -67.82 -59.59 -6.95
CA TYR A 250 -68.38 -59.88 -5.63
C TYR A 250 -67.35 -60.48 -4.68
N HIS A 251 -66.09 -60.58 -5.08
CA HIS A 251 -65.02 -61.08 -4.23
C HIS A 251 -64.32 -59.98 -3.45
N VAL A 252 -64.97 -58.83 -3.30
CA VAL A 252 -64.37 -57.69 -2.60
C VAL A 252 -65.19 -57.31 -1.37
N PRO A 253 -66.53 -57.11 -1.46
CA PRO A 253 -67.27 -56.70 -0.27
C PRO A 253 -67.32 -57.75 0.82
N LEU A 254 -67.11 -59.03 0.48
CA LEU A 254 -67.12 -60.07 1.50
C LEU A 254 -65.88 -60.07 2.37
N LEU A 255 -64.83 -59.33 1.98
CA LEU A 255 -63.60 -59.27 2.75
C LEU A 255 -63.58 -58.10 3.73
N MET A 256 -64.19 -56.96 3.35
CA MET A 256 -64.17 -55.79 4.21
C MET A 256 -64.96 -56.02 5.50
N GLU A 257 -65.89 -56.96 5.50
CA GLU A 257 -66.69 -57.27 6.67
C GLU A 257 -66.03 -58.29 7.60
N GLN A 258 -64.81 -58.74 7.27
CA GLN A 258 -64.09 -59.71 8.08
C GLN A 258 -62.81 -59.15 8.69
N ASN A 259 -62.01 -58.42 7.91
CA ASN A 259 -60.78 -57.83 8.45
C ASN A 259 -61.09 -56.65 9.35
N GLY A 260 -61.65 -55.58 8.78
CA GLY A 260 -61.97 -54.40 9.56
C GLY A 260 -61.43 -53.12 8.94
N VAL A 261 -61.83 -52.84 7.70
CA VAL A 261 -61.36 -51.65 7.00
C VAL A 261 -62.48 -50.66 6.72
N ILE A 262 -63.74 -51.04 6.93
CA ILE A 262 -64.85 -50.12 6.68
C ILE A 262 -64.97 -49.06 7.76
N GLU A 263 -64.45 -49.32 8.96
CA GLU A 263 -64.48 -48.35 10.04
C GLU A 263 -63.14 -47.68 10.29
N TYR A 264 -62.06 -48.15 9.65
CA TYR A 264 -60.75 -47.54 9.85
C TYR A 264 -60.63 -46.22 9.11
N LEU A 265 -61.13 -46.15 7.89
CA LEU A 265 -61.06 -44.92 7.10
C LEU A 265 -62.08 -43.87 7.53
N ASN A 266 -63.06 -44.24 8.35
CA ASN A 266 -64.04 -43.27 8.83
C ASN A 266 -63.44 -42.35 9.88
N GLU A 267 -62.75 -42.92 10.86
CA GLU A 267 -62.11 -42.14 11.91
C GLU A 267 -60.73 -41.62 11.51
N ARG A 268 -60.20 -42.06 10.36
CA ARG A 268 -58.89 -41.59 9.92
C ARG A 268 -58.97 -40.21 9.28
N LEU A 269 -60.03 -39.96 8.51
CA LEU A 269 -60.21 -38.67 7.84
C LEU A 269 -61.35 -37.85 8.43
N GLN A 270 -61.99 -38.34 9.49
CA GLN A 270 -63.11 -37.65 10.14
C GLN A 270 -64.21 -37.32 9.15
N LEU A 271 -64.97 -38.33 8.73
CA LEU A 271 -66.06 -38.16 7.78
C LEU A 271 -67.34 -38.70 8.38
N ASN A 272 -68.46 -38.29 7.78
CA ASN A 272 -69.77 -38.75 8.24
C ASN A 272 -70.03 -40.18 7.78
N ILE A 273 -71.03 -40.81 8.42
CA ILE A 273 -71.39 -42.19 8.10
C ILE A 273 -72.86 -42.40 8.43
N ASP A 274 -73.59 -43.02 7.50
CA ASP A 274 -75.02 -43.32 7.69
C ASP A 274 -75.13 -44.80 8.05
N MET A 275 -75.03 -45.10 9.34
CA MET A 275 -75.09 -46.48 9.81
C MET A 275 -76.52 -47.00 9.74
N SER A 276 -76.65 -48.27 9.35
CA SER A 276 -77.96 -48.91 9.26
C SER A 276 -77.84 -50.39 9.60
N LYS A 277 -77.02 -51.12 8.86
CA LYS A 277 -76.79 -52.53 9.13
C LYS A 277 -75.31 -52.78 9.40
N ARG A 278 -74.45 -52.27 8.51
CA ARG A 278 -73.00 -52.42 8.68
C ARG A 278 -72.34 -51.28 7.88
N THR A 279 -72.21 -50.12 8.52
CA THR A 279 -71.67 -48.92 7.90
C THR A 279 -72.41 -48.58 6.61
N LYS A 280 -72.03 -49.20 5.50
CA LYS A 280 -72.67 -48.97 4.22
C LYS A 280 -73.74 -50.03 3.96
N CYS A 281 -74.63 -49.72 3.02
CA CYS A 281 -75.70 -50.65 2.66
C CYS A 281 -75.12 -51.83 1.90
N LEU A 282 -75.42 -53.05 2.36
CA LEU A 282 -74.90 -54.26 1.75
C LEU A 282 -75.97 -55.13 1.13
N GLN A 283 -77.26 -54.91 1.48
CA GLN A 283 -78.33 -55.74 0.93
C GLN A 283 -78.48 -55.57 -0.57
N GLN A 284 -77.98 -54.46 -1.14
CA GLN A 284 -78.07 -54.26 -2.58
C GLN A 284 -77.10 -55.15 -3.34
N TRP A 285 -75.93 -55.44 -2.76
CA TRP A 285 -74.94 -56.28 -3.41
C TRP A 285 -75.10 -57.75 -3.09
N ARG A 286 -75.74 -58.09 -1.96
CA ARG A 286 -75.92 -59.50 -1.62
C ARG A 286 -77.00 -60.15 -2.48
N ASP A 287 -77.99 -59.38 -2.92
CA ASP A 287 -79.03 -59.93 -3.77
C ASP A 287 -78.57 -60.24 -5.18
N LEU A 288 -77.50 -59.58 -5.65
CA LEU A 288 -76.96 -59.82 -6.98
C LEU A 288 -75.77 -60.77 -6.98
N ALA A 289 -75.23 -61.10 -5.81
CA ALA A 289 -74.10 -62.01 -5.70
C ALA A 289 -74.52 -63.44 -5.42
N ARG A 290 -75.49 -63.65 -4.51
CA ARG A 290 -75.94 -65.00 -4.22
C ARG A 290 -76.82 -65.54 -5.34
N ARG A 291 -77.66 -64.69 -5.93
CA ARG A 291 -78.54 -65.12 -7.00
C ARG A 291 -77.77 -65.43 -8.28
N THR A 292 -76.59 -64.84 -8.47
CA THR A 292 -75.81 -65.09 -9.68
C THR A 292 -75.26 -66.52 -9.70
N GLU A 293 -74.77 -67.01 -8.57
CA GLU A 293 -74.19 -68.33 -8.47
C GLU A 293 -75.21 -69.44 -8.27
N THR A 294 -76.48 -69.19 -8.62
CA THR A 294 -77.54 -70.19 -8.50
C THR A 294 -78.22 -70.49 -9.84
N VAL A 295 -77.65 -70.06 -10.95
CA VAL A 295 -78.21 -70.29 -12.27
C VAL A 295 -77.22 -71.08 -13.10
N ARG A 296 -77.75 -71.85 -14.05
CA ARG A 296 -76.92 -72.67 -14.93
C ARG A 296 -77.74 -73.06 -16.16
N ARG A 297 -77.03 -73.31 -17.26
CA ARG A 297 -77.67 -73.70 -18.51
C ARG A 297 -76.70 -74.46 -19.40
N GLU A 298 -75.48 -73.95 -19.52
CA GLU A 298 -74.43 -74.56 -20.35
C GLU A 298 -74.91 -74.73 -21.79
N VAL A 299 -75.36 -73.64 -22.39
CA VAL A 299 -75.84 -73.65 -23.76
C VAL A 299 -74.68 -73.33 -24.70
N CYS A 300 -74.65 -74.01 -25.83
CA CYS A 300 -73.60 -73.82 -26.82
C CYS A 300 -73.83 -72.50 -27.55
N ILE A 301 -72.97 -71.52 -27.27
CA ILE A 301 -73.04 -70.20 -27.90
C ILE A 301 -71.69 -69.93 -28.55
N ALA A 302 -71.66 -69.93 -29.88
CA ALA A 302 -70.44 -69.72 -30.63
C ALA A 302 -70.29 -68.22 -30.91
N VAL A 303 -69.17 -67.65 -30.48
CA VAL A 303 -68.88 -66.24 -30.69
C VAL A 303 -67.60 -66.12 -31.52
N VAL A 304 -67.45 -64.97 -32.17
CA VAL A 304 -66.30 -64.69 -33.02
C VAL A 304 -65.60 -63.45 -32.47
N GLY A 305 -64.30 -63.58 -32.20
CA GLY A 305 -63.52 -62.47 -31.68
C GLY A 305 -62.50 -61.96 -32.68
N LYS A 306 -61.23 -62.02 -32.33
CA LYS A 306 -60.16 -61.58 -33.20
C LYS A 306 -58.97 -62.53 -33.15
N TYR A 307 -58.46 -62.79 -31.95
CA TYR A 307 -57.36 -63.73 -31.77
C TYR A 307 -57.76 -64.88 -30.87
N THR A 308 -56.78 -65.51 -30.23
CA THR A 308 -57.05 -66.63 -29.33
C THR A 308 -56.76 -66.31 -27.86
N LYS A 309 -55.98 -65.28 -27.57
CA LYS A 309 -55.67 -64.91 -26.21
C LYS A 309 -56.65 -63.85 -25.72
N PHE A 310 -56.37 -63.26 -24.56
CA PHE A 310 -57.22 -62.22 -23.99
C PHE A 310 -56.96 -60.92 -24.73
N THR A 311 -57.86 -60.58 -25.67
CA THR A 311 -57.73 -59.36 -26.45
C THR A 311 -58.44 -58.22 -25.73
N ASP A 312 -58.66 -57.12 -26.45
CA ASP A 312 -59.31 -55.94 -25.91
C ASP A 312 -60.64 -55.63 -26.62
N SER A 313 -61.26 -56.66 -27.20
CA SER A 313 -62.52 -56.49 -27.91
C SER A 313 -63.73 -56.94 -27.08
N TYR A 314 -63.52 -57.53 -25.91
CA TYR A 314 -64.62 -57.99 -25.08
C TYR A 314 -64.25 -58.02 -23.60
N ALA A 315 -63.30 -57.18 -23.18
CA ALA A 315 -62.90 -57.16 -21.78
C ALA A 315 -64.01 -56.57 -20.90
N SER A 316 -64.67 -55.52 -21.38
CA SER A 316 -65.76 -54.89 -20.64
C SER A 316 -67.13 -55.22 -21.23
N VAL A 317 -67.19 -56.10 -22.22
CA VAL A 317 -68.45 -56.47 -22.85
C VAL A 317 -69.06 -57.72 -22.19
N VAL A 318 -68.24 -58.73 -21.92
CA VAL A 318 -68.73 -59.96 -21.31
C VAL A 318 -69.11 -59.79 -19.85
N LYS A 319 -68.71 -58.68 -19.22
CA LYS A 319 -69.03 -58.44 -17.82
C LYS A 319 -70.36 -57.70 -17.65
N ALA A 320 -70.66 -56.76 -18.53
CA ALA A 320 -71.90 -56.00 -18.43
C ALA A 320 -73.10 -56.82 -18.90
N LEU A 321 -72.92 -57.68 -19.90
CA LEU A 321 -74.02 -58.49 -20.40
C LEU A 321 -74.38 -59.64 -19.48
N GLN A 322 -73.49 -60.02 -18.56
CA GLN A 322 -73.77 -61.13 -17.66
C GLN A 322 -74.71 -60.72 -16.53
N HIS A 323 -74.63 -59.47 -16.07
CA HIS A 323 -75.50 -59.04 -14.99
C HIS A 323 -76.93 -58.85 -15.47
N ALA A 324 -77.12 -58.39 -16.71
CA ALA A 324 -78.44 -58.18 -17.26
C ALA A 324 -79.12 -59.49 -17.67
N ALA A 325 -78.39 -60.59 -17.74
CA ALA A 325 -78.94 -61.89 -18.12
C ALA A 325 -79.47 -62.66 -16.92
N LEU A 326 -79.51 -62.05 -15.74
CA LEU A 326 -80.00 -62.72 -14.54
C LEU A 326 -81.52 -62.72 -14.44
N ALA A 327 -82.21 -61.92 -15.27
CA ALA A 327 -83.66 -61.89 -15.21
C ALA A 327 -84.29 -63.15 -15.79
N VAL A 328 -83.58 -63.82 -16.70
CA VAL A 328 -84.07 -65.05 -17.32
C VAL A 328 -83.50 -66.30 -16.68
N ASN A 329 -82.56 -66.16 -15.75
CA ASN A 329 -81.93 -67.29 -15.05
C ASN A 329 -81.29 -68.27 -16.05
N ARG A 330 -80.57 -67.73 -17.02
CA ARG A 330 -79.89 -68.52 -18.03
C ARG A 330 -78.43 -68.13 -18.10
N LYS A 331 -77.56 -69.11 -18.32
CA LYS A 331 -76.13 -68.90 -18.41
C LYS A 331 -75.65 -69.17 -19.84
N LEU A 332 -74.87 -68.24 -20.37
CA LEU A 332 -74.32 -68.35 -21.72
C LEU A 332 -72.86 -68.77 -21.64
N GLU A 333 -72.46 -69.69 -22.51
CA GLU A 333 -71.09 -70.19 -22.56
C GLU A 333 -70.36 -69.53 -23.72
N LEU A 334 -69.24 -68.88 -23.42
CA LEU A 334 -68.45 -68.18 -24.42
C LEU A 334 -67.28 -69.05 -24.85
N VAL A 335 -67.04 -69.13 -26.15
CA VAL A 335 -65.94 -69.92 -26.70
C VAL A 335 -64.92 -68.98 -27.35
N PHE A 336 -63.92 -69.56 -28.02
CA PHE A 336 -62.87 -68.79 -28.68
C PHE A 336 -62.76 -69.29 -30.12
N ILE A 337 -63.28 -68.53 -31.07
CA ILE A 337 -63.23 -68.86 -32.49
C ILE A 337 -62.55 -67.70 -33.20
N GLU A 338 -61.36 -67.97 -33.75
CA GLU A 338 -60.60 -66.94 -34.45
C GLU A 338 -61.07 -66.85 -35.90
N SER A 339 -61.32 -65.61 -36.35
CA SER A 339 -61.77 -65.39 -37.72
C SER A 339 -60.62 -65.28 -38.71
N CYS A 340 -59.37 -65.22 -38.24
CA CYS A 340 -58.25 -65.11 -39.16
C CYS A 340 -57.97 -66.45 -39.84
N LEU A 341 -57.85 -67.52 -39.06
CA LEU A 341 -57.60 -68.86 -39.60
C LEU A 341 -58.93 -69.53 -39.87
N LEU A 342 -59.56 -69.13 -40.98
CA LEU A 342 -60.85 -69.68 -41.37
C LEU A 342 -61.04 -69.55 -42.88
N GLU A 343 -60.36 -68.58 -43.49
CA GLU A 343 -60.48 -68.36 -44.93
C GLU A 343 -59.63 -69.35 -45.72
N GLU A 344 -58.94 -68.87 -46.74
CA GLU A 344 -58.10 -69.71 -47.58
C GLU A 344 -56.77 -70.06 -46.92
N GLU A 345 -56.44 -69.46 -45.78
CA GLU A 345 -55.19 -69.75 -45.09
C GLU A 345 -55.25 -71.01 -44.24
N THR A 346 -56.40 -71.68 -44.19
CA THR A 346 -56.56 -72.90 -43.41
C THR A 346 -56.94 -74.09 -44.27
N LEU A 347 -57.88 -73.93 -45.20
CA LEU A 347 -58.29 -75.04 -46.06
C LEU A 347 -57.17 -75.43 -47.01
N HIS A 348 -56.36 -74.48 -47.45
CA HIS A 348 -55.24 -74.78 -48.35
C HIS A 348 -54.01 -75.29 -47.62
N SER A 349 -53.97 -75.14 -46.30
CA SER A 349 -52.82 -75.60 -45.52
C SER A 349 -53.13 -76.94 -44.85
N GLU A 350 -53.80 -76.89 -43.70
CA GLU A 350 -54.17 -78.10 -42.96
C GLU A 350 -55.65 -78.01 -42.60
N PRO A 351 -56.47 -78.97 -43.01
CA PRO A 351 -57.90 -78.91 -42.68
C PRO A 351 -58.21 -79.49 -41.30
N SER A 352 -57.22 -79.48 -40.40
CA SER A 352 -57.43 -80.03 -39.07
C SER A 352 -58.25 -79.09 -38.21
N LYS A 353 -57.84 -77.82 -38.13
CA LYS A 353 -58.53 -76.83 -37.32
C LYS A 353 -59.65 -76.12 -38.08
N TYR A 354 -60.15 -76.72 -39.16
CA TYR A 354 -61.23 -76.13 -39.95
C TYR A 354 -62.55 -76.84 -39.79
N HIS A 355 -62.55 -78.18 -39.69
CA HIS A 355 -63.80 -78.91 -39.57
C HIS A 355 -64.38 -78.83 -38.16
N LYS A 356 -63.52 -78.67 -37.14
CA LYS A 356 -64.01 -78.59 -35.76
C LYS A 356 -64.68 -77.26 -35.45
N GLU A 357 -64.46 -76.24 -36.28
CA GLU A 357 -65.08 -74.93 -36.03
C GLU A 357 -66.53 -74.91 -36.48
N TRP A 358 -66.85 -75.58 -37.59
CA TRP A 358 -68.23 -75.60 -38.07
C TRP A 358 -69.12 -76.51 -37.25
N GLN A 359 -68.55 -77.39 -36.43
CA GLN A 359 -69.33 -78.29 -35.61
C GLN A 359 -69.82 -77.65 -34.31
N LYS A 360 -69.48 -76.38 -34.07
CA LYS A 360 -69.91 -75.69 -32.87
C LYS A 360 -70.76 -74.45 -33.14
N LEU A 361 -70.83 -73.98 -34.38
CA LEU A 361 -71.63 -72.81 -34.71
C LEU A 361 -72.94 -73.15 -35.39
N CYS A 362 -73.06 -74.35 -35.97
CA CYS A 362 -74.31 -74.74 -36.61
C CYS A 362 -75.36 -75.16 -35.59
N ASP A 363 -74.95 -75.81 -34.50
CA ASP A 363 -75.87 -76.24 -33.46
C ASP A 363 -75.99 -75.22 -32.32
N SER A 364 -75.54 -73.99 -32.54
CA SER A 364 -75.62 -72.96 -31.52
C SER A 364 -76.93 -72.18 -31.67
N HIS A 365 -77.07 -71.11 -30.91
CA HIS A 365 -78.27 -70.28 -30.94
C HIS A 365 -77.96 -68.81 -31.20
N GLY A 366 -76.91 -68.28 -30.61
CA GLY A 366 -76.55 -66.88 -30.79
C GLY A 366 -75.19 -66.69 -31.44
N ILE A 367 -75.18 -66.14 -32.64
CA ILE A 367 -73.94 -65.90 -33.38
C ILE A 367 -73.72 -64.39 -33.44
N LEU A 368 -72.56 -63.95 -32.99
CA LEU A 368 -72.20 -62.53 -32.98
C LEU A 368 -71.43 -62.17 -34.24
N VAL A 369 -71.13 -60.89 -34.36
CA VAL A 369 -70.40 -60.34 -35.50
C VAL A 369 -69.09 -59.74 -34.99
N PRO A 370 -67.94 -60.08 -35.57
CA PRO A 370 -66.68 -59.50 -35.11
C PRO A 370 -66.48 -58.06 -35.55
N GLY A 371 -65.34 -57.77 -36.17
CA GLY A 371 -65.06 -56.43 -36.63
C GLY A 371 -64.27 -56.40 -37.92
N GLY A 372 -63.06 -55.82 -37.87
CA GLY A 372 -62.22 -55.73 -39.04
C GLY A 372 -60.98 -54.89 -38.82
N PHE A 373 -59.81 -55.48 -39.02
CA PHE A 373 -58.53 -54.80 -38.84
C PHE A 373 -57.81 -54.77 -40.19
N GLY A 374 -58.07 -53.71 -40.95
CA GLY A 374 -57.45 -53.53 -42.25
C GLY A 374 -57.81 -54.62 -43.24
N SER A 375 -56.89 -55.54 -43.48
CA SER A 375 -57.08 -56.65 -44.40
C SER A 375 -56.68 -57.97 -43.75
N ARG A 376 -56.99 -58.12 -42.46
CA ARG A 376 -56.68 -59.33 -41.71
C ARG A 376 -57.90 -60.22 -41.53
N GLY A 377 -58.79 -60.24 -42.52
CA GLY A 377 -59.98 -61.05 -42.44
C GLY A 377 -61.20 -60.39 -43.05
N MET A 378 -61.67 -60.92 -44.18
CA MET A 378 -62.85 -60.36 -44.86
C MET A 378 -63.74 -61.40 -45.52
N GLU A 379 -63.25 -62.62 -45.80
CA GLU A 379 -64.06 -63.63 -46.44
C GLU A 379 -64.75 -64.55 -45.43
N GLY A 380 -64.08 -64.85 -44.31
CA GLY A 380 -64.68 -65.71 -43.31
C GLY A 380 -65.83 -65.06 -42.58
N LYS A 381 -65.84 -63.73 -42.50
CA LYS A 381 -66.93 -63.03 -41.83
C LYS A 381 -68.21 -63.00 -42.67
N ILE A 382 -68.10 -63.28 -43.97
CA ILE A 382 -69.28 -63.29 -44.84
C ILE A 382 -70.01 -64.62 -44.76
N ARG A 383 -69.28 -65.73 -44.80
CA ARG A 383 -69.89 -67.05 -44.73
C ARG A 383 -70.38 -67.41 -43.34
N ALA A 384 -69.99 -66.66 -42.30
CA ALA A 384 -70.41 -66.95 -40.95
C ALA A 384 -71.79 -66.41 -40.61
N CYS A 385 -72.27 -65.41 -41.34
CA CYS A 385 -73.58 -64.83 -41.08
C CYS A 385 -74.67 -65.35 -42.02
N GLN A 386 -74.31 -65.70 -43.25
CA GLN A 386 -75.31 -66.20 -44.19
C GLN A 386 -75.73 -67.63 -43.86
N TRP A 387 -74.87 -68.39 -43.19
CA TRP A 387 -75.22 -69.77 -42.83
C TRP A 387 -76.19 -69.82 -41.66
N ALA A 388 -76.11 -68.86 -40.74
CA ALA A 388 -77.01 -68.85 -39.60
C ALA A 388 -78.42 -68.42 -39.99
N ARG A 389 -78.54 -67.54 -41.00
CA ARG A 389 -79.85 -67.08 -41.43
C ARG A 389 -80.61 -68.16 -42.19
N GLU A 390 -79.91 -69.00 -42.95
CA GLU A 390 -80.58 -70.07 -43.68
C GLU A 390 -81.01 -71.21 -42.76
N ASN A 391 -80.30 -71.41 -41.66
CA ASN A 391 -80.61 -72.48 -40.71
C ASN A 391 -81.46 -71.96 -39.55
N GLN A 392 -82.41 -71.06 -39.85
CA GLN A 392 -83.34 -70.45 -38.91
C GLN A 392 -82.72 -70.13 -37.55
N LYS A 393 -81.46 -69.66 -37.55
CA LYS A 393 -80.83 -69.25 -36.31
C LYS A 393 -80.83 -67.73 -36.20
N PRO A 394 -81.30 -67.16 -35.09
CA PRO A 394 -81.34 -65.70 -34.97
C PRO A 394 -79.95 -65.12 -34.77
N LEU A 395 -79.86 -63.81 -35.02
CA LEU A 395 -78.62 -63.07 -34.88
C LEU A 395 -78.83 -61.87 -33.97
N LEU A 396 -77.74 -61.16 -33.68
CA LEU A 396 -77.78 -59.98 -32.83
C LEU A 396 -77.25 -58.77 -33.59
N GLY A 397 -77.53 -57.59 -33.04
CA GLY A 397 -77.11 -56.35 -33.65
C GLY A 397 -75.75 -55.88 -33.15
N ILE A 398 -74.69 -56.21 -33.89
CA ILE A 398 -73.33 -55.82 -33.53
C ILE A 398 -72.80 -54.89 -34.61
N CYS A 399 -72.05 -53.88 -34.18
CA CYS A 399 -71.48 -52.92 -35.12
C CYS A 399 -70.33 -53.56 -35.90
N LEU A 400 -69.78 -52.78 -36.82
CA LEU A 400 -68.70 -53.24 -37.71
C LEU A 400 -69.13 -54.48 -38.50
N GLY A 401 -70.40 -54.52 -38.88
CA GLY A 401 -70.93 -55.65 -39.62
C GLY A 401 -71.88 -55.24 -40.72
N LEU A 402 -72.14 -53.94 -40.84
CA LEU A 402 -73.03 -53.45 -41.89
C LEU A 402 -72.39 -53.53 -43.26
N GLN A 403 -71.06 -53.58 -43.34
CA GLN A 403 -70.39 -53.71 -44.63
C GLN A 403 -70.49 -55.12 -45.20
N ALA A 404 -70.53 -56.13 -44.33
CA ALA A 404 -70.64 -57.51 -44.78
C ALA A 404 -72.08 -58.01 -44.83
N ALA A 405 -73.02 -57.31 -44.17
CA ALA A 405 -74.41 -57.74 -44.21
C ALA A 405 -75.05 -57.48 -45.56
N VAL A 406 -74.61 -56.42 -46.26
CA VAL A 406 -75.16 -56.10 -47.57
C VAL A 406 -74.54 -56.93 -48.69
N ILE A 407 -73.47 -57.66 -48.41
CA ILE A 407 -72.83 -58.48 -49.43
C ILE A 407 -73.54 -59.82 -49.57
N GLU A 408 -73.80 -60.49 -48.45
CA GLU A 408 -74.48 -61.78 -48.49
C GLU A 408 -75.95 -61.65 -48.86
N PHE A 409 -76.55 -60.47 -48.66
CA PHE A 409 -77.94 -60.27 -49.00
C PHE A 409 -78.15 -60.05 -50.49
N ALA A 410 -77.16 -59.48 -51.18
CA ALA A 410 -77.28 -59.22 -52.60
C ALA A 410 -76.91 -60.44 -53.45
N ARG A 411 -76.19 -61.39 -52.86
CA ARG A 411 -75.79 -62.59 -53.58
C ARG A 411 -76.75 -63.75 -53.41
N ASN A 412 -77.46 -63.81 -52.29
CA ASN A 412 -78.42 -64.88 -52.04
C ASN A 412 -79.81 -64.54 -52.56
N LYS A 413 -80.29 -63.34 -52.25
CA LYS A 413 -81.62 -62.93 -52.72
C LYS A 413 -81.61 -62.53 -54.18
N LEU A 414 -80.50 -61.97 -54.66
CA LEU A 414 -80.39 -61.56 -56.05
C LEU A 414 -79.23 -62.26 -56.75
N GLY A 415 -78.09 -61.58 -56.82
CA GLY A 415 -76.91 -62.15 -57.46
C GLY A 415 -75.90 -61.11 -57.88
N LEU A 416 -75.59 -60.19 -56.97
CA LEU A 416 -74.63 -59.12 -57.23
C LEU A 416 -73.26 -59.57 -56.73
N LYS A 417 -72.45 -60.11 -57.64
CA LYS A 417 -71.12 -60.58 -57.28
C LYS A 417 -70.08 -59.45 -57.27
N ASP A 418 -70.32 -58.37 -58.02
CA ASP A 418 -69.37 -57.27 -58.07
C ASP A 418 -69.28 -56.55 -56.73
N ALA A 419 -70.36 -56.53 -55.97
CA ALA A 419 -70.37 -55.86 -54.66
C ALA A 419 -69.52 -56.66 -53.68
N ASN A 420 -68.33 -56.15 -53.37
CA ASN A 420 -67.43 -56.83 -52.44
C ASN A 420 -67.05 -55.91 -51.28
N THR A 421 -65.85 -56.09 -50.75
CA THR A 421 -65.38 -55.28 -49.65
C THR A 421 -64.96 -53.90 -50.14
N THR A 422 -65.50 -52.86 -49.51
CA THR A 422 -65.22 -51.49 -49.90
C THR A 422 -64.32 -50.75 -48.91
N GLU A 423 -64.00 -51.35 -47.77
CA GLU A 423 -63.16 -50.73 -46.76
C GLU A 423 -61.69 -51.10 -46.91
N ILE A 424 -61.32 -51.78 -47.99
CA ILE A 424 -59.92 -52.17 -48.21
C ILE A 424 -59.44 -51.55 -49.52
N ASP A 425 -60.09 -51.92 -50.63
CA ASP A 425 -59.72 -51.42 -51.95
C ASP A 425 -60.99 -50.93 -52.64
N PRO A 426 -61.36 -49.66 -52.44
CA PRO A 426 -62.56 -49.13 -53.09
C PRO A 426 -62.41 -49.02 -54.60
N ASN A 427 -62.82 -50.07 -55.32
CA ASN A 427 -62.73 -50.06 -56.77
C ASN A 427 -63.92 -50.69 -57.48
N THR A 428 -64.86 -51.29 -56.75
CA THR A 428 -66.02 -51.92 -57.38
C THR A 428 -67.03 -50.86 -57.81
N ALA A 429 -67.93 -51.26 -58.71
CA ALA A 429 -68.96 -50.36 -59.21
C ALA A 429 -70.22 -50.38 -58.36
N ASN A 430 -70.51 -51.49 -57.69
CA ASN A 430 -71.68 -51.61 -56.83
C ASN A 430 -71.34 -51.37 -55.38
N ALA A 431 -70.54 -50.33 -55.11
CA ALA A 431 -70.13 -49.99 -53.75
C ALA A 431 -71.31 -49.35 -53.04
N LEU A 432 -72.01 -50.14 -52.21
CA LEU A 432 -73.18 -49.63 -51.50
C LEU A 432 -72.74 -48.73 -50.33
N VAL A 433 -71.86 -49.24 -49.47
CA VAL A 433 -71.38 -48.50 -48.31
C VAL A 433 -69.96 -48.03 -48.60
N ILE A 434 -69.77 -46.71 -48.64
CA ILE A 434 -68.45 -46.13 -48.89
C ILE A 434 -68.05 -45.29 -47.69
N ASP A 435 -66.97 -44.52 -47.83
CA ASP A 435 -66.45 -43.67 -46.76
C ASP A 435 -66.85 -42.22 -47.06
N MET A 436 -67.81 -41.71 -46.30
CA MET A 436 -68.28 -40.33 -46.45
C MET A 436 -68.30 -39.68 -45.08
N PRO A 437 -67.51 -38.63 -44.85
CA PRO A 437 -67.51 -37.97 -43.54
C PRO A 437 -68.74 -37.10 -43.33
N GLU A 438 -68.76 -36.36 -42.22
CA GLU A 438 -69.89 -35.49 -41.91
C GLU A 438 -69.75 -34.17 -42.66
N HIS A 439 -70.78 -33.81 -43.42
CA HIS A 439 -70.79 -32.57 -44.19
C HIS A 439 -71.75 -31.54 -43.61
N HIS A 440 -72.23 -31.75 -42.39
CA HIS A 440 -73.16 -30.81 -41.76
C HIS A 440 -72.42 -29.88 -40.81
N THR A 441 -73.07 -29.52 -39.71
CA THR A 441 -72.47 -28.63 -38.73
C THR A 441 -71.66 -29.44 -37.71
N GLY A 442 -70.87 -28.72 -36.91
CA GLY A 442 -70.05 -29.35 -35.90
C GLY A 442 -68.71 -29.84 -36.44
N GLN A 443 -68.75 -30.97 -37.15
CA GLN A 443 -67.56 -31.57 -37.73
C GLN A 443 -67.46 -31.17 -39.20
N LEU A 444 -66.30 -30.63 -39.59
CA LEU A 444 -66.05 -30.19 -40.95
C LEU A 444 -64.88 -30.97 -41.53
N GLY A 445 -65.01 -31.39 -42.79
CA GLY A 445 -63.97 -32.13 -43.44
C GLY A 445 -64.01 -33.61 -43.12
N GLY A 446 -62.91 -34.30 -43.42
CA GLY A 446 -62.80 -35.72 -43.17
C GLY A 446 -62.61 -36.04 -41.71
N THR A 447 -63.72 -36.22 -40.98
CA THR A 447 -63.72 -36.53 -39.56
C THR A 447 -64.26 -37.95 -39.37
N MET A 448 -64.87 -38.21 -38.22
CA MET A 448 -65.42 -39.51 -37.89
C MET A 448 -66.90 -39.37 -37.56
N ARG A 449 -67.70 -40.34 -37.98
CA ARG A 449 -69.15 -40.32 -37.76
C ARG A 449 -69.44 -40.80 -36.34
N LEU A 450 -69.37 -39.85 -35.40
CA LEU A 450 -69.65 -40.14 -33.99
C LEU A 450 -69.98 -38.82 -33.29
N GLY A 451 -70.43 -38.95 -32.05
CA GLY A 451 -70.75 -37.80 -31.23
C GLY A 451 -72.18 -37.87 -30.71
N LYS A 452 -72.56 -36.81 -30.00
CA LYS A 452 -73.90 -36.70 -29.44
C LYS A 452 -74.93 -36.47 -30.54
N ARG A 453 -75.46 -37.56 -31.11
CA ARG A 453 -76.43 -37.49 -32.19
C ARG A 453 -77.78 -37.98 -31.70
N ILE A 454 -78.84 -37.43 -32.27
CA ILE A 454 -80.21 -37.78 -31.93
C ILE A 454 -80.69 -38.84 -32.91
N THR A 455 -81.12 -39.98 -32.39
CA THR A 455 -81.61 -41.09 -33.20
C THR A 455 -83.11 -41.18 -33.07
N VAL A 456 -83.82 -41.03 -34.19
CA VAL A 456 -85.28 -41.08 -34.23
C VAL A 456 -85.70 -42.30 -35.02
N PHE A 457 -86.58 -43.11 -34.45
CA PHE A 457 -87.07 -44.31 -35.11
C PHE A 457 -88.11 -43.94 -36.18
N SER A 458 -88.58 -44.95 -36.91
CA SER A 458 -89.56 -44.76 -37.97
C SER A 458 -90.82 -45.58 -37.74
N ASP A 459 -90.69 -46.88 -37.48
CA ASP A 459 -91.86 -47.73 -37.27
C ASP A 459 -92.29 -47.72 -35.81
N GLY A 460 -92.90 -48.81 -35.36
CA GLY A 460 -93.37 -48.90 -33.99
C GLY A 460 -93.15 -50.28 -33.39
N PRO A 461 -94.01 -51.24 -33.75
CA PRO A 461 -93.86 -52.59 -33.19
C PRO A 461 -92.63 -53.31 -33.72
N SER A 462 -91.70 -53.62 -32.82
CA SER A 462 -90.47 -54.31 -33.18
C SER A 462 -89.94 -55.02 -31.93
N VAL A 463 -88.64 -55.29 -31.91
CA VAL A 463 -88.00 -55.97 -30.78
C VAL A 463 -87.00 -55.10 -30.06
N ILE A 464 -86.58 -53.98 -30.65
CA ILE A 464 -85.61 -53.08 -30.04
C ILE A 464 -86.22 -51.70 -29.75
N ARG A 465 -87.54 -51.65 -29.60
CA ARG A 465 -88.22 -50.38 -29.34
C ARG A 465 -89.24 -50.54 -28.23
N GLN A 466 -89.87 -51.71 -28.15
CA GLN A 466 -90.89 -51.97 -27.13
C GLN A 466 -90.31 -52.15 -25.73
N LEU A 467 -88.99 -52.33 -25.61
CA LEU A 467 -88.38 -52.51 -24.31
C LEU A 467 -88.08 -51.19 -23.61
N TYR A 468 -88.12 -50.07 -24.33
CA TYR A 468 -87.85 -48.76 -23.76
C TYR A 468 -89.13 -48.03 -23.37
N GLY A 469 -90.24 -48.75 -23.22
CA GLY A 469 -91.50 -48.11 -22.87
C GLY A 469 -92.09 -47.26 -23.97
N ASN A 470 -91.93 -47.67 -25.23
CA ASN A 470 -92.43 -46.96 -26.40
C ASN A 470 -91.89 -45.53 -26.42
N PRO A 471 -90.62 -45.32 -26.77
CA PRO A 471 -90.09 -43.96 -26.81
C PRO A 471 -90.41 -43.25 -28.11
N LYS A 472 -89.58 -42.26 -28.47
CA LYS A 472 -89.77 -41.52 -29.71
C LYS A 472 -88.46 -40.91 -30.17
N SER A 473 -87.52 -40.72 -29.24
CA SER A 473 -86.22 -40.14 -29.58
C SER A 473 -85.24 -40.56 -28.49
N VAL A 474 -84.45 -41.60 -28.78
CA VAL A 474 -83.46 -42.11 -27.84
C VAL A 474 -82.09 -41.58 -28.23
N GLN A 475 -81.30 -41.19 -27.23
CA GLN A 475 -79.96 -40.65 -27.45
C GLN A 475 -78.97 -41.81 -27.46
N GLU A 476 -78.41 -42.09 -28.64
CA GLU A 476 -77.43 -43.16 -28.81
C GLU A 476 -76.21 -42.62 -29.53
N ARG A 477 -75.06 -43.24 -29.27
CA ARG A 477 -73.80 -42.86 -29.87
C ARG A 477 -73.29 -43.99 -30.76
N HIS A 478 -72.51 -43.62 -31.77
CA HIS A 478 -71.93 -44.56 -32.71
C HIS A 478 -70.42 -44.47 -32.68
N ARG A 479 -69.77 -45.37 -33.43
CA ARG A 479 -68.30 -45.42 -33.50
C ARG A 479 -67.95 -46.08 -34.84
N HIS A 480 -68.11 -45.32 -35.91
CA HIS A 480 -67.78 -45.79 -37.25
C HIS A 480 -67.51 -44.58 -38.14
N ARG A 481 -67.12 -44.85 -39.38
CA ARG A 481 -66.81 -43.80 -40.35
C ARG A 481 -67.44 -44.01 -41.71
N TYR A 482 -68.00 -45.19 -41.99
CA TYR A 482 -68.62 -45.48 -43.28
C TYR A 482 -70.12 -45.25 -43.19
N GLU A 483 -70.68 -44.66 -44.25
CA GLU A 483 -72.11 -44.36 -44.31
C GLU A 483 -72.73 -45.05 -45.52
N VAL A 484 -74.04 -45.19 -45.48
CA VAL A 484 -74.80 -45.83 -46.55
C VAL A 484 -75.25 -44.77 -47.54
N ASN A 485 -75.10 -45.06 -48.83
CA ASN A 485 -75.49 -44.12 -49.86
C ASN A 485 -77.01 -44.16 -50.08
N PRO A 486 -77.69 -43.02 -50.09
CA PRO A 486 -79.15 -43.03 -50.29
C PRO A 486 -79.56 -43.31 -51.72
N LYS A 487 -78.62 -43.37 -52.67
CA LYS A 487 -78.94 -43.62 -54.07
C LYS A 487 -78.77 -45.09 -54.46
N TYR A 488 -78.16 -45.91 -53.61
CA TYR A 488 -77.95 -47.32 -53.89
C TYR A 488 -78.81 -48.21 -53.01
N VAL A 489 -79.92 -47.69 -52.48
CA VAL A 489 -80.81 -48.47 -51.63
C VAL A 489 -82.12 -48.74 -52.37
N HIS A 490 -82.05 -48.77 -53.70
CA HIS A 490 -83.25 -48.99 -54.49
C HIS A 490 -83.72 -50.44 -54.39
N LEU A 491 -82.80 -51.40 -54.31
CA LEU A 491 -83.17 -52.80 -54.20
C LEU A 491 -83.51 -53.23 -52.79
N LEU A 492 -83.29 -52.36 -51.79
CA LEU A 492 -83.63 -52.70 -50.41
C LEU A 492 -85.06 -52.35 -50.06
N GLU A 493 -85.72 -51.50 -50.84
CA GLU A 493 -87.09 -51.11 -50.56
C GLU A 493 -88.12 -51.98 -51.27
N GLU A 494 -87.76 -52.56 -52.41
CA GLU A 494 -88.67 -53.42 -53.17
C GLU A 494 -88.72 -54.84 -52.65
N GLN A 495 -87.96 -55.16 -51.60
CA GLN A 495 -87.96 -56.48 -50.98
C GLN A 495 -88.49 -56.38 -49.55
N GLY A 496 -88.16 -57.36 -48.73
CA GLY A 496 -88.58 -57.36 -47.33
C GLY A 496 -87.50 -56.87 -46.39
N MET A 497 -86.84 -55.77 -46.76
CA MET A 497 -85.77 -55.17 -45.97
C MET A 497 -86.21 -53.79 -45.53
N ARG A 498 -87.04 -53.75 -44.48
CA ARG A 498 -87.56 -52.49 -43.97
C ARG A 498 -86.51 -51.76 -43.14
N PHE A 499 -86.86 -50.55 -42.72
CA PHE A 499 -85.99 -49.71 -41.89
C PHE A 499 -86.80 -49.23 -40.70
N VAL A 500 -86.54 -49.81 -39.53
CA VAL A 500 -87.29 -49.47 -38.31
C VAL A 500 -86.49 -48.47 -37.50
N GLY A 501 -85.60 -47.72 -38.15
CA GLY A 501 -84.81 -46.73 -37.47
C GLY A 501 -83.97 -45.89 -38.41
N THR A 502 -84.25 -44.58 -38.46
CA THR A 502 -83.52 -43.67 -39.32
C THR A 502 -82.80 -42.61 -38.50
N ASP A 503 -82.48 -41.48 -39.12
CA ASP A 503 -81.81 -40.36 -38.47
C ASP A 503 -82.73 -39.13 -38.49
N VAL A 504 -82.14 -37.97 -38.17
CA VAL A 504 -82.90 -36.73 -38.17
C VAL A 504 -83.02 -36.08 -39.54
N ASP A 505 -82.37 -36.66 -40.55
CA ASP A 505 -82.46 -36.16 -41.91
C ASP A 505 -83.13 -37.13 -42.87
N LYS A 506 -83.48 -38.33 -42.40
CA LYS A 506 -84.11 -39.36 -43.23
C LYS A 506 -83.26 -39.70 -44.45
N THR A 507 -81.96 -39.86 -44.22
CA THR A 507 -81.03 -40.20 -45.30
C THR A 507 -80.17 -41.39 -44.93
N ARG A 508 -79.63 -41.39 -43.71
CA ARG A 508 -78.76 -42.46 -43.24
C ARG A 508 -79.60 -43.56 -42.62
N MET A 509 -79.47 -44.78 -43.16
CA MET A 509 -80.19 -45.95 -42.65
C MET A 509 -79.30 -46.67 -41.65
N GLU A 510 -79.35 -46.20 -40.40
CA GLU A 510 -78.50 -46.77 -39.35
C GLU A 510 -79.06 -48.07 -38.80
N ILE A 511 -80.37 -48.26 -38.89
CA ILE A 511 -81.04 -49.46 -38.36
C ILE A 511 -81.73 -50.17 -39.52
N ILE A 512 -81.41 -51.44 -39.71
CA ILE A 512 -82.00 -52.25 -40.77
C ILE A 512 -82.61 -53.49 -40.15
N GLU A 513 -83.62 -54.04 -40.83
CA GLU A 513 -84.30 -55.23 -40.36
C GLU A 513 -84.83 -56.00 -41.56
N LEU A 514 -84.69 -57.32 -41.52
CA LEU A 514 -85.12 -58.20 -42.59
C LEU A 514 -86.44 -58.85 -42.20
N SER A 515 -87.47 -58.63 -43.02
CA SER A 515 -88.77 -59.21 -42.76
C SER A 515 -88.75 -60.72 -43.02
N GLY A 516 -89.67 -61.43 -42.36
CA GLY A 516 -89.78 -62.86 -42.48
C GLY A 516 -88.92 -63.64 -41.50
N HIS A 517 -87.79 -63.07 -41.07
CA HIS A 517 -86.94 -63.75 -40.11
C HIS A 517 -87.56 -63.68 -38.72
N PRO A 518 -87.49 -64.76 -37.94
CA PRO A 518 -88.12 -64.74 -36.60
C PRO A 518 -87.48 -63.76 -35.64
N TYR A 519 -86.16 -63.54 -35.74
CA TYR A 519 -85.48 -62.61 -34.84
C TYR A 519 -84.20 -62.14 -35.54
N PHE A 520 -84.28 -60.97 -36.18
CA PHE A 520 -83.15 -60.40 -36.89
C PHE A 520 -82.93 -58.98 -36.39
N VAL A 521 -81.80 -58.75 -35.73
CA VAL A 521 -81.45 -57.44 -35.18
C VAL A 521 -80.15 -56.98 -35.81
N ALA A 522 -80.14 -55.75 -36.32
CA ALA A 522 -78.95 -55.19 -36.95
C ALA A 522 -79.04 -53.66 -36.88
N THR A 523 -77.99 -53.04 -36.37
CA THR A 523 -77.94 -51.59 -36.24
C THR A 523 -76.47 -51.16 -36.29
N GLN A 524 -76.19 -49.95 -35.81
CA GLN A 524 -74.84 -49.40 -35.82
C GLN A 524 -74.31 -49.04 -34.45
N TYR A 525 -75.17 -48.69 -33.48
CA TYR A 525 -74.70 -48.32 -32.16
C TYR A 525 -74.27 -49.57 -31.39
N HIS A 526 -73.73 -49.35 -30.19
CA HIS A 526 -73.22 -50.42 -29.33
C HIS A 526 -74.08 -50.52 -28.08
N PRO A 527 -75.11 -51.37 -28.06
CA PRO A 527 -75.93 -51.52 -26.85
C PRO A 527 -75.30 -52.37 -25.76
N GLU A 528 -74.13 -52.96 -26.01
CA GLU A 528 -73.50 -53.81 -25.01
C GLU A 528 -72.87 -52.99 -23.89
N TYR A 529 -72.34 -51.80 -24.23
CA TYR A 529 -71.73 -50.95 -23.20
C TYR A 529 -72.77 -50.30 -22.30
N LEU A 530 -74.02 -50.22 -22.74
CA LEU A 530 -75.10 -49.66 -21.93
C LEU A 530 -75.87 -50.72 -21.16
N SER A 531 -75.29 -51.91 -20.98
CA SER A 531 -75.97 -53.00 -20.27
C SER A 531 -75.97 -52.74 -18.77
N ARG A 532 -76.93 -51.93 -18.30
CA ARG A 532 -77.04 -51.65 -16.88
C ARG A 532 -77.66 -52.83 -16.14
N PRO A 533 -77.30 -53.03 -14.87
CA PRO A 533 -77.90 -54.13 -14.11
C PRO A 533 -79.38 -53.96 -13.84
N LEU A 534 -79.91 -52.73 -13.91
CA LEU A 534 -81.33 -52.48 -13.73
C LEU A 534 -82.08 -52.32 -15.04
N LYS A 535 -81.39 -52.30 -16.17
CA LYS A 535 -82.01 -52.15 -17.48
C LYS A 535 -81.31 -53.07 -18.47
N PRO A 536 -81.92 -54.20 -18.82
CA PRO A 536 -81.27 -55.13 -19.76
C PRO A 536 -81.14 -54.51 -21.15
N SER A 537 -80.24 -55.11 -21.94
CA SER A 537 -80.00 -54.63 -23.29
C SER A 537 -81.08 -55.14 -24.24
N PRO A 538 -81.36 -54.39 -25.30
CA PRO A 538 -82.40 -54.81 -26.27
C PRO A 538 -82.11 -56.16 -26.90
N PRO A 539 -80.92 -56.36 -27.54
CA PRO A 539 -80.80 -57.51 -28.45
C PRO A 539 -80.62 -58.85 -27.74
N PHE A 540 -79.60 -58.96 -26.89
CA PHE A 540 -79.28 -60.25 -26.28
C PHE A 540 -80.36 -60.73 -25.31
N LEU A 541 -81.16 -59.82 -24.75
CA LEU A 541 -82.20 -60.24 -23.82
C LEU A 541 -83.45 -60.72 -24.56
N GLY A 542 -83.76 -60.10 -25.70
CA GLY A 542 -84.94 -60.49 -26.46
C GLY A 542 -84.81 -61.85 -27.13
N LEU A 543 -83.58 -62.33 -27.31
CA LEU A 543 -83.38 -63.64 -27.95
C LEU A 543 -83.70 -64.77 -26.98
N ILE A 544 -83.35 -64.61 -25.70
CA ILE A 544 -83.61 -65.66 -24.72
C ILE A 544 -85.08 -65.69 -24.33
N LEU A 545 -85.72 -64.52 -24.26
CA LEU A 545 -87.13 -64.47 -23.89
C LEU A 545 -88.01 -65.06 -24.98
N ALA A 546 -87.66 -64.84 -26.25
CA ALA A 546 -88.41 -65.36 -27.38
C ALA A 546 -87.98 -66.76 -27.79
N SER A 547 -87.21 -67.45 -26.94
CA SER A 547 -86.75 -68.80 -27.26
C SER A 547 -87.66 -69.87 -26.65
N VAL A 548 -87.74 -69.90 -25.33
CA VAL A 548 -88.59 -70.87 -24.64
C VAL A 548 -89.78 -70.22 -23.93
N ASP A 549 -89.73 -68.91 -23.67
CA ASP A 549 -90.81 -68.20 -22.99
C ASP A 549 -91.13 -68.83 -21.63
N ARG A 550 -90.09 -69.03 -20.83
CA ARG A 550 -90.22 -69.63 -19.50
C ARG A 550 -90.29 -68.50 -18.48
N LEU A 551 -91.50 -68.19 -18.03
CA LEU A 551 -91.74 -67.14 -17.05
C LEU A 551 -92.36 -67.65 -15.76
N ASN A 552 -92.64 -68.95 -15.65
CA ASN A 552 -93.23 -69.53 -14.46
C ASN A 552 -92.20 -70.07 -13.47
N GLN A 553 -90.98 -69.53 -13.51
CA GLN A 553 -89.93 -69.99 -12.61
C GLN A 553 -89.89 -69.21 -11.30
N TYR A 554 -90.28 -67.93 -11.33
CA TYR A 554 -90.26 -67.12 -10.12
C TYR A 554 -91.28 -67.60 -9.09
N ILE A 555 -92.36 -68.23 -9.55
CA ILE A 555 -93.41 -68.71 -8.65
C ILE A 555 -93.10 -70.10 -8.10
N GLN A 556 -91.96 -70.69 -8.47
CA GLN A 556 -91.61 -72.02 -7.98
C GLN A 556 -90.68 -71.97 -6.78
N ARG A 557 -89.88 -70.92 -6.64
CA ARG A 557 -88.96 -70.81 -5.50
C ARG A 557 -89.73 -70.46 -4.23
N GLY A 558 -90.30 -69.26 -4.17
CA GLY A 558 -91.06 -68.87 -3.00
C GLY A 558 -90.22 -68.52 -1.79
N CYS A 559 -88.96 -68.12 -2.00
CA CYS A 559 -88.06 -67.75 -0.92
C CYS A 559 -87.89 -68.88 0.09
N ARG A 560 -87.01 -69.84 -0.21
CA ARG A 560 -86.81 -70.96 0.71
C ARG A 560 -86.10 -70.51 1.98
N LEU A 561 -85.03 -69.72 1.85
CA LEU A 561 -84.28 -69.22 2.99
C LEU A 561 -84.78 -67.82 3.33
N SER A 562 -85.99 -67.78 3.91
CA SER A 562 -86.60 -66.52 4.30
C SER A 562 -86.52 -66.31 5.81
N MET B 1 -5.04 -66.65 -14.93
CA MET B 1 -5.15 -65.86 -16.16
C MET B 1 -6.60 -65.74 -16.60
N LYS B 2 -7.35 -66.83 -16.45
CA LYS B 2 -8.76 -66.87 -16.82
C LYS B 2 -9.62 -66.87 -15.56
N TYR B 3 -10.57 -65.94 -15.50
CA TYR B 3 -11.47 -65.81 -14.36
C TYR B 3 -12.89 -65.61 -14.88
N ILE B 4 -13.76 -66.58 -14.62
CA ILE B 4 -15.16 -66.52 -15.06
C ILE B 4 -16.04 -66.63 -13.82
N LEU B 5 -16.84 -65.60 -13.57
CA LEU B 5 -17.72 -65.59 -12.42
C LEU B 5 -18.95 -66.46 -12.68
N VAL B 6 -19.45 -67.07 -11.61
CA VAL B 6 -20.62 -67.95 -11.66
C VAL B 6 -21.65 -67.39 -10.70
N THR B 7 -22.83 -67.06 -11.24
CA THR B 7 -23.93 -66.51 -10.45
C THR B 7 -24.88 -67.63 -10.07
N GLY B 8 -25.14 -67.77 -8.77
CA GLY B 8 -26.03 -68.80 -8.28
C GLY B 8 -27.49 -68.41 -8.32
N GLY B 9 -28.10 -68.26 -7.15
CA GLY B 9 -29.50 -67.89 -7.07
C GLY B 9 -29.76 -66.74 -6.12
N VAL B 10 -31.02 -66.57 -5.71
CA VAL B 10 -31.41 -65.51 -4.78
C VAL B 10 -31.71 -66.04 -3.39
N ILE B 11 -31.70 -67.35 -3.19
CA ILE B 11 -31.96 -67.95 -1.89
C ILE B 11 -31.21 -69.27 -1.81
N SER B 12 -30.56 -69.50 -0.66
CA SER B 12 -29.79 -70.73 -0.46
C SER B 12 -30.71 -71.92 -0.29
N GLY B 13 -31.09 -72.55 -1.40
CA GLY B 13 -31.95 -73.71 -1.35
C GLY B 13 -33.01 -73.72 -2.43
N VAL B 14 -32.67 -73.19 -3.60
CA VAL B 14 -33.59 -73.15 -4.74
C VAL B 14 -33.20 -74.10 -5.85
N GLY B 15 -31.92 -74.22 -6.18
CA GLY B 15 -31.49 -75.11 -7.24
C GLY B 15 -30.29 -74.59 -8.02
N LYS B 16 -29.43 -73.81 -7.35
CA LYS B 16 -28.23 -73.27 -7.98
C LYS B 16 -27.09 -74.27 -8.05
N GLY B 17 -27.24 -75.44 -7.45
CA GLY B 17 -26.17 -76.43 -7.49
C GLY B 17 -26.03 -77.10 -8.83
N VAL B 18 -27.15 -77.34 -9.52
CA VAL B 18 -27.09 -77.98 -10.83
C VAL B 18 -26.64 -77.00 -11.91
N ILE B 19 -26.90 -75.70 -11.70
CA ILE B 19 -26.50 -74.70 -12.69
C ILE B 19 -24.99 -74.46 -12.64
N ALA B 20 -24.43 -74.33 -11.44
CA ALA B 20 -23.00 -74.09 -11.32
C ALA B 20 -22.18 -75.33 -11.66
N SER B 21 -22.77 -76.52 -11.50
CA SER B 21 -22.05 -77.74 -11.82
C SER B 21 -21.97 -78.00 -13.32
N SER B 22 -22.81 -77.33 -14.11
CA SER B 22 -22.78 -77.53 -15.55
C SER B 22 -21.55 -76.88 -16.18
N PHE B 23 -21.18 -75.68 -15.71
CA PHE B 23 -20.01 -75.00 -16.24
C PHE B 23 -18.71 -75.59 -15.73
N GLY B 24 -18.74 -76.33 -14.62
CA GLY B 24 -17.54 -76.93 -14.08
C GLY B 24 -17.13 -78.19 -14.81
N THR B 25 -18.09 -79.00 -15.23
CA THR B 25 -17.80 -80.23 -15.94
C THR B 25 -17.56 -80.01 -17.43
N LEU B 26 -17.68 -78.77 -17.92
CA LEU B 26 -17.44 -78.50 -19.33
C LEU B 26 -15.95 -78.58 -19.66
N LEU B 27 -15.12 -77.90 -18.88
CA LEU B 27 -13.68 -77.93 -19.09
C LEU B 27 -13.04 -79.23 -18.61
N LYS B 28 -13.69 -79.93 -17.68
CA LYS B 28 -13.16 -81.21 -17.23
C LYS B 28 -13.25 -82.28 -18.31
N SER B 29 -14.23 -82.18 -19.20
CA SER B 29 -14.39 -83.15 -20.28
C SER B 29 -13.52 -82.85 -21.48
N CYS B 30 -12.93 -81.66 -21.56
CA CYS B 30 -12.08 -81.26 -22.67
C CYS B 30 -10.60 -81.50 -22.40
N GLY B 31 -10.25 -82.04 -21.23
CA GLY B 31 -8.87 -82.29 -20.90
C GLY B 31 -8.23 -81.27 -20.00
N LEU B 32 -9.01 -80.38 -19.39
CA LEU B 32 -8.50 -79.35 -18.51
C LEU B 32 -8.97 -79.61 -17.08
N ASP B 33 -8.46 -78.81 -16.15
CA ASP B 33 -8.81 -78.92 -14.74
C ASP B 33 -9.03 -77.54 -14.17
N VAL B 34 -10.07 -77.39 -13.35
CA VAL B 34 -10.41 -76.12 -12.73
C VAL B 34 -10.61 -76.33 -11.23
N THR B 35 -11.00 -75.26 -10.54
CA THR B 35 -11.23 -75.34 -9.09
C THR B 35 -12.68 -74.97 -8.77
N SER B 36 -12.94 -74.59 -7.51
CA SER B 36 -14.28 -74.23 -7.09
C SER B 36 -14.16 -73.32 -5.87
N ILE B 37 -14.28 -72.01 -6.08
CA ILE B 37 -14.20 -71.03 -5.02
C ILE B 37 -15.52 -70.26 -4.98
N LYS B 38 -16.15 -70.23 -3.82
CA LYS B 38 -17.43 -69.57 -3.62
C LYS B 38 -17.31 -68.53 -2.51
N ILE B 39 -18.40 -67.79 -2.29
CA ILE B 39 -18.44 -66.76 -1.26
C ILE B 39 -19.87 -66.65 -0.75
N ASP B 40 -20.02 -66.61 0.58
CA ASP B 40 -21.33 -66.52 1.21
C ASP B 40 -21.58 -65.10 1.68
N PRO B 41 -22.61 -64.42 1.16
CA PRO B 41 -22.90 -63.05 1.58
C PRO B 41 -23.68 -62.94 2.89
N TYR B 42 -23.69 -63.99 3.72
CA TYR B 42 -24.42 -63.97 4.98
C TYR B 42 -23.53 -63.36 6.07
N ILE B 43 -23.73 -63.81 7.30
CA ILE B 43 -22.95 -63.31 8.43
C ILE B 43 -21.68 -64.13 8.57
N ASN B 44 -21.82 -65.40 8.96
CA ASN B 44 -20.68 -66.28 9.14
C ASN B 44 -21.04 -67.71 8.81
N ILE B 45 -20.42 -68.67 9.52
CA ILE B 45 -20.71 -70.08 9.27
C ILE B 45 -22.09 -70.43 9.82
N ASP B 46 -22.86 -71.17 9.03
CA ASP B 46 -24.19 -71.57 9.45
C ASP B 46 -24.17 -72.66 10.52
N ALA B 47 -23.12 -73.45 10.56
CA ALA B 47 -22.98 -74.53 11.53
C ALA B 47 -22.40 -74.06 12.86
N GLY B 48 -22.38 -72.76 13.12
CA GLY B 48 -21.86 -72.24 14.36
C GLY B 48 -22.90 -72.15 15.47
N THR B 49 -23.61 -71.02 15.52
CA THR B 49 -24.64 -70.81 16.52
C THR B 49 -26.03 -71.18 16.03
N PHE B 50 -26.25 -71.23 14.72
CA PHE B 50 -27.53 -71.59 14.17
C PHE B 50 -27.77 -73.10 14.31
N SER B 51 -29.00 -73.51 14.04
CA SER B 51 -29.37 -74.91 14.12
C SER B 51 -28.57 -75.72 13.10
N PRO B 52 -28.30 -77.00 13.39
CA PRO B 52 -27.49 -77.81 12.46
C PRO B 52 -28.17 -78.03 11.11
N TYR B 53 -29.50 -78.04 11.06
CA TYR B 53 -30.21 -78.21 9.81
C TYR B 53 -31.54 -77.47 9.88
N GLU B 54 -31.78 -76.61 8.88
CA GLU B 54 -33.02 -75.85 8.80
C GLU B 54 -33.18 -75.26 7.40
N HIS B 55 -32.14 -74.58 6.92
CA HIS B 55 -32.12 -74.05 5.56
C HIS B 55 -30.93 -74.50 4.74
N GLY B 56 -29.82 -74.90 5.35
CA GLY B 56 -28.66 -75.36 4.61
C GLY B 56 -28.19 -76.73 5.02
N GLU B 57 -27.97 -77.61 4.05
CA GLU B 57 -27.53 -78.98 4.32
C GLU B 57 -26.04 -78.97 4.64
N VAL B 58 -25.73 -79.04 5.93
CA VAL B 58 -24.35 -79.03 6.41
C VAL B 58 -23.93 -80.46 6.71
N TYR B 59 -22.77 -80.86 6.18
CA TYR B 59 -22.27 -82.21 6.38
C TYR B 59 -20.79 -82.21 6.75
N VAL B 60 -20.04 -83.18 6.22
CA VAL B 60 -18.63 -83.32 6.56
C VAL B 60 -17.93 -84.08 5.43
N LEU B 61 -18.49 -83.99 4.22
CA LEU B 61 -17.96 -84.67 3.06
C LEU B 61 -16.52 -84.25 2.78
N ASP B 62 -15.57 -85.02 3.30
CA ASP B 62 -14.13 -84.79 3.09
C ASP B 62 -13.73 -83.38 3.56
N ASP B 63 -13.70 -83.23 4.87
CA ASP B 63 -13.32 -81.97 5.50
C ASP B 63 -13.01 -82.22 6.97
N GLY B 64 -12.07 -81.46 7.50
CA GLY B 64 -11.66 -81.58 8.88
C GLY B 64 -12.32 -80.60 9.84
N ALA B 65 -13.34 -79.87 9.39
CA ALA B 65 -14.02 -78.91 10.25
C ALA B 65 -15.47 -78.71 9.80
N GLU B 66 -15.84 -77.48 9.46
CA GLU B 66 -17.17 -77.15 9.00
C GLU B 66 -17.17 -76.94 7.50
N VAL B 67 -18.33 -77.16 6.88
CA VAL B 67 -18.48 -77.01 5.44
C VAL B 67 -19.56 -75.98 5.14
N ASP B 68 -19.86 -75.79 3.86
CA ASP B 68 -20.89 -74.83 3.45
C ASP B 68 -22.24 -75.53 3.37
N LEU B 69 -22.80 -75.64 2.15
CA LEU B 69 -24.08 -76.30 1.96
C LEU B 69 -24.22 -76.81 0.53
N ASP B 70 -23.40 -76.31 -0.39
CA ASP B 70 -23.46 -76.67 -1.80
C ASP B 70 -22.09 -77.08 -2.31
N LEU B 71 -21.42 -77.97 -1.58
CA LEU B 71 -20.10 -78.46 -1.96
C LEU B 71 -20.05 -79.97 -2.09
N GLY B 72 -21.21 -80.64 -2.04
CA GLY B 72 -21.22 -82.09 -2.18
C GLY B 72 -21.33 -82.56 -3.62
N ASN B 73 -22.01 -81.79 -4.47
CA ASN B 73 -22.15 -82.18 -5.87
C ASN B 73 -20.89 -81.90 -6.67
N TYR B 74 -20.01 -81.01 -6.20
CA TYR B 74 -18.78 -80.73 -6.93
C TYR B 74 -17.80 -81.88 -6.83
N GLU B 75 -17.68 -82.50 -5.65
CA GLU B 75 -16.75 -83.61 -5.49
C GLU B 75 -17.27 -84.88 -6.16
N ARG B 76 -18.59 -85.04 -6.23
CA ARG B 76 -19.15 -86.23 -6.86
C ARG B 76 -19.12 -86.15 -8.38
N PHE B 77 -19.43 -84.97 -8.94
CA PHE B 77 -19.39 -84.80 -10.39
C PHE B 77 -17.96 -84.64 -10.88
N LEU B 78 -17.28 -83.57 -10.46
CA LEU B 78 -15.92 -83.30 -10.88
C LEU B 78 -14.96 -84.18 -10.08
N ASP B 79 -13.67 -84.09 -10.44
CA ASP B 79 -12.61 -84.86 -9.78
C ASP B 79 -11.82 -84.02 -8.78
N VAL B 80 -12.43 -82.98 -8.23
CA VAL B 80 -11.79 -82.12 -7.26
C VAL B 80 -12.41 -82.36 -5.89
N THR B 81 -11.76 -81.82 -4.85
CA THR B 81 -12.21 -81.94 -3.48
C THR B 81 -12.26 -80.56 -2.84
N LEU B 82 -12.74 -80.52 -1.60
CA LEU B 82 -12.85 -79.28 -0.84
C LEU B 82 -12.07 -79.40 0.46
N HIS B 83 -11.50 -78.27 0.89
CA HIS B 83 -10.72 -78.24 2.12
C HIS B 83 -11.24 -77.16 3.06
N ARG B 84 -10.36 -76.60 3.89
CA ARG B 84 -10.74 -75.56 4.84
C ARG B 84 -10.67 -74.16 4.24
N ASP B 85 -9.99 -73.98 3.11
CA ASP B 85 -9.87 -72.69 2.45
C ASP B 85 -10.89 -72.50 1.34
N ASN B 86 -11.99 -73.26 1.37
CA ASN B 86 -13.03 -73.17 0.36
C ASN B 86 -14.34 -72.58 0.87
N ASN B 87 -14.60 -72.62 2.17
CA ASN B 87 -15.83 -72.06 2.74
C ASN B 87 -15.63 -70.59 3.09
N ILE B 88 -15.33 -69.80 2.07
CA ILE B 88 -15.09 -68.37 2.25
C ILE B 88 -16.43 -67.67 2.48
N THR B 89 -16.50 -66.89 3.56
CA THR B 89 -17.71 -66.14 3.90
C THR B 89 -17.31 -64.76 4.38
N THR B 90 -18.32 -63.95 4.70
CA THR B 90 -18.06 -62.60 5.17
C THR B 90 -17.49 -62.59 6.58
N GLY B 91 -17.82 -63.61 7.38
CA GLY B 91 -17.30 -63.66 8.74
C GLY B 91 -15.82 -64.02 8.81
N LYS B 92 -15.34 -64.83 7.86
CA LYS B 92 -13.94 -65.22 7.87
C LYS B 92 -13.04 -64.05 7.47
N ILE B 93 -13.51 -63.17 6.59
CA ILE B 93 -12.71 -62.03 6.18
C ILE B 93 -12.57 -61.04 7.33
N TYR B 94 -13.65 -60.82 8.08
CA TYR B 94 -13.62 -59.87 9.19
C TYR B 94 -12.72 -60.32 10.34
N LYS B 95 -12.27 -61.59 10.34
CA LYS B 95 -11.39 -62.05 11.41
C LYS B 95 -10.00 -61.44 11.30
N LEU B 96 -9.58 -61.07 10.09
CA LEU B 96 -8.26 -60.48 9.88
C LEU B 96 -8.30 -58.98 9.61
N VAL B 97 -9.43 -58.43 9.18
CA VAL B 97 -9.52 -56.99 8.94
C VAL B 97 -9.44 -56.24 10.26
N ILE B 98 -10.09 -56.74 11.31
CA ILE B 98 -10.02 -56.09 12.61
C ILE B 98 -8.65 -56.29 13.24
N GLU B 99 -7.96 -57.38 12.89
CA GLU B 99 -6.66 -57.66 13.48
C GLU B 99 -5.57 -56.82 12.83
N LYS B 100 -5.66 -56.57 11.52
CA LYS B 100 -4.62 -55.80 10.85
C LYS B 100 -4.69 -54.32 11.20
N GLU B 101 -5.87 -53.81 11.53
CA GLU B 101 -6.02 -52.41 11.91
C GLU B 101 -5.69 -52.16 13.38
N ARG B 102 -5.62 -53.21 14.20
CA ARG B 102 -5.27 -53.08 15.61
C ARG B 102 -3.80 -53.31 15.88
N THR B 103 -3.14 -54.19 15.13
CA THR B 103 -1.72 -54.43 15.32
C THR B 103 -0.89 -53.27 14.79
N GLY B 104 -1.01 -52.99 13.48
CA GLY B 104 -0.29 -51.89 12.88
C GLY B 104 0.57 -52.29 11.70
N GLU B 105 0.01 -52.22 10.50
CA GLU B 105 0.74 -52.52 9.28
C GLU B 105 0.70 -51.42 8.23
N TYR B 106 -0.35 -50.58 8.24
CA TYR B 106 -0.50 -49.48 7.32
C TYR B 106 -0.44 -48.15 8.05
N LEU B 107 0.42 -48.05 9.06
CA LEU B 107 0.62 -46.89 9.90
C LEU B 107 -0.65 -46.47 10.66
N GLY B 108 -1.66 -47.33 10.69
CA GLY B 108 -2.89 -47.01 11.40
C GLY B 108 -3.66 -45.85 10.82
N LYS B 109 -3.56 -45.62 9.52
CA LYS B 109 -4.26 -44.51 8.90
C LYS B 109 -5.77 -44.76 8.86
N THR B 110 -6.54 -43.73 9.19
CA THR B 110 -8.00 -43.83 9.20
C THR B 110 -8.49 -43.83 7.76
N VAL B 111 -8.95 -44.99 7.29
CA VAL B 111 -9.42 -45.15 5.92
C VAL B 111 -10.92 -45.39 5.93
N GLN B 112 -11.50 -45.64 4.76
CA GLN B 112 -12.93 -45.87 4.63
C GLN B 112 -13.21 -47.28 4.13
N VAL B 113 -13.01 -47.56 2.84
CA VAL B 113 -13.29 -48.88 2.28
C VAL B 113 -12.36 -49.15 1.11
N VAL B 114 -12.08 -48.13 0.31
CA VAL B 114 -11.24 -48.27 -0.87
C VAL B 114 -10.03 -47.35 -0.73
N PRO B 115 -8.86 -47.74 -1.24
CA PRO B 115 -8.59 -49.03 -1.89
C PRO B 115 -8.05 -50.08 -0.92
N HIS B 116 -8.88 -50.53 0.02
CA HIS B 116 -8.45 -51.52 1.00
C HIS B 116 -9.31 -52.78 0.92
N ILE B 117 -10.63 -52.62 0.89
CA ILE B 117 -11.51 -53.78 0.81
C ILE B 117 -11.43 -54.42 -0.57
N THR B 118 -11.41 -53.60 -1.63
CA THR B 118 -11.31 -54.14 -2.98
C THR B 118 -9.97 -54.81 -3.20
N ASP B 119 -8.91 -54.35 -2.52
CA ASP B 119 -7.60 -54.97 -2.65
C ASP B 119 -7.42 -56.18 -1.73
N ALA B 120 -8.23 -56.28 -0.67
CA ALA B 120 -8.14 -57.43 0.23
C ALA B 120 -8.71 -58.69 -0.42
N ILE B 121 -9.68 -58.53 -1.32
CA ILE B 121 -10.24 -59.70 -2.01
C ILE B 121 -9.23 -60.27 -3.01
N GLN B 122 -8.29 -59.44 -3.48
CA GLN B 122 -7.28 -59.92 -4.42
C GLN B 122 -6.37 -60.96 -3.78
N GLU B 123 -6.18 -60.89 -2.47
CA GLU B 123 -5.34 -61.87 -1.79
C GLU B 123 -6.03 -63.22 -1.64
N TRP B 124 -7.37 -63.26 -1.70
CA TRP B 124 -8.09 -64.52 -1.59
C TRP B 124 -8.25 -65.21 -2.93
N VAL B 125 -8.00 -64.50 -4.03
CA VAL B 125 -8.15 -65.09 -5.36
C VAL B 125 -6.81 -65.50 -5.93
N GLU B 126 -5.78 -64.66 -5.76
CA GLU B 126 -4.45 -64.96 -6.29
C GLU B 126 -3.72 -66.02 -5.47
N ARG B 127 -4.25 -66.40 -4.31
CA ARG B 127 -3.60 -67.42 -3.49
C ARG B 127 -4.15 -68.80 -3.79
N VAL B 128 -5.43 -68.89 -4.16
CA VAL B 128 -6.05 -70.17 -4.47
C VAL B 128 -5.99 -70.41 -5.98
N ALA B 129 -5.27 -69.54 -6.70
CA ALA B 129 -5.15 -69.68 -8.15
C ALA B 129 -4.17 -70.78 -8.52
N GLN B 130 -2.98 -70.77 -7.93
CA GLN B 130 -1.95 -71.75 -8.23
C GLN B 130 -1.91 -72.88 -7.20
N THR B 131 -2.88 -72.96 -6.30
CA THR B 131 -2.96 -74.00 -5.27
C THR B 131 -4.29 -74.73 -5.43
N PRO B 132 -4.37 -75.69 -6.37
CA PRO B 132 -5.62 -76.43 -6.56
C PRO B 132 -5.82 -77.51 -5.51
N VAL B 133 -6.15 -78.72 -5.95
CA VAL B 133 -6.36 -79.86 -5.06
C VAL B 133 -5.33 -80.93 -5.35
N GLN B 134 -5.45 -82.08 -4.69
CA GLN B 134 -4.53 -83.20 -4.89
C GLN B 134 -4.98 -83.99 -6.11
N GLY B 135 -4.60 -83.48 -7.28
CA GLY B 135 -4.95 -84.12 -8.53
C GLY B 135 -4.50 -83.34 -9.75
N SER B 136 -4.03 -82.13 -9.54
CA SER B 136 -3.58 -81.27 -10.63
C SER B 136 -2.41 -80.42 -10.15
N SER B 137 -1.72 -79.81 -11.10
CA SER B 137 -0.56 -78.96 -10.80
C SER B 137 -1.00 -77.49 -10.66
N LYS B 138 -1.38 -76.88 -11.78
CA LYS B 138 -1.82 -75.49 -11.77
C LYS B 138 -2.98 -75.31 -12.74
N PRO B 139 -4.18 -74.99 -12.25
CA PRO B 139 -5.32 -74.81 -13.15
C PRO B 139 -5.19 -73.52 -13.95
N GLN B 140 -5.43 -73.61 -15.25
CA GLN B 140 -5.35 -72.44 -16.12
C GLN B 140 -6.58 -71.55 -15.99
N VAL B 141 -7.74 -72.14 -15.74
CA VAL B 141 -8.99 -71.40 -15.56
C VAL B 141 -9.35 -71.44 -14.09
N CYS B 142 -9.49 -70.27 -13.48
CA CYS B 142 -9.84 -70.13 -12.07
C CYS B 142 -11.19 -69.42 -11.97
N ILE B 143 -12.26 -70.19 -11.86
CA ILE B 143 -13.61 -69.65 -11.78
C ILE B 143 -13.96 -69.36 -10.32
N VAL B 144 -14.81 -68.35 -10.12
CA VAL B 144 -15.26 -67.95 -8.80
C VAL B 144 -16.77 -67.99 -8.79
N GLU B 145 -17.34 -68.74 -7.86
CA GLU B 145 -18.78 -68.89 -7.75
C GLU B 145 -19.36 -67.86 -6.79
N LEU B 146 -20.67 -67.67 -6.87
CA LEU B 146 -21.40 -66.73 -6.02
C LEU B 146 -22.67 -67.40 -5.55
N GLY B 147 -22.67 -67.87 -4.30
CA GLY B 147 -23.80 -68.54 -3.71
C GLY B 147 -24.62 -67.62 -2.81
N GLY B 148 -25.62 -68.22 -2.18
CA GLY B 148 -26.50 -67.50 -1.28
C GLY B 148 -27.41 -66.51 -1.99
N THR B 149 -27.30 -65.24 -1.62
CA THR B 149 -28.09 -64.17 -2.21
C THR B 149 -27.23 -63.33 -3.14
N ILE B 150 -27.85 -62.34 -3.77
CA ILE B 150 -27.17 -61.45 -4.70
C ILE B 150 -27.91 -60.12 -4.76
N GLY B 151 -27.16 -59.03 -4.66
CA GLY B 151 -27.75 -57.70 -4.70
C GLY B 151 -28.41 -57.30 -3.39
N ASP B 152 -27.68 -56.56 -2.56
CA ASP B 152 -28.21 -56.10 -1.28
C ASP B 152 -27.48 -54.85 -0.81
N ILE B 153 -26.81 -54.95 0.34
CA ILE B 153 -26.06 -53.82 0.87
C ILE B 153 -24.56 -54.04 0.70
N GLU B 154 -24.07 -55.24 1.04
CA GLU B 154 -22.66 -55.56 0.91
C GLU B 154 -22.25 -55.86 -0.53
N GLY B 155 -23.17 -55.74 -1.49
CA GLY B 155 -22.85 -55.99 -2.88
C GLY B 155 -22.17 -54.86 -3.62
N MET B 156 -21.95 -53.73 -2.95
CA MET B 156 -21.31 -52.59 -3.59
C MET B 156 -19.81 -52.83 -3.79
N PRO B 157 -19.05 -53.28 -2.78
CA PRO B 157 -17.62 -53.56 -3.02
C PRO B 157 -17.38 -54.75 -3.93
N PHE B 158 -18.37 -55.63 -4.10
CA PHE B 158 -18.19 -56.77 -5.00
C PHE B 158 -18.17 -56.34 -6.46
N VAL B 159 -18.89 -55.26 -6.79
CA VAL B 159 -18.89 -54.78 -8.17
C VAL B 159 -17.57 -54.09 -8.50
N GLU B 160 -17.04 -53.31 -7.56
CA GLU B 160 -15.78 -52.61 -7.78
C GLU B 160 -14.60 -53.56 -7.85
N ALA B 161 -14.72 -54.77 -7.29
CA ALA B 161 -13.64 -55.75 -7.33
C ALA B 161 -13.63 -56.57 -8.61
N PHE B 162 -14.79 -56.77 -9.23
CA PHE B 162 -14.85 -57.55 -10.46
C PHE B 162 -14.29 -56.77 -11.64
N ARG B 163 -14.50 -55.44 -11.65
CA ARG B 163 -13.99 -54.61 -12.74
C ARG B 163 -12.50 -54.31 -12.61
N GLN B 164 -11.90 -54.57 -11.44
CA GLN B 164 -10.47 -54.31 -11.27
C GLN B 164 -9.63 -55.31 -12.04
N PHE B 165 -10.02 -56.59 -12.02
CA PHE B 165 -9.28 -57.61 -12.75
C PHE B 165 -9.51 -57.53 -14.25
N GLN B 166 -10.57 -56.85 -14.69
CA GLN B 166 -10.89 -56.77 -16.11
C GLN B 166 -10.21 -55.58 -16.79
N PHE B 167 -10.09 -54.44 -16.09
CA PHE B 167 -9.49 -53.25 -16.69
C PHE B 167 -7.98 -53.36 -16.80
N ARG B 168 -7.37 -54.38 -16.18
CA ARG B 168 -5.92 -54.54 -16.24
C ARG B 168 -5.48 -55.53 -17.32
N VAL B 169 -6.38 -56.38 -17.79
CA VAL B 169 -6.05 -57.36 -18.83
C VAL B 169 -6.92 -57.10 -20.05
N LYS B 170 -6.88 -58.02 -21.01
CA LYS B 170 -7.67 -57.88 -22.22
C LYS B 170 -9.15 -58.19 -21.94
N ARG B 171 -10.00 -57.93 -22.93
CA ARG B 171 -11.43 -58.16 -22.81
C ARG B 171 -11.83 -59.59 -23.09
N GLU B 172 -10.88 -60.45 -23.49
CA GLU B 172 -11.17 -61.84 -23.81
C GLU B 172 -10.91 -62.79 -22.63
N ASN B 173 -11.10 -62.31 -21.40
CA ASN B 173 -10.86 -63.12 -20.22
C ASN B 173 -12.02 -63.12 -19.23
N PHE B 174 -13.07 -62.35 -19.48
CA PHE B 174 -14.21 -62.26 -18.56
C PHE B 174 -15.51 -62.30 -19.35
N CYS B 175 -16.52 -62.94 -18.76
CA CYS B 175 -17.85 -63.04 -19.37
C CYS B 175 -18.87 -62.82 -18.26
N LEU B 176 -19.45 -61.62 -18.22
CA LEU B 176 -20.42 -61.30 -17.17
C LEU B 176 -21.73 -62.03 -17.39
N ALA B 177 -22.28 -62.58 -16.31
CA ALA B 177 -23.55 -63.30 -16.37
C ALA B 177 -24.26 -63.09 -15.04
N HIS B 178 -25.39 -62.38 -15.08
CA HIS B 178 -26.15 -62.09 -13.86
C HIS B 178 -27.16 -63.20 -13.59
N VAL B 179 -28.40 -62.82 -13.29
CA VAL B 179 -29.46 -63.79 -13.00
C VAL B 179 -30.79 -63.12 -13.26
N SER B 180 -31.72 -63.86 -13.87
CA SER B 180 -33.05 -63.34 -14.18
C SER B 180 -34.01 -64.52 -14.26
N LEU B 181 -34.85 -64.66 -13.24
CA LEU B 181 -35.83 -65.74 -13.24
C LEU B 181 -36.99 -65.41 -14.17
N VAL B 182 -37.57 -66.45 -14.76
CA VAL B 182 -38.67 -66.32 -15.71
C VAL B 182 -39.96 -66.69 -14.98
N PRO B 183 -40.81 -65.73 -14.64
CA PRO B 183 -42.07 -66.07 -13.97
C PRO B 183 -43.07 -66.69 -14.93
N LEU B 184 -44.06 -67.37 -14.37
CA LEU B 184 -45.11 -68.02 -15.13
C LEU B 184 -46.45 -67.39 -14.78
N PRO B 185 -47.23 -66.94 -15.76
CA PRO B 185 -48.54 -66.34 -15.45
C PRO B 185 -49.54 -67.40 -15.02
N LYS B 186 -50.62 -66.94 -14.40
CA LYS B 186 -51.68 -67.81 -13.92
C LYS B 186 -53.03 -67.50 -14.55
N ALA B 187 -53.08 -66.60 -15.54
CA ALA B 187 -54.34 -66.26 -16.20
C ALA B 187 -54.17 -66.24 -17.70
N THR B 188 -53.16 -65.52 -18.20
CA THR B 188 -52.91 -65.42 -19.62
C THR B 188 -52.21 -66.68 -20.13
N GLY B 189 -50.90 -66.59 -20.35
CA GLY B 189 -50.14 -67.73 -20.83
C GLY B 189 -48.85 -67.33 -21.52
N GLU B 190 -48.70 -66.04 -21.81
CA GLU B 190 -47.50 -65.55 -22.47
C GLU B 190 -46.37 -65.44 -21.46
N PRO B 191 -45.21 -66.06 -21.70
CA PRO B 191 -44.11 -65.98 -20.73
C PRO B 191 -43.44 -64.62 -20.73
N LYS B 192 -44.10 -63.64 -20.11
CA LYS B 192 -43.55 -62.29 -19.99
C LYS B 192 -42.62 -62.24 -18.78
N THR B 193 -41.32 -62.11 -19.03
CA THR B 193 -40.34 -62.08 -17.97
C THR B 193 -40.14 -60.65 -17.46
N LYS B 194 -40.07 -60.50 -16.14
CA LYS B 194 -39.92 -59.20 -15.51
C LYS B 194 -38.51 -58.99 -14.95
N PRO B 195 -37.92 -59.94 -14.24
CA PRO B 195 -36.55 -59.71 -13.71
C PRO B 195 -35.49 -59.52 -14.79
N THR B 196 -35.79 -59.84 -16.06
CA THR B 196 -34.80 -59.65 -17.11
C THR B 196 -34.54 -58.17 -17.36
N GLN B 197 -35.61 -57.39 -17.57
CA GLN B 197 -35.45 -55.96 -17.81
C GLN B 197 -35.04 -55.21 -16.55
N SER B 198 -35.24 -55.80 -15.36
CA SER B 198 -34.85 -55.14 -14.12
C SER B 198 -33.39 -55.41 -13.77
N SER B 199 -32.84 -56.54 -14.23
CA SER B 199 -31.44 -56.84 -13.93
C SER B 199 -30.49 -56.00 -14.77
N VAL B 200 -30.94 -55.55 -15.94
CA VAL B 200 -30.08 -54.71 -16.79
C VAL B 200 -29.92 -53.33 -16.18
N ARG B 201 -30.98 -52.81 -15.55
CA ARG B 201 -30.89 -51.49 -14.92
C ARG B 201 -29.94 -51.50 -13.73
N GLU B 202 -29.87 -52.61 -13.00
CA GLU B 202 -28.96 -52.68 -11.86
C GLU B 202 -27.51 -52.76 -12.31
N LEU B 203 -27.24 -53.44 -13.42
CA LEU B 203 -25.86 -53.53 -13.91
C LEU B 203 -25.40 -52.20 -14.51
N ARG B 204 -26.29 -51.49 -15.19
CA ARG B 204 -25.93 -50.19 -15.76
C ARG B 204 -25.79 -49.11 -14.68
N GLY B 205 -26.45 -49.28 -13.54
CA GLY B 205 -26.36 -48.32 -12.47
C GLY B 205 -25.15 -48.44 -11.57
N CYS B 206 -24.27 -49.40 -11.84
CA CYS B 206 -23.06 -49.59 -11.03
C CYS B 206 -21.77 -49.61 -11.84
N GLY B 207 -21.82 -49.86 -13.14
CA GLY B 207 -20.62 -49.86 -13.95
C GLY B 207 -20.34 -51.21 -14.57
N LEU B 208 -21.38 -51.95 -14.93
CA LEU B 208 -21.25 -53.27 -15.54
C LEU B 208 -22.06 -53.31 -16.84
N SER B 209 -21.75 -54.31 -17.66
CA SER B 209 -22.43 -54.50 -18.93
C SER B 209 -22.68 -55.98 -19.18
N PRO B 210 -23.93 -56.42 -19.24
CA PRO B 210 -24.20 -57.84 -19.48
C PRO B 210 -23.86 -58.24 -20.91
N ASP B 211 -23.26 -59.42 -21.04
CA ASP B 211 -22.88 -59.96 -22.34
C ASP B 211 -23.45 -61.34 -22.63
N LEU B 212 -23.65 -62.17 -21.61
CA LEU B 212 -24.20 -63.50 -21.82
C LEU B 212 -25.72 -63.48 -21.67
N ILE B 213 -26.34 -64.65 -21.82
CA ILE B 213 -27.78 -64.80 -21.73
C ILE B 213 -28.07 -65.77 -20.58
N VAL B 214 -28.85 -65.30 -19.60
CA VAL B 214 -29.24 -66.10 -18.44
C VAL B 214 -30.74 -66.32 -18.49
N CYS B 215 -31.16 -67.57 -18.28
CA CYS B 215 -32.57 -67.93 -18.31
C CYS B 215 -32.77 -69.18 -17.48
N ARG B 216 -34.03 -69.47 -17.17
CA ARG B 216 -34.38 -70.65 -16.39
C ARG B 216 -35.84 -70.98 -16.64
N SER B 217 -36.11 -72.20 -17.09
CA SER B 217 -37.48 -72.64 -17.37
C SER B 217 -37.56 -74.14 -17.13
N GLU B 218 -38.68 -74.74 -17.50
CA GLU B 218 -38.90 -76.17 -17.33
C GLU B 218 -39.40 -76.88 -18.58
N LYS B 219 -39.94 -76.17 -19.56
CA LYS B 219 -40.45 -76.76 -20.79
C LYS B 219 -40.04 -75.89 -21.97
N PRO B 220 -39.82 -76.50 -23.14
CA PRO B 220 -39.45 -75.71 -24.32
C PRO B 220 -40.52 -74.71 -24.72
N ILE B 221 -40.29 -73.44 -24.42
CA ILE B 221 -41.24 -72.38 -24.75
C ILE B 221 -41.09 -71.99 -26.22
N GLY B 222 -41.98 -71.14 -26.70
CA GLY B 222 -41.95 -70.73 -28.09
C GLY B 222 -40.80 -69.79 -28.40
N LEU B 223 -40.64 -69.52 -29.69
CA LEU B 223 -39.59 -68.63 -30.18
C LEU B 223 -40.02 -67.17 -30.23
N GLU B 224 -41.24 -66.86 -29.78
CA GLU B 224 -41.71 -65.47 -29.81
C GLU B 224 -41.07 -64.62 -28.73
N VAL B 225 -40.46 -65.23 -27.72
CA VAL B 225 -39.83 -64.51 -26.63
C VAL B 225 -38.32 -64.57 -26.67
N LYS B 226 -37.73 -65.29 -27.62
CA LYS B 226 -36.27 -65.36 -27.70
C LYS B 226 -35.68 -64.09 -28.31
N GLU B 227 -36.42 -63.42 -29.18
CA GLU B 227 -35.98 -62.15 -29.74
C GLU B 227 -36.30 -60.97 -28.84
N LYS B 228 -37.04 -61.19 -27.75
CA LYS B 228 -37.35 -60.11 -26.83
C LYS B 228 -36.16 -59.75 -25.94
N ILE B 229 -35.39 -60.76 -25.52
CA ILE B 229 -34.23 -60.51 -24.67
C ILE B 229 -33.01 -60.06 -25.49
N SER B 230 -32.94 -60.43 -26.76
CA SER B 230 -31.77 -60.08 -27.57
C SER B 230 -31.70 -58.58 -27.81
N ASN B 231 -32.85 -57.92 -28.03
CA ASN B 231 -32.83 -56.49 -28.28
C ASN B 231 -32.63 -55.69 -26.98
N PHE B 232 -33.05 -56.25 -25.85
CA PHE B 232 -32.83 -55.58 -24.56
C PHE B 232 -31.39 -55.68 -24.08
N CYS B 233 -30.64 -56.66 -24.57
CA CYS B 233 -29.24 -56.84 -24.18
C CYS B 233 -28.26 -56.53 -25.30
N HIS B 234 -28.74 -56.33 -26.53
CA HIS B 234 -27.90 -56.02 -27.68
C HIS B 234 -26.86 -57.12 -27.92
N VAL B 235 -27.33 -58.37 -27.90
CA VAL B 235 -26.47 -59.52 -28.10
C VAL B 235 -26.94 -60.29 -29.33
N GLY B 236 -26.35 -61.46 -29.57
CA GLY B 236 -26.71 -62.29 -30.68
C GLY B 236 -28.02 -63.02 -30.47
N PRO B 237 -28.89 -63.01 -31.48
CA PRO B 237 -30.19 -63.69 -31.34
C PRO B 237 -30.07 -65.21 -31.35
N ASP B 238 -29.00 -65.77 -31.91
CA ASP B 238 -28.81 -67.21 -31.96
C ASP B 238 -28.00 -67.74 -30.78
N GLN B 239 -27.88 -66.96 -29.70
CA GLN B 239 -27.14 -67.36 -28.51
C GLN B 239 -28.00 -67.34 -27.26
N VAL B 240 -29.32 -67.43 -27.41
CA VAL B 240 -30.23 -67.43 -26.27
C VAL B 240 -30.34 -68.85 -25.72
N ILE B 241 -30.13 -68.99 -24.42
CA ILE B 241 -30.18 -70.30 -23.76
C ILE B 241 -31.61 -70.55 -23.29
N CYS B 242 -32.15 -71.71 -23.66
CA CYS B 242 -33.51 -72.11 -23.29
C CYS B 242 -33.41 -73.40 -22.51
N ILE B 243 -33.00 -73.29 -21.24
CA ILE B 243 -32.84 -74.46 -20.39
C ILE B 243 -34.21 -74.88 -19.85
N HIS B 244 -34.50 -76.17 -19.97
CA HIS B 244 -35.76 -76.70 -19.46
C HIS B 244 -35.50 -77.70 -18.32
N ASP B 245 -34.77 -77.26 -17.32
CA ASP B 245 -34.42 -78.13 -16.20
C ASP B 245 -35.65 -78.45 -15.35
N LEU B 246 -35.78 -79.72 -14.98
CA LEU B 246 -36.89 -80.16 -14.15
C LEU B 246 -36.41 -80.45 -12.73
N ASN B 247 -35.73 -81.59 -12.54
CA ASN B 247 -35.25 -81.94 -11.20
C ASN B 247 -34.03 -82.86 -11.24
N SER B 248 -33.35 -82.96 -12.39
CA SER B 248 -32.17 -83.83 -12.50
C SER B 248 -31.00 -83.08 -13.09
N ILE B 249 -30.06 -83.79 -13.69
CA ILE B 249 -28.86 -83.18 -14.26
C ILE B 249 -28.70 -83.45 -15.75
N TYR B 250 -29.41 -84.41 -16.34
CA TYR B 250 -29.25 -84.73 -17.75
C TYR B 250 -30.04 -83.79 -18.66
N HIS B 251 -30.69 -82.78 -18.11
CA HIS B 251 -31.44 -81.80 -18.90
C HIS B 251 -30.60 -80.60 -19.30
N VAL B 252 -29.27 -80.74 -19.27
CA VAL B 252 -28.37 -79.64 -19.59
C VAL B 252 -27.50 -79.98 -20.80
N PRO B 253 -26.82 -81.13 -20.85
CA PRO B 253 -25.96 -81.40 -22.03
C PRO B 253 -26.73 -81.60 -23.32
N LEU B 254 -28.01 -81.92 -23.26
CA LEU B 254 -28.80 -82.09 -24.48
C LEU B 254 -29.15 -80.76 -25.15
N LEU B 255 -28.94 -79.64 -24.46
CA LEU B 255 -29.25 -78.33 -25.02
C LEU B 255 -28.04 -77.68 -25.69
N MET B 256 -26.84 -77.91 -25.16
CA MET B 256 -25.64 -77.29 -25.71
C MET B 256 -25.33 -77.81 -27.12
N GLU B 257 -25.82 -78.99 -27.48
CA GLU B 257 -25.60 -79.55 -28.80
C GLU B 257 -26.63 -79.13 -29.83
N GLN B 258 -27.56 -78.24 -29.45
CA GLN B 258 -28.59 -77.76 -30.35
C GLN B 258 -28.49 -76.27 -30.63
N ASN B 259 -28.24 -75.46 -29.60
CA ASN B 259 -28.10 -74.03 -29.80
C ASN B 259 -26.76 -73.69 -30.44
N GLY B 260 -25.67 -73.95 -29.71
CA GLY B 260 -24.34 -73.66 -30.22
C GLY B 260 -23.51 -72.84 -29.26
N VAL B 261 -23.31 -73.36 -28.05
CA VAL B 261 -22.52 -72.67 -27.03
C VAL B 261 -21.23 -73.41 -26.68
N ILE B 262 -21.05 -74.64 -27.16
CA ILE B 262 -19.83 -75.37 -26.86
C ILE B 262 -18.64 -74.88 -27.67
N GLU B 263 -18.88 -74.21 -28.80
CA GLU B 263 -17.81 -73.67 -29.63
C GLU B 263 -17.70 -72.15 -29.53
N TYR B 264 -18.65 -71.49 -28.87
CA TYR B 264 -18.60 -70.04 -28.74
C TYR B 264 -17.55 -69.61 -27.71
N LEU B 265 -17.48 -70.31 -26.58
CA LEU B 265 -16.52 -69.99 -25.53
C LEU B 265 -15.11 -70.44 -25.85
N ASN B 266 -14.93 -71.29 -26.87
CA ASN B 266 -13.59 -71.73 -27.23
C ASN B 266 -12.82 -70.62 -27.94
N GLU B 267 -13.46 -69.97 -28.92
CA GLU B 267 -12.82 -68.88 -29.64
C GLU B 267 -12.97 -67.53 -28.94
N ARG B 268 -13.76 -67.46 -27.86
CA ARG B 268 -13.92 -66.21 -27.15
C ARG B 268 -12.75 -65.93 -26.23
N LEU B 269 -12.21 -66.96 -25.58
CA LEU B 269 -11.08 -66.81 -24.67
C LEU B 269 -9.79 -67.42 -25.21
N GLN B 270 -9.82 -67.95 -26.44
CA GLN B 270 -8.65 -68.57 -27.06
C GLN B 270 -8.07 -69.68 -26.18
N LEU B 271 -8.76 -70.82 -26.12
CA LEU B 271 -8.32 -71.95 -25.32
C LEU B 271 -8.20 -73.19 -26.20
N ASN B 272 -7.51 -74.19 -25.69
CA ASN B 272 -7.32 -75.44 -26.41
C ASN B 272 -8.59 -76.30 -26.33
N ILE B 273 -8.67 -77.28 -27.22
CA ILE B 273 -9.82 -78.18 -27.28
C ILE B 273 -9.39 -79.52 -27.86
N ASP B 274 -9.81 -80.61 -27.22
CA ASP B 274 -9.48 -81.96 -27.67
C ASP B 274 -10.72 -82.51 -28.38
N MET B 275 -10.81 -82.25 -29.67
CA MET B 275 -11.96 -82.68 -30.47
C MET B 275 -11.89 -84.19 -30.71
N SER B 276 -13.05 -84.84 -30.66
CA SER B 276 -13.13 -86.28 -30.91
C SER B 276 -14.46 -86.63 -31.57
N LYS B 277 -15.57 -86.30 -30.89
CA LYS B 277 -16.90 -86.54 -31.44
C LYS B 277 -17.67 -85.23 -31.54
N ARG B 278 -17.69 -84.46 -30.46
CA ARG B 278 -18.37 -83.16 -30.45
C ARG B 278 -17.74 -82.33 -29.32
N THR B 279 -16.64 -81.65 -29.65
CA THR B 279 -15.86 -80.86 -28.70
C THR B 279 -15.46 -81.70 -27.49
N LYS B 280 -16.35 -81.81 -26.51
CA LYS B 280 -16.10 -82.59 -25.30
C LYS B 280 -16.68 -84.00 -25.45
N CYS B 281 -16.19 -84.91 -24.60
CA CYS B 281 -16.67 -86.28 -24.62
C CYS B 281 -18.09 -86.34 -24.08
N LEU B 282 -19.00 -86.94 -24.85
CA LEU B 282 -20.40 -87.03 -24.47
C LEU B 282 -20.86 -88.45 -24.24
N GLN B 283 -20.11 -89.46 -24.70
CA GLN B 283 -20.52 -90.85 -24.51
C GLN B 283 -20.55 -91.26 -23.05
N GLN B 284 -19.84 -90.54 -22.18
CA GLN B 284 -19.85 -90.86 -20.75
C GLN B 284 -21.16 -90.47 -20.09
N TRP B 285 -21.79 -89.38 -20.56
CA TRP B 285 -23.05 -88.93 -19.98
C TRP B 285 -24.27 -89.54 -20.65
N ARG B 286 -24.14 -89.97 -21.91
CA ARG B 286 -25.28 -90.57 -22.61
C ARG B 286 -25.59 -91.97 -22.08
N ASP B 287 -24.57 -92.69 -21.61
CA ASP B 287 -24.79 -94.03 -21.08
C ASP B 287 -25.49 -94.02 -19.72
N LEU B 288 -25.41 -92.92 -18.97
CA LEU B 288 -26.05 -92.81 -17.68
C LEU B 288 -27.37 -92.05 -17.73
N ALA B 289 -27.69 -91.41 -18.85
CA ALA B 289 -28.95 -90.68 -18.99
C ALA B 289 -30.04 -91.52 -19.66
N ARG B 290 -29.68 -92.27 -20.71
CA ARG B 290 -30.68 -93.11 -21.37
C ARG B 290 -31.00 -94.34 -20.54
N ARG B 291 -29.98 -94.93 -19.89
CA ARG B 291 -30.21 -96.12 -19.07
C ARG B 291 -31.00 -95.81 -17.80
N THR B 292 -30.97 -94.56 -17.33
CA THR B 292 -31.70 -94.22 -16.11
C THR B 292 -33.20 -94.22 -16.34
N GLU B 293 -33.65 -93.71 -17.50
CA GLU B 293 -35.07 -93.62 -17.81
C GLU B 293 -35.63 -94.93 -18.39
N THR B 294 -34.97 -96.06 -18.18
CA THR B 294 -35.43 -97.34 -18.68
C THR B 294 -35.64 -98.36 -17.56
N VAL B 295 -35.66 -97.93 -16.31
CA VAL B 295 -35.86 -98.82 -15.17
C VAL B 295 -37.11 -98.38 -14.42
N ARG B 296 -37.75 -99.34 -13.75
CA ARG B 296 -38.96 -99.07 -12.98
C ARG B 296 -39.18 -100.22 -12.01
N ARG B 297 -39.87 -99.90 -10.91
CA ARG B 297 -40.17 -100.90 -9.89
C ARG B 297 -41.40 -100.48 -9.08
N GLU B 298 -41.43 -99.22 -8.67
CA GLU B 298 -42.53 -98.67 -7.87
C GLU B 298 -42.74 -99.48 -6.59
N VAL B 299 -41.67 -99.63 -5.82
CA VAL B 299 -41.70 -100.37 -4.56
C VAL B 299 -42.03 -99.40 -3.43
N CYS B 300 -42.84 -99.87 -2.49
CA CYS B 300 -43.25 -99.05 -1.34
C CYS B 300 -42.08 -98.95 -0.38
N ILE B 301 -41.48 -97.77 -0.29
CA ILE B 301 -40.36 -97.50 0.60
C ILE B 301 -40.74 -96.32 1.48
N ALA B 302 -40.99 -96.58 2.76
CA ALA B 302 -41.38 -95.54 3.71
C ALA B 302 -40.14 -94.94 4.35
N VAL B 303 -39.98 -93.62 4.21
CA VAL B 303 -38.86 -92.90 4.78
C VAL B 303 -39.39 -91.88 5.78
N VAL B 304 -38.51 -91.46 6.68
CA VAL B 304 -38.84 -90.49 7.72
C VAL B 304 -37.93 -89.29 7.55
N GLY B 305 -38.52 -88.10 7.42
CA GLY B 305 -37.75 -86.89 7.27
C GLY B 305 -37.82 -85.98 8.48
N LYS B 306 -38.41 -84.80 8.33
CA LYS B 306 -38.55 -83.86 9.43
C LYS B 306 -39.86 -83.09 9.32
N TYR B 307 -40.08 -82.42 8.20
CA TYR B 307 -41.30 -81.68 7.94
C TYR B 307 -42.04 -82.31 6.75
N THR B 308 -42.91 -81.52 6.13
CA THR B 308 -43.67 -81.96 4.97
C THR B 308 -43.25 -81.27 3.68
N LYS B 309 -42.49 -80.18 3.76
CA LYS B 309 -42.03 -79.44 2.59
C LYS B 309 -40.61 -79.86 2.25
N PHE B 310 -39.99 -79.14 1.32
CA PHE B 310 -38.62 -79.40 0.90
C PHE B 310 -37.67 -78.84 1.95
N THR B 311 -37.16 -79.70 2.81
CA THR B 311 -36.24 -79.30 3.87
C THR B 311 -34.79 -79.40 3.36
N ASP B 312 -33.84 -79.37 4.29
CA ASP B 312 -32.42 -79.45 3.96
C ASP B 312 -31.77 -80.71 4.54
N SER B 313 -32.57 -81.75 4.76
CA SER B 313 -32.06 -83.01 5.29
C SER B 313 -31.88 -84.09 4.23
N TYR B 314 -32.31 -83.84 2.99
CA TYR B 314 -32.16 -84.83 1.93
C TYR B 314 -32.08 -84.18 0.55
N ALA B 315 -31.59 -82.94 0.48
CA ALA B 315 -31.48 -82.26 -0.81
C ALA B 315 -30.39 -82.90 -1.67
N SER B 316 -29.25 -83.23 -1.07
CA SER B 316 -28.15 -83.87 -1.79
C SER B 316 -28.01 -85.35 -1.47
N VAL B 317 -28.96 -85.91 -0.72
CA VAL B 317 -28.91 -87.33 -0.38
C VAL B 317 -29.70 -88.17 -1.38
N VAL B 318 -30.89 -87.72 -1.77
CA VAL B 318 -31.71 -88.47 -2.71
C VAL B 318 -31.18 -88.43 -4.13
N LYS B 319 -30.23 -87.55 -4.42
CA LYS B 319 -29.66 -87.45 -5.75
C LYS B 319 -28.45 -88.36 -5.95
N ALA B 320 -27.61 -88.49 -4.92
CA ALA B 320 -26.42 -89.34 -5.03
C ALA B 320 -26.77 -90.81 -4.94
N LEU B 321 -27.78 -91.18 -4.15
CA LEU B 321 -28.17 -92.57 -4.01
C LEU B 321 -28.92 -93.11 -5.22
N GLN B 322 -29.47 -92.23 -6.06
CA GLN B 322 -30.22 -92.68 -7.22
C GLN B 322 -29.30 -93.14 -8.35
N HIS B 323 -28.13 -92.52 -8.50
CA HIS B 323 -27.21 -92.91 -9.56
C HIS B 323 -26.55 -94.25 -9.25
N ALA B 324 -26.27 -94.52 -7.98
CA ALA B 324 -25.64 -95.78 -7.59
C ALA B 324 -26.62 -96.95 -7.58
N ALA B 325 -27.91 -96.68 -7.66
CA ALA B 325 -28.94 -97.73 -7.68
C ALA B 325 -29.24 -98.24 -9.08
N LEU B 326 -28.48 -97.80 -10.09
CA LEU B 326 -28.70 -98.22 -11.46
C LEU B 326 -28.08 -99.57 -11.77
N ALA B 327 -27.23 -100.10 -10.89
CA ALA B 327 -26.60 -101.40 -11.14
C ALA B 327 -27.59 -102.54 -10.95
N VAL B 328 -28.63 -102.33 -10.14
CA VAL B 328 -29.63 -103.36 -9.89
C VAL B 328 -30.89 -103.15 -10.73
N ASN B 329 -30.99 -102.04 -11.46
CA ASN B 329 -32.15 -101.74 -12.31
C ASN B 329 -33.44 -101.72 -11.50
N ARG B 330 -33.39 -101.08 -10.33
CA ARG B 330 -34.55 -100.97 -9.45
C ARG B 330 -34.78 -99.51 -9.09
N LYS B 331 -36.05 -99.13 -8.99
CA LYS B 331 -36.43 -97.77 -8.64
C LYS B 331 -37.09 -97.74 -7.28
N LEU B 332 -36.65 -96.82 -6.42
CA LEU B 332 -37.17 -96.66 -5.08
C LEU B 332 -38.11 -95.46 -5.04
N GLU B 333 -39.27 -95.63 -4.39
CA GLU B 333 -40.25 -94.56 -4.27
C GLU B 333 -40.13 -93.92 -2.90
N LEU B 334 -39.93 -92.60 -2.88
CA LEU B 334 -39.77 -91.84 -1.65
C LEU B 334 -41.09 -91.18 -1.28
N VAL B 335 -41.47 -91.27 -0.01
CA VAL B 335 -42.70 -90.66 0.48
C VAL B 335 -42.35 -89.56 1.48
N PHE B 336 -43.37 -89.01 2.14
CA PHE B 336 -43.19 -87.94 3.12
C PHE B 336 -43.93 -88.33 4.39
N ILE B 337 -43.19 -88.73 5.41
CA ILE B 337 -43.74 -89.11 6.71
C ILE B 337 -43.10 -88.23 7.76
N GLU B 338 -43.90 -87.36 8.37
CA GLU B 338 -43.39 -86.45 9.39
C GLU B 338 -43.35 -87.15 10.75
N SER B 339 -42.22 -87.04 11.43
CA SER B 339 -42.04 -87.66 12.74
C SER B 339 -42.55 -86.81 13.89
N CYS B 340 -42.91 -85.54 13.62
CA CYS B 340 -43.41 -84.69 14.68
C CYS B 340 -44.84 -85.06 15.07
N LEU B 341 -45.73 -85.15 14.09
CA LEU B 341 -47.14 -85.51 14.34
C LEU B 341 -47.25 -87.03 14.25
N LEU B 342 -46.83 -87.69 15.34
CA LEU B 342 -46.87 -89.15 15.41
C LEU B 342 -46.94 -89.61 16.86
N GLU B 343 -46.42 -88.77 17.78
CA GLU B 343 -46.41 -89.12 19.19
C GLU B 343 -47.77 -88.87 19.83
N GLU B 344 -47.77 -88.29 21.03
CA GLU B 344 -49.01 -88.02 21.74
C GLU B 344 -49.74 -86.79 21.22
N GLU B 345 -49.14 -86.02 20.31
CA GLU B 345 -49.77 -84.83 19.75
C GLU B 345 -50.76 -85.17 18.64
N THR B 346 -50.90 -86.44 18.27
CA THR B 346 -51.82 -86.85 17.21
C THR B 346 -52.88 -87.81 17.71
N LEU B 347 -52.51 -88.80 18.51
CA LEU B 347 -53.49 -89.76 19.02
C LEU B 347 -54.45 -89.09 20.01
N HIS B 348 -53.97 -88.10 20.76
CA HIS B 348 -54.84 -87.40 21.71
C HIS B 348 -55.66 -86.30 21.06
N SER B 349 -55.33 -85.92 19.83
CA SER B 349 -56.07 -84.87 19.13
C SER B 349 -57.05 -85.49 18.13
N GLU B 350 -56.55 -85.83 16.94
CA GLU B 350 -57.37 -86.43 15.90
C GLU B 350 -56.65 -87.66 15.36
N PRO B 351 -57.27 -88.85 15.42
CA PRO B 351 -56.59 -90.05 14.91
C PRO B 351 -56.77 -90.24 13.41
N SER B 352 -57.01 -89.14 12.69
CA SER B 352 -57.21 -89.24 11.25
C SER B 352 -55.89 -89.45 10.52
N LYS B 353 -54.89 -88.62 10.80
CA LYS B 353 -53.59 -88.71 10.16
C LYS B 353 -52.64 -89.65 10.89
N TYR B 354 -53.16 -90.55 11.72
CA TYR B 354 -52.32 -91.48 12.47
C TYR B 354 -52.42 -92.91 11.97
N HIS B 355 -53.61 -93.36 11.56
CA HIS B 355 -53.77 -94.73 11.09
C HIS B 355 -53.24 -94.92 9.68
N LYS B 356 -53.26 -93.87 8.85
CA LYS B 356 -52.78 -93.98 7.49
C LYS B 356 -51.26 -94.05 7.40
N GLU B 357 -50.55 -93.66 8.47
CA GLU B 357 -49.09 -93.71 8.45
C GLU B 357 -48.57 -95.11 8.68
N TRP B 358 -49.23 -95.89 9.55
CA TRP B 358 -48.78 -97.25 9.82
C TRP B 358 -49.12 -98.21 8.68
N GLN B 359 -50.02 -97.82 7.77
CA GLN B 359 -50.38 -98.69 6.65
C GLN B 359 -49.40 -98.60 5.49
N LYS B 360 -48.35 -97.80 5.61
CA LYS B 360 -47.35 -97.67 4.55
C LYS B 360 -45.95 -98.06 4.97
N LEU B 361 -45.70 -98.23 6.28
CA LEU B 361 -44.38 -98.62 6.76
C LEU B 361 -44.28 -100.08 7.15
N CYS B 362 -45.41 -100.74 7.42
CA CYS B 362 -45.39 -102.16 7.76
C CYS B 362 -45.18 -103.04 6.53
N ASP B 363 -45.75 -102.66 5.40
CA ASP B 363 -45.61 -103.42 4.17
C ASP B 363 -44.46 -102.93 3.29
N SER B 364 -43.56 -102.13 3.84
CA SER B 364 -42.43 -101.60 3.10
C SER B 364 -41.24 -102.55 3.23
N HIS B 365 -40.08 -102.13 2.73
CA HIS B 365 -38.87 -102.94 2.80
C HIS B 365 -37.70 -102.20 3.42
N GLY B 366 -37.53 -100.91 3.13
CA GLY B 366 -36.44 -100.13 3.67
C GLY B 366 -36.90 -98.97 4.53
N ILE B 367 -36.62 -99.03 5.82
CA ILE B 367 -36.99 -97.98 6.76
C ILE B 367 -35.72 -97.25 7.20
N LEU B 368 -35.72 -95.93 7.02
CA LEU B 368 -34.58 -95.11 7.38
C LEU B 368 -34.74 -94.55 8.79
N VAL B 369 -33.71 -93.83 9.25
CA VAL B 369 -33.69 -93.23 10.57
C VAL B 369 -33.58 -91.72 10.39
N PRO B 370 -34.43 -90.92 11.04
CA PRO B 370 -34.32 -89.46 10.90
C PRO B 370 -33.15 -88.88 11.70
N GLY B 371 -33.44 -87.87 12.50
CA GLY B 371 -32.40 -87.24 13.31
C GLY B 371 -32.91 -86.78 14.66
N GLY B 372 -32.78 -85.49 14.96
CA GLY B 372 -33.22 -84.94 16.22
C GLY B 372 -32.99 -83.45 16.33
N PHE B 373 -34.07 -82.70 16.57
CA PHE B 373 -34.01 -81.24 16.69
C PHE B 373 -34.44 -80.84 18.10
N GLY B 374 -33.48 -80.84 19.02
CA GLY B 374 -33.74 -80.46 20.39
C GLY B 374 -34.74 -81.36 21.09
N SER B 375 -36.00 -80.90 21.16
CA SER B 375 -37.05 -81.67 21.81
C SER B 375 -38.32 -81.68 20.97
N ARG B 376 -38.15 -81.70 19.64
CA ARG B 376 -39.27 -81.72 18.71
C ARG B 376 -39.52 -83.12 18.15
N GLY B 377 -39.37 -84.14 18.98
CA GLY B 377 -39.59 -85.51 18.54
C GLY B 377 -38.62 -86.49 19.15
N MET B 378 -39.11 -87.37 20.02
CA MET B 378 -38.27 -88.37 20.67
C MET B 378 -38.94 -89.69 20.94
N GLU B 379 -40.27 -89.76 20.98
CA GLU B 379 -40.97 -91.01 21.25
C GLU B 379 -41.36 -91.73 19.96
N GLY B 380 -41.72 -90.99 18.92
CA GLY B 380 -42.10 -91.63 17.66
C GLY B 380 -40.94 -92.29 16.95
N LYS B 381 -39.72 -91.80 17.17
CA LYS B 381 -38.55 -92.40 16.54
C LYS B 381 -38.16 -93.72 17.17
N ILE B 382 -38.64 -94.02 18.37
CA ILE B 382 -38.31 -95.28 19.04
C ILE B 382 -39.22 -96.41 18.55
N ARG B 383 -40.52 -96.15 18.43
CA ARG B 383 -41.47 -97.16 17.99
C ARG B 383 -41.38 -97.44 16.49
N ALA B 384 -40.68 -96.60 15.73
CA ALA B 384 -40.57 -96.78 14.29
C ALA B 384 -39.48 -97.78 13.90
N CYS B 385 -38.49 -98.01 14.76
CA CYS B 385 -37.40 -98.93 14.47
C CYS B 385 -37.60 -100.30 15.10
N GLN B 386 -38.25 -100.38 16.26
CA GLN B 386 -38.48 -101.67 16.90
C GLN B 386 -39.55 -102.49 16.20
N TRP B 387 -40.47 -101.83 15.50
CA TRP B 387 -41.52 -102.56 14.78
C TRP B 387 -41.00 -103.20 13.51
N ALA B 388 -40.01 -102.59 12.85
CA ALA B 388 -39.47 -103.16 11.63
C ALA B 388 -38.57 -104.36 11.93
N ARG B 389 -37.90 -104.38 13.08
CA ARG B 389 -37.05 -105.50 13.42
C ARG B 389 -37.84 -106.74 13.78
N GLU B 390 -39.00 -106.57 14.43
CA GLU B 390 -39.83 -107.73 14.79
C GLU B 390 -40.53 -108.32 13.58
N ASN B 391 -40.82 -107.50 12.57
CA ASN B 391 -41.51 -107.95 11.35
C ASN B 391 -40.52 -108.29 10.24
N GLN B 392 -39.39 -108.89 10.61
CA GLN B 392 -38.31 -109.32 9.72
C GLN B 392 -38.04 -108.34 8.57
N LYS B 393 -38.12 -107.04 8.85
CA LYS B 393 -37.78 -106.04 7.84
C LYS B 393 -36.40 -105.48 8.09
N PRO B 394 -35.52 -105.47 7.09
CA PRO B 394 -34.17 -104.95 7.31
C PRO B 394 -34.15 -103.44 7.45
N LEU B 395 -33.05 -102.94 8.00
CA LEU B 395 -32.84 -101.51 8.21
C LEU B 395 -31.52 -101.09 7.57
N LEU B 396 -31.25 -99.79 7.62
CA LEU B 396 -30.04 -99.20 7.06
C LEU B 396 -29.28 -98.47 8.15
N GLY B 397 -28.02 -98.16 7.86
CA GLY B 397 -27.16 -97.46 8.80
C GLY B 397 -27.18 -95.96 8.62
N ILE B 398 -28.00 -95.27 9.39
CA ILE B 398 -28.13 -93.82 9.34
C ILE B 398 -27.67 -93.25 10.67
N CYS B 399 -26.97 -92.12 10.61
CA CYS B 399 -26.48 -91.48 11.83
C CYS B 399 -27.64 -90.83 12.59
N LEU B 400 -27.31 -90.24 13.73
CA LEU B 400 -28.29 -89.63 14.63
C LEU B 400 -29.38 -90.62 15.04
N GLY B 401 -28.98 -91.88 15.21
CA GLY B 401 -29.91 -92.92 15.59
C GLY B 401 -29.36 -93.87 16.62
N LEU B 402 -28.10 -93.68 17.00
CA LEU B 402 -27.47 -94.55 18.00
C LEU B 402 -28.02 -94.29 19.39
N GLN B 403 -28.61 -93.12 19.64
CA GLN B 403 -29.18 -92.83 20.94
C GLN B 403 -30.51 -93.54 21.14
N ALA B 404 -31.28 -93.75 20.07
CA ALA B 404 -32.55 -94.44 20.16
C ALA B 404 -32.45 -95.94 19.89
N ALA B 405 -31.35 -96.39 19.28
CA ALA B 405 -31.20 -97.82 19.02
C ALA B 405 -30.92 -98.60 20.29
N VAL B 406 -30.25 -97.99 21.27
CA VAL B 406 -29.95 -98.66 22.53
C VAL B 406 -31.12 -98.63 23.51
N ILE B 407 -32.16 -97.86 23.21
CA ILE B 407 -33.33 -97.79 24.10
C ILE B 407 -34.27 -98.95 23.83
N GLU B 408 -34.61 -99.18 22.56
CA GLU B 408 -35.51 -100.27 22.21
C GLU B 408 -34.87 -101.64 22.37
N PHE B 409 -33.54 -101.71 22.38
CA PHE B 409 -32.86 -102.99 22.55
C PHE B 409 -32.82 -103.42 24.01
N ALA B 410 -32.80 -102.46 24.95
CA ALA B 410 -32.76 -102.80 26.36
C ALA B 410 -34.14 -103.07 26.94
N ARG B 411 -35.19 -102.62 26.26
CA ARG B 411 -36.55 -102.84 26.73
C ARG B 411 -37.19 -104.09 26.16
N ASN B 412 -36.78 -104.52 24.97
CA ASN B 412 -37.34 -105.72 24.35
C ASN B 412 -36.57 -106.96 24.73
N LYS B 413 -35.23 -106.92 24.65
CA LYS B 413 -34.42 -108.08 25.01
C LYS B 413 -34.30 -108.24 26.51
N LEU B 414 -34.31 -107.14 27.26
CA LEU B 414 -34.19 -107.20 28.71
C LEU B 414 -35.39 -106.54 29.37
N GLY B 415 -35.24 -105.28 29.77
CA GLY B 415 -36.32 -104.56 30.42
C GLY B 415 -35.85 -103.35 31.20
N LEU B 416 -34.98 -102.55 30.59
CA LEU B 416 -34.44 -101.35 31.23
C LEU B 416 -35.30 -100.16 30.83
N LYS B 417 -36.25 -99.80 31.69
CA LYS B 417 -37.13 -98.68 31.42
C LYS B 417 -36.52 -97.34 31.82
N ASP B 418 -35.56 -97.33 32.74
CA ASP B 418 -34.94 -96.08 33.17
C ASP B 418 -34.10 -95.46 32.06
N ALA B 419 -33.55 -96.28 31.17
CA ALA B 419 -32.73 -95.77 30.07
C ALA B 419 -33.63 -95.07 29.06
N ASN B 420 -33.60 -93.74 29.06
CA ASN B 420 -34.43 -92.96 28.14
C ASN B 420 -33.57 -92.05 27.28
N THR B 421 -34.12 -90.88 26.91
CA THR B 421 -33.40 -89.94 26.08
C THR B 421 -32.37 -89.19 26.93
N THR B 422 -31.11 -89.17 26.47
CA THR B 422 -30.04 -88.51 27.18
C THR B 422 -29.64 -87.16 26.58
N GLU B 423 -29.98 -86.91 25.32
CA GLU B 423 -29.62 -85.66 24.67
C GLU B 423 -30.54 -84.50 25.06
N ILE B 424 -31.63 -84.78 25.79
CA ILE B 424 -32.57 -83.75 26.23
C ILE B 424 -32.43 -83.48 27.73
N ASP B 425 -32.62 -84.50 28.56
CA ASP B 425 -32.51 -84.38 30.01
C ASP B 425 -31.58 -85.45 30.54
N PRO B 426 -30.31 -85.13 30.80
CA PRO B 426 -29.36 -86.12 31.32
C PRO B 426 -29.45 -86.27 32.84
N ASN B 427 -30.53 -86.90 33.29
CA ASN B 427 -30.76 -87.12 34.71
C ASN B 427 -31.01 -88.58 35.06
N THR B 428 -31.07 -89.47 34.07
CA THR B 428 -31.31 -90.88 34.34
C THR B 428 -30.06 -91.55 34.88
N ALA B 429 -30.25 -92.75 35.44
CA ALA B 429 -29.14 -93.51 36.00
C ALA B 429 -28.52 -94.46 34.98
N ASN B 430 -29.30 -94.95 34.03
CA ASN B 430 -28.82 -95.87 33.00
C ASN B 430 -28.52 -95.13 31.70
N ALA B 431 -27.81 -94.01 31.80
CA ALA B 431 -27.44 -93.22 30.64
C ALA B 431 -26.27 -93.90 29.93
N LEU B 432 -26.57 -94.62 28.85
CA LEU B 432 -25.54 -95.33 28.12
C LEU B 432 -24.69 -94.37 27.30
N VAL B 433 -25.31 -93.65 26.36
CA VAL B 433 -24.63 -92.70 25.49
C VAL B 433 -24.83 -91.30 26.06
N ILE B 434 -23.73 -90.67 26.48
CA ILE B 434 -23.78 -89.32 27.03
C ILE B 434 -22.98 -88.39 26.14
N ASP B 435 -22.75 -87.16 26.61
CA ASP B 435 -22.01 -86.15 25.85
C ASP B 435 -20.59 -86.06 26.43
N MET B 436 -19.62 -86.59 25.68
CA MET B 436 -18.22 -86.55 26.08
C MET B 436 -17.39 -86.03 24.92
N PRO B 437 -16.72 -84.89 25.05
CA PRO B 437 -15.91 -84.38 23.93
C PRO B 437 -14.61 -85.14 23.76
N GLU B 438 -13.75 -84.65 22.87
CA GLU B 438 -12.47 -85.30 22.62
C GLU B 438 -11.45 -84.85 23.66
N HIS B 439 -10.84 -85.83 24.35
CA HIS B 439 -9.84 -85.56 25.36
C HIS B 439 -8.43 -85.95 24.92
N HIS B 440 -8.24 -86.17 23.62
CA HIS B 440 -6.93 -86.55 23.10
C HIS B 440 -6.22 -85.35 22.49
N THR B 441 -5.44 -85.57 21.44
CA THR B 441 -4.72 -84.49 20.78
C THR B 441 -5.61 -83.83 19.72
N GLY B 442 -5.14 -82.68 19.23
CA GLY B 442 -5.87 -81.93 18.23
C GLY B 442 -6.93 -81.03 18.82
N GLN B 443 -8.05 -81.60 19.24
CA GLN B 443 -9.16 -80.86 19.83
C GLN B 443 -9.07 -80.95 21.34
N LEU B 444 -9.10 -79.79 22.00
CA LEU B 444 -9.02 -79.70 23.45
C LEU B 444 -10.28 -79.05 24.00
N GLY B 445 -10.81 -79.60 25.09
CA GLY B 445 -12.00 -79.05 25.69
C GLY B 445 -13.28 -79.56 25.02
N GLY B 446 -14.37 -78.86 25.32
CA GLY B 446 -15.66 -79.23 24.76
C GLY B 446 -15.80 -78.84 23.30
N THR B 447 -15.40 -79.75 22.40
CA THR B 447 -15.46 -79.55 20.97
C THR B 447 -16.50 -80.51 20.38
N MET B 448 -16.32 -80.89 19.12
CA MET B 448 -17.22 -81.79 18.42
C MET B 448 -16.44 -83.00 17.92
N ARG B 449 -17.09 -84.17 18.00
CA ARG B 449 -16.45 -85.43 17.59
C ARG B 449 -16.54 -85.55 16.07
N LEU B 450 -15.56 -84.95 15.39
CA LEU B 450 -15.47 -85.00 13.94
C LEU B 450 -14.05 -84.68 13.53
N GLY B 451 -13.77 -84.87 12.25
CA GLY B 451 -12.47 -84.58 11.68
C GLY B 451 -11.88 -85.79 10.97
N LYS B 452 -10.67 -85.61 10.48
CA LYS B 452 -9.95 -86.66 9.77
C LYS B 452 -9.51 -87.75 10.74
N ARG B 453 -10.38 -88.73 10.97
CA ARG B 453 -10.11 -89.83 11.89
C ARG B 453 -9.94 -91.14 11.12
N ILE B 454 -9.11 -92.02 11.65
CA ILE B 454 -8.84 -93.33 11.04
C ILE B 454 -9.77 -94.35 11.68
N THR B 455 -10.56 -95.02 10.85
CA THR B 455 -11.50 -96.04 11.30
C THR B 455 -10.95 -97.41 10.94
N VAL B 456 -10.73 -98.25 11.96
CA VAL B 456 -10.21 -99.59 11.79
C VAL B 456 -11.28 -100.59 12.21
N PHE B 457 -11.56 -101.56 11.34
CA PHE B 457 -12.57 -102.57 11.63
C PHE B 457 -12.00 -103.61 12.60
N SER B 458 -12.85 -104.55 12.99
CA SER B 458 -12.47 -105.61 13.93
C SER B 458 -12.67 -107.00 13.35
N ASP B 459 -13.86 -107.29 12.81
CA ASP B 459 -14.13 -108.61 12.24
C ASP B 459 -13.71 -108.68 10.78
N GLY B 460 -14.39 -109.52 10.01
CA GLY B 460 -14.07 -109.70 8.61
C GLY B 460 -15.30 -109.84 7.75
N PRO B 461 -15.89 -111.05 7.74
CA PRO B 461 -17.08 -111.28 6.91
C PRO B 461 -18.30 -110.52 7.43
N SER B 462 -18.80 -109.59 6.61
CA SER B 462 -19.97 -108.79 6.97
C SER B 462 -20.61 -108.29 5.68
N VAL B 463 -21.38 -107.22 5.78
CA VAL B 463 -22.05 -106.63 4.62
C VAL B 463 -21.55 -105.24 4.27
N ILE B 464 -20.79 -104.60 5.15
CA ILE B 464 -20.26 -103.26 4.91
C ILE B 464 -18.73 -103.27 4.87
N ARG B 465 -18.13 -104.42 4.55
CA ARG B 465 -16.68 -104.52 4.50
C ARG B 465 -16.24 -105.27 3.25
N GLN B 466 -17.05 -106.24 2.81
CA GLN B 466 -16.71 -107.03 1.64
C GLN B 466 -16.87 -106.27 0.34
N LEU B 467 -17.54 -105.11 0.35
CA LEU B 467 -17.73 -104.34 -0.86
C LEU B 467 -16.54 -103.45 -1.19
N TYR B 468 -15.64 -103.23 -0.23
CA TYR B 468 -14.46 -102.40 -0.44
C TYR B 468 -13.22 -103.22 -0.82
N GLY B 469 -13.41 -104.45 -1.29
CA GLY B 469 -12.28 -105.28 -1.65
C GLY B 469 -11.46 -105.76 -0.48
N ASN B 470 -12.10 -106.04 0.66
CA ASN B 470 -11.45 -106.48 1.89
C ASN B 470 -10.37 -105.49 2.31
N PRO B 471 -10.74 -104.34 2.87
CA PRO B 471 -9.73 -103.37 3.30
C PRO B 471 -9.15 -103.70 4.67
N LYS B 472 -8.65 -102.68 5.37
CA LYS B 472 -8.11 -102.86 6.70
C LYS B 472 -8.14 -101.55 7.48
N SER B 473 -8.19 -100.43 6.77
CA SER B 473 -8.23 -99.11 7.40
C SER B 473 -8.82 -98.12 6.39
N VAL B 474 -10.11 -97.84 6.53
CA VAL B 474 -10.82 -96.92 5.65
C VAL B 474 -10.94 -95.57 6.34
N GLN B 475 -10.74 -94.50 5.58
CA GLN B 475 -10.82 -93.15 6.10
C GLN B 475 -12.26 -92.65 5.99
N GLU B 476 -12.93 -92.50 7.12
CA GLU B 476 -14.31 -92.04 7.18
C GLU B 476 -14.42 -90.89 8.17
N ARG B 477 -15.38 -90.01 7.92
CA ARG B 477 -15.64 -88.85 8.77
C ARG B 477 -17.00 -88.99 9.43
N HIS B 478 -17.14 -88.38 10.60
CA HIS B 478 -18.37 -88.40 11.38
C HIS B 478 -18.88 -86.98 11.57
N ARG B 479 -20.07 -86.86 12.17
CA ARG B 479 -20.70 -85.56 12.43
C ARG B 479 -21.66 -85.75 13.62
N HIS B 480 -21.08 -85.86 14.81
CA HIS B 480 -21.86 -86.02 16.03
C HIS B 480 -21.01 -85.54 17.20
N ARG B 481 -21.60 -85.56 18.39
CA ARG B 481 -20.92 -85.12 19.60
C ARG B 481 -21.09 -86.07 20.79
N TYR B 482 -21.98 -87.06 20.69
CA TYR B 482 -22.21 -88.00 21.79
C TYR B 482 -21.40 -89.27 21.55
N GLU B 483 -20.81 -89.78 22.62
CA GLU B 483 -19.99 -90.99 22.56
C GLU B 483 -20.55 -92.06 23.49
N VAL B 484 -20.17 -93.30 23.21
CA VAL B 484 -20.62 -94.45 23.99
C VAL B 484 -19.64 -94.69 25.13
N ASN B 485 -20.18 -94.94 26.32
CA ASN B 485 -19.34 -95.19 27.48
C ASN B 485 -18.83 -96.62 27.46
N PRO B 486 -17.52 -96.84 27.64
CA PRO B 486 -16.99 -98.21 27.64
C PRO B 486 -17.32 -99.00 28.90
N LYS B 487 -17.90 -98.37 29.92
CA LYS B 487 -18.23 -99.05 31.17
C LYS B 487 -19.69 -99.51 31.22
N TYR B 488 -20.53 -99.06 30.30
CA TYR B 488 -21.94 -99.44 30.27
C TYR B 488 -22.26 -100.34 29.08
N VAL B 489 -21.26 -101.04 28.55
CA VAL B 489 -21.47 -101.95 27.42
C VAL B 489 -21.32 -103.38 27.90
N HIS B 490 -21.60 -103.63 29.19
CA HIS B 490 -21.45 -104.97 29.73
C HIS B 490 -22.56 -105.89 29.22
N LEU B 491 -23.77 -105.39 29.06
CA LEU B 491 -24.88 -106.20 28.58
C LEU B 491 -24.91 -106.35 27.06
N LEU B 492 -24.05 -105.63 26.34
CA LEU B 492 -24.00 -105.75 24.88
C LEU B 492 -23.05 -106.85 24.42
N GLU B 493 -22.16 -107.32 25.29
CA GLU B 493 -21.21 -108.37 24.92
C GLU B 493 -21.71 -109.77 25.26
N GLU B 494 -22.57 -109.89 26.27
CA GLU B 494 -23.10 -111.20 26.67
C GLU B 494 -24.29 -111.63 25.83
N GLN B 495 -24.71 -110.83 24.85
CA GLN B 495 -25.80 -111.17 23.95
C GLN B 495 -25.27 -111.30 22.53
N GLY B 496 -26.16 -111.17 21.55
CA GLY B 496 -25.76 -111.25 20.16
C GLY B 496 -25.59 -109.88 19.51
N MET B 497 -24.91 -108.98 20.20
CA MET B 497 -24.68 -107.62 19.73
C MET B 497 -23.17 -107.43 19.57
N ARG B 498 -22.64 -107.94 18.46
CA ARG B 498 -21.22 -107.86 18.19
C ARG B 498 -20.84 -106.46 17.70
N PHE B 499 -19.53 -106.25 17.53
CA PHE B 499 -18.99 -104.98 17.05
C PHE B 499 -18.03 -105.29 15.91
N VAL B 500 -18.47 -105.01 14.68
CA VAL B 500 -17.68 -105.30 13.49
C VAL B 500 -16.95 -104.04 13.04
N GLY B 501 -16.72 -103.12 13.97
CA GLY B 501 -16.02 -101.88 13.65
C GLY B 501 -15.74 -101.03 14.88
N THR B 502 -14.46 -100.83 15.19
CA THR B 502 -14.07 -100.02 16.33
C THR B 502 -13.26 -98.82 15.88
N ASP B 503 -12.46 -98.26 16.79
CA ASP B 503 -11.61 -97.11 16.52
C ASP B 503 -10.14 -97.50 16.70
N VAL B 504 -9.27 -96.49 16.73
CA VAL B 504 -7.84 -96.75 16.92
C VAL B 504 -7.44 -96.91 18.37
N ASP B 505 -8.38 -96.74 19.30
CA ASP B 505 -8.11 -96.94 20.72
C ASP B 505 -8.88 -98.10 21.32
N LYS B 506 -9.76 -98.75 20.53
CA LYS B 506 -10.56 -99.87 21.00
C LYS B 506 -11.40 -99.49 22.22
N THR B 507 -12.03 -98.31 22.14
CA THR B 507 -12.87 -97.83 23.23
C THR B 507 -14.24 -97.39 22.72
N ARG B 508 -14.26 -96.64 21.62
CA ARG B 508 -15.49 -96.11 21.03
C ARG B 508 -16.05 -97.15 20.07
N MET B 509 -17.29 -97.58 20.32
CA MET B 509 -17.98 -98.55 19.46
C MET B 509 -18.82 -97.76 18.46
N GLU B 510 -18.18 -97.37 17.35
CA GLU B 510 -18.85 -96.58 16.33
C GLU B 510 -19.72 -97.44 15.41
N ILE B 511 -19.40 -98.72 15.28
CA ILE B 511 -20.13 -99.63 14.40
C ILE B 511 -20.69 -100.76 15.26
N ILE B 512 -22.00 -100.97 15.19
CA ILE B 512 -22.67 -102.02 15.93
C ILE B 512 -23.45 -102.89 14.97
N GLU B 513 -23.67 -104.15 15.35
CA GLU B 513 -24.40 -105.09 14.52
C GLU B 513 -25.08 -106.11 15.42
N LEU B 514 -26.32 -106.43 15.10
CA LEU B 514 -27.12 -107.38 15.87
C LEU B 514 -27.13 -108.73 15.17
N SER B 515 -26.66 -109.75 15.86
CA SER B 515 -26.62 -111.10 15.28
C SER B 515 -28.03 -111.66 15.20
N GLY B 516 -28.21 -112.61 14.27
CA GLY B 516 -29.49 -113.24 14.03
C GLY B 516 -30.36 -112.52 13.02
N HIS B 517 -30.22 -111.21 12.90
CA HIS B 517 -31.02 -110.46 11.94
C HIS B 517 -30.48 -110.71 10.53
N PRO B 518 -31.36 -110.86 9.53
CA PRO B 518 -30.88 -111.13 8.17
C PRO B 518 -30.09 -109.98 7.56
N TYR B 519 -30.43 -108.73 7.88
CA TYR B 519 -29.71 -107.59 7.33
C TYR B 519 -29.90 -106.41 8.29
N PHE B 520 -28.92 -106.20 9.17
CA PHE B 520 -28.96 -105.11 10.14
C PHE B 520 -27.67 -104.31 10.02
N VAL B 521 -27.80 -103.05 9.58
CA VAL B 521 -26.67 -102.15 9.40
C VAL B 521 -26.87 -100.94 10.32
N ALA B 522 -25.84 -100.61 11.10
CA ALA B 522 -25.90 -99.47 12.00
C ALA B 522 -24.49 -98.99 12.28
N THR B 523 -24.26 -97.70 12.07
CA THR B 523 -22.94 -97.11 12.30
C THR B 523 -23.14 -95.64 12.65
N GLN B 524 -22.07 -94.85 12.50
CA GLN B 524 -22.10 -93.43 12.82
C GLN B 524 -21.75 -92.52 11.67
N TYR B 525 -20.95 -92.98 10.71
CA TYR B 525 -20.59 -92.13 9.58
C TYR B 525 -21.75 -92.02 8.60
N HIS B 526 -21.56 -91.19 7.57
CA HIS B 526 -22.60 -90.92 6.57
C HIS B 526 -22.14 -91.45 5.22
N PRO B 527 -22.50 -92.69 4.87
CA PRO B 527 -22.12 -93.24 3.56
C PRO B 527 -22.97 -92.73 2.40
N GLU B 528 -24.01 -91.94 2.67
CA GLU B 528 -24.87 -91.46 1.59
C GLU B 528 -24.20 -90.34 0.80
N TYR B 529 -23.40 -89.50 1.46
CA TYR B 529 -22.72 -88.42 0.77
C TYR B 529 -21.58 -88.92 -0.11
N LEU B 530 -21.06 -90.13 0.16
CA LEU B 530 -20.00 -90.72 -0.63
C LEU B 530 -20.52 -91.64 -1.73
N SER B 531 -21.80 -91.50 -2.10
CA SER B 531 -22.39 -92.35 -3.12
C SER B 531 -21.91 -91.93 -4.51
N ARG B 532 -20.75 -92.43 -4.91
CA ARG B 532 -20.21 -92.12 -6.22
C ARG B 532 -20.92 -92.94 -7.30
N PRO B 533 -21.03 -92.40 -8.52
CA PRO B 533 -21.68 -93.17 -9.60
C PRO B 533 -20.89 -94.41 -10.01
N LEU B 534 -19.59 -94.46 -9.74
CA LEU B 534 -18.76 -95.61 -10.06
C LEU B 534 -18.54 -96.53 -8.87
N LYS B 535 -18.97 -96.14 -7.67
CA LYS B 535 -18.81 -96.95 -6.46
C LYS B 535 -20.08 -96.84 -5.62
N PRO B 536 -20.93 -97.86 -5.63
CA PRO B 536 -22.17 -97.80 -4.85
C PRO B 536 -21.89 -97.77 -3.35
N SER B 537 -22.90 -97.33 -2.60
CA SER B 537 -22.78 -97.24 -1.16
C SER B 537 -22.97 -98.62 -0.52
N PRO B 538 -22.35 -98.85 0.63
CA PRO B 538 -22.48 -100.15 1.32
C PRO B 538 -23.92 -100.49 1.65
N PRO B 539 -24.67 -99.63 2.39
CA PRO B 539 -25.91 -100.14 3.02
C PRO B 539 -27.08 -100.28 2.05
N PHE B 540 -27.44 -99.22 1.33
CA PHE B 540 -28.63 -99.25 0.50
C PHE B 540 -28.49 -100.18 -0.70
N LEU B 541 -27.26 -100.47 -1.12
CA LEU B 541 -27.07 -101.36 -2.27
C LEU B 541 -27.14 -102.83 -1.84
N GLY B 542 -26.63 -103.15 -0.64
CA GLY B 542 -26.66 -104.51 -0.17
C GLY B 542 -28.04 -105.03 0.17
N LEU B 543 -29.00 -104.13 0.41
CA LEU B 543 -30.35 -104.56 0.75
C LEU B 543 -31.10 -105.03 -0.49
N ILE B 544 -30.88 -104.38 -1.64
CA ILE B 544 -31.57 -104.78 -2.86
C ILE B 544 -30.95 -106.04 -3.44
N LEU B 545 -29.63 -106.19 -3.33
CA LEU B 545 -28.97 -107.38 -3.87
C LEU B 545 -29.33 -108.63 -3.08
N ALA B 546 -29.48 -108.50 -1.77
CA ALA B 546 -29.84 -109.61 -0.91
C ALA B 546 -31.34 -109.80 -0.77
N SER B 547 -32.13 -109.17 -1.63
CA SER B 547 -33.58 -109.30 -1.58
C SER B 547 -34.09 -110.38 -2.54
N VAL B 548 -33.87 -110.18 -3.84
CA VAL B 548 -34.31 -111.15 -4.84
C VAL B 548 -33.14 -111.84 -5.54
N ASP B 549 -31.94 -111.27 -5.48
CA ASP B 549 -30.75 -111.86 -6.12
C ASP B 549 -30.97 -112.08 -7.62
N ARG B 550 -31.44 -111.03 -8.29
CA ARG B 550 -31.71 -111.06 -9.72
C ARG B 550 -30.50 -110.51 -10.46
N LEU B 551 -29.67 -111.41 -11.00
CA LEU B 551 -28.47 -111.02 -11.73
C LEU B 551 -28.47 -111.49 -13.17
N ASN B 552 -29.52 -112.18 -13.62
CA ASN B 552 -29.62 -112.68 -14.98
C ASN B 552 -30.35 -111.71 -15.91
N GLN B 553 -30.37 -110.41 -15.58
CA GLN B 553 -31.04 -109.43 -16.40
C GLN B 553 -30.14 -108.83 -17.48
N TYR B 554 -28.83 -108.74 -17.20
CA TYR B 554 -27.91 -108.16 -18.18
C TYR B 554 -27.77 -109.04 -19.42
N ILE B 555 -27.98 -110.36 -19.28
CA ILE B 555 -27.88 -111.27 -20.41
C ILE B 555 -29.16 -111.37 -21.21
N GLN B 556 -30.21 -110.64 -20.84
CA GLN B 556 -31.46 -110.68 -21.57
C GLN B 556 -31.59 -109.55 -22.59
N ARG B 557 -30.93 -108.41 -22.35
CA ARG B 557 -31.00 -107.31 -23.30
C ARG B 557 -30.19 -107.59 -24.56
N GLY B 558 -28.87 -107.68 -24.41
CA GLY B 558 -28.02 -107.97 -25.55
C GLY B 558 -27.84 -106.82 -26.51
N CYS B 559 -28.01 -105.58 -26.05
CA CYS B 559 -27.86 -104.38 -26.88
C CYS B 559 -28.78 -104.43 -28.10
N ARG B 560 -30.04 -104.03 -27.90
CA ARG B 560 -30.99 -104.04 -29.02
C ARG B 560 -30.66 -102.96 -30.03
N LEU B 561 -30.38 -101.74 -29.57
CA LEU B 561 -30.04 -100.63 -30.45
C LEU B 561 -28.52 -100.52 -30.53
N SER B 562 -27.92 -101.47 -31.24
CA SER B 562 -26.47 -101.50 -31.40
C SER B 562 -26.07 -101.02 -32.80
N MET C 1 -37.04 -38.01 26.94
CA MET C 1 -38.28 -37.63 26.28
C MET C 1 -38.01 -36.70 25.09
N LYS C 2 -37.02 -35.83 25.25
CA LYS C 2 -36.63 -34.88 24.22
C LYS C 2 -35.29 -35.29 23.62
N TYR C 3 -35.26 -35.45 22.30
CA TYR C 3 -34.04 -35.84 21.59
C TYR C 3 -33.89 -34.95 20.36
N ILE C 4 -32.84 -34.15 20.33
CA ILE C 4 -32.55 -33.24 19.23
C ILE C 4 -31.17 -33.59 18.68
N LEU C 5 -31.12 -33.94 17.40
CA LEU C 5 -29.85 -34.29 16.77
C LEU C 5 -29.07 -33.02 16.41
N VAL C 6 -27.74 -33.13 16.48
CA VAL C 6 -26.84 -32.04 16.17
C VAL C 6 -25.92 -32.49 15.05
N THR C 7 -25.92 -31.74 13.95
CA THR C 7 -25.08 -32.05 12.79
C THR C 7 -23.79 -31.24 12.86
N GLY C 8 -22.65 -31.95 12.82
CA GLY C 8 -21.37 -31.29 12.87
C GLY C 8 -20.91 -30.76 11.54
N GLY C 9 -19.87 -31.37 10.98
CA GLY C 9 -19.33 -30.95 9.69
C GLY C 9 -18.99 -32.11 8.79
N VAL C 10 -18.23 -31.83 7.73
CA VAL C 10 -17.83 -32.86 6.77
C VAL C 10 -16.38 -33.28 6.94
N ILE C 11 -15.64 -32.67 7.86
CA ILE C 11 -14.24 -33.01 8.10
C ILE C 11 -13.90 -32.66 9.53
N SER C 12 -13.20 -33.56 10.21
CA SER C 12 -12.79 -33.36 11.60
C SER C 12 -11.73 -32.28 11.66
N GLY C 13 -12.15 -31.05 11.96
CA GLY C 13 -11.23 -29.94 12.05
C GLY C 13 -11.56 -28.82 11.08
N VAL C 14 -12.79 -28.32 11.15
CA VAL C 14 -13.23 -27.23 10.27
C VAL C 14 -13.86 -26.13 11.11
N GLY C 15 -14.37 -26.51 12.29
CA GLY C 15 -15.00 -25.54 13.18
C GLY C 15 -16.39 -25.95 13.61
N LYS C 16 -16.63 -27.26 13.73
CA LYS C 16 -17.93 -27.76 14.15
C LYS C 16 -18.12 -27.71 15.66
N GLY C 17 -17.07 -27.44 16.43
CA GLY C 17 -17.22 -27.38 17.87
C GLY C 17 -17.92 -26.14 18.37
N VAL C 18 -17.75 -25.01 17.68
CA VAL C 18 -18.41 -23.78 18.10
C VAL C 18 -19.89 -23.81 17.73
N ILE C 19 -20.26 -24.58 16.70
CA ILE C 19 -21.66 -24.65 16.31
C ILE C 19 -22.45 -25.52 17.27
N ALA C 20 -21.89 -26.67 17.65
CA ALA C 20 -22.60 -27.56 18.57
C ALA C 20 -22.62 -27.01 19.99
N SER C 21 -21.64 -26.17 20.35
CA SER C 21 -21.62 -25.60 21.68
C SER C 21 -22.66 -24.49 21.87
N SER C 22 -23.16 -23.92 20.78
CA SER C 22 -24.16 -22.86 20.89
C SER C 22 -25.51 -23.43 21.33
N PHE C 23 -25.88 -24.61 20.81
CA PHE C 23 -27.15 -25.22 21.20
C PHE C 23 -27.09 -25.85 22.58
N GLY C 24 -25.90 -26.14 23.10
CA GLY C 24 -25.75 -26.73 24.40
C GLY C 24 -25.92 -25.73 25.53
N THR C 25 -25.39 -24.52 25.34
CA THR C 25 -25.48 -23.47 26.35
C THR C 25 -26.81 -22.73 26.31
N LEU C 26 -27.70 -23.07 25.38
CA LEU C 26 -28.99 -22.40 25.32
C LEU C 26 -29.89 -22.84 26.47
N LEU C 27 -30.01 -24.15 26.68
CA LEU C 27 -30.83 -24.66 27.77
C LEU C 27 -30.14 -24.55 29.13
N LYS C 28 -28.80 -24.43 29.15
CA LYS C 28 -28.10 -24.26 30.40
C LYS C 28 -28.36 -22.88 31.01
N SER C 29 -28.61 -21.88 30.18
CA SER C 29 -28.87 -20.53 30.65
C SER C 29 -30.32 -20.31 31.06
N CYS C 30 -31.22 -21.23 30.74
CA CYS C 30 -32.63 -21.12 31.08
C CYS C 30 -32.99 -21.87 32.36
N GLY C 31 -32.01 -22.46 33.04
CA GLY C 31 -32.27 -23.19 34.25
C GLY C 31 -32.40 -24.69 34.09
N LEU C 32 -32.01 -25.24 32.95
CA LEU C 32 -32.10 -26.67 32.68
C LEU C 32 -30.69 -27.24 32.52
N ASP C 33 -30.62 -28.57 32.47
CA ASP C 33 -29.36 -29.28 32.31
C ASP C 33 -29.51 -30.35 31.25
N VAL C 34 -28.49 -30.48 30.40
CA VAL C 34 -28.47 -31.45 29.31
C VAL C 34 -27.15 -32.21 29.37
N THR C 35 -26.95 -33.07 28.38
CA THR C 35 -25.74 -33.87 28.26
C THR C 35 -25.08 -33.60 26.91
N SER C 36 -24.14 -34.48 26.55
CA SER C 36 -23.40 -34.37 25.29
C SER C 36 -22.97 -35.76 24.86
N ILE C 37 -23.68 -36.33 23.89
CA ILE C 37 -23.38 -37.65 23.35
C ILE C 37 -23.09 -37.49 21.87
N LYS C 38 -21.93 -37.99 21.45
CA LYS C 38 -21.49 -37.89 20.06
C LYS C 38 -21.22 -39.29 19.50
N ILE C 39 -20.95 -39.34 18.20
CA ILE C 39 -20.68 -40.59 17.51
C ILE C 39 -19.80 -40.29 16.31
N ASP C 40 -18.73 -41.07 16.13
CA ASP C 40 -17.80 -40.88 15.02
C ASP C 40 -18.07 -41.91 13.94
N PRO C 41 -18.29 -41.48 12.69
CA PRO C 41 -18.55 -42.45 11.62
C PRO C 41 -17.26 -43.02 11.03
N TYR C 42 -16.15 -42.90 11.76
CA TYR C 42 -14.87 -43.40 11.28
C TYR C 42 -14.71 -44.89 11.57
N ILE C 43 -13.49 -45.33 11.84
CA ILE C 43 -13.21 -46.74 12.12
C ILE C 43 -13.31 -46.97 13.62
N ASN C 44 -12.33 -46.49 14.37
CA ASN C 44 -12.30 -46.68 15.81
C ASN C 44 -11.64 -45.50 16.50
N ILE C 45 -10.93 -45.76 17.60
CA ILE C 45 -10.27 -44.69 18.34
C ILE C 45 -9.07 -44.18 17.54
N ASP C 46 -8.94 -42.85 17.46
CA ASP C 46 -7.84 -42.26 16.72
C ASP C 46 -6.51 -42.37 17.47
N ALA C 47 -6.56 -42.43 18.80
CA ALA C 47 -5.37 -42.52 19.63
C ALA C 47 -4.89 -43.95 19.83
N GLY C 48 -5.18 -44.85 18.90
CA GLY C 48 -4.75 -46.22 19.02
C GLY C 48 -3.52 -46.53 18.20
N THR C 49 -3.71 -46.79 16.91
CA THR C 49 -2.61 -47.08 16.00
C THR C 49 -2.16 -45.87 15.19
N PHE C 50 -3.00 -44.84 15.08
CA PHE C 50 -2.64 -43.65 14.35
C PHE C 50 -1.69 -42.78 15.17
N SER C 51 -1.11 -41.78 14.51
CA SER C 51 -0.20 -40.87 15.18
C SER C 51 -0.92 -40.12 16.30
N PRO C 52 -0.20 -39.72 17.35
CA PRO C 52 -0.86 -39.02 18.46
C PRO C 52 -1.45 -37.68 18.08
N TYR C 53 -0.89 -37.00 17.07
CA TYR C 53 -1.42 -35.73 16.63
C TYR C 53 -1.12 -35.55 15.14
N GLU C 54 -2.16 -35.26 14.37
CA GLU C 54 -2.02 -35.04 12.93
C GLU C 54 -3.30 -34.40 12.39
N HIS C 55 -4.45 -34.99 12.71
CA HIS C 55 -5.74 -34.43 12.32
C HIS C 55 -6.69 -34.19 13.49
N GLY C 56 -6.57 -34.93 14.59
CA GLY C 56 -7.44 -34.74 15.73
C GLY C 56 -6.68 -34.44 17.01
N GLU C 57 -7.08 -33.39 17.72
CA GLU C 57 -6.44 -32.98 18.96
C GLU C 57 -6.86 -33.92 20.07
N VAL C 58 -5.98 -34.87 20.42
CA VAL C 58 -6.24 -35.85 21.46
C VAL C 58 -5.55 -35.40 22.73
N TYR C 59 -6.28 -35.39 23.85
CA TYR C 59 -5.73 -34.96 25.13
C TYR C 59 -6.14 -35.91 26.25
N VAL C 60 -6.42 -35.36 27.42
CA VAL C 60 -6.75 -36.17 28.60
C VAL C 60 -7.55 -35.31 29.57
N LEU C 61 -8.25 -34.30 29.04
CA LEU C 61 -9.04 -33.37 29.85
C LEU C 61 -10.10 -34.12 30.64
N ASP C 62 -9.77 -34.50 31.88
CA ASP C 62 -10.69 -35.18 32.80
C ASP C 62 -11.21 -36.48 32.18
N ASP C 63 -10.34 -37.47 32.17
CA ASP C 63 -10.67 -38.78 31.64
C ASP C 63 -9.62 -39.78 32.10
N GLY C 64 -10.06 -41.02 32.34
CA GLY C 64 -9.18 -42.07 32.80
C GLY C 64 -8.59 -42.95 31.72
N ALA C 65 -8.80 -42.60 30.45
CA ALA C 65 -8.26 -43.40 29.35
C ALA C 65 -8.01 -42.53 28.12
N GLU C 66 -8.67 -42.85 27.01
CA GLU C 66 -8.54 -42.11 25.77
C GLU C 66 -9.77 -41.23 25.57
N VAL C 67 -9.57 -40.14 24.81
CA VAL C 67 -10.65 -39.20 24.55
C VAL C 67 -10.89 -39.12 23.04
N ASP C 68 -11.80 -38.23 22.62
CA ASP C 68 -12.09 -38.05 21.21
C ASP C 68 -11.21 -36.96 20.62
N LEU C 69 -11.80 -35.83 20.24
CA LEU C 69 -11.04 -34.72 19.68
C LEU C 69 -11.78 -33.40 19.83
N ASP C 70 -13.07 -33.46 20.14
CA ASP C 70 -13.91 -32.27 20.27
C ASP C 70 -14.73 -32.33 21.55
N LEU C 71 -14.07 -32.60 22.67
CA LEU C 71 -14.73 -32.68 23.97
C LEU C 71 -14.12 -31.72 24.98
N GLY C 72 -13.26 -30.81 24.56
CA GLY C 72 -12.65 -29.86 25.47
C GLY C 72 -13.47 -28.60 25.65
N ASN C 73 -14.13 -28.16 24.58
CA ASN C 73 -14.96 -26.95 24.66
C ASN C 73 -16.27 -27.18 25.39
N TYR C 74 -16.74 -28.42 25.46
CA TYR C 74 -18.00 -28.70 26.14
C TYR C 74 -17.86 -28.58 27.66
N GLU C 75 -16.74 -29.05 28.20
CA GLU C 75 -16.53 -28.97 29.65
C GLU C 75 -16.21 -27.56 30.10
N ARG C 76 -15.56 -26.77 29.24
CA ARG C 76 -15.21 -25.40 29.60
C ARG C 76 -16.41 -24.46 29.50
N PHE C 77 -17.21 -24.61 28.45
CA PHE C 77 -18.39 -23.76 28.29
C PHE C 77 -19.51 -24.19 29.24
N LEU C 78 -19.97 -25.42 29.10
CA LEU C 78 -21.04 -25.95 29.94
C LEU C 78 -20.49 -26.38 31.29
N ASP C 79 -21.37 -26.92 32.13
CA ASP C 79 -21.01 -27.38 33.46
C ASP C 79 -21.01 -28.91 33.56
N VAL C 80 -20.84 -29.60 32.44
CA VAL C 80 -20.83 -31.05 32.41
C VAL C 80 -19.42 -31.53 32.10
N THR C 81 -19.18 -32.81 32.37
CA THR C 81 -17.88 -33.44 32.13
C THR C 81 -18.06 -34.62 31.19
N LEU C 82 -16.94 -35.23 30.81
CA LEU C 82 -16.94 -36.38 29.91
C LEU C 82 -16.28 -37.56 30.62
N HIS C 83 -16.80 -38.77 30.34
CA HIS C 83 -16.26 -39.98 30.93
C HIS C 83 -15.81 -40.97 29.87
N ARG C 84 -15.82 -42.26 30.20
CA ARG C 84 -15.42 -43.30 29.26
C ARG C 84 -16.55 -43.76 28.36
N ASP C 85 -17.80 -43.39 28.67
CA ASP C 85 -18.95 -43.77 27.87
C ASP C 85 -19.39 -42.66 26.93
N ASN C 86 -18.55 -41.66 26.69
CA ASN C 86 -18.88 -40.55 25.81
C ASN C 86 -18.16 -40.58 24.48
N ASN C 87 -17.05 -41.30 24.37
CA ASN C 87 -16.30 -41.41 23.11
C ASN C 87 -16.81 -42.59 22.29
N ILE C 88 -18.10 -42.52 21.94
CA ILE C 88 -18.73 -43.59 21.18
C ILE C 88 -18.29 -43.50 19.72
N THR C 89 -17.79 -44.62 19.19
CA THR C 89 -17.34 -44.68 17.80
C THR C 89 -17.80 -46.01 17.21
N THR C 90 -17.52 -46.19 15.92
CA THR C 90 -17.90 -47.44 15.24
C THR C 90 -17.08 -48.62 15.71
N GLY C 91 -15.87 -48.39 16.21
CA GLY C 91 -15.04 -49.49 16.67
C GLY C 91 -15.50 -50.07 17.99
N LYS C 92 -16.08 -49.23 18.86
CA LYS C 92 -16.57 -49.72 20.15
C LYS C 92 -17.81 -50.57 20.00
N ILE C 93 -18.67 -50.26 19.02
CA ILE C 93 -19.88 -51.05 18.81
C ILE C 93 -19.54 -52.44 18.29
N TYR C 94 -18.56 -52.53 17.38
CA TYR C 94 -18.18 -53.82 16.82
C TYR C 94 -17.55 -54.75 17.84
N LYS C 95 -17.15 -54.25 19.01
CA LYS C 95 -16.56 -55.11 20.03
C LYS C 95 -17.59 -56.03 20.67
N LEU C 96 -18.86 -55.65 20.66
CA LEU C 96 -19.91 -56.47 21.25
C LEU C 96 -20.84 -57.12 20.24
N VAL C 97 -20.91 -56.60 19.01
CA VAL C 97 -21.76 -57.23 18.01
C VAL C 97 -21.19 -58.57 17.57
N ILE C 98 -19.87 -58.66 17.44
CA ILE C 98 -19.25 -59.93 17.08
C ILE C 98 -19.30 -60.91 18.25
N GLU C 99 -19.33 -60.39 19.48
CA GLU C 99 -19.35 -61.27 20.65
C GLU C 99 -20.73 -61.86 20.88
N LYS C 100 -21.80 -61.09 20.63
CA LYS C 100 -23.15 -61.59 20.88
C LYS C 100 -23.57 -62.61 19.82
N GLU C 101 -23.04 -62.50 18.61
CA GLU C 101 -23.38 -63.46 17.56
C GLU C 101 -22.56 -64.74 17.65
N ARG C 102 -21.47 -64.73 18.41
CA ARG C 102 -20.65 -65.92 18.58
C ARG C 102 -21.04 -66.73 19.81
N THR C 103 -21.47 -66.07 20.89
CA THR C 103 -21.89 -66.79 22.09
C THR C 103 -23.25 -67.44 21.88
N GLY C 104 -24.27 -66.65 21.61
CA GLY C 104 -25.60 -67.18 21.38
C GLY C 104 -26.66 -66.63 22.30
N GLU C 105 -27.19 -65.46 21.99
CA GLU C 105 -28.26 -64.85 22.78
C GLU C 105 -29.59 -64.76 22.05
N TYR C 106 -29.58 -64.74 20.72
CA TYR C 106 -30.79 -64.67 19.92
C TYR C 106 -30.97 -65.94 19.09
N LEU C 107 -30.68 -67.09 19.69
CA LEU C 107 -30.77 -68.42 19.07
C LEU C 107 -29.86 -68.56 17.84
N GLY C 108 -28.92 -67.64 17.65
CA GLY C 108 -28.01 -67.72 16.52
C GLY C 108 -28.67 -67.58 15.18
N LYS C 109 -29.75 -66.80 15.10
CA LYS C 109 -30.46 -66.62 13.83
C LYS C 109 -29.63 -65.77 12.88
N THR C 110 -29.39 -66.29 11.68
CA THR C 110 -28.62 -65.59 10.66
C THR C 110 -29.53 -64.56 9.98
N VAL C 111 -29.25 -63.28 10.21
CA VAL C 111 -30.05 -62.21 9.63
C VAL C 111 -29.16 -61.36 8.73
N GLN C 112 -29.65 -60.17 8.34
CA GLN C 112 -28.91 -59.27 7.47
C GLN C 112 -28.34 -58.10 8.28
N VAL C 113 -29.18 -57.14 8.66
CA VAL C 113 -28.71 -55.98 9.42
C VAL C 113 -29.86 -55.44 10.26
N VAL C 114 -31.09 -55.73 9.85
CA VAL C 114 -32.28 -55.26 10.56
C VAL C 114 -33.16 -56.46 10.90
N PRO C 115 -33.90 -56.44 12.02
CA PRO C 115 -33.91 -55.36 13.01
C PRO C 115 -32.93 -55.59 14.16
N HIS C 116 -31.63 -55.66 13.85
CA HIS C 116 -30.63 -55.89 14.88
C HIS C 116 -29.77 -54.65 15.10
N ILE C 117 -29.34 -54.01 14.01
CA ILE C 117 -28.50 -52.82 14.15
C ILE C 117 -29.33 -51.63 14.59
N THR C 118 -30.54 -51.49 14.05
CA THR C 118 -31.41 -50.38 14.41
C THR C 118 -31.81 -50.45 15.88
N ASP C 119 -31.95 -51.66 16.42
CA ASP C 119 -32.30 -51.83 17.83
C ASP C 119 -31.08 -51.80 18.73
N ALA C 120 -29.88 -51.99 18.17
CA ALA C 120 -28.67 -51.93 18.99
C ALA C 120 -28.32 -50.50 19.38
N ILE C 121 -28.62 -49.53 18.52
CA ILE C 121 -28.35 -48.14 18.84
C ILE C 121 -29.29 -47.65 19.94
N GLN C 122 -30.47 -48.27 20.06
CA GLN C 122 -31.41 -47.86 21.09
C GLN C 122 -30.87 -48.12 22.50
N GLU C 123 -29.97 -49.10 22.64
CA GLU C 123 -29.39 -49.39 23.95
C GLU C 123 -28.33 -48.36 24.33
N TRP C 124 -27.78 -47.66 23.35
CA TRP C 124 -26.76 -46.65 23.64
C TRP C 124 -27.38 -45.29 23.93
N VAL C 125 -28.67 -45.11 23.63
CA VAL C 125 -29.30 -43.82 23.85
C VAL C 125 -30.15 -43.84 25.12
N GLU C 126 -30.87 -44.96 25.36
CA GLU C 126 -31.72 -45.04 26.53
C GLU C 126 -30.93 -45.33 27.81
N ARG C 127 -29.63 -45.60 27.69
CA ARG C 127 -28.82 -45.87 28.88
C ARG C 127 -28.13 -44.60 29.36
N VAL C 128 -27.79 -43.69 28.45
CA VAL C 128 -27.11 -42.44 28.80
C VAL C 128 -28.16 -41.35 28.97
N ALA C 129 -29.44 -41.72 28.92
CA ALA C 129 -30.51 -40.73 29.05
C ALA C 129 -30.71 -40.32 30.50
N GLN C 130 -30.84 -41.30 31.39
CA GLN C 130 -31.07 -41.03 32.82
C GLN C 130 -29.78 -41.08 33.63
N THR C 131 -28.62 -41.17 32.98
CA THR C 131 -27.32 -41.22 33.66
C THR C 131 -26.49 -40.05 33.16
N PRO C 132 -26.67 -38.86 33.73
CA PRO C 132 -25.89 -37.70 33.30
C PRO C 132 -24.49 -37.68 33.91
N VAL C 133 -24.09 -36.53 34.45
CA VAL C 133 -22.78 -36.39 35.08
C VAL C 133 -22.96 -36.04 36.55
N GLN C 134 -21.86 -35.77 37.24
CA GLN C 134 -21.89 -35.41 38.65
C GLN C 134 -22.22 -33.93 38.77
N GLY C 135 -23.52 -33.62 38.70
CA GLY C 135 -23.99 -32.26 38.79
C GLY C 135 -25.47 -32.12 38.58
N SER C 136 -26.13 -33.20 38.15
CA SER C 136 -27.56 -33.19 37.90
C SER C 136 -28.13 -34.56 38.24
N SER C 137 -29.46 -34.63 38.27
CA SER C 137 -30.15 -35.88 38.58
C SER C 137 -30.56 -36.60 37.31
N LYS C 138 -31.50 -36.01 36.56
CA LYS C 138 -31.97 -36.60 35.32
C LYS C 138 -32.26 -35.50 34.30
N PRO C 139 -31.49 -35.42 33.22
CA PRO C 139 -31.74 -34.37 32.22
C PRO C 139 -33.00 -34.65 31.42
N GLN C 140 -33.83 -33.62 31.25
CA GLN C 140 -35.07 -33.77 30.50
C GLN C 140 -34.82 -33.78 29.00
N VAL C 141 -33.84 -33.03 28.53
CA VAL C 141 -33.48 -32.97 27.12
C VAL C 141 -32.18 -33.74 26.93
N CYS C 142 -32.21 -34.76 26.08
CA CYS C 142 -31.04 -35.60 25.80
C CYS C 142 -30.70 -35.44 24.31
N ILE C 143 -29.77 -34.55 24.01
CA ILE C 143 -29.35 -34.29 22.63
C ILE C 143 -28.24 -35.25 22.25
N VAL C 144 -28.20 -35.60 20.97
CA VAL C 144 -27.20 -36.51 20.43
C VAL C 144 -26.48 -35.78 19.29
N GLU C 145 -25.17 -35.61 19.42
CA GLU C 145 -24.38 -34.92 18.41
C GLU C 145 -23.86 -35.91 17.37
N LEU C 146 -23.54 -35.38 16.19
CA LEU C 146 -23.01 -36.16 15.08
C LEU C 146 -21.79 -35.45 14.54
N GLY C 147 -20.60 -35.90 14.95
CA GLY C 147 -19.35 -35.32 14.51
C GLY C 147 -18.72 -36.09 13.35
N GLY C 148 -17.47 -35.75 13.09
CA GLY C 148 -16.73 -36.40 12.02
C GLY C 148 -17.19 -35.99 10.64
N THR C 149 -17.70 -36.94 9.87
CA THR C 149 -18.19 -36.70 8.52
C THR C 149 -19.70 -36.98 8.47
N ILE C 150 -20.28 -36.71 7.30
CA ILE C 150 -21.71 -36.91 7.09
C ILE C 150 -21.93 -37.25 5.62
N GLY C 151 -22.76 -38.25 5.36
CA GLY C 151 -23.04 -38.68 4.01
C GLY C 151 -22.10 -39.78 3.55
N ASP C 152 -22.09 -40.89 4.27
CA ASP C 152 -21.23 -42.03 3.97
C ASP C 152 -22.08 -43.27 3.75
N ILE C 153 -21.43 -44.34 3.30
CA ILE C 153 -22.14 -45.60 3.07
C ILE C 153 -22.66 -46.17 4.38
N GLU C 154 -21.87 -46.05 5.45
CA GLU C 154 -22.28 -46.56 6.76
C GLU C 154 -23.44 -45.76 7.36
N GLY C 155 -23.76 -44.60 6.81
CA GLY C 155 -24.85 -43.78 7.31
C GLY C 155 -26.23 -44.21 6.90
N MET C 156 -26.38 -45.40 6.30
CA MET C 156 -27.70 -45.86 5.90
C MET C 156 -28.53 -46.32 7.09
N PRO C 157 -28.04 -47.16 8.01
CA PRO C 157 -28.87 -47.52 9.17
C PRO C 157 -29.09 -46.37 10.14
N PHE C 158 -28.30 -45.30 10.05
CA PHE C 158 -28.52 -44.14 10.91
C PHE C 158 -29.80 -43.41 10.55
N VAL C 159 -30.21 -43.46 9.29
CA VAL C 159 -31.45 -42.82 8.89
C VAL C 159 -32.66 -43.60 9.40
N GLU C 160 -32.61 -44.93 9.32
CA GLU C 160 -33.71 -45.75 9.81
C GLU C 160 -33.82 -45.73 11.33
N ALA C 161 -32.75 -45.36 12.03
CA ALA C 161 -32.80 -45.31 13.49
C ALA C 161 -33.37 -43.98 14.00
N PHE C 162 -33.19 -42.90 13.25
CA PHE C 162 -33.70 -41.61 13.68
C PHE C 162 -35.23 -41.54 13.55
N ARG C 163 -35.79 -42.20 12.54
CA ARG C 163 -37.24 -42.19 12.35
C ARG C 163 -37.96 -43.14 13.30
N GLN C 164 -37.23 -44.08 13.93
CA GLN C 164 -37.88 -45.01 14.85
C GLN C 164 -38.32 -44.31 16.13
N PHE C 165 -37.48 -43.42 16.66
CA PHE C 165 -37.85 -42.69 17.87
C PHE C 165 -38.89 -41.61 17.60
N GLN C 166 -39.07 -41.20 16.34
CA GLN C 166 -40.01 -40.15 16.01
C GLN C 166 -41.41 -40.69 15.72
N PHE C 167 -41.49 -41.86 15.07
CA PHE C 167 -42.79 -42.42 14.72
C PHE C 167 -43.52 -43.01 15.93
N ARG C 168 -42.83 -43.17 17.06
CA ARG C 168 -43.47 -43.71 18.26
C ARG C 168 -43.98 -42.62 19.19
N VAL C 169 -43.52 -41.38 19.04
CA VAL C 169 -43.97 -40.28 19.87
C VAL C 169 -44.62 -39.22 18.99
N LYS C 170 -44.92 -38.06 19.58
CA LYS C 170 -45.54 -36.97 18.83
C LYS C 170 -44.50 -36.28 17.96
N ARG C 171 -44.98 -35.35 17.11
CA ARG C 171 -44.11 -34.61 16.20
C ARG C 171 -43.46 -33.40 16.85
N GLU C 172 -43.76 -33.13 18.12
CA GLU C 172 -43.19 -31.98 18.83
C GLU C 172 -41.97 -32.34 19.65
N ASN C 173 -41.20 -33.35 19.23
CA ASN C 173 -40.02 -33.79 19.97
C ASN C 173 -38.75 -33.89 19.13
N PHE C 174 -38.85 -33.75 17.80
CA PHE C 174 -37.68 -33.88 16.94
C PHE C 174 -37.68 -32.75 15.92
N CYS C 175 -36.48 -32.27 15.60
CA CYS C 175 -36.30 -31.20 14.61
C CYS C 175 -35.08 -31.55 13.76
N LEU C 176 -35.33 -31.98 12.53
CA LEU C 176 -34.24 -32.38 11.64
C LEU C 176 -33.46 -31.17 11.15
N ALA C 177 -32.14 -31.28 11.17
CA ALA C 177 -31.27 -30.21 10.71
C ALA C 177 -30.04 -30.84 10.08
N HIS C 178 -29.90 -30.70 8.76
CA HIS C 178 -28.78 -31.29 8.04
C HIS C 178 -27.59 -30.34 8.03
N VAL C 179 -27.00 -30.11 6.86
CA VAL C 179 -25.84 -29.24 6.74
C VAL C 179 -25.78 -28.74 5.29
N SER C 180 -25.42 -27.47 5.14
CA SER C 180 -25.33 -26.85 3.81
C SER C 180 -24.33 -25.71 3.89
N LEU C 181 -23.11 -25.95 3.42
CA LEU C 181 -22.09 -24.91 3.42
C LEU C 181 -22.34 -23.91 2.30
N VAL C 182 -21.95 -22.66 2.55
CA VAL C 182 -22.14 -21.58 1.58
C VAL C 182 -20.79 -21.13 1.04
N PRO C 183 -20.39 -21.59 -0.14
CA PRO C 183 -19.11 -21.16 -0.71
C PRO C 183 -19.22 -19.77 -1.32
N LEU C 184 -18.07 -19.09 -1.37
CA LEU C 184 -17.98 -17.76 -1.95
C LEU C 184 -16.94 -17.76 -3.07
N PRO C 185 -17.37 -17.77 -4.33
CA PRO C 185 -16.40 -17.76 -5.43
C PRO C 185 -15.74 -16.40 -5.59
N LYS C 186 -14.50 -16.42 -6.08
CA LYS C 186 -13.72 -15.21 -6.28
C LYS C 186 -13.84 -14.67 -7.71
N ALA C 187 -14.85 -15.10 -8.46
CA ALA C 187 -15.06 -14.65 -9.83
C ALA C 187 -16.33 -13.82 -9.96
N THR C 188 -17.48 -14.36 -9.57
CA THR C 188 -18.74 -13.64 -9.67
C THR C 188 -18.91 -12.70 -8.48
N GLY C 189 -19.82 -13.03 -7.57
CA GLY C 189 -20.08 -12.21 -6.40
C GLY C 189 -21.38 -12.52 -5.72
N GLU C 190 -22.34 -13.06 -6.46
CA GLU C 190 -23.63 -13.42 -5.90
C GLU C 190 -23.51 -14.68 -5.07
N PRO C 191 -23.95 -14.68 -3.81
CA PRO C 191 -23.84 -15.89 -2.98
C PRO C 191 -24.80 -16.99 -3.41
N LYS C 192 -24.48 -17.67 -4.51
CA LYS C 192 -25.30 -18.77 -5.00
C LYS C 192 -24.85 -20.05 -4.31
N THR C 193 -25.62 -20.50 -3.33
CA THR C 193 -25.27 -21.69 -2.58
C THR C 193 -25.65 -22.95 -3.36
N LYS C 194 -24.75 -23.93 -3.37
CA LYS C 194 -24.95 -25.17 -4.09
C LYS C 194 -25.29 -26.34 -3.16
N PRO C 195 -24.58 -26.54 -2.04
CA PRO C 195 -24.93 -27.66 -1.16
C PRO C 195 -26.32 -27.56 -0.54
N THR C 196 -26.99 -26.41 -0.62
CA THR C 196 -28.34 -26.30 -0.07
C THR C 196 -29.33 -27.14 -0.86
N GLN C 197 -29.35 -26.97 -2.18
CA GLN C 197 -30.26 -27.76 -3.02
C GLN C 197 -29.83 -29.21 -3.14
N SER C 198 -28.56 -29.51 -2.85
CA SER C 198 -28.09 -30.89 -2.92
C SER C 198 -28.39 -31.65 -1.64
N SER C 199 -28.47 -30.97 -0.50
CA SER C 199 -28.76 -31.64 0.76
C SER C 199 -30.22 -32.06 0.85
N VAL C 200 -31.11 -31.35 0.15
CA VAL C 200 -32.52 -31.71 0.17
C VAL C 200 -32.76 -33.00 -0.60
N ARG C 201 -32.02 -33.20 -1.70
CA ARG C 201 -32.17 -34.41 -2.48
C ARG C 201 -31.70 -35.64 -1.72
N GLU C 202 -30.67 -35.50 -0.88
CA GLU C 202 -30.19 -36.63 -0.10
C GLU C 202 -31.17 -37.03 0.99
N LEU C 203 -31.89 -36.06 1.56
CA LEU C 203 -32.88 -36.38 2.58
C LEU C 203 -34.11 -37.05 1.97
N ARG C 204 -34.49 -36.64 0.76
CA ARG C 204 -35.62 -37.26 0.10
C ARG C 204 -35.28 -38.64 -0.46
N GLY C 205 -34.01 -38.93 -0.68
CA GLY C 205 -33.58 -40.21 -1.19
C GLY C 205 -33.42 -41.30 -0.15
N CYS C 206 -33.74 -41.02 1.11
CA CYS C 206 -33.62 -42.01 2.18
C CYS C 206 -34.92 -42.09 2.98
N GLY C 207 -35.66 -40.98 3.04
CA GLY C 207 -36.91 -40.95 3.76
C GLY C 207 -36.92 -39.94 4.90
N LEU C 208 -36.41 -38.75 4.64
CA LEU C 208 -36.37 -37.68 5.63
C LEU C 208 -36.96 -36.41 5.03
N SER C 209 -37.26 -35.45 5.91
CA SER C 209 -37.82 -34.17 5.49
C SER C 209 -37.20 -33.04 6.30
N PRO C 210 -36.53 -32.09 5.66
CA PRO C 210 -35.91 -30.98 6.41
C PRO C 210 -36.97 -30.03 6.95
N ASP C 211 -36.74 -29.56 8.17
CA ASP C 211 -37.64 -28.64 8.85
C ASP C 211 -36.98 -27.36 9.32
N LEU C 212 -35.72 -27.42 9.73
CA LEU C 212 -35.01 -26.23 10.21
C LEU C 212 -34.23 -25.59 9.07
N ILE C 213 -33.47 -24.55 9.41
CA ILE C 213 -32.66 -23.81 8.45
C ILE C 213 -31.22 -23.87 8.93
N VAL C 214 -30.33 -24.41 8.09
CA VAL C 214 -28.91 -24.54 8.39
C VAL C 214 -28.14 -23.69 7.41
N CYS C 215 -27.18 -22.91 7.93
CA CYS C 215 -26.35 -22.06 7.10
C CYS C 215 -25.05 -21.77 7.82
N ARG C 216 -24.07 -21.26 7.07
CA ARG C 216 -22.77 -20.93 7.63
C ARG C 216 -22.09 -19.91 6.73
N SER C 217 -21.75 -18.76 7.27
CA SER C 217 -21.09 -17.71 6.51
C SER C 217 -20.15 -16.96 7.45
N GLU C 218 -19.54 -15.89 6.93
CA GLU C 218 -18.61 -15.09 7.73
C GLU C 218 -18.83 -13.59 7.57
N LYS C 219 -19.86 -13.17 6.83
CA LYS C 219 -20.14 -11.75 6.65
C LYS C 219 -21.63 -11.60 6.37
N PRO C 220 -22.24 -10.50 6.79
CA PRO C 220 -23.68 -10.30 6.53
C PRO C 220 -23.96 -10.19 5.06
N ILE C 221 -24.76 -11.14 4.55
CA ILE C 221 -25.11 -11.16 3.14
C ILE C 221 -26.44 -10.43 2.94
N GLY C 222 -26.80 -10.21 1.68
CA GLY C 222 -28.04 -9.50 1.38
C GLY C 222 -29.27 -10.35 1.63
N LEU C 223 -30.42 -9.69 1.54
CA LEU C 223 -31.71 -10.34 1.75
C LEU C 223 -32.27 -10.97 0.48
N GLU C 224 -31.57 -10.85 -0.65
CA GLU C 224 -32.05 -11.45 -1.89
C GLU C 224 -31.91 -12.96 -1.91
N VAL C 225 -31.07 -13.52 -1.03
CA VAL C 225 -30.87 -14.97 -0.97
C VAL C 225 -31.54 -15.59 0.24
N LYS C 226 -32.15 -14.79 1.12
CA LYS C 226 -32.83 -15.36 2.28
C LYS C 226 -34.12 -16.08 1.89
N GLU C 227 -34.82 -15.59 0.89
CA GLU C 227 -36.05 -16.22 0.43
C GLU C 227 -35.80 -17.36 -0.54
N LYS C 228 -34.56 -17.58 -0.97
CA LYS C 228 -34.27 -18.67 -1.89
C LYS C 228 -34.32 -20.02 -1.18
N ILE C 229 -33.87 -20.08 0.07
CA ILE C 229 -33.89 -21.33 0.81
C ILE C 229 -35.28 -21.64 1.37
N SER C 230 -36.11 -20.62 1.58
CA SER C 230 -37.43 -20.84 2.18
C SER C 230 -38.34 -21.62 1.22
N ASN C 231 -38.34 -21.25 -0.07
CA ASN C 231 -39.19 -21.95 -1.03
C ASN C 231 -38.68 -23.34 -1.35
N PHE C 232 -37.37 -23.56 -1.23
CA PHE C 232 -36.81 -24.89 -1.48
C PHE C 232 -36.96 -25.83 -0.29
N CYS C 233 -37.28 -25.31 0.89
CA CYS C 233 -37.46 -26.12 2.08
C CYS C 233 -38.87 -26.04 2.65
N HIS C 234 -39.76 -25.22 2.05
CA HIS C 234 -41.14 -25.06 2.52
C HIS C 234 -41.19 -24.62 3.97
N VAL C 235 -40.35 -23.63 4.32
CA VAL C 235 -40.30 -23.11 5.68
C VAL C 235 -40.65 -21.63 5.66
N GLY C 236 -40.56 -20.98 6.82
CA GLY C 236 -40.87 -19.57 6.93
C GLY C 236 -39.69 -18.70 6.54
N PRO C 237 -39.97 -17.59 5.85
CA PRO C 237 -38.88 -16.69 5.43
C PRO C 237 -38.27 -15.92 6.59
N ASP C 238 -38.98 -15.75 7.70
CA ASP C 238 -38.47 -15.01 8.86
C ASP C 238 -37.72 -15.91 9.84
N GLN C 239 -37.40 -17.14 9.45
CA GLN C 239 -36.68 -18.07 10.31
C GLN C 239 -35.36 -18.52 9.71
N VAL C 240 -34.83 -17.75 8.76
CA VAL C 240 -33.55 -18.09 8.13
C VAL C 240 -32.41 -17.59 8.99
N ILE C 241 -31.47 -18.47 9.30
CA ILE C 241 -30.32 -18.13 10.14
C ILE C 241 -29.19 -17.65 9.23
N CYS C 242 -28.71 -16.43 9.48
CA CYS C 242 -27.61 -15.84 8.73
C CYS C 242 -26.45 -15.61 9.69
N ILE C 243 -25.71 -16.67 9.99
CA ILE C 243 -24.61 -16.62 10.95
C ILE C 243 -23.35 -16.16 10.23
N HIS C 244 -22.64 -15.21 10.84
CA HIS C 244 -21.39 -14.71 10.28
C HIS C 244 -20.23 -15.01 11.22
N ASP C 245 -20.00 -16.28 11.50
CA ASP C 245 -18.94 -16.67 12.42
C ASP C 245 -17.57 -16.42 11.80
N LEU C 246 -16.66 -15.87 12.61
CA LEU C 246 -15.31 -15.58 12.17
C LEU C 246 -14.32 -16.57 12.77
N ASN C 247 -13.94 -16.35 14.04
CA ASN C 247 -13.01 -17.25 14.70
C ASN C 247 -13.19 -17.31 16.20
N SER C 248 -14.28 -16.78 16.76
CA SER C 248 -14.51 -16.81 18.20
C SER C 248 -15.86 -17.43 18.52
N ILE C 249 -16.44 -17.06 19.67
CA ILE C 249 -17.71 -17.62 20.10
C ILE C 249 -18.77 -16.55 20.33
N TYR C 250 -18.42 -15.27 20.44
CA TYR C 250 -19.40 -14.23 20.71
C TYR C 250 -20.15 -13.78 19.45
N HIS C 251 -19.87 -14.40 18.30
CA HIS C 251 -20.56 -14.08 17.06
C HIS C 251 -21.83 -14.91 16.87
N VAL C 252 -22.35 -15.49 17.94
CA VAL C 252 -23.55 -16.34 17.86
C VAL C 252 -24.70 -15.74 18.67
N PRO C 253 -24.51 -15.34 19.95
CA PRO C 253 -25.65 -14.80 20.69
C PRO C 253 -26.14 -13.45 20.17
N LEU C 254 -25.33 -12.73 19.39
CA LEU C 254 -25.77 -11.46 18.83
C LEU C 254 -26.76 -11.62 17.69
N LEU C 255 -26.93 -12.84 17.16
CA LEU C 255 -27.85 -13.09 16.06
C LEU C 255 -29.21 -13.61 16.52
N MET C 256 -29.25 -14.41 17.60
CA MET C 256 -30.50 -14.96 18.08
C MET C 256 -31.44 -13.89 18.61
N GLU C 257 -30.92 -12.73 19.02
CA GLU C 257 -31.73 -11.64 19.54
C GLU C 257 -32.26 -10.72 18.46
N GLN C 258 -31.98 -11.02 17.18
CA GLN C 258 -32.43 -10.19 16.08
C GLN C 258 -33.40 -10.91 15.15
N ASN C 259 -33.14 -12.18 14.83
CA ASN C 259 -34.05 -12.94 13.96
C ASN C 259 -35.31 -13.34 14.72
N GLY C 260 -35.15 -14.20 15.73
CA GLY C 260 -36.28 -14.65 16.51
C GLY C 260 -36.34 -16.16 16.64
N VAL C 261 -35.26 -16.75 17.18
CA VAL C 261 -35.18 -18.19 17.36
C VAL C 261 -35.15 -18.61 18.82
N ILE C 262 -34.99 -17.66 19.75
CA ILE C 262 -34.97 -18.01 21.17
C ILE C 262 -36.36 -18.33 21.71
N GLU C 263 -37.42 -17.87 21.05
CA GLU C 263 -38.78 -18.16 21.46
C GLU C 263 -39.49 -19.15 20.56
N TYR C 264 -38.90 -19.51 19.41
CA TYR C 264 -39.53 -20.46 18.51
C TYR C 264 -39.44 -21.89 19.05
N LEU C 265 -38.29 -22.26 19.60
CA LEU C 265 -38.10 -23.61 20.14
C LEU C 265 -38.78 -23.81 21.48
N ASN C 266 -39.21 -22.74 22.15
CA ASN C 266 -39.90 -22.89 23.43
C ASN C 266 -41.31 -23.42 23.24
N GLU C 267 -42.06 -22.83 22.30
CA GLU C 267 -43.42 -23.27 22.02
C GLU C 267 -43.48 -24.44 21.05
N ARG C 268 -42.35 -24.83 20.46
CA ARG C 268 -42.34 -25.95 19.53
C ARG C 268 -42.33 -27.29 20.25
N LEU C 269 -41.57 -27.39 21.34
CA LEU C 269 -41.48 -28.62 22.13
C LEU C 269 -42.18 -28.52 23.47
N GLN C 270 -42.85 -27.40 23.76
CA GLN C 270 -43.56 -27.19 25.01
C GLN C 270 -42.64 -27.41 26.22
N LEU C 271 -41.75 -26.46 26.47
CA LEU C 271 -40.81 -26.55 27.58
C LEU C 271 -40.94 -25.31 28.44
N ASN C 272 -40.39 -25.41 29.65
CA ASN C 272 -40.42 -24.29 30.59
C ASN C 272 -39.37 -23.24 30.22
N ILE C 273 -39.53 -22.05 30.78
CA ILE C 273 -38.61 -20.94 30.51
C ILE C 273 -38.60 -20.00 31.70
N ASP C 274 -37.41 -19.59 32.14
CA ASP C 274 -37.26 -18.66 33.25
C ASP C 274 -36.96 -17.28 32.67
N MET C 275 -38.02 -16.53 32.39
CA MET C 275 -37.87 -15.20 31.80
C MET C 275 -37.37 -14.21 32.84
N SER C 276 -36.49 -13.31 32.41
CA SER C 276 -35.95 -12.28 33.29
C SER C 276 -35.66 -11.01 32.50
N LYS C 277 -34.80 -11.12 31.48
CA LYS C 277 -34.48 -9.98 30.63
C LYS C 277 -34.82 -10.29 29.19
N ARG C 278 -34.37 -11.45 28.70
CA ARG C 278 -34.66 -11.87 27.32
C ARG C 278 -34.51 -13.39 27.28
N THR C 279 -35.59 -14.09 27.63
CA THR C 279 -35.61 -15.55 27.70
C THR C 279 -34.50 -16.07 28.61
N LYS C 280 -33.30 -16.23 28.08
CA LYS C 280 -32.16 -16.70 28.83
C LYS C 280 -31.32 -15.53 29.34
N CYS C 281 -30.49 -15.81 30.34
CA CYS C 281 -29.62 -14.78 30.91
C CYS C 281 -28.51 -14.43 29.92
N LEU C 282 -28.42 -13.15 29.57
CA LEU C 282 -27.43 -12.69 28.60
C LEU C 282 -26.37 -11.79 29.21
N GLN C 283 -26.59 -11.25 30.40
CA GLN C 283 -25.62 -10.37 31.03
C GLN C 283 -24.31 -11.08 31.36
N GLN C 284 -24.33 -12.41 31.46
CA GLN C 284 -23.11 -13.16 31.74
C GLN C 284 -22.19 -13.20 30.52
N TRP C 285 -22.75 -13.23 29.31
CA TRP C 285 -21.94 -13.28 28.11
C TRP C 285 -21.58 -11.91 27.58
N ARG C 286 -22.38 -10.88 27.89
CA ARG C 286 -22.07 -9.53 27.41
C ARG C 286 -20.88 -8.92 28.13
N ASP C 287 -20.65 -9.32 29.38
CA ASP C 287 -19.53 -8.79 30.14
C ASP C 287 -18.19 -9.35 29.68
N LEU C 288 -18.20 -10.49 28.98
CA LEU C 288 -16.98 -11.12 28.49
C LEU C 288 -16.77 -10.91 27.00
N ALA C 289 -17.78 -10.44 26.27
CA ALA C 289 -17.68 -10.20 24.84
C ALA C 289 -17.25 -8.78 24.51
N ARG C 290 -17.89 -7.78 25.11
CA ARG C 290 -17.53 -6.39 24.84
C ARG C 290 -16.20 -6.02 25.50
N ARG C 291 -15.93 -6.55 26.69
CA ARG C 291 -14.68 -6.25 27.38
C ARG C 291 -13.47 -6.86 26.69
N THR C 292 -13.67 -7.95 25.92
CA THR C 292 -12.55 -8.58 25.24
C THR C 292 -12.01 -7.71 24.12
N GLU C 293 -12.89 -7.07 23.35
CA GLU C 293 -12.49 -6.25 22.22
C GLU C 293 -12.11 -4.83 22.62
N THR C 294 -11.74 -4.60 23.89
CA THR C 294 -11.33 -3.29 24.37
C THR C 294 -9.90 -3.28 24.91
N VAL C 295 -9.14 -4.36 24.72
CA VAL C 295 -7.77 -4.46 25.20
C VAL C 295 -6.85 -4.62 24.01
N ARG C 296 -5.59 -4.22 24.19
CA ARG C 296 -4.59 -4.32 23.14
C ARG C 296 -3.21 -4.20 23.77
N ARG C 297 -2.22 -4.81 23.10
CA ARG C 297 -0.84 -4.77 23.57
C ARG C 297 0.13 -5.00 22.43
N GLU C 298 -0.19 -5.98 21.57
CA GLU C 298 0.66 -6.33 20.42
C GLU C 298 2.08 -6.66 20.87
N VAL C 299 2.19 -7.56 21.84
CA VAL C 299 3.47 -7.99 22.36
C VAL C 299 3.97 -9.19 21.54
N CYS C 300 5.28 -9.24 21.32
CA CYS C 300 5.88 -10.31 20.54
C CYS C 300 5.88 -11.60 21.36
N ILE C 301 5.07 -12.57 20.95
CA ILE C 301 4.97 -13.86 21.61
C ILE C 301 5.26 -14.94 20.57
N ALA C 302 6.24 -15.78 20.83
CA ALA C 302 6.66 -16.83 19.92
C ALA C 302 6.15 -18.18 20.41
N VAL C 303 5.47 -18.92 19.54
CA VAL C 303 4.97 -20.25 19.84
C VAL C 303 5.52 -21.22 18.80
N VAL C 304 5.64 -22.48 19.19
CA VAL C 304 6.18 -23.53 18.33
C VAL C 304 5.12 -24.62 18.20
N GLY C 305 4.78 -24.95 16.97
CA GLY C 305 3.81 -26.00 16.70
C GLY C 305 4.40 -27.22 16.06
N LYS C 306 4.15 -27.40 14.76
CA LYS C 306 4.70 -28.55 14.04
C LYS C 306 4.84 -28.21 12.56
N TYR C 307 3.80 -27.68 11.95
CA TYR C 307 3.80 -27.28 10.55
C TYR C 307 3.49 -25.78 10.45
N THR C 308 3.19 -25.33 9.24
CA THR C 308 2.87 -23.94 8.97
C THR C 308 1.37 -23.70 8.78
N LYS C 309 0.58 -24.74 8.57
CA LYS C 309 -0.85 -24.61 8.37
C LYS C 309 -1.57 -24.83 9.71
N PHE C 310 -2.89 -24.93 9.66
CA PHE C 310 -3.71 -25.15 10.86
C PHE C 310 -3.62 -26.62 11.24
N THR C 311 -2.79 -26.93 12.22
CA THR C 311 -2.62 -28.30 12.67
C THR C 311 -3.61 -28.60 13.80
N ASP C 312 -3.37 -29.70 14.52
CA ASP C 312 -4.24 -30.12 15.63
C ASP C 312 -3.50 -30.09 16.96
N SER C 313 -2.46 -29.27 17.07
CA SER C 313 -1.69 -29.15 18.29
C SER C 313 -2.05 -27.92 19.12
N TYR C 314 -2.91 -27.03 18.59
CA TYR C 314 -3.30 -25.83 19.33
C TYR C 314 -4.68 -25.34 18.92
N ALA C 315 -5.55 -26.24 18.47
CA ALA C 315 -6.90 -25.83 18.06
C ALA C 315 -7.74 -25.42 19.26
N SER C 316 -7.69 -26.19 20.34
CA SER C 316 -8.43 -25.90 21.56
C SER C 316 -7.55 -25.31 22.66
N VAL C 317 -6.29 -25.04 22.36
CA VAL C 317 -5.38 -24.47 23.36
C VAL C 317 -5.35 -22.96 23.30
N VAL C 318 -5.30 -22.39 22.08
CA VAL C 318 -5.25 -20.94 21.93
C VAL C 318 -6.58 -20.26 22.24
N LYS C 319 -7.66 -21.03 22.35
CA LYS C 319 -8.97 -20.46 22.65
C LYS C 319 -9.23 -20.37 24.15
N ALA C 320 -8.80 -21.38 24.91
CA ALA C 320 -9.02 -21.38 26.36
C ALA C 320 -8.10 -20.40 27.08
N LEU C 321 -6.87 -20.22 26.59
CA LEU C 321 -5.93 -19.31 27.22
C LEU C 321 -6.24 -17.84 26.97
N GLN C 322 -7.01 -17.54 25.92
CA GLN C 322 -7.34 -16.14 25.61
C GLN C 322 -8.37 -15.57 26.56
N HIS C 323 -9.33 -16.39 27.02
CA HIS C 323 -10.34 -15.91 27.94
C HIS C 323 -9.79 -15.65 29.33
N ALA C 324 -8.83 -16.46 29.76
CA ALA C 324 -8.23 -16.30 31.09
C ALA C 324 -7.24 -15.15 31.15
N ALA C 325 -6.85 -14.59 30.01
CA ALA C 325 -5.91 -13.48 29.97
C ALA C 325 -6.60 -12.12 30.04
N LEU C 326 -7.91 -12.10 30.27
CA LEU C 326 -8.65 -10.84 30.35
C LEU C 326 -8.50 -10.15 31.70
N ALA C 327 -7.96 -10.84 32.71
CA ALA C 327 -7.80 -10.21 34.02
C ALA C 327 -6.66 -9.20 34.02
N VAL C 328 -5.67 -9.38 33.14
CA VAL C 328 -4.54 -8.46 33.05
C VAL C 328 -4.70 -7.44 31.94
N ASN C 329 -5.72 -7.57 31.10
CA ASN C 329 -5.99 -6.63 30.00
C ASN C 329 -4.78 -6.53 29.06
N ARG C 330 -4.24 -7.69 28.69
CA ARG C 330 -3.09 -7.77 27.80
C ARG C 330 -3.40 -8.74 26.67
N LYS C 331 -3.03 -8.36 25.45
CA LYS C 331 -3.25 -9.17 24.27
C LYS C 331 -1.94 -9.81 23.82
N LEU C 332 -2.00 -11.10 23.49
CA LEU C 332 -0.83 -11.85 23.05
C LEU C 332 -0.93 -12.08 21.55
N GLU C 333 0.14 -11.73 20.83
CA GLU C 333 0.20 -11.91 19.38
C GLU C 333 0.83 -13.26 19.07
N LEU C 334 0.07 -14.13 18.41
CA LEU C 334 0.53 -15.47 18.07
C LEU C 334 1.16 -15.48 16.68
N VAL C 335 2.30 -16.15 16.57
CA VAL C 335 3.02 -16.26 15.29
C VAL C 335 3.07 -17.73 14.89
N PHE C 336 3.85 -18.03 13.86
CA PHE C 336 4.00 -19.39 13.35
C PHE C 336 5.49 -19.69 13.19
N ILE C 337 6.01 -20.54 14.07
CA ILE C 337 7.41 -20.95 14.05
C ILE C 337 7.46 -22.47 13.95
N GLU C 338 8.04 -22.96 12.86
CA GLU C 338 8.14 -24.40 12.63
C GLU C 338 9.49 -24.91 13.12
N SER C 339 9.46 -26.00 13.88
CA SER C 339 10.67 -26.60 14.42
C SER C 339 11.26 -27.69 13.52
N CYS C 340 10.56 -28.07 12.45
CA CYS C 340 11.06 -29.11 11.57
C CYS C 340 12.21 -28.58 10.70
N LEU C 341 11.95 -27.52 9.93
CA LEU C 341 12.97 -26.93 9.07
C LEU C 341 13.76 -25.90 9.90
N LEU C 342 14.68 -26.42 10.69
CA LEU C 342 15.50 -25.56 11.55
C LEU C 342 16.85 -26.24 11.84
N GLU C 343 16.88 -27.56 11.74
CA GLU C 343 18.10 -28.32 12.01
C GLU C 343 19.06 -28.26 10.83
N GLU C 344 19.67 -29.39 10.50
CA GLU C 344 20.62 -29.45 9.40
C GLU C 344 19.96 -29.49 8.02
N GLU C 345 18.63 -29.64 7.97
CA GLU C 345 17.94 -29.68 6.68
C GLU C 345 17.78 -28.30 6.08
N THR C 346 17.95 -27.24 6.88
CA THR C 346 17.83 -25.87 6.41
C THR C 346 19.16 -25.13 6.39
N LEU C 347 20.01 -25.33 7.41
CA LEU C 347 21.29 -24.64 7.46
C LEU C 347 22.21 -25.10 6.34
N HIS C 348 22.13 -26.38 5.96
CA HIS C 348 22.99 -26.88 4.88
C HIS C 348 22.39 -26.59 3.50
N SER C 349 21.07 -26.53 3.40
CA SER C 349 20.42 -26.26 2.12
C SER C 349 20.37 -24.76 1.85
N GLU C 350 19.22 -24.14 2.08
CA GLU C 350 19.06 -22.71 1.86
C GLU C 350 18.79 -22.01 3.19
N PRO C 351 19.74 -21.24 3.72
CA PRO C 351 19.52 -20.54 5.00
C PRO C 351 18.60 -19.33 4.85
N SER C 352 17.31 -19.60 4.72
CA SER C 352 16.30 -18.55 4.57
C SER C 352 15.22 -18.62 5.62
N LYS C 353 14.70 -19.81 5.91
CA LYS C 353 13.65 -20.00 6.92
C LYS C 353 14.21 -20.34 8.29
N TYR C 354 15.50 -20.14 8.51
CA TYR C 354 16.14 -20.43 9.78
C TYR C 354 16.43 -19.16 10.58
N HIS C 355 17.20 -18.24 10.00
CA HIS C 355 17.55 -17.02 10.72
C HIS C 355 16.38 -16.08 10.90
N LYS C 356 15.30 -16.26 10.13
CA LYS C 356 14.13 -15.39 10.27
C LYS C 356 13.29 -15.77 11.48
N GLU C 357 13.23 -17.06 11.83
CA GLU C 357 12.42 -17.48 12.96
C GLU C 357 13.02 -17.03 14.28
N TRP C 358 14.34 -16.89 14.36
CA TRP C 358 14.99 -16.45 15.59
C TRP C 358 14.84 -14.96 15.85
N GLN C 359 14.29 -14.20 14.90
CA GLN C 359 14.12 -12.76 15.07
C GLN C 359 12.84 -12.40 15.80
N LYS C 360 12.00 -13.37 16.14
CA LYS C 360 10.74 -13.10 16.83
C LYS C 360 10.66 -13.85 18.17
N LEU C 361 11.80 -14.23 18.75
CA LEU C 361 11.79 -14.94 20.02
C LEU C 361 12.90 -14.53 20.97
N CYS C 362 13.84 -13.68 20.56
CA CYS C 362 14.91 -13.27 21.45
C CYS C 362 14.46 -12.23 22.47
N ASP C 363 13.49 -11.39 22.09
CA ASP C 363 12.94 -10.39 23.00
C ASP C 363 11.51 -10.69 23.43
N SER C 364 11.07 -11.93 23.24
CA SER C 364 9.71 -12.32 23.62
C SER C 364 9.64 -12.56 25.13
N HIS C 365 8.41 -12.75 25.61
CA HIS C 365 8.16 -12.99 27.03
C HIS C 365 7.67 -14.40 27.32
N GLY C 366 6.97 -15.04 26.39
CA GLY C 366 6.47 -16.38 26.60
C GLY C 366 6.91 -17.36 25.52
N ILE C 367 7.86 -18.23 25.85
CA ILE C 367 8.38 -19.24 24.94
C ILE C 367 7.82 -20.59 25.37
N LEU C 368 7.14 -21.27 24.44
CA LEU C 368 6.55 -22.57 24.71
C LEU C 368 7.46 -23.68 24.22
N VAL C 369 7.06 -24.92 24.51
CA VAL C 369 7.80 -26.12 24.16
C VAL C 369 6.91 -26.97 23.25
N PRO C 370 7.41 -27.43 22.10
CA PRO C 370 6.57 -28.28 21.23
C PRO C 370 6.45 -29.70 21.75
N GLY C 371 6.64 -30.68 20.87
CA GLY C 371 6.54 -32.07 21.25
C GLY C 371 7.55 -32.96 20.55
N GLY C 372 7.07 -33.99 19.86
CA GLY C 372 7.94 -34.90 19.15
C GLY C 372 7.18 -35.89 18.29
N PHE C 373 7.50 -35.91 16.99
CA PHE C 373 6.84 -36.80 16.03
C PHE C 373 7.88 -37.79 15.49
N GLY C 374 8.11 -38.85 16.26
CA GLY C 374 9.05 -39.88 15.87
C GLY C 374 10.48 -39.38 15.74
N SER C 375 10.89 -39.06 14.52
CA SER C 375 12.25 -38.56 14.27
C SER C 375 12.21 -37.38 13.31
N ARG C 376 11.17 -36.54 13.41
CA ARG C 376 11.02 -35.37 12.56
C ARG C 376 11.39 -34.08 13.30
N GLY C 377 12.39 -34.14 14.17
CA GLY C 377 12.82 -32.98 14.92
C GLY C 377 13.35 -33.32 16.29
N MET C 378 14.66 -33.17 16.49
CA MET C 378 15.28 -33.45 17.79
C MET C 378 16.42 -32.53 18.15
N GLU C 379 17.05 -31.84 17.21
CA GLU C 379 18.16 -30.95 17.50
C GLU C 379 17.73 -29.50 17.65
N GLY C 380 16.75 -29.07 16.86
CA GLY C 380 16.29 -27.69 16.94
C GLY C 380 15.54 -27.39 18.22
N LYS C 381 14.90 -28.40 18.81
CA LYS C 381 14.16 -28.21 20.06
C LYS C 381 15.07 -28.07 21.27
N ILE C 382 16.35 -28.43 21.15
CA ILE C 382 17.28 -28.32 22.27
C ILE C 382 17.85 -26.91 22.38
N ARG C 383 18.26 -26.32 21.25
CA ARG C 383 18.81 -24.98 21.25
C ARG C 383 17.76 -23.89 21.45
N ALA C 384 16.47 -24.24 21.38
CA ALA C 384 15.41 -23.25 21.54
C ALA C 384 15.10 -22.95 23.00
N CYS C 385 15.30 -23.91 23.90
CA CYS C 385 15.00 -23.71 25.31
C CYS C 385 16.20 -23.16 26.08
N GLN C 386 17.41 -23.58 25.74
CA GLN C 386 18.61 -23.10 26.43
C GLN C 386 18.95 -21.67 26.06
N TRP C 387 18.51 -21.19 24.90
CA TRP C 387 18.80 -19.82 24.50
C TRP C 387 17.99 -18.81 25.31
N ALA C 388 16.78 -19.19 25.74
CA ALA C 388 15.95 -18.29 26.51
C ALA C 388 16.36 -18.24 27.98
N ARG C 389 16.94 -19.33 28.49
CA ARG C 389 17.36 -19.35 29.88
C ARG C 389 18.61 -18.52 30.12
N GLU C 390 19.52 -18.46 29.14
CA GLU C 390 20.73 -17.67 29.31
C GLU C 390 20.44 -16.17 29.24
N ASN C 391 19.40 -15.77 28.52
CA ASN C 391 19.01 -14.37 28.39
C ASN C 391 17.92 -13.98 29.38
N GLN C 392 17.99 -14.52 30.60
CA GLN C 392 17.05 -14.29 31.70
C GLN C 392 15.61 -14.18 31.25
N LYS C 393 15.20 -14.99 30.27
CA LYS C 393 13.80 -14.93 29.88
C LYS C 393 13.01 -16.06 30.53
N PRO C 394 11.81 -15.77 31.02
CA PRO C 394 11.00 -16.80 31.67
C PRO C 394 10.45 -17.80 30.67
N LEU C 395 10.10 -18.98 31.19
CA LEU C 395 9.55 -20.06 30.39
C LEU C 395 8.25 -20.55 31.02
N LEU C 396 7.58 -21.46 30.32
CA LEU C 396 6.32 -22.03 30.77
C LEU C 396 6.45 -23.55 30.87
N GLY C 397 5.55 -24.14 31.64
CA GLY C 397 5.55 -25.59 31.83
C GLY C 397 4.70 -26.33 30.81
N ILE C 398 5.33 -26.84 29.76
CA ILE C 398 4.65 -27.58 28.70
C ILE C 398 5.15 -29.01 28.71
N CYS C 399 4.26 -29.96 28.46
CA CYS C 399 4.63 -31.36 28.43
C CYS C 399 5.48 -31.67 27.19
N LEU C 400 5.94 -32.91 27.11
CA LEU C 400 6.82 -33.36 26.03
C LEU C 400 8.07 -32.50 25.93
N GLY C 401 8.56 -32.05 27.08
CA GLY C 401 9.75 -31.21 27.11
C GLY C 401 10.75 -31.64 28.17
N LEU C 402 10.37 -32.61 28.99
CA LEU C 402 11.27 -33.11 30.02
C LEU C 402 12.44 -33.90 29.45
N GLN C 403 12.29 -34.45 28.24
CA GLN C 403 13.38 -35.18 27.61
C GLN C 403 14.46 -34.26 27.08
N ALA C 404 14.09 -33.04 26.68
CA ALA C 404 15.07 -32.08 26.15
C ALA C 404 15.55 -31.11 27.21
N ALA C 405 14.84 -30.98 28.33
CA ALA C 405 15.28 -30.05 29.39
C ALA C 405 16.48 -30.60 30.15
N VAL C 406 16.59 -31.94 30.25
CA VAL C 406 17.72 -32.54 30.95
C VAL C 406 18.96 -32.63 30.08
N ILE C 407 18.85 -32.37 28.79
CA ILE C 407 20.01 -32.44 27.90
C ILE C 407 20.80 -31.13 27.95
N GLU C 408 20.10 -30.00 27.83
CA GLU C 408 20.79 -28.70 27.87
C GLU C 408 21.28 -28.35 29.26
N PHE C 409 20.71 -28.95 30.31
CA PHE C 409 21.16 -28.67 31.67
C PHE C 409 22.44 -29.41 32.01
N ALA C 410 22.64 -30.59 31.43
CA ALA C 410 23.85 -31.37 31.72
C ALA C 410 25.04 -30.94 30.89
N ARG C 411 24.81 -30.21 29.79
CA ARG C 411 25.91 -29.77 28.93
C ARG C 411 26.39 -28.36 29.27
N ASN C 412 25.50 -27.51 29.81
CA ASN C 412 25.88 -26.15 30.16
C ASN C 412 26.39 -26.05 31.59
N LYS C 413 25.69 -26.65 32.55
CA LYS C 413 26.13 -26.61 33.93
C LYS C 413 27.28 -27.58 34.19
N LEU C 414 27.32 -28.70 33.46
CA LEU C 414 28.37 -29.69 33.65
C LEU C 414 29.11 -29.93 32.34
N GLY C 415 28.73 -30.98 31.62
CA GLY C 415 29.36 -31.31 30.36
C GLY C 415 29.15 -32.75 29.94
N LEU C 416 27.91 -33.23 30.04
CA LEU C 416 27.57 -34.60 29.67
C LEU C 416 27.09 -34.60 28.23
N LYS C 417 28.00 -34.91 27.31
CA LYS C 417 27.67 -34.96 25.89
C LYS C 417 27.03 -36.27 25.48
N ASP C 418 27.29 -37.36 26.22
CA ASP C 418 26.73 -38.65 25.86
C ASP C 418 25.21 -38.67 26.03
N ALA C 419 24.68 -37.89 26.96
CA ALA C 419 23.24 -37.85 27.19
C ALA C 419 22.57 -37.15 26.01
N ASN C 420 21.91 -37.92 25.16
CA ASN C 420 21.23 -37.37 23.99
C ASN C 420 19.76 -37.74 23.98
N THR C 421 19.19 -37.92 22.81
CA THR C 421 17.78 -38.27 22.68
C THR C 421 17.58 -39.75 23.00
N THR C 422 16.66 -40.04 23.91
CA THR C 422 16.39 -41.41 24.33
C THR C 422 15.10 -41.98 23.73
N GLU C 423 14.21 -41.12 23.22
CA GLU C 423 12.96 -41.59 22.64
C GLU C 423 13.12 -42.08 21.21
N ILE C 424 14.29 -41.94 20.61
CA ILE C 424 14.55 -42.37 19.24
C ILE C 424 15.49 -43.57 19.21
N ASP C 425 16.69 -43.42 19.77
CA ASP C 425 17.68 -44.50 19.81
C ASP C 425 18.16 -44.68 21.25
N PRO C 426 17.60 -45.64 21.99
CA PRO C 426 18.03 -45.87 23.38
C PRO C 426 19.27 -46.74 23.47
N ASN C 427 20.40 -46.16 23.08
CA ASN C 427 21.68 -46.86 23.11
C ASN C 427 22.74 -46.12 23.90
N THR C 428 22.45 -44.93 24.40
CA THR C 428 23.43 -44.17 25.17
C THR C 428 23.57 -44.73 26.58
N ALA C 429 24.66 -44.34 27.24
CA ALA C 429 24.92 -44.80 28.60
C ALA C 429 24.34 -43.88 29.66
N ASN C 430 24.22 -42.59 29.37
CA ASN C 430 23.67 -41.61 30.32
C ASN C 430 22.20 -41.33 30.01
N ALA C 431 21.42 -42.38 29.78
CA ALA C 431 19.99 -42.23 29.48
C ALA C 431 19.26 -41.93 30.78
N LEU C 432 18.93 -40.65 30.99
CA LEU C 432 18.25 -40.26 32.22
C LEU C 432 16.78 -40.68 32.18
N VAL C 433 16.03 -40.15 31.22
CA VAL C 433 14.60 -40.45 31.06
C VAL C 433 14.46 -41.53 30.01
N ILE C 434 13.98 -42.71 30.43
CA ILE C 434 13.77 -43.83 29.52
C ILE C 434 12.28 -44.15 29.45
N ASP C 435 11.94 -45.28 28.83
CA ASP C 435 10.56 -45.71 28.68
C ASP C 435 10.29 -46.82 29.70
N MET C 436 9.53 -46.49 30.73
CA MET C 436 9.16 -47.43 31.79
C MET C 436 7.65 -47.35 32.01
N PRO C 437 6.90 -48.42 31.76
CA PRO C 437 5.44 -48.36 31.98
C PRO C 437 5.07 -48.44 33.45
N GLU C 438 3.78 -48.54 33.73
CA GLU C 438 3.31 -48.62 35.11
C GLU C 438 3.42 -50.06 35.61
N HIS C 439 4.10 -50.24 36.74
CA HIS C 439 4.28 -51.54 37.35
C HIS C 439 3.47 -51.71 38.64
N HIS C 440 2.54 -50.80 38.91
CA HIS C 440 1.72 -50.89 40.11
C HIS C 440 0.37 -51.51 39.82
N THR C 441 -0.66 -51.10 40.54
CA THR C 441 -2.01 -51.61 40.33
C THR C 441 -2.70 -50.87 39.19
N GLY C 442 -3.82 -51.43 38.75
CA GLY C 442 -4.58 -50.84 37.67
C GLY C 442 -4.08 -51.25 36.29
N GLN C 443 -2.98 -50.64 35.86
CA GLN C 443 -2.39 -50.93 34.55
C GLN C 443 -1.26 -51.92 34.73
N LEU C 444 -1.28 -53.01 33.97
CA LEU C 444 -0.27 -54.05 34.02
C LEU C 444 0.39 -54.19 32.66
N GLY C 445 1.72 -54.34 32.67
CA GLY C 445 2.46 -54.48 31.43
C GLY C 445 2.77 -53.14 30.79
N GLY C 446 3.15 -53.21 29.52
CA GLY C 446 3.50 -52.02 28.77
C GLY C 446 2.28 -51.20 28.38
N THR C 447 1.87 -50.28 29.24
CA THR C 447 0.72 -49.42 29.02
C THR C 447 1.21 -47.97 28.85
N MET C 448 0.37 -47.01 29.20
CA MET C 448 0.69 -45.59 29.09
C MET C 448 0.54 -44.93 30.45
N ARG C 449 1.45 -43.99 30.75
CA ARG C 449 1.44 -43.30 32.04
C ARG C 449 0.41 -42.17 32.00
N LEU C 450 -0.84 -42.55 32.29
CA LEU C 450 -1.94 -41.59 32.33
C LEU C 450 -3.06 -42.18 33.17
N GLY C 451 -4.06 -41.35 33.44
CA GLY C 451 -5.23 -41.76 34.19
C GLY C 451 -5.44 -40.88 35.41
N LYS C 452 -6.48 -41.24 36.18
CA LYS C 452 -6.82 -40.51 37.39
C LYS C 452 -5.76 -40.74 38.47
N ARG C 453 -4.73 -39.91 38.49
CA ARG C 453 -3.64 -40.02 39.45
C ARG C 453 -3.67 -38.84 40.41
N ILE C 454 -3.22 -39.09 41.64
CA ILE C 454 -3.18 -38.08 42.68
C ILE C 454 -1.78 -37.46 42.69
N THR C 455 -1.71 -36.15 42.53
CA THR C 455 -0.45 -35.41 42.52
C THR C 455 -0.32 -34.64 43.84
N VAL C 456 0.73 -34.93 44.59
CA VAL C 456 0.99 -34.29 45.88
C VAL C 456 2.29 -33.49 45.76
N PHE C 457 2.22 -32.22 46.16
CA PHE C 457 3.39 -31.35 46.10
C PHE C 457 4.34 -31.66 47.25
N SER C 458 5.48 -30.98 47.25
CA SER C 458 6.50 -31.17 48.28
C SER C 458 6.83 -29.89 49.03
N ASP C 459 7.10 -28.80 48.31
CA ASP C 459 7.44 -27.54 48.96
C ASP C 459 6.19 -26.73 49.26
N GLY C 460 6.32 -25.40 49.30
CA GLY C 460 5.21 -24.53 49.59
C GLY C 460 5.20 -23.27 48.74
N PRO C 461 6.04 -22.31 49.10
CA PRO C 461 6.08 -21.05 48.34
C PRO C 461 6.67 -21.24 46.94
N SER C 462 5.85 -21.01 45.92
CA SER C 462 6.27 -21.13 44.53
C SER C 462 5.36 -20.26 43.67
N VAL C 463 5.28 -20.57 42.38
CA VAL C 463 4.45 -19.81 41.45
C VAL C 463 3.29 -20.62 40.90
N ILE C 464 3.28 -21.94 41.07
CA ILE C 464 2.22 -22.80 40.58
C ILE C 464 1.49 -23.50 41.72
N ARG C 465 1.52 -22.92 42.91
CA ARG C 465 0.86 -23.51 44.06
C ARG C 465 0.09 -22.46 44.86
N GLN C 466 0.60 -21.22 44.86
CA GLN C 466 -0.05 -20.15 45.61
C GLN C 466 -1.32 -19.66 44.93
N LEU C 467 -1.53 -20.02 43.67
CA LEU C 467 -2.72 -19.57 42.94
C LEU C 467 -3.95 -20.44 43.23
N TYR C 468 -3.75 -21.63 43.79
CA TYR C 468 -4.84 -22.54 44.12
C TYR C 468 -5.30 -22.41 45.56
N GLY C 469 -4.98 -21.30 46.22
CA GLY C 469 -5.38 -21.12 47.61
C GLY C 469 -4.65 -22.01 48.59
N ASN C 470 -3.37 -22.31 48.32
CA ASN C 470 -2.54 -23.17 49.16
C ASN C 470 -3.19 -24.53 49.34
N PRO C 471 -3.16 -25.40 48.32
CA PRO C 471 -3.77 -26.72 48.45
C PRO C 471 -2.84 -27.71 49.14
N LYS C 472 -3.04 -29.01 48.87
CA LYS C 472 -2.20 -30.05 49.44
C LYS C 472 -2.22 -31.29 48.56
N SER C 473 -3.27 -31.44 47.75
CA SER C 473 -3.40 -32.59 46.87
C SER C 473 -4.35 -32.20 45.73
N VAL C 474 -3.79 -31.87 44.57
CA VAL C 474 -4.57 -31.48 43.40
C VAL C 474 -4.63 -32.65 42.44
N GLN C 475 -5.81 -32.86 41.85
CA GLN C 475 -6.04 -33.95 40.91
C GLN C 475 -5.70 -33.47 39.50
N GLU C 476 -4.61 -34.00 38.94
CA GLU C 476 -4.17 -33.65 37.61
C GLU C 476 -3.93 -34.91 36.80
N ARG C 477 -4.09 -34.78 35.48
CA ARG C 477 -3.90 -35.89 34.56
C ARG C 477 -2.72 -35.60 33.64
N HIS C 478 -2.06 -36.67 33.20
CA HIS C 478 -0.89 -36.59 32.33
C HIS C 478 -1.20 -37.28 31.00
N ARG C 479 -0.24 -37.18 30.07
CA ARG C 479 -0.38 -37.79 28.75
C ARG C 479 1.05 -38.01 28.20
N HIS C 480 1.72 -39.01 28.75
CA HIS C 480 3.07 -39.36 28.33
C HIS C 480 3.32 -40.82 28.69
N ARG C 481 4.51 -41.31 28.32
CA ARG C 481 4.88 -42.69 28.59
C ARG C 481 6.30 -42.84 29.12
N TYR C 482 7.10 -41.79 29.14
CA TYR C 482 8.48 -41.85 29.62
C TYR C 482 8.53 -41.35 31.06
N GLU C 483 9.30 -42.06 31.89
CA GLU C 483 9.45 -41.71 33.29
C GLU C 483 10.91 -41.44 33.61
N VAL C 484 11.13 -40.71 34.71
CA VAL C 484 12.47 -40.35 35.15
C VAL C 484 12.99 -41.44 36.08
N ASN C 485 14.24 -41.83 35.90
CA ASN C 485 14.84 -42.87 36.73
C ASN C 485 15.28 -42.27 38.07
N PRO C 486 14.92 -42.90 39.20
CA PRO C 486 15.33 -42.36 40.49
C PRO C 486 16.80 -42.58 40.82
N LYS C 487 17.52 -43.34 40.00
CA LYS C 487 18.94 -43.61 40.25
C LYS C 487 19.86 -42.69 39.48
N TYR C 488 19.34 -41.93 38.51
CA TYR C 488 20.15 -41.02 37.71
C TYR C 488 19.85 -39.55 38.04
N VAL C 489 19.34 -39.28 39.24
CA VAL C 489 19.02 -37.91 39.64
C VAL C 489 19.99 -37.47 40.73
N HIS C 490 21.20 -38.06 40.72
CA HIS C 490 22.18 -37.71 41.74
C HIS C 490 22.75 -36.32 41.51
N LEU C 491 22.94 -35.92 40.25
CA LEU C 491 23.48 -34.61 39.93
C LEU C 491 22.42 -33.51 39.95
N LEU C 492 21.14 -33.86 40.09
CA LEU C 492 20.09 -32.86 40.16
C LEU C 492 19.84 -32.36 41.57
N GLU C 493 20.32 -33.08 42.59
CA GLU C 493 20.10 -32.69 43.98
C GLU C 493 21.26 -31.88 44.54
N GLU C 494 22.46 -32.06 44.02
CA GLU C 494 23.64 -31.33 44.50
C GLU C 494 23.77 -29.96 43.87
N GLN C 495 22.85 -29.56 42.99
CA GLN C 495 22.84 -28.25 42.37
C GLN C 495 21.58 -27.49 42.79
N GLY C 496 21.21 -26.48 42.01
CA GLY C 496 20.03 -25.70 42.29
C GLY C 496 18.83 -26.14 41.47
N MET C 497 18.56 -27.44 41.47
CA MET C 497 17.45 -28.03 40.72
C MET C 497 16.54 -28.75 41.73
N ARG C 498 15.70 -27.97 42.41
CA ARG C 498 14.81 -28.52 43.41
C ARG C 498 13.60 -29.19 42.75
N PHE C 499 12.77 -29.82 43.59
CA PHE C 499 11.56 -30.50 43.14
C PHE C 499 10.40 -30.01 43.99
N VAL C 500 9.56 -29.15 43.43
CA VAL C 500 8.44 -28.57 44.17
C VAL C 500 7.17 -29.36 43.86
N GLY C 501 7.32 -30.61 43.45
CA GLY C 501 6.18 -31.45 43.14
C GLY C 501 6.55 -32.88 42.83
N THR C 502 6.09 -33.81 43.66
CA THR C 502 6.38 -35.23 43.46
C THR C 502 5.09 -36.02 43.25
N ASP C 503 5.14 -37.32 43.49
CA ASP C 503 3.99 -38.20 43.36
C ASP C 503 3.64 -38.79 44.72
N VAL C 504 2.78 -39.82 44.71
CA VAL C 504 2.37 -40.47 45.95
C VAL C 504 3.35 -41.53 46.42
N ASP C 505 4.40 -41.79 45.66
CA ASP C 505 5.43 -42.76 46.04
C ASP C 505 6.79 -42.11 46.27
N LYS C 506 6.92 -40.80 46.01
CA LYS C 506 8.18 -40.08 46.17
C LYS C 506 9.29 -40.71 45.34
N THR C 507 8.97 -41.04 44.08
CA THR C 507 9.94 -41.65 43.18
C THR C 507 9.98 -40.90 41.85
N ARG C 508 8.81 -40.60 41.28
CA ARG C 508 8.70 -39.91 40.00
C ARG C 508 8.73 -38.41 40.23
N MET C 509 9.71 -37.74 39.61
CA MET C 509 9.83 -36.29 39.71
C MET C 509 9.10 -35.67 38.52
N GLU C 510 7.79 -35.47 38.70
CA GLU C 510 6.97 -34.93 37.62
C GLU C 510 7.08 -33.42 37.51
N ILE C 511 7.45 -32.73 38.59
CA ILE C 511 7.57 -31.28 38.61
C ILE C 511 9.00 -30.93 38.99
N ILE C 512 9.66 -30.14 38.15
CA ILE C 512 11.03 -29.71 38.38
C ILE C 512 11.09 -28.19 38.33
N GLU C 513 12.06 -27.63 39.04
CA GLU C 513 12.22 -26.19 39.10
C GLU C 513 13.71 -25.87 39.25
N LEU C 514 14.17 -24.85 38.53
CA LEU C 514 15.57 -24.44 38.56
C LEU C 514 15.71 -23.22 39.45
N SER C 515 16.51 -23.34 40.50
CA SER C 515 16.73 -22.22 41.41
C SER C 515 17.56 -21.14 40.75
N GLY C 516 17.39 -19.90 41.21
CA GLY C 516 18.09 -18.76 40.67
C GLY C 516 17.38 -18.07 39.52
N HIS C 517 16.60 -18.82 38.75
CA HIS C 517 15.86 -18.23 37.64
C HIS C 517 14.68 -17.42 38.17
N PRO C 518 14.39 -16.25 37.59
CA PRO C 518 13.30 -15.43 38.11
C PRO C 518 11.93 -16.07 37.92
N TYR C 519 11.72 -16.84 36.85
CA TYR C 519 10.42 -17.48 36.62
C TYR C 519 10.66 -18.69 35.72
N PHE C 520 10.79 -19.87 36.33
CA PHE C 520 11.02 -21.11 35.61
C PHE C 520 9.93 -22.11 36.01
N VAL C 521 9.09 -22.48 35.04
CA VAL C 521 8.00 -23.42 35.27
C VAL C 521 8.21 -24.62 34.35
N ALA C 522 8.15 -25.82 34.92
CA ALA C 522 8.32 -27.04 34.15
C ALA C 522 7.64 -28.19 34.89
N THR C 523 6.76 -28.89 34.20
CA THR C 523 6.03 -30.00 34.80
C THR C 523 5.68 -30.99 33.68
N GLN C 524 4.71 -31.86 33.95
CA GLN C 524 4.29 -32.87 32.99
C GLN C 524 2.82 -32.81 32.60
N TYR C 525 1.95 -32.29 33.46
CA TYR C 525 0.54 -32.20 33.13
C TYR C 525 0.29 -31.05 32.17
N HIS C 526 -0.97 -30.93 31.72
CA HIS C 526 -1.35 -29.91 30.74
C HIS C 526 -2.30 -28.92 31.40
N PRO C 527 -1.82 -27.81 31.94
CA PRO C 527 -2.70 -26.80 32.54
C PRO C 527 -3.42 -25.93 31.52
N GLU C 528 -3.07 -26.03 30.23
CA GLU C 528 -3.72 -25.19 29.22
C GLU C 528 -5.14 -25.63 28.94
N TYR C 529 -5.42 -26.94 28.97
CA TYR C 529 -6.76 -27.43 28.73
C TYR C 529 -7.72 -27.11 29.87
N LEU C 530 -7.20 -26.86 31.07
CA LEU C 530 -8.02 -26.50 32.22
C LEU C 530 -8.16 -25.00 32.40
N SER C 531 -7.91 -24.23 31.35
CA SER C 531 -8.01 -22.78 31.43
C SER C 531 -9.46 -22.32 31.47
N ARG C 532 -10.06 -22.34 32.66
CA ARG C 532 -11.44 -21.93 32.82
C ARG C 532 -11.54 -20.40 32.78
N PRO C 533 -12.67 -19.86 32.30
CA PRO C 533 -12.83 -18.40 32.27
C PRO C 533 -12.90 -17.77 33.66
N LEU C 534 -13.26 -18.54 34.69
CA LEU C 534 -13.31 -18.04 36.05
C LEU C 534 -12.09 -18.39 36.87
N LYS C 535 -11.19 -19.23 36.34
CA LYS C 535 -9.97 -19.63 37.04
C LYS C 535 -8.82 -19.64 36.04
N PRO C 536 -7.96 -18.64 36.08
CA PRO C 536 -6.83 -18.59 35.13
C PRO C 536 -5.85 -19.74 35.37
N SER C 537 -5.03 -19.99 34.36
CA SER C 537 -4.04 -21.05 34.43
C SER C 537 -2.82 -20.60 35.25
N PRO C 538 -2.14 -21.53 35.90
CA PRO C 538 -0.97 -21.18 36.71
C PRO C 538 0.13 -20.50 35.90
N PRO C 539 0.63 -21.10 34.79
CA PRO C 539 1.90 -20.62 34.25
C PRO C 539 1.81 -19.32 33.46
N PHE C 540 0.92 -19.27 32.45
CA PHE C 540 0.88 -18.11 31.56
C PHE C 540 0.35 -16.87 32.27
N LEU C 541 -0.42 -17.02 33.35
CA LEU C 541 -0.95 -15.86 34.04
C LEU C 541 0.09 -15.25 34.99
N GLY C 542 0.90 -16.10 35.63
CA GLY C 542 1.92 -15.60 36.53
C GLY C 542 3.07 -14.90 35.84
N LEU C 543 3.23 -15.10 34.53
CA LEU C 543 4.32 -14.44 33.81
C LEU C 543 3.98 -12.99 33.50
N ILE C 544 2.72 -12.71 33.17
CA ILE C 544 2.32 -11.34 32.87
C ILE C 544 2.22 -10.51 34.14
N LEU C 545 1.77 -11.14 35.24
CA LEU C 545 1.63 -10.41 36.50
C LEU C 545 2.99 -10.04 37.07
N ALA C 546 3.99 -10.92 36.93
CA ALA C 546 5.32 -10.68 37.43
C ALA C 546 6.20 -9.93 36.43
N SER C 547 5.62 -9.39 35.35
CA SER C 547 6.38 -8.66 34.35
C SER C 547 6.42 -7.17 34.67
N VAL C 548 5.27 -6.51 34.64
CA VAL C 548 5.19 -5.09 34.94
C VAL C 548 4.46 -4.78 36.24
N ASP C 549 3.68 -5.72 36.78
CA ASP C 549 2.94 -5.54 38.03
C ASP C 549 2.03 -4.31 37.95
N ARG C 550 1.24 -4.24 36.88
CA ARG C 550 0.32 -3.13 36.66
C ARG C 550 -1.05 -3.53 37.21
N LEU C 551 -1.38 -3.03 38.40
CA LEU C 551 -2.65 -3.33 39.04
C LEU C 551 -3.52 -2.10 39.26
N ASN C 552 -3.03 -0.91 38.90
CA ASN C 552 -3.79 0.33 39.06
C ASN C 552 -4.60 0.70 37.82
N GLN C 553 -5.01 -0.29 37.03
CA GLN C 553 -5.79 -0.03 35.82
C GLN C 553 -7.29 -0.13 36.06
N TYR C 554 -7.73 -1.00 36.97
CA TYR C 554 -9.16 -1.15 37.23
C TYR C 554 -9.73 0.09 37.92
N ILE C 555 -8.90 0.84 38.65
CA ILE C 555 -9.36 2.04 39.35
C ILE C 555 -9.44 3.25 38.43
N GLN C 556 -8.97 3.13 37.19
CA GLN C 556 -9.00 4.26 36.26
C GLN C 556 -10.30 4.32 35.45
N ARG C 557 -10.90 3.16 35.14
CA ARG C 557 -12.14 3.13 34.38
C ARG C 557 -13.30 3.61 35.22
N GLY C 558 -13.73 2.81 36.18
CA GLY C 558 -14.83 3.19 37.05
C GLY C 558 -16.20 3.03 36.44
N CYS C 559 -16.38 2.02 35.58
CA CYS C 559 -17.65 1.73 34.93
C CYS C 559 -18.15 2.93 34.13
N ARG C 560 -17.71 3.05 32.89
CA ARG C 560 -18.15 4.17 32.05
C ARG C 560 -19.62 4.04 31.70
N LEU C 561 -20.06 2.85 31.32
CA LEU C 561 -21.46 2.61 30.96
C LEU C 561 -22.26 2.36 32.24
N SER C 562 -22.54 3.43 32.96
CA SER C 562 -23.29 3.35 34.20
C SER C 562 -24.68 3.97 34.05
N MET D 1 -16.73 -41.16 -39.93
CA MET D 1 -16.11 -42.34 -39.35
C MET D 1 -15.56 -42.03 -37.96
N LYS D 2 -15.10 -40.81 -37.76
CA LYS D 2 -14.55 -40.36 -36.48
C LYS D 2 -15.53 -39.40 -35.81
N TYR D 3 -15.90 -39.72 -34.57
CA TYR D 3 -16.83 -38.91 -33.79
C TYR D 3 -16.26 -38.73 -32.40
N ILE D 4 -15.91 -37.49 -32.06
CA ILE D 4 -15.35 -37.16 -30.74
C ILE D 4 -16.27 -36.14 -30.09
N LEU D 5 -16.81 -36.48 -28.93
CA LEU D 5 -17.69 -35.59 -28.21
C LEU D 5 -16.88 -34.54 -27.43
N VAL D 6 -17.45 -33.34 -27.34
CA VAL D 6 -16.83 -32.22 -26.63
C VAL D 6 -17.77 -31.77 -25.54
N THR D 7 -17.30 -31.77 -24.30
CA THR D 7 -18.08 -31.36 -23.15
C THR D 7 -17.80 -29.89 -22.84
N GLY D 8 -18.86 -29.09 -22.77
CA GLY D 8 -18.71 -27.67 -22.48
C GLY D 8 -18.67 -27.38 -20.99
N GLY D 9 -19.74 -26.77 -20.47
CA GLY D 9 -19.81 -26.43 -19.07
C GLY D 9 -21.15 -26.73 -18.45
N VAL D 10 -21.43 -26.14 -17.29
CA VAL D 10 -22.68 -26.34 -16.57
C VAL D 10 -23.57 -25.11 -16.59
N ILE D 11 -23.10 -24.01 -17.18
CA ILE D 11 -23.88 -22.77 -17.24
C ILE D 11 -23.44 -22.00 -18.48
N SER D 12 -24.42 -21.48 -19.22
CA SER D 12 -24.16 -20.71 -20.44
C SER D 12 -23.52 -19.39 -20.06
N GLY D 13 -22.20 -19.30 -20.18
CA GLY D 13 -21.49 -18.08 -19.85
C GLY D 13 -20.51 -18.26 -18.71
N VAL D 14 -19.60 -19.23 -18.84
CA VAL D 14 -18.60 -19.49 -17.80
C VAL D 14 -17.22 -19.52 -18.45
N GLY D 15 -17.17 -19.81 -19.74
CA GLY D 15 -15.91 -19.86 -20.46
C GLY D 15 -15.68 -21.16 -21.18
N LYS D 16 -16.76 -21.81 -21.63
CA LYS D 16 -16.67 -23.06 -22.35
C LYS D 16 -16.33 -22.88 -23.82
N GLY D 17 -16.34 -21.65 -24.33
CA GLY D 17 -16.02 -21.43 -25.73
C GLY D 17 -14.55 -21.56 -26.03
N VAL D 18 -13.68 -21.19 -25.09
CA VAL D 18 -12.24 -21.30 -25.32
C VAL D 18 -11.78 -22.74 -25.20
N ILE D 19 -12.50 -23.56 -24.43
CA ILE D 19 -12.12 -24.97 -24.27
C ILE D 19 -12.47 -25.76 -25.52
N ALA D 20 -13.67 -25.55 -26.08
CA ALA D 20 -14.06 -26.30 -27.26
C ALA D 20 -13.33 -25.82 -28.50
N SER D 21 -12.88 -24.56 -28.51
CA SER D 21 -12.15 -24.04 -29.67
C SER D 21 -10.73 -24.57 -29.74
N SER D 22 -10.20 -25.09 -28.64
CA SER D 22 -8.83 -25.62 -28.66
C SER D 22 -8.77 -26.95 -29.41
N PHE D 23 -9.79 -27.80 -29.24
CA PHE D 23 -9.81 -29.08 -29.93
C PHE D 23 -10.20 -28.95 -31.40
N GLY D 24 -10.81 -27.83 -31.78
CA GLY D 24 -11.20 -27.62 -33.17
C GLY D 24 -10.05 -27.18 -34.05
N THR D 25 -9.18 -26.32 -33.50
CA THR D 25 -8.03 -25.82 -34.24
C THR D 25 -6.86 -26.79 -34.26
N LEU D 26 -6.97 -27.93 -33.56
CA LEU D 26 -5.88 -28.90 -33.56
C LEU D 26 -5.76 -29.60 -34.91
N LEU D 27 -6.88 -30.12 -35.42
CA LEU D 27 -6.87 -30.79 -36.72
C LEU D 27 -6.81 -29.81 -37.87
N LYS D 28 -7.19 -28.55 -37.66
CA LYS D 28 -7.09 -27.55 -38.73
C LYS D 28 -5.64 -27.20 -39.02
N SER D 29 -4.76 -27.28 -38.03
CA SER D 29 -3.36 -26.96 -38.23
C SER D 29 -2.56 -28.13 -38.79
N CYS D 30 -3.11 -29.35 -38.75
CA CYS D 30 -2.42 -30.52 -39.27
C CYS D 30 -2.78 -30.83 -40.72
N GLY D 31 -3.67 -30.06 -41.33
CA GLY D 31 -4.07 -30.28 -42.70
C GLY D 31 -5.42 -30.92 -42.90
N LEU D 32 -6.24 -31.01 -41.86
CA LEU D 32 -7.57 -31.60 -41.93
C LEU D 32 -8.63 -30.51 -41.75
N ASP D 33 -9.90 -30.91 -41.82
CA ASP D 33 -11.02 -30.01 -41.66
C ASP D 33 -12.14 -30.72 -40.92
N VAL D 34 -12.77 -30.01 -39.99
CA VAL D 34 -13.86 -30.56 -39.20
C VAL D 34 -15.05 -29.60 -39.23
N THR D 35 -16.11 -29.94 -38.51
CA THR D 35 -17.30 -29.10 -38.43
C THR D 35 -17.54 -28.62 -37.01
N SER D 36 -18.75 -28.15 -36.73
CA SER D 36 -19.09 -27.66 -35.39
C SER D 36 -20.62 -27.75 -35.22
N ILE D 37 -21.08 -28.89 -34.72
CA ILE D 37 -22.49 -29.13 -34.46
C ILE D 37 -22.65 -29.47 -32.99
N LYS D 38 -23.48 -28.71 -32.29
CA LYS D 38 -23.71 -28.90 -30.87
C LYS D 38 -25.21 -29.13 -30.61
N ILE D 39 -25.57 -29.22 -29.33
CA ILE D 39 -26.95 -29.43 -28.93
C ILE D 39 -27.16 -28.78 -27.57
N ASP D 40 -28.25 -28.02 -27.44
CA ASP D 40 -28.55 -27.32 -26.20
C ASP D 40 -29.61 -28.08 -25.43
N PRO D 41 -29.32 -28.57 -24.23
CA PRO D 41 -30.34 -29.28 -23.44
C PRO D 41 -31.28 -28.34 -22.71
N TYR D 42 -31.83 -27.36 -23.42
CA TYR D 42 -32.75 -26.40 -22.82
C TYR D 42 -34.19 -26.68 -23.25
N ILE D 43 -34.96 -25.64 -23.51
CA ILE D 43 -36.35 -25.79 -23.92
C ILE D 43 -36.45 -25.66 -25.44
N ASN D 44 -36.27 -24.44 -25.95
CA ASN D 44 -36.36 -24.20 -27.38
C ASN D 44 -35.38 -23.11 -27.81
N ILE D 45 -35.75 -22.34 -28.83
CA ILE D 45 -34.89 -21.27 -29.32
C ILE D 45 -34.87 -20.13 -28.32
N ASP D 46 -33.67 -19.61 -28.04
CA ASP D 46 -33.54 -18.52 -27.08
C ASP D 46 -33.94 -17.17 -27.69
N ALA D 47 -33.85 -17.04 -29.01
CA ALA D 47 -34.18 -15.80 -29.71
C ALA D 47 -35.67 -15.71 -30.04
N GLY D 48 -36.53 -16.07 -29.10
CA GLY D 48 -37.97 -16.00 -29.32
C GLY D 48 -38.69 -15.16 -28.28
N THR D 49 -39.16 -15.81 -27.22
CA THR D 49 -39.85 -15.11 -26.14
C THR D 49 -38.90 -14.61 -25.06
N PHE D 50 -37.67 -15.12 -25.02
CA PHE D 50 -36.70 -14.68 -24.03
C PHE D 50 -36.17 -13.29 -24.37
N SER D 51 -35.55 -12.65 -23.38
CA SER D 51 -34.98 -11.34 -23.58
C SER D 51 -33.87 -11.38 -24.63
N PRO D 52 -33.65 -10.28 -25.36
CA PRO D 52 -32.62 -10.30 -26.40
C PRO D 52 -31.20 -10.46 -25.84
N TYR D 53 -30.96 -10.02 -24.61
CA TYR D 53 -29.64 -10.16 -24.00
C TYR D 53 -29.80 -10.19 -22.50
N GLU D 54 -29.26 -11.23 -21.87
CA GLU D 54 -29.31 -11.38 -20.42
C GLU D 54 -28.34 -12.46 -19.96
N HIS D 55 -28.38 -13.62 -20.62
CA HIS D 55 -27.48 -14.72 -20.33
C HIS D 55 -26.76 -15.24 -21.57
N GLY D 56 -27.41 -15.19 -22.74
CA GLY D 56 -26.81 -15.66 -23.97
C GLY D 56 -26.73 -14.54 -24.99
N GLU D 57 -25.55 -14.40 -25.60
CA GLU D 57 -25.31 -13.35 -26.59
C GLU D 57 -25.80 -13.85 -27.94
N VAL D 58 -26.95 -13.34 -28.37
CA VAL D 58 -27.56 -13.70 -29.65
C VAL D 58 -27.28 -12.60 -30.65
N TYR D 59 -26.73 -12.98 -31.81
CA TYR D 59 -26.40 -12.01 -32.85
C TYR D 59 -26.87 -12.48 -34.22
N VAL D 60 -26.06 -12.27 -35.24
CA VAL D 60 -26.44 -12.60 -36.61
C VAL D 60 -25.18 -12.79 -37.45
N LEU D 61 -24.09 -13.20 -36.78
CA LEU D 61 -22.81 -13.40 -37.44
C LEU D 61 -22.91 -14.43 -38.55
N ASP D 62 -23.13 -13.96 -39.78
CA ASP D 62 -23.20 -14.82 -40.97
C ASP D 62 -24.30 -15.88 -40.83
N ASP D 63 -25.54 -15.40 -40.91
CA ASP D 63 -26.70 -16.26 -40.81
C ASP D 63 -27.92 -15.49 -41.30
N GLY D 64 -28.86 -16.21 -41.92
CA GLY D 64 -30.07 -15.63 -42.45
C GLY D 64 -31.26 -15.66 -41.52
N ALA D 65 -31.08 -16.06 -40.26
CA ALA D 65 -32.18 -16.13 -39.31
C ALA D 65 -31.69 -15.94 -37.89
N GLU D 66 -31.91 -16.93 -37.03
CA GLU D 66 -31.47 -16.88 -35.65
C GLU D 66 -30.23 -17.73 -35.46
N VAL D 67 -29.42 -17.36 -34.46
CA VAL D 67 -28.18 -18.07 -34.16
C VAL D 67 -28.25 -18.65 -32.76
N ASP D 68 -27.15 -19.23 -32.30
CA ASP D 68 -27.09 -19.80 -30.96
C ASP D 68 -26.60 -18.76 -29.96
N LEU D 69 -25.40 -18.97 -29.40
CA LEU D 69 -24.84 -18.03 -28.44
C LEU D 69 -23.33 -18.19 -28.35
N ASP D 70 -22.81 -19.32 -28.82
CA ASP D 70 -21.38 -19.63 -28.76
C ASP D 70 -20.87 -20.08 -30.13
N LEU D 71 -21.22 -19.31 -31.16
CA LEU D 71 -20.80 -19.62 -32.54
C LEU D 71 -19.97 -18.50 -33.15
N GLY D 72 -19.58 -17.50 -32.36
CA GLY D 72 -18.79 -16.39 -32.88
C GLY D 72 -17.30 -16.69 -32.90
N ASN D 73 -16.83 -17.43 -31.89
CA ASN D 73 -15.41 -17.77 -31.81
C ASN D 73 -15.02 -18.89 -32.78
N TYR D 74 -15.98 -19.72 -33.20
CA TYR D 74 -15.65 -20.81 -34.12
C TYR D 74 -15.39 -20.30 -35.53
N GLU D 75 -16.15 -19.30 -35.99
CA GLU D 75 -15.95 -18.77 -37.32
C GLU D 75 -14.70 -17.90 -37.40
N ARG D 76 -14.34 -17.24 -36.30
CA ARG D 76 -13.17 -16.37 -36.30
C ARG D 76 -11.87 -17.19 -36.18
N PHE D 77 -11.86 -18.20 -35.32
CA PHE D 77 -10.67 -19.03 -35.16
C PHE D 77 -10.52 -20.00 -36.34
N LEU D 78 -11.50 -20.87 -36.54
CA LEU D 78 -11.45 -21.84 -37.63
C LEU D 78 -11.84 -21.17 -38.95
N ASP D 79 -11.80 -21.96 -40.02
CA ASP D 79 -12.14 -21.48 -41.35
C ASP D 79 -13.51 -21.98 -41.80
N VAL D 80 -14.38 -22.29 -40.84
CA VAL D 80 -15.72 -22.78 -41.14
C VAL D 80 -16.73 -21.71 -40.73
N THR D 81 -17.96 -21.88 -41.20
CA THR D 81 -19.06 -20.97 -40.91
C THR D 81 -20.24 -21.75 -40.34
N LEU D 82 -21.31 -21.03 -40.01
CA LEU D 82 -22.52 -21.60 -39.45
C LEU D 82 -23.70 -21.23 -40.31
N HIS D 83 -24.64 -22.17 -40.46
CA HIS D 83 -25.85 -21.99 -41.24
C HIS D 83 -27.07 -22.14 -40.32
N ARG D 84 -28.21 -22.55 -40.89
CA ARG D 84 -29.43 -22.73 -40.12
C ARG D 84 -29.55 -24.12 -39.50
N ASP D 85 -28.74 -25.08 -39.94
CA ASP D 85 -28.77 -26.44 -39.42
C ASP D 85 -27.71 -26.67 -38.35
N ASN D 86 -27.25 -25.60 -37.70
CA ASN D 86 -26.24 -25.70 -36.66
C ASN D 86 -26.74 -25.37 -35.26
N ASN D 87 -27.80 -24.58 -35.14
CA ASN D 87 -28.36 -24.23 -33.83
C ASN D 87 -29.39 -25.27 -33.39
N ILE D 88 -28.92 -26.49 -33.24
CA ILE D 88 -29.77 -27.61 -32.85
C ILE D 88 -30.08 -27.50 -31.37
N THR D 89 -31.37 -27.50 -31.03
CA THR D 89 -31.84 -27.43 -29.66
C THR D 89 -32.97 -28.44 -29.47
N THR D 90 -33.44 -28.54 -28.22
CA THR D 90 -34.52 -29.48 -27.92
C THR D 90 -35.85 -29.03 -28.51
N GLY D 91 -36.03 -27.73 -28.76
CA GLY D 91 -37.27 -27.26 -29.33
C GLY D 91 -37.42 -27.60 -30.80
N LYS D 92 -36.31 -27.62 -31.54
CA LYS D 92 -36.36 -27.94 -32.96
C LYS D 92 -36.68 -29.41 -33.18
N ILE D 93 -36.23 -30.29 -32.29
CA ILE D 93 -36.51 -31.71 -32.43
C ILE D 93 -37.99 -31.99 -32.20
N TYR D 94 -38.59 -31.34 -31.20
CA TYR D 94 -40.00 -31.54 -30.88
C TYR D 94 -40.93 -31.06 -31.99
N LYS D 95 -40.45 -30.27 -32.94
CA LYS D 95 -41.30 -29.81 -34.03
C LYS D 95 -41.61 -30.92 -35.03
N LEU D 96 -40.77 -31.95 -35.11
CA LEU D 96 -40.99 -33.05 -36.04
C LEU D 96 -41.40 -34.35 -35.36
N VAL D 97 -41.12 -34.52 -34.07
CA VAL D 97 -41.51 -35.74 -33.37
C VAL D 97 -43.02 -35.79 -33.21
N ILE D 98 -43.64 -34.65 -32.90
CA ILE D 98 -45.10 -34.61 -32.78
C ILE D 98 -45.76 -34.72 -34.15
N GLU D 99 -45.07 -34.28 -35.20
CA GLU D 99 -45.64 -34.31 -36.53
C GLU D 99 -45.59 -35.72 -37.13
N LYS D 100 -44.53 -36.47 -36.86
CA LYS D 100 -44.40 -37.81 -37.44
C LYS D 100 -45.36 -38.80 -36.78
N GLU D 101 -45.71 -38.58 -35.52
CA GLU D 101 -46.65 -39.46 -34.83
C GLU D 101 -48.09 -39.11 -35.12
N ARG D 102 -48.36 -37.93 -35.67
CA ARG D 102 -49.72 -37.53 -36.00
C ARG D 102 -50.08 -37.83 -37.46
N THR D 103 -49.10 -37.75 -38.37
CA THR D 103 -49.38 -38.06 -39.77
C THR D 103 -49.56 -39.56 -39.98
N GLY D 104 -48.54 -40.35 -39.62
CA GLY D 104 -48.63 -41.79 -39.75
C GLY D 104 -47.56 -42.39 -40.63
N GLU D 105 -46.39 -42.66 -40.04
CA GLU D 105 -45.30 -43.28 -40.77
C GLU D 105 -44.85 -44.60 -40.19
N TYR D 106 -45.07 -44.84 -38.90
CA TYR D 106 -44.72 -46.09 -38.23
C TYR D 106 -45.97 -46.83 -37.77
N LEU D 107 -47.03 -46.75 -38.56
CA LEU D 107 -48.32 -47.38 -38.30
C LEU D 107 -48.96 -46.90 -36.99
N GLY D 108 -48.49 -45.79 -36.43
CA GLY D 108 -49.06 -45.27 -35.21
C GLY D 108 -48.88 -46.15 -34.00
N LYS D 109 -47.77 -46.88 -33.92
CA LYS D 109 -47.53 -47.76 -32.78
C LYS D 109 -47.19 -46.94 -31.55
N THR D 110 -47.91 -47.20 -30.45
CA THR D 110 -47.69 -46.48 -29.19
C THR D 110 -46.54 -47.15 -28.45
N VAL D 111 -45.40 -46.47 -28.38
CA VAL D 111 -44.23 -46.99 -27.68
C VAL D 111 -43.93 -46.10 -26.47
N GLN D 112 -42.74 -46.26 -25.91
CA GLN D 112 -42.34 -45.48 -24.74
C GLN D 112 -41.42 -44.33 -25.14
N VAL D 113 -40.18 -44.65 -25.49
CA VAL D 113 -39.19 -43.65 -25.88
C VAL D 113 -38.15 -44.29 -26.78
N VAL D 114 -37.98 -45.61 -26.65
CA VAL D 114 -37.00 -46.35 -27.44
C VAL D 114 -37.70 -47.47 -28.20
N PRO D 115 -37.24 -47.85 -29.39
CA PRO D 115 -36.11 -47.24 -30.10
C PRO D 115 -36.53 -46.15 -31.08
N HIS D 116 -37.18 -45.09 -30.57
CA HIS D 116 -37.64 -44.00 -31.42
C HIS D 116 -36.86 -42.72 -31.18
N ILE D 117 -36.40 -42.48 -29.95
CA ILE D 117 -35.63 -41.28 -29.67
C ILE D 117 -34.15 -41.50 -29.93
N THR D 118 -33.63 -42.68 -29.58
CA THR D 118 -32.22 -42.96 -29.81
C THR D 118 -31.91 -43.02 -31.30
N ASP D 119 -32.86 -43.48 -32.11
CA ASP D 119 -32.69 -43.53 -33.55
C ASP D 119 -32.97 -42.19 -34.23
N ALA D 120 -33.71 -41.28 -33.57
CA ALA D 120 -33.97 -39.98 -34.16
C ALA D 120 -32.74 -39.10 -34.15
N ILE D 121 -31.88 -39.24 -33.15
CA ILE D 121 -30.65 -38.46 -33.09
C ILE D 121 -29.67 -38.88 -34.17
N GLN D 122 -29.76 -40.14 -34.63
CA GLN D 122 -28.85 -40.60 -35.67
C GLN D 122 -29.08 -39.88 -36.99
N GLU D 123 -30.30 -39.40 -37.22
CA GLU D 123 -30.58 -38.66 -38.46
C GLU D 123 -29.99 -37.26 -38.42
N TRP D 124 -29.68 -36.74 -37.23
CA TRP D 124 -29.09 -35.40 -37.13
C TRP D 124 -27.56 -35.45 -37.21
N VAL D 125 -26.96 -36.60 -36.91
CA VAL D 125 -25.50 -36.69 -36.94
C VAL D 125 -25.02 -37.18 -38.30
N GLU D 126 -25.72 -38.15 -38.89
CA GLU D 126 -25.31 -38.70 -40.18
C GLU D 126 -25.61 -37.74 -41.34
N ARG D 127 -26.38 -36.68 -41.10
CA ARG D 127 -26.72 -35.74 -42.16
C ARG D 127 -25.74 -34.57 -42.23
N VAL D 128 -25.25 -34.11 -41.08
CA VAL D 128 -24.30 -32.98 -41.04
C VAL D 128 -22.88 -33.53 -41.10
N ALA D 129 -22.75 -34.84 -41.31
CA ALA D 129 -21.43 -35.45 -41.37
C ALA D 129 -20.74 -35.17 -42.70
N GLN D 130 -21.35 -35.59 -43.80
CA GLN D 130 -20.79 -35.40 -45.13
C GLN D 130 -21.21 -34.09 -45.77
N THR D 131 -21.83 -33.19 -45.02
CA THR D 131 -22.27 -31.88 -45.52
C THR D 131 -21.62 -30.80 -44.66
N PRO D 132 -20.37 -30.45 -44.94
CA PRO D 132 -19.70 -29.41 -44.14
C PRO D 132 -20.11 -28.01 -44.55
N VAL D 133 -19.12 -27.13 -44.75
CA VAL D 133 -19.38 -25.76 -45.17
C VAL D 133 -18.77 -25.53 -46.55
N GLN D 134 -18.83 -24.28 -47.02
CA GLN D 134 -18.28 -23.92 -48.33
C GLN D 134 -16.78 -23.69 -48.18
N GLY D 135 -16.04 -24.78 -48.17
CA GLY D 135 -14.59 -24.72 -48.04
C GLY D 135 -13.93 -26.08 -47.99
N SER D 136 -14.74 -27.14 -47.92
CA SER D 136 -14.22 -28.49 -47.86
C SER D 136 -15.20 -29.43 -48.56
N SER D 137 -14.72 -30.64 -48.86
CA SER D 137 -15.55 -31.64 -49.53
C SER D 137 -16.26 -32.52 -48.51
N LYS D 138 -15.54 -33.45 -47.91
CA LYS D 138 -16.11 -34.37 -46.92
C LYS D 138 -15.14 -34.46 -45.74
N PRO D 139 -15.52 -33.96 -44.57
CA PRO D 139 -14.60 -34.04 -43.42
C PRO D 139 -14.51 -35.46 -42.89
N GLN D 140 -13.28 -35.88 -42.58
CA GLN D 140 -13.07 -37.22 -42.06
C GLN D 140 -13.43 -37.31 -40.58
N VAL D 141 -13.22 -36.25 -39.83
CA VAL D 141 -13.54 -36.20 -38.40
C VAL D 141 -14.78 -35.32 -38.22
N CYS D 142 -15.82 -35.87 -37.61
CA CYS D 142 -17.07 -35.16 -37.36
C CYS D 142 -17.29 -35.14 -35.86
N ILE D 143 -16.89 -34.05 -35.21
CA ILE D 143 -17.03 -33.88 -33.78
C ILE D 143 -18.41 -33.32 -33.47
N VAL D 144 -18.93 -33.70 -32.31
CA VAL D 144 -20.24 -33.25 -31.84
C VAL D 144 -20.04 -32.62 -30.47
N GLU D 145 -20.16 -31.30 -30.41
CA GLU D 145 -19.97 -30.58 -29.16
C GLU D 145 -21.22 -30.66 -28.29
N LEU D 146 -21.08 -30.23 -27.03
CA LEU D 146 -22.20 -30.24 -26.09
C LEU D 146 -22.08 -29.00 -25.21
N GLY D 147 -22.94 -28.01 -25.47
CA GLY D 147 -22.95 -26.78 -24.72
C GLY D 147 -24.07 -26.71 -23.71
N GLY D 148 -24.23 -25.54 -23.11
CA GLY D 148 -25.27 -25.32 -22.13
C GLY D 148 -24.99 -26.00 -20.81
N THR D 149 -25.86 -26.92 -20.42
CA THR D 149 -25.74 -27.67 -19.18
C THR D 149 -25.39 -29.13 -19.48
N ILE D 150 -25.19 -29.90 -18.41
CA ILE D 150 -24.86 -31.31 -18.53
C ILE D 150 -25.36 -32.03 -17.28
N GLY D 151 -26.00 -33.18 -17.49
CA GLY D 151 -26.52 -33.96 -16.37
C GLY D 151 -27.82 -33.39 -15.82
N ASP D 152 -28.93 -33.74 -16.44
CA ASP D 152 -30.24 -33.25 -16.02
C ASP D 152 -31.24 -34.38 -16.19
N ILE D 153 -32.52 -34.02 -16.38
CA ILE D 153 -33.55 -35.03 -16.56
C ILE D 153 -33.49 -35.62 -17.96
N GLU D 154 -33.33 -34.76 -18.98
CA GLU D 154 -33.28 -35.19 -20.36
C GLU D 154 -31.94 -35.84 -20.72
N GLY D 155 -31.02 -35.99 -19.77
CA GLY D 155 -29.75 -36.61 -20.02
C GLY D 155 -29.74 -38.11 -20.09
N MET D 156 -30.91 -38.75 -19.93
CA MET D 156 -30.95 -40.21 -19.98
C MET D 156 -30.83 -40.74 -21.41
N PRO D 157 -31.60 -40.27 -22.39
CA PRO D 157 -31.43 -40.79 -23.77
C PRO D 157 -30.11 -40.37 -24.40
N PHE D 158 -29.43 -39.34 -23.87
CA PHE D 158 -28.15 -38.94 -24.43
C PHE D 158 -27.07 -39.97 -24.13
N VAL D 159 -27.19 -40.70 -23.01
CA VAL D 159 -26.20 -41.72 -22.68
C VAL D 159 -26.38 -42.94 -23.57
N GLU D 160 -27.63 -43.35 -23.80
CA GLU D 160 -27.89 -44.52 -24.64
C GLU D 160 -27.58 -44.26 -26.11
N ALA D 161 -27.53 -43.00 -26.52
CA ALA D 161 -27.23 -42.67 -27.92
C ALA D 161 -25.74 -42.63 -28.21
N PHE D 162 -24.92 -42.29 -27.22
CA PHE D 162 -23.47 -42.23 -27.44
C PHE D 162 -22.87 -43.63 -27.53
N ARG D 163 -23.41 -44.59 -26.78
CA ARG D 163 -22.88 -45.95 -26.81
C ARG D 163 -23.32 -46.73 -28.03
N GLN D 164 -24.34 -46.26 -28.75
CA GLN D 164 -24.80 -46.96 -29.94
C GLN D 164 -23.79 -46.86 -31.07
N PHE D 165 -23.21 -45.67 -31.27
CA PHE D 165 -22.21 -45.50 -32.32
C PHE D 165 -20.88 -46.15 -31.97
N GLN D 166 -20.64 -46.47 -30.69
CA GLN D 166 -19.38 -47.06 -30.26
C GLN D 166 -19.41 -48.58 -30.31
N PHE D 167 -20.54 -49.19 -29.96
CA PHE D 167 -20.62 -50.65 -29.94
C PHE D 167 -20.67 -51.25 -31.34
N ARG D 168 -20.91 -50.43 -32.37
CA ARG D 168 -20.97 -50.92 -33.74
C ARG D 168 -19.64 -50.83 -34.47
N VAL D 169 -18.71 -50.02 -33.97
CA VAL D 169 -17.40 -49.88 -34.60
C VAL D 169 -16.32 -50.30 -33.60
N LYS D 170 -15.06 -50.05 -33.95
CA LYS D 170 -13.95 -50.40 -33.08
C LYS D 170 -13.85 -49.42 -31.91
N ARG D 171 -12.98 -49.73 -30.96
CA ARG D 171 -12.78 -48.89 -29.79
C ARG D 171 -11.81 -47.74 -30.03
N GLU D 172 -11.23 -47.64 -31.23
CA GLU D 172 -10.29 -46.58 -31.56
C GLU D 172 -10.95 -45.40 -32.26
N ASN D 173 -12.22 -45.13 -31.98
CA ASN D 173 -12.94 -44.03 -32.62
C ASN D 173 -13.64 -43.09 -31.65
N PHE D 174 -13.68 -43.41 -30.36
CA PHE D 174 -14.37 -42.58 -29.39
C PHE D 174 -13.51 -42.41 -28.15
N CYS D 175 -13.59 -41.22 -27.54
CA CYS D 175 -12.85 -40.91 -26.32
C CYS D 175 -13.77 -40.13 -25.40
N LEU D 176 -14.25 -40.78 -24.34
CA LEU D 176 -15.18 -40.12 -23.43
C LEU D 176 -14.46 -39.10 -22.55
N ALA D 177 -15.06 -37.93 -22.42
CA ALA D 177 -14.50 -36.86 -21.60
C ALA D 177 -15.64 -36.09 -20.95
N HIS D 178 -15.77 -36.18 -19.63
CA HIS D 178 -16.84 -35.51 -18.92
C HIS D 178 -16.43 -34.09 -18.53
N VAL D 179 -16.64 -33.72 -17.27
CA VAL D 179 -16.31 -32.39 -16.78
C VAL D 179 -16.15 -32.46 -15.27
N SER D 180 -15.13 -31.77 -14.76
CA SER D 180 -14.86 -31.76 -13.32
C SER D 180 -14.15 -30.45 -12.99
N LEU D 181 -14.88 -29.52 -12.38
CA LEU D 181 -14.30 -28.24 -11.99
C LEU D 181 -13.46 -28.40 -10.73
N VAL D 182 -12.44 -27.55 -10.62
CA VAL D 182 -11.53 -27.58 -9.48
C VAL D 182 -11.72 -26.33 -8.64
N PRO D 183 -12.48 -26.38 -7.55
CA PRO D 183 -12.65 -25.20 -6.71
C PRO D 183 -11.44 -24.95 -5.82
N LEU D 184 -11.29 -23.69 -5.42
CA LEU D 184 -10.19 -23.27 -4.56
C LEU D 184 -10.76 -22.64 -3.30
N PRO D 185 -10.73 -23.33 -2.16
CA PRO D 185 -11.25 -22.74 -0.92
C PRO D 185 -10.32 -21.67 -0.38
N LYS D 186 -10.92 -20.70 0.31
CA LYS D 186 -10.19 -19.58 0.90
C LYS D 186 -9.84 -19.82 2.36
N ALA D 187 -9.92 -21.06 2.84
CA ALA D 187 -9.60 -21.40 4.22
C ALA D 187 -8.35 -22.26 4.32
N THR D 188 -8.35 -23.44 3.70
CA THR D 188 -7.19 -24.32 3.75
C THR D 188 -6.14 -23.88 2.75
N GLY D 189 -6.09 -24.53 1.60
CA GLY D 189 -5.12 -24.19 0.57
C GLY D 189 -4.80 -25.35 -0.35
N GLU D 190 -5.04 -26.56 0.12
CA GLU D 190 -4.77 -27.75 -0.68
C GLU D 190 -5.84 -27.90 -1.76
N PRO D 191 -5.47 -28.03 -3.03
CA PRO D 191 -6.47 -28.17 -4.10
C PRO D 191 -7.16 -29.52 -4.07
N LYS D 192 -8.07 -29.71 -3.13
CA LYS D 192 -8.84 -30.95 -3.02
C LYS D 192 -10.07 -30.84 -3.90
N THR D 193 -10.02 -31.49 -5.06
CA THR D 193 -11.13 -31.42 -6.01
C THR D 193 -12.24 -32.37 -5.60
N LYS D 194 -13.48 -31.89 -5.69
CA LYS D 194 -14.66 -32.66 -5.31
C LYS D 194 -15.44 -33.17 -6.52
N PRO D 195 -15.71 -32.33 -7.54
CA PRO D 195 -16.46 -32.85 -8.71
C PRO D 195 -15.75 -33.95 -9.47
N THR D 196 -14.46 -34.18 -9.23
CA THR D 196 -13.75 -35.25 -9.93
C THR D 196 -14.26 -36.62 -9.49
N GLN D 197 -14.30 -36.87 -8.18
CA GLN D 197 -14.80 -38.14 -7.69
C GLN D 197 -16.30 -38.28 -7.83
N SER D 198 -17.02 -37.17 -8.01
CA SER D 198 -18.47 -37.23 -8.17
C SER D 198 -18.86 -37.48 -9.63
N SER D 199 -18.02 -37.06 -10.58
CA SER D 199 -18.33 -37.29 -11.99
C SER D 199 -18.15 -38.74 -12.38
N VAL D 200 -17.28 -39.47 -11.69
CA VAL D 200 -17.06 -40.88 -11.99
C VAL D 200 -18.28 -41.69 -11.58
N ARG D 201 -18.91 -41.32 -10.46
CA ARG D 201 -20.10 -42.04 -10.00
C ARG D 201 -21.27 -41.85 -10.96
N GLU D 202 -21.37 -40.68 -11.58
CA GLU D 202 -22.47 -40.43 -12.52
C GLU D 202 -22.28 -41.24 -13.80
N LEU D 203 -21.02 -41.44 -14.23
CA LEU D 203 -20.77 -42.22 -15.42
C LEU D 203 -20.99 -43.71 -15.19
N ARG D 204 -20.63 -44.20 -14.00
CA ARG D 204 -20.85 -45.61 -13.68
C ARG D 204 -22.31 -45.93 -13.39
N GLY D 205 -23.11 -44.93 -13.04
CA GLY D 205 -24.52 -45.13 -12.76
C GLY D 205 -25.42 -45.14 -13.98
N CYS D 206 -24.86 -45.04 -15.18
CA CYS D 206 -25.65 -45.05 -16.40
C CYS D 206 -25.10 -46.05 -17.39
N GLY D 207 -23.81 -46.33 -17.31
CA GLY D 207 -23.17 -47.29 -18.21
C GLY D 207 -22.07 -46.69 -19.05
N LEU D 208 -21.24 -45.85 -18.45
CA LEU D 208 -20.12 -45.21 -19.13
C LEU D 208 -18.84 -45.42 -18.35
N SER D 209 -17.71 -45.20 -19.03
CA SER D 209 -16.40 -45.36 -18.42
C SER D 209 -15.48 -44.23 -18.87
N PRO D 210 -14.98 -43.41 -17.95
CA PRO D 210 -14.09 -42.31 -18.35
C PRO D 210 -12.73 -42.84 -18.80
N ASP D 211 -12.18 -42.19 -19.83
CA ASP D 211 -10.90 -42.57 -20.39
C ASP D 211 -9.91 -41.42 -20.44
N LEU D 212 -10.37 -40.20 -20.70
CA LEU D 212 -9.48 -39.04 -20.77
C LEU D 212 -9.37 -38.36 -19.42
N ILE D 213 -8.66 -37.24 -19.37
CA ILE D 213 -8.45 -36.47 -18.16
C ILE D 213 -8.98 -35.06 -18.41
N VAL D 214 -9.95 -34.64 -17.60
CA VAL D 214 -10.55 -33.32 -17.72
C VAL D 214 -10.24 -32.53 -16.46
N CYS D 215 -9.81 -31.28 -16.64
CA CYS D 215 -9.48 -30.42 -15.51
C CYS D 215 -9.58 -28.97 -15.97
N ARG D 216 -9.62 -28.07 -14.98
CA ARG D 216 -9.71 -26.63 -15.25
C ARG D 216 -9.19 -25.88 -14.05
N SER D 217 -8.19 -25.03 -14.27
CA SER D 217 -7.60 -24.24 -13.19
C SER D 217 -7.13 -22.91 -13.78
N GLU D 218 -6.48 -22.09 -12.94
CA GLU D 218 -5.98 -20.80 -13.39
C GLU D 218 -4.56 -20.51 -12.89
N LYS D 219 -3.90 -21.48 -12.26
CA LYS D 219 -2.54 -21.29 -11.76
C LYS D 219 -1.86 -22.65 -11.69
N PRO D 220 -0.55 -22.71 -11.92
CA PRO D 220 0.16 -23.99 -11.86
C PRO D 220 0.11 -24.62 -10.46
N ILE D 221 -0.65 -25.70 -10.31
CA ILE D 221 -0.78 -26.38 -9.04
C ILE D 221 0.39 -27.35 -8.88
N GLY D 222 0.54 -27.89 -7.67
CA GLY D 222 1.63 -28.82 -7.41
C GLY D 222 1.38 -30.19 -8.02
N LEU D 223 2.42 -31.02 -7.95
CA LEU D 223 2.37 -32.37 -8.49
C LEU D 223 1.81 -33.38 -7.49
N GLU D 224 1.46 -32.95 -6.28
CA GLU D 224 0.90 -33.88 -5.29
C GLU D 224 -0.54 -34.26 -5.60
N VAL D 225 -1.23 -33.50 -6.44
CA VAL D 225 -2.61 -33.80 -6.81
C VAL D 225 -2.73 -34.35 -8.21
N LYS D 226 -1.64 -34.41 -8.99
CA LYS D 226 -1.70 -34.96 -10.33
C LYS D 226 -1.91 -36.46 -10.31
N GLU D 227 -1.33 -37.16 -9.32
CA GLU D 227 -1.49 -38.59 -9.21
C GLU D 227 -2.77 -39.00 -8.48
N LYS D 228 -3.54 -38.04 -7.97
CA LYS D 228 -4.77 -38.38 -7.27
C LYS D 228 -5.86 -38.80 -8.25
N ILE D 229 -5.91 -38.16 -9.42
CA ILE D 229 -6.93 -38.50 -10.40
C ILE D 229 -6.55 -39.74 -11.21
N SER D 230 -5.26 -40.05 -11.31
CA SER D 230 -4.83 -41.20 -12.11
C SER D 230 -5.28 -42.51 -11.48
N ASN D 231 -5.17 -42.63 -10.15
CA ASN D 231 -5.57 -43.87 -9.49
C ASN D 231 -7.08 -44.01 -9.41
N PHE D 232 -7.80 -42.89 -9.42
CA PHE D 232 -9.26 -42.93 -9.39
C PHE D 232 -9.88 -43.19 -10.76
N CYS D 233 -9.09 -43.07 -11.83
CA CYS D 233 -9.58 -43.31 -13.19
C CYS D 233 -8.83 -44.41 -13.93
N HIS D 234 -7.77 -44.95 -13.34
CA HIS D 234 -6.97 -46.02 -13.97
C HIS D 234 -6.43 -45.57 -15.32
N VAL D 235 -5.82 -44.38 -15.34
CA VAL D 235 -5.26 -43.81 -16.56
C VAL D 235 -3.75 -43.62 -16.36
N GLY D 236 -3.10 -43.01 -17.35
CA GLY D 236 -1.68 -42.76 -17.28
C GLY D 236 -1.35 -41.56 -16.42
N PRO D 237 -0.29 -41.67 -15.62
CA PRO D 237 0.09 -40.54 -14.75
C PRO D 237 0.69 -39.37 -15.52
N ASP D 238 1.27 -39.61 -16.69
CA ASP D 238 1.86 -38.55 -17.50
C ASP D 238 0.89 -37.97 -18.52
N GLN D 239 -0.41 -38.21 -18.36
CA GLN D 239 -1.42 -37.72 -19.28
C GLN D 239 -2.42 -36.79 -18.58
N VAL D 240 -2.07 -36.27 -17.41
CA VAL D 240 -2.96 -35.37 -16.69
C VAL D 240 -2.80 -33.96 -17.22
N ILE D 241 -3.92 -33.33 -17.57
CA ILE D 241 -3.92 -31.98 -18.12
C ILE D 241 -4.03 -30.99 -16.98
N CYS D 242 -3.07 -30.08 -16.89
CA CYS D 242 -3.04 -29.03 -15.86
C CYS D 242 -3.14 -27.69 -16.59
N ILE D 243 -4.36 -27.32 -16.98
CA ILE D 243 -4.57 -26.09 -17.73
C ILE D 243 -4.74 -24.93 -16.76
N HIS D 244 -4.06 -23.82 -17.03
CA HIS D 244 -4.16 -22.63 -16.20
C HIS D 244 -4.72 -21.46 -17.01
N ASP D 245 -5.93 -21.62 -17.53
CA ASP D 245 -6.55 -20.58 -18.35
C ASP D 245 -6.93 -19.38 -17.49
N LEU D 246 -6.64 -18.18 -18.00
CA LEU D 246 -6.96 -16.95 -17.29
C LEU D 246 -8.14 -16.25 -17.94
N ASN D 247 -7.89 -15.58 -19.08
CA ASN D 247 -8.97 -14.90 -19.78
C ASN D 247 -8.69 -14.73 -21.27
N SER D 248 -7.72 -15.45 -21.83
CA SER D 248 -7.41 -15.35 -23.25
C SER D 248 -7.39 -16.72 -23.90
N ILE D 249 -6.66 -16.85 -25.01
CA ILE D 249 -6.60 -18.11 -25.75
C ILE D 249 -5.20 -18.68 -25.88
N TYR D 250 -4.14 -17.89 -25.63
CA TYR D 250 -2.78 -18.39 -25.79
C TYR D 250 -2.30 -19.19 -24.59
N HIS D 251 -3.15 -19.41 -23.59
CA HIS D 251 -2.81 -20.21 -22.42
C HIS D 251 -3.11 -21.69 -22.61
N VAL D 252 -3.28 -22.14 -23.85
CA VAL D 252 -3.61 -23.52 -24.15
C VAL D 252 -2.49 -24.20 -24.96
N PRO D 253 -2.01 -23.60 -26.07
CA PRO D 253 -0.96 -24.29 -26.83
C PRO D 253 0.37 -24.41 -26.10
N LEU D 254 0.60 -23.61 -25.06
CA LEU D 254 1.84 -23.72 -24.29
C LEU D 254 1.86 -24.93 -23.38
N LEU D 255 0.72 -25.59 -23.18
CA LEU D 255 0.64 -26.77 -22.32
C LEU D 255 0.76 -28.09 -23.08
N MET D 256 0.25 -28.14 -24.31
CA MET D 256 0.30 -29.37 -25.09
C MET D 256 1.73 -29.74 -25.48
N GLU D 257 2.62 -28.76 -25.53
CA GLU D 257 4.01 -28.99 -25.89
C GLU D 257 4.88 -29.38 -24.70
N GLN D 258 4.29 -29.53 -23.52
CA GLN D 258 5.02 -29.89 -22.31
C GLN D 258 4.60 -31.25 -21.74
N ASN D 259 3.29 -31.52 -21.68
CA ASN D 259 2.82 -32.79 -21.17
C ASN D 259 3.05 -33.91 -22.17
N GLY D 260 2.39 -33.83 -23.33
CA GLY D 260 2.53 -34.85 -24.36
C GLY D 260 1.20 -35.39 -24.84
N VAL D 261 0.34 -34.51 -25.33
CA VAL D 261 -0.97 -34.90 -25.82
C VAL D 261 -1.13 -34.70 -27.32
N ILE D 262 -0.18 -34.03 -27.97
CA ILE D 262 -0.29 -33.81 -29.42
C ILE D 262 0.03 -35.07 -30.21
N GLU D 263 0.76 -36.02 -29.62
CA GLU D 263 1.08 -37.27 -30.29
C GLU D 263 0.30 -38.46 -29.74
N TYR D 264 -0.44 -38.29 -28.65
CA TYR D 264 -1.22 -39.39 -28.10
C TYR D 264 -2.47 -39.68 -28.92
N LEU D 265 -3.16 -38.63 -29.36
CA LEU D 265 -4.37 -38.80 -30.16
C LEU D 265 -4.08 -39.18 -31.61
N ASN D 266 -2.83 -39.06 -32.06
CA ASN D 266 -2.50 -39.45 -33.43
C ASN D 266 -2.48 -40.97 -33.57
N GLU D 267 -1.81 -41.66 -32.66
CA GLU D 267 -1.74 -43.12 -32.67
C GLU D 267 -2.94 -43.78 -32.02
N ARG D 268 -3.82 -43.01 -31.37
CA ARG D 268 -4.99 -43.60 -30.74
C ARG D 268 -6.10 -43.88 -31.74
N LEU D 269 -6.30 -42.97 -32.70
CA LEU D 269 -7.33 -43.14 -33.72
C LEU D 269 -6.77 -43.44 -35.10
N GLN D 270 -5.44 -43.60 -35.22
CA GLN D 270 -4.79 -43.89 -36.48
C GLN D 270 -5.15 -42.86 -37.55
N LEU D 271 -4.60 -41.66 -37.44
CA LEU D 271 -4.84 -40.58 -38.38
C LEU D 271 -3.52 -40.08 -38.95
N ASN D 272 -3.63 -39.35 -40.06
CA ASN D 272 -2.43 -38.79 -40.70
C ASN D 272 -1.94 -37.57 -39.95
N ILE D 273 -0.70 -37.18 -40.23
CA ILE D 273 -0.08 -36.02 -39.58
C ILE D 273 0.97 -35.43 -40.51
N ASP D 274 0.95 -34.12 -40.68
CA ASP D 274 1.92 -33.41 -41.52
C ASP D 274 2.96 -32.79 -40.59
N MET D 275 4.01 -33.57 -40.30
CA MET D 275 5.06 -33.12 -39.41
C MET D 275 5.95 -32.09 -40.10
N SER D 276 6.38 -31.08 -39.36
CA SER D 276 7.24 -30.04 -39.89
C SER D 276 8.17 -29.52 -38.80
N LYS D 277 7.59 -29.01 -37.72
CA LYS D 277 8.36 -28.51 -36.59
C LYS D 277 7.97 -29.26 -35.32
N ARG D 278 6.67 -29.34 -35.04
CA ARG D 278 6.19 -30.06 -33.87
C ARG D 278 4.72 -30.44 -34.15
N THR D 279 4.55 -31.60 -34.81
CA THR D 279 3.24 -32.09 -35.23
C THR D 279 2.50 -31.05 -36.06
N LYS D 280 1.81 -30.12 -35.39
CA LYS D 280 1.07 -29.07 -36.07
C LYS D 280 1.91 -27.80 -36.16
N CYS D 281 1.51 -26.92 -37.06
CA CYS D 281 2.21 -25.65 -37.25
C CYS D 281 1.95 -24.73 -36.05
N LEU D 282 3.02 -24.28 -35.41
CA LEU D 282 2.91 -23.44 -34.23
C LEU D 282 3.42 -22.01 -34.45
N GLN D 283 4.18 -21.78 -35.52
CA GLN D 283 4.71 -20.44 -35.78
C GLN D 283 3.62 -19.42 -36.07
N GLN D 284 2.43 -19.88 -36.47
CA GLN D 284 1.33 -18.95 -36.72
C GLN D 284 0.74 -18.39 -35.43
N TRP D 285 0.75 -19.18 -34.36
CA TRP D 285 0.21 -18.74 -33.07
C TRP D 285 1.24 -18.06 -32.19
N ARG D 286 2.53 -18.35 -32.38
CA ARG D 286 3.56 -17.74 -31.55
C ARG D 286 3.77 -16.27 -31.93
N ASP D 287 3.54 -15.91 -33.19
CA ASP D 287 3.70 -14.54 -33.62
C ASP D 287 2.61 -13.61 -33.12
N LEU D 288 1.45 -14.14 -32.73
CA LEU D 288 0.34 -13.35 -32.22
C LEU D 288 0.21 -13.43 -30.71
N ALA D 289 0.93 -14.33 -30.05
CA ALA D 289 0.87 -14.49 -28.60
C ALA D 289 1.95 -13.70 -27.88
N ARG D 290 3.20 -13.81 -28.32
CA ARG D 290 4.29 -13.07 -27.67
C ARG D 290 4.24 -11.59 -28.03
N ARG D 291 3.85 -11.26 -29.26
CA ARG D 291 3.75 -9.86 -29.67
C ARG D 291 2.61 -9.12 -28.97
N THR D 292 1.58 -9.85 -28.53
CA THR D 292 0.45 -9.19 -27.87
C THR D 292 0.85 -8.64 -26.51
N GLU D 293 1.64 -9.40 -25.74
CA GLU D 293 2.05 -9.00 -24.41
C GLU D 293 3.26 -8.07 -24.40
N THR D 294 3.53 -7.38 -25.51
CA THR D 294 4.64 -6.44 -25.59
C THR D 294 4.19 -5.03 -25.93
N VAL D 295 2.89 -4.74 -25.86
CA VAL D 295 2.36 -3.42 -26.16
C VAL D 295 1.67 -2.88 -24.91
N ARG D 296 1.61 -1.56 -24.81
CA ARG D 296 0.98 -0.90 -23.69
C ARG D 296 0.66 0.55 -24.06
N ARG D 297 -0.35 1.10 -23.41
CA ARG D 297 -0.76 2.47 -23.67
C ARG D 297 -1.52 3.04 -22.47
N GLU D 298 -2.42 2.24 -21.90
CA GLU D 298 -3.24 2.65 -20.76
C GLU D 298 -4.01 3.94 -21.05
N VAL D 299 -4.70 3.94 -22.18
CA VAL D 299 -5.50 5.09 -22.60
C VAL D 299 -6.89 4.96 -22.03
N CYS D 300 -7.50 6.09 -21.68
CA CYS D 300 -8.84 6.12 -21.10
C CYS D 300 -9.85 5.85 -22.20
N ILE D 301 -10.52 4.70 -22.13
CA ILE D 301 -11.56 4.32 -23.08
C ILE D 301 -12.80 3.92 -22.29
N ALA D 302 -13.91 4.58 -22.55
CA ALA D 302 -15.16 4.35 -21.82
C ALA D 302 -16.11 3.52 -22.68
N VAL D 303 -16.65 2.46 -22.10
CA VAL D 303 -17.62 1.61 -22.78
C VAL D 303 -18.88 1.53 -21.91
N VAL D 304 -20.02 1.33 -22.56
CA VAL D 304 -21.32 1.26 -21.89
C VAL D 304 -21.94 -0.09 -22.22
N GLY D 305 -22.32 -0.83 -21.19
CA GLY D 305 -22.95 -2.13 -21.38
C GLY D 305 -24.40 -2.15 -20.95
N LYS D 306 -24.68 -2.71 -19.77
CA LYS D 306 -26.04 -2.78 -19.26
C LYS D 306 -26.04 -2.81 -17.74
N TYR D 307 -25.23 -3.69 -17.15
CA TYR D 307 -25.12 -3.78 -15.70
C TYR D 307 -23.68 -3.56 -15.26
N THR D 308 -23.35 -4.03 -14.05
CA THR D 308 -22.00 -3.90 -13.52
C THR D 308 -21.22 -5.21 -13.50
N LYS D 309 -21.91 -6.35 -13.50
CA LYS D 309 -21.26 -7.65 -13.49
C LYS D 309 -20.95 -8.08 -14.92
N PHE D 310 -20.52 -9.33 -15.09
CA PHE D 310 -20.19 -9.88 -16.40
C PHE D 310 -21.49 -10.21 -17.13
N THR D 311 -21.92 -9.31 -18.02
CA THR D 311 -23.13 -9.51 -18.78
C THR D 311 -22.82 -10.25 -20.08
N ASP D 312 -23.79 -10.30 -20.99
CA ASP D 312 -23.64 -10.99 -22.27
C ASP D 312 -23.69 -10.02 -23.45
N SER D 313 -23.41 -8.74 -23.22
CA SER D 313 -23.42 -7.74 -24.27
C SER D 313 -22.04 -7.47 -24.86
N TYR D 314 -20.98 -8.07 -24.29
CA TYR D 314 -19.63 -7.85 -24.81
C TYR D 314 -18.71 -9.03 -24.48
N ALA D 315 -19.27 -10.23 -24.33
CA ALA D 315 -18.44 -11.40 -24.03
C ALA D 315 -17.59 -11.79 -25.23
N SER D 316 -18.18 -11.83 -26.42
CA SER D 316 -17.48 -12.17 -27.65
C SER D 316 -17.12 -10.94 -28.47
N VAL D 317 -17.32 -9.74 -27.93
CA VAL D 317 -17.01 -8.50 -28.65
C VAL D 317 -15.65 -7.96 -28.26
N VAL D 318 -15.32 -7.95 -26.96
CA VAL D 318 -14.04 -7.42 -26.50
C VAL D 318 -12.87 -8.33 -26.83
N LYS D 319 -13.14 -9.57 -27.24
CA LYS D 319 -12.07 -10.50 -27.58
C LYS D 319 -11.65 -10.38 -29.04
N ALA D 320 -12.61 -10.17 -29.94
CA ALA D 320 -12.29 -10.06 -31.36
C ALA D 320 -11.64 -8.73 -31.71
N LEU D 321 -12.03 -7.65 -31.00
CA LEU D 321 -11.47 -6.34 -31.28
C LEU D 321 -10.05 -6.17 -30.74
N GLN D 322 -9.65 -7.00 -29.78
CA GLN D 322 -8.31 -6.88 -29.21
C GLN D 322 -7.24 -7.43 -30.15
N HIS D 323 -7.56 -8.48 -30.92
CA HIS D 323 -6.57 -9.04 -31.83
C HIS D 323 -6.34 -8.14 -33.03
N ALA D 324 -7.38 -7.44 -33.50
CA ALA D 324 -7.25 -6.54 -34.64
C ALA D 324 -6.56 -5.23 -34.29
N ALA D 325 -6.38 -4.93 -33.01
CA ALA D 325 -5.72 -3.70 -32.57
C ALA D 325 -4.22 -3.86 -32.42
N LEU D 326 -3.65 -5.00 -32.83
CA LEU D 326 -2.22 -5.24 -32.73
C LEU D 326 -1.44 -4.56 -33.84
N ALA D 327 -2.10 -4.08 -34.90
CA ALA D 327 -1.39 -3.41 -35.98
C ALA D 327 -0.89 -2.03 -35.57
N VAL D 328 -1.58 -1.38 -34.63
CA VAL D 328 -1.18 -0.05 -34.17
C VAL D 328 -0.37 -0.10 -32.88
N ASN D 329 -0.27 -1.28 -32.24
CA ASN D 329 0.51 -1.44 -31.01
C ASN D 329 0.01 -0.51 -29.91
N ARG D 330 -1.32 -0.47 -29.74
CA ARG D 330 -1.96 0.37 -28.73
C ARG D 330 -2.92 -0.47 -27.90
N LYS D 331 -2.89 -0.26 -26.60
CA LYS D 331 -3.75 -1.00 -25.67
C LYS D 331 -4.90 -0.12 -25.22
N LEU D 332 -6.11 -0.68 -25.24
CA LEU D 332 -7.32 0.02 -24.84
C LEU D 332 -7.77 -0.50 -23.48
N GLU D 333 -7.96 0.41 -22.54
CA GLU D 333 -8.40 0.05 -21.20
C GLU D 333 -9.92 0.07 -21.14
N LEU D 334 -10.50 -1.01 -20.61
CA LEU D 334 -11.94 -1.16 -20.52
C LEU D 334 -12.41 -0.86 -19.10
N VAL D 335 -13.51 -0.10 -19.02
CA VAL D 335 -14.11 0.26 -17.73
C VAL D 335 -15.53 -0.28 -17.68
N PHE D 336 -16.28 0.13 -16.66
CA PHE D 336 -17.67 -0.30 -16.47
C PHE D 336 -18.55 0.92 -16.25
N ILE D 337 -19.43 1.20 -17.19
CA ILE D 337 -20.36 2.32 -17.11
C ILE D 337 -21.77 1.79 -17.30
N GLU D 338 -22.61 1.95 -16.29
CA GLU D 338 -23.99 1.49 -16.33
C GLU D 338 -24.90 2.65 -16.69
N SER D 339 -25.75 2.43 -17.70
CA SER D 339 -26.69 3.45 -18.16
C SER D 339 -28.03 3.38 -17.45
N CYS D 340 -28.23 2.41 -16.56
CA CYS D 340 -29.50 2.30 -15.85
C CYS D 340 -29.60 3.33 -14.73
N LEU D 341 -28.55 3.47 -13.92
CA LEU D 341 -28.53 4.43 -12.81
C LEU D 341 -27.78 5.67 -13.29
N LEU D 342 -28.50 6.54 -13.97
CA LEU D 342 -27.92 7.79 -14.49
C LEU D 342 -29.01 8.81 -14.75
N GLU D 343 -30.24 8.34 -14.99
CA GLU D 343 -31.36 9.23 -15.28
C GLU D 343 -31.89 9.88 -14.00
N GLU D 344 -33.20 10.09 -13.94
CA GLU D 344 -33.83 10.72 -12.79
C GLU D 344 -33.93 9.80 -11.58
N GLU D 345 -33.61 8.51 -11.74
CA GLU D 345 -33.66 7.56 -10.64
C GLU D 345 -32.40 7.56 -9.79
N THR D 346 -31.47 8.49 -10.05
CA THR D 346 -30.22 8.57 -9.30
C THR D 346 -29.93 9.97 -8.79
N LEU D 347 -30.12 11.00 -9.61
CA LEU D 347 -29.85 12.36 -9.16
C LEU D 347 -30.81 12.79 -8.07
N HIS D 348 -32.05 12.31 -8.09
CA HIS D 348 -33.03 12.66 -7.07
C HIS D 348 -32.76 11.91 -5.76
N SER D 349 -32.24 10.70 -5.84
CA SER D 349 -31.95 9.91 -4.65
C SER D 349 -30.56 10.28 -4.09
N GLU D 350 -29.54 9.55 -4.54
CA GLU D 350 -28.16 9.81 -4.11
C GLU D 350 -27.30 10.10 -5.32
N PRO D 351 -26.68 11.28 -5.42
CA PRO D 351 -25.84 11.58 -6.58
C PRO D 351 -24.43 11.04 -6.45
N SER D 352 -24.27 9.93 -5.72
CA SER D 352 -22.94 9.34 -5.53
C SER D 352 -22.48 8.60 -6.78
N LYS D 353 -23.28 7.65 -7.25
CA LYS D 353 -22.94 6.85 -8.42
C LYS D 353 -23.34 7.51 -9.74
N TYR D 354 -23.24 8.84 -9.81
CA TYR D 354 -23.60 9.57 -11.03
C TYR D 354 -22.46 10.48 -11.47
N HIS D 355 -21.96 11.31 -10.54
CA HIS D 355 -20.91 12.25 -10.89
C HIS D 355 -19.56 11.56 -11.12
N LYS D 356 -19.36 10.39 -10.49
CA LYS D 356 -18.11 9.66 -10.68
C LYS D 356 -18.04 8.91 -12.00
N GLU D 357 -19.12 8.92 -12.78
CA GLU D 357 -19.10 8.22 -14.07
C GLU D 357 -18.69 9.14 -15.22
N TRP D 358 -18.97 10.45 -15.10
CA TRP D 358 -18.60 11.38 -16.16
C TRP D 358 -17.10 11.61 -16.25
N GLN D 359 -16.35 11.24 -15.21
CA GLN D 359 -14.91 11.46 -15.23
C GLN D 359 -14.22 10.51 -16.20
N LYS D 360 -14.71 9.27 -16.32
CA LYS D 360 -14.07 8.27 -17.16
C LYS D 360 -14.54 8.30 -18.61
N LEU D 361 -15.53 9.12 -18.95
CA LEU D 361 -16.02 9.22 -20.32
C LEU D 361 -15.80 10.57 -20.97
N CYS D 362 -15.69 11.65 -20.19
CA CYS D 362 -15.42 12.95 -20.77
C CYS D 362 -13.96 13.09 -21.19
N ASP D 363 -13.05 12.50 -20.43
CA ASP D 363 -11.63 12.53 -20.74
C ASP D 363 -11.19 11.39 -21.64
N SER D 364 -12.13 10.61 -22.16
CA SER D 364 -11.82 9.49 -23.02
C SER D 364 -11.74 9.96 -24.48
N HIS D 365 -11.56 9.01 -25.40
CA HIS D 365 -11.47 9.32 -26.82
C HIS D 365 -12.49 8.58 -27.67
N GLY D 366 -12.95 7.41 -27.24
CA GLY D 366 -13.92 6.66 -28.01
C GLY D 366 -15.12 6.23 -27.19
N ILE D 367 -16.24 6.91 -27.37
CA ILE D 367 -17.48 6.63 -26.65
C ILE D 367 -18.36 5.77 -27.52
N LEU D 368 -18.79 4.63 -26.98
CA LEU D 368 -19.66 3.70 -27.70
C LEU D 368 -21.13 3.98 -27.38
N VAL D 369 -22.00 3.21 -28.01
CA VAL D 369 -23.45 3.34 -27.85
C VAL D 369 -23.97 2.01 -27.31
N PRO D 370 -24.76 2.02 -26.23
CA PRO D 370 -25.30 0.75 -25.70
C PRO D 370 -26.46 0.24 -26.55
N GLY D 371 -27.56 -0.10 -25.89
CA GLY D 371 -28.73 -0.62 -26.58
C GLY D 371 -30.04 -0.14 -25.99
N GLY D 372 -30.83 -1.08 -25.47
CA GLY D 372 -32.11 -0.74 -24.87
C GLY D 372 -32.93 -1.96 -24.52
N PHE D 373 -33.39 -2.03 -23.26
CA PHE D 373 -34.19 -3.15 -22.76
C PHE D 373 -35.54 -2.61 -22.30
N GLY D 374 -36.49 -2.57 -23.21
CA GLY D 374 -37.83 -2.09 -22.89
C GLY D 374 -37.88 -0.64 -22.48
N SER D 375 -38.00 -0.40 -21.17
CA SER D 375 -38.05 0.95 -20.61
C SER D 375 -37.10 1.07 -19.43
N ARG D 376 -35.96 0.40 -19.51
CA ARG D 376 -34.94 0.43 -18.46
C ARG D 376 -33.82 1.41 -18.76
N GLY D 377 -34.08 2.42 -19.60
CA GLY D 377 -33.06 3.39 -19.95
C GLY D 377 -33.32 4.08 -21.27
N MET D 378 -33.63 5.38 -21.24
CA MET D 378 -33.89 6.13 -22.45
C MET D 378 -33.42 7.58 -22.41
N GLU D 379 -33.22 8.17 -21.24
CA GLU D 379 -32.77 9.55 -21.12
C GLU D 379 -31.26 9.68 -20.99
N GLY D 380 -30.61 8.77 -20.26
CA GLY D 380 -29.18 8.84 -20.09
C GLY D 380 -28.41 8.53 -21.36
N LYS D 381 -29.01 7.76 -22.26
CA LYS D 381 -28.36 7.44 -23.53
C LYS D 381 -28.37 8.59 -24.52
N ILE D 382 -29.16 9.63 -24.26
CA ILE D 382 -29.21 10.77 -25.16
C ILE D 382 -28.11 11.77 -24.83
N ARG D 383 -27.92 12.07 -23.54
CA ARG D 383 -26.90 13.02 -23.13
C ARG D 383 -25.50 12.45 -23.19
N ALA D 384 -25.34 11.14 -23.41
CA ALA D 384 -24.02 10.54 -23.48
C ALA D 384 -23.38 10.66 -24.85
N CYS D 385 -24.17 10.91 -25.90
CA CYS D 385 -23.64 11.03 -27.25
C CYS D 385 -23.55 12.48 -27.73
N GLN D 386 -24.44 13.35 -27.25
CA GLN D 386 -24.38 14.75 -27.68
C GLN D 386 -23.25 15.50 -26.98
N TRP D 387 -22.82 15.03 -25.81
CA TRP D 387 -21.74 15.71 -25.11
C TRP D 387 -20.39 15.44 -25.76
N ALA D 388 -20.21 14.25 -26.36
CA ALA D 388 -18.96 13.93 -27.01
C ALA D 388 -18.82 14.59 -28.37
N ARG D 389 -19.94 14.88 -29.03
CA ARG D 389 -19.87 15.52 -30.34
C ARG D 389 -19.55 17.00 -30.23
N GLU D 390 -20.00 17.65 -29.15
CA GLU D 390 -19.72 19.07 -28.96
C GLU D 390 -18.29 19.30 -28.51
N ASN D 391 -17.68 18.34 -27.81
CA ASN D 391 -16.31 18.43 -27.31
C ASN D 391 -15.33 17.77 -28.26
N GLN D 392 -15.54 17.94 -29.57
CA GLN D 392 -14.71 17.41 -30.66
C GLN D 392 -14.19 16.00 -30.39
N LYS D 393 -15.01 15.15 -29.76
CA LYS D 393 -14.53 13.79 -29.58
C LYS D 393 -15.18 12.86 -30.59
N PRO D 394 -14.39 12.00 -31.23
CA PRO D 394 -14.95 11.09 -32.24
C PRO D 394 -15.79 9.99 -31.61
N LEU D 395 -16.65 9.39 -32.43
CA LEU D 395 -17.52 8.31 -32.00
C LEU D 395 -17.36 7.13 -32.95
N LEU D 396 -18.04 6.04 -32.62
CA LEU D 396 -18.00 4.81 -33.40
C LEU D 396 -19.42 4.45 -33.84
N GLY D 397 -19.50 3.53 -34.80
CA GLY D 397 -20.78 3.08 -35.33
C GLY D 397 -21.30 1.83 -34.66
N ILE D 398 -22.18 2.00 -33.68
CA ILE D 398 -22.77 0.88 -32.95
C ILE D 398 -24.26 0.85 -33.22
N CYS D 399 -24.81 -0.35 -33.34
CA CYS D 399 -26.23 -0.51 -33.59
C CYS D 399 -27.05 -0.14 -32.34
N LEU D 400 -28.37 -0.18 -32.50
CA LEU D 400 -29.30 0.20 -31.43
C LEU D 400 -29.04 1.63 -30.95
N GLY D 401 -28.66 2.50 -31.88
CA GLY D 401 -28.36 3.89 -31.55
C GLY D 401 -28.95 4.87 -32.54
N LEU D 402 -29.56 4.36 -33.60
CA LEU D 402 -30.18 5.23 -34.60
C LEU D 402 -31.43 5.91 -34.08
N GLN D 403 -32.07 5.36 -33.04
CA GLN D 403 -33.26 5.99 -32.46
C GLN D 403 -32.90 7.18 -31.58
N ALA D 404 -31.72 7.15 -30.95
CA ALA D 404 -31.30 8.25 -30.11
C ALA D 404 -30.41 9.26 -30.82
N ALA D 405 -29.84 8.90 -31.98
CA ALA D 405 -29.00 9.82 -32.71
C ALA D 405 -29.81 10.92 -33.38
N VAL D 406 -31.06 10.61 -33.77
CA VAL D 406 -31.92 11.61 -34.40
C VAL D 406 -32.60 12.52 -33.40
N ILE D 407 -32.53 12.20 -32.10
CA ILE D 407 -33.16 13.04 -31.09
C ILE D 407 -32.25 14.22 -30.72
N GLU D 408 -30.98 13.93 -30.44
CA GLU D 408 -30.04 14.99 -30.07
C GLU D 408 -29.68 15.87 -31.25
N PHE D 409 -29.84 15.38 -32.49
CA PHE D 409 -29.51 16.18 -33.66
C PHE D 409 -30.62 17.17 -34.00
N ALA D 410 -31.87 16.86 -33.66
CA ALA D 410 -32.97 17.77 -33.97
C ALA D 410 -33.14 18.83 -32.89
N ARG D 411 -32.62 18.60 -31.69
CA ARG D 411 -32.75 19.56 -30.60
C ARG D 411 -31.59 20.54 -30.54
N ASN D 412 -30.41 20.15 -31.02
CA ASN D 412 -29.24 21.03 -31.00
C ASN D 412 -29.14 21.85 -32.27
N LYS D 413 -29.26 21.21 -33.44
CA LYS D 413 -29.18 21.95 -34.70
C LYS D 413 -30.46 22.73 -34.98
N LEU D 414 -31.61 22.22 -34.55
CA LEU D 414 -32.87 22.89 -34.79
C LEU D 414 -33.58 23.20 -33.47
N GLY D 415 -34.50 22.32 -33.07
CA GLY D 415 -35.24 22.51 -31.84
C GLY D 415 -36.54 21.73 -31.80
N LEU D 416 -36.48 20.46 -32.17
CA LEU D 416 -37.66 19.59 -32.18
C LEU D 416 -37.72 18.84 -30.86
N LYS D 417 -38.50 19.37 -29.91
CA LYS D 417 -38.64 18.73 -28.60
C LYS D 417 -39.68 17.63 -28.60
N ASP D 418 -40.64 17.67 -29.52
CA ASP D 418 -41.68 16.64 -29.55
C ASP D 418 -41.12 15.28 -29.95
N ALA D 419 -40.05 15.26 -30.75
CA ALA D 419 -39.43 14.01 -31.17
C ALA D 419 -38.73 13.36 -30.00
N ASN D 420 -39.32 12.31 -29.45
CA ASN D 420 -38.74 11.61 -28.30
C ASN D 420 -38.54 10.13 -28.61
N THR D 421 -38.66 9.29 -27.59
CA THR D 421 -38.48 7.85 -27.76
C THR D 421 -39.72 7.26 -28.40
N THR D 422 -39.53 6.51 -29.50
CA THR D 422 -40.62 5.90 -30.23
C THR D 422 -40.68 4.39 -30.07
N GLU D 423 -39.71 3.78 -29.40
CA GLU D 423 -39.68 2.33 -29.19
C GLU D 423 -40.33 1.90 -27.89
N ILE D 424 -40.96 2.83 -27.16
CA ILE D 424 -41.62 2.52 -25.90
C ILE D 424 -43.11 2.85 -26.00
N ASP D 425 -43.42 4.13 -26.20
CA ASP D 425 -44.79 4.60 -26.31
C ASP D 425 -44.92 5.42 -27.59
N PRO D 426 -45.21 4.78 -28.72
CA PRO D 426 -45.37 5.52 -29.98
C PRO D 426 -46.59 6.43 -29.97
N ASN D 427 -46.40 7.68 -29.56
CA ASN D 427 -47.50 8.64 -29.53
C ASN D 427 -47.12 10.03 -30.00
N THR D 428 -45.85 10.31 -30.26
CA THR D 428 -45.44 11.64 -30.71
C THR D 428 -45.79 11.85 -32.17
N ALA D 429 -45.81 13.12 -32.58
CA ALA D 429 -46.13 13.48 -33.96
C ALA D 429 -44.90 13.48 -34.85
N ASN D 430 -43.72 13.77 -34.31
CA ASN D 430 -42.48 13.80 -35.07
C ASN D 430 -41.71 12.49 -34.94
N ALA D 431 -42.42 11.38 -35.05
CA ALA D 431 -41.80 10.06 -34.95
C ALA D 431 -41.04 9.77 -36.23
N LEU D 432 -39.72 9.98 -36.20
CA LEU D 432 -38.90 9.76 -37.38
C LEU D 432 -38.69 8.27 -37.64
N VAL D 433 -38.24 7.55 -36.63
CA VAL D 433 -37.99 6.11 -36.74
C VAL D 433 -39.10 5.37 -36.01
N ILE D 434 -39.88 4.58 -36.75
CA ILE D 434 -40.97 3.80 -36.18
C ILE D 434 -40.71 2.32 -36.41
N ASP D 435 -41.72 1.49 -36.15
CA ASP D 435 -41.60 0.04 -36.30
C ASP D 435 -42.33 -0.36 -37.59
N MET D 436 -41.56 -0.70 -38.62
CA MET D 436 -42.12 -1.13 -39.90
C MET D 436 -41.44 -2.42 -40.32
N PRO D 437 -42.15 -3.54 -40.44
CA PRO D 437 -41.51 -4.79 -40.85
C PRO D 437 -41.20 -4.82 -42.34
N GLU D 438 -40.75 -5.98 -42.83
CA GLU D 438 -40.42 -6.14 -44.24
C GLU D 438 -41.70 -6.42 -45.03
N HIS D 439 -41.94 -5.60 -46.05
CA HIS D 439 -43.11 -5.75 -46.92
C HIS D 439 -42.76 -6.25 -48.30
N HIS D 440 -41.54 -6.74 -48.50
CA HIS D 440 -41.11 -7.25 -49.81
C HIS D 440 -41.22 -8.76 -49.87
N THR D 441 -40.32 -9.40 -50.60
CA THR D 441 -40.32 -10.85 -50.71
C THR D 441 -39.57 -11.48 -49.55
N GLY D 442 -39.73 -12.80 -49.42
CA GLY D 442 -39.07 -13.54 -48.35
C GLY D 442 -39.85 -13.52 -47.06
N GLN D 443 -39.79 -12.41 -46.33
CA GLN D 443 -40.48 -12.26 -45.06
C GLN D 443 -41.79 -11.52 -45.30
N LEU D 444 -42.89 -12.09 -44.81
CA LEU D 444 -44.21 -11.50 -44.95
C LEU D 444 -44.80 -11.24 -43.57
N GLY D 445 -45.45 -10.08 -43.42
CA GLY D 445 -46.06 -9.73 -42.16
C GLY D 445 -45.05 -9.13 -41.19
N GLY D 446 -45.46 -9.07 -39.92
CA GLY D 446 -44.62 -8.52 -38.88
C GLY D 446 -43.49 -9.43 -38.49
N THR D 447 -42.35 -9.31 -39.16
CA THR D 447 -41.16 -10.11 -38.93
C THR D 447 -40.07 -9.21 -38.36
N MET D 448 -38.81 -9.57 -38.60
CA MET D 448 -37.66 -8.81 -38.13
C MET D 448 -36.78 -8.43 -39.31
N ARG D 449 -36.22 -7.21 -39.25
CA ARG D 449 -35.37 -6.70 -40.32
C ARG D 449 -33.98 -7.28 -40.18
N LEU D 450 -33.80 -8.47 -40.73
CA LEU D 450 -32.51 -9.16 -40.70
C LEU D 450 -32.48 -10.19 -41.81
N GLY D 451 -31.31 -10.77 -42.02
CA GLY D 451 -31.11 -11.81 -43.02
C GLY D 451 -30.04 -11.43 -44.02
N LYS D 452 -29.85 -12.33 -44.99
CA LYS D 452 -28.86 -12.13 -46.04
C LYS D 452 -29.29 -11.01 -46.98
N ARG D 453 -28.93 -9.77 -46.65
CA ARG D 453 -29.29 -8.61 -47.44
C ARG D 453 -28.05 -8.01 -48.10
N ILE D 454 -28.25 -7.42 -49.27
CA ILE D 454 -27.16 -6.80 -50.03
C ILE D 454 -27.13 -5.32 -49.70
N THR D 455 -25.98 -4.84 -49.23
CA THR D 455 -25.79 -3.44 -48.87
C THR D 455 -24.93 -2.77 -49.94
N VAL D 456 -25.47 -1.74 -50.57
CA VAL D 456 -24.78 -1.00 -51.62
C VAL D 456 -24.55 0.42 -51.13
N PHE D 457 -23.31 0.89 -51.23
CA PHE D 457 -22.97 2.23 -50.81
C PHE D 457 -23.42 3.26 -51.84
N SER D 458 -23.23 4.54 -51.53
CA SER D 458 -23.63 5.62 -52.41
C SER D 458 -22.46 6.53 -52.79
N ASP D 459 -21.68 7.00 -51.81
CA ASP D 459 -20.56 7.88 -52.09
C ASP D 459 -19.30 7.07 -52.37
N GLY D 460 -18.14 7.65 -52.09
CA GLY D 460 -16.88 7.00 -52.33
C GLY D 460 -15.87 7.23 -51.23
N PRO D 461 -15.25 8.41 -51.22
CA PRO D 461 -14.24 8.71 -50.18
C PRO D 461 -14.86 8.87 -48.80
N SER D 462 -14.50 7.97 -47.88
CA SER D 462 -15.00 8.01 -46.52
C SER D 462 -13.99 7.29 -45.63
N VAL D 463 -14.46 6.82 -44.47
CA VAL D 463 -13.61 6.11 -43.51
C VAL D 463 -13.99 4.65 -43.35
N ILE D 464 -15.16 4.24 -43.82
CA ILE D 464 -15.61 2.86 -43.70
C ILE D 464 -15.80 2.21 -45.06
N ARG D 465 -15.08 2.70 -46.08
CA ARG D 465 -15.19 2.15 -47.42
C ARG D 465 -13.82 1.98 -48.05
N GLN D 466 -12.87 2.87 -47.70
CA GLN D 466 -11.54 2.79 -48.27
C GLN D 466 -10.71 1.66 -47.68
N LEU D 467 -11.16 1.06 -46.57
CA LEU D 467 -10.42 -0.03 -45.96
C LEU D 467 -10.71 -1.38 -46.61
N TYR D 468 -11.77 -1.48 -47.40
CA TYR D 468 -12.13 -2.72 -48.09
C TYR D 468 -11.60 -2.77 -49.52
N GLY D 469 -10.61 -1.96 -49.85
CA GLY D 469 -10.08 -1.95 -51.20
C GLY D 469 -11.01 -1.37 -52.24
N ASN D 470 -11.80 -0.37 -51.87
CA ASN D 470 -12.77 0.29 -52.75
C ASN D 470 -13.74 -0.73 -53.33
N PRO D 471 -14.70 -1.22 -52.54
CA PRO D 471 -15.66 -2.20 -53.06
C PRO D 471 -16.81 -1.55 -53.82
N LYS D 472 -17.95 -2.23 -53.88
CA LYS D 472 -19.13 -1.68 -54.55
C LYS D 472 -20.40 -2.33 -53.99
N SER D 473 -20.26 -3.51 -53.39
CA SER D 473 -21.41 -4.22 -52.83
C SER D 473 -20.87 -5.20 -51.78
N VAL D 474 -20.97 -4.83 -50.51
CA VAL D 474 -20.50 -5.66 -49.40
C VAL D 474 -21.70 -6.34 -48.76
N GLN D 475 -21.53 -7.60 -48.41
CA GLN D 475 -22.60 -8.39 -47.79
C GLN D 475 -22.52 -8.22 -46.28
N GLU D 476 -23.51 -7.54 -45.70
CA GLU D 476 -23.57 -7.30 -44.27
C GLU D 476 -24.95 -7.71 -43.74
N ARG D 477 -24.98 -8.10 -42.47
CA ARG D 477 -26.21 -8.51 -41.81
C ARG D 477 -26.55 -7.53 -40.70
N HIS D 478 -27.84 -7.40 -40.41
CA HIS D 478 -28.33 -6.51 -39.39
C HIS D 478 -29.08 -7.30 -38.31
N ARG D 479 -29.46 -6.58 -37.23
CA ARG D 479 -30.18 -7.20 -36.12
C ARG D 479 -31.00 -6.08 -35.45
N HIS D 480 -32.09 -5.70 -36.12
CA HIS D 480 -32.97 -4.67 -35.61
C HIS D 480 -34.35 -4.86 -36.25
N ARG D 481 -35.31 -4.05 -35.81
CA ARG D 481 -36.67 -4.12 -36.33
C ARG D 481 -37.27 -2.76 -36.68
N TYR D 482 -36.61 -1.66 -36.32
CA TYR D 482 -37.11 -0.32 -36.61
C TYR D 482 -36.45 0.22 -37.87
N GLU D 483 -37.24 0.86 -38.72
CA GLU D 483 -36.75 1.43 -39.97
C GLU D 483 -36.99 2.94 -39.99
N VAL D 484 -36.27 3.62 -40.88
CA VAL D 484 -36.37 5.06 -41.02
C VAL D 484 -37.41 5.38 -42.10
N ASN D 485 -38.26 6.35 -41.81
CA ASN D 485 -39.30 6.73 -42.76
C ASN D 485 -38.72 7.62 -43.85
N PRO D 486 -38.95 7.33 -45.13
CA PRO D 486 -38.41 8.18 -46.20
C PRO D 486 -39.13 9.51 -46.35
N LYS D 487 -40.23 9.74 -45.64
CA LYS D 487 -40.96 10.99 -45.74
C LYS D 487 -40.61 11.98 -44.64
N TYR D 488 -39.86 11.56 -43.62
CA TYR D 488 -39.47 12.43 -42.52
C TYR D 488 -37.96 12.72 -42.53
N VAL D 489 -37.33 12.60 -43.69
CA VAL D 489 -35.90 12.87 -43.81
C VAL D 489 -35.69 14.15 -44.61
N HIS D 490 -36.67 15.04 -44.57
CA HIS D 490 -36.56 16.30 -45.32
C HIS D 490 -35.54 17.24 -44.68
N LEU D 491 -35.46 17.26 -43.36
CA LEU D 491 -34.52 18.13 -42.67
C LEU D 491 -33.12 17.55 -42.59
N LEU D 492 -32.93 16.30 -43.00
CA LEU D 492 -31.60 15.69 -42.99
C LEU D 492 -30.82 15.93 -44.27
N GLU D 493 -31.50 16.34 -45.34
CA GLU D 493 -30.84 16.59 -46.62
C GLU D 493 -30.44 18.05 -46.81
N GLU D 494 -31.15 18.97 -46.18
CA GLU D 494 -30.85 20.40 -46.30
C GLU D 494 -29.74 20.85 -45.36
N GLN D 495 -29.18 19.94 -44.56
CA GLN D 495 -28.07 20.25 -43.66
C GLN D 495 -26.83 19.46 -44.07
N GLY D 496 -25.90 19.28 -43.14
CA GLY D 496 -24.69 18.53 -43.42
C GLY D 496 -24.77 17.10 -42.92
N MET D 497 -25.87 16.42 -43.23
CA MET D 497 -26.10 15.04 -42.80
C MET D 497 -26.26 14.19 -44.07
N ARG D 498 -25.12 13.84 -44.67
CA ARG D 498 -25.12 13.06 -45.89
C ARG D 498 -25.38 11.58 -45.58
N PHE D 499 -25.52 10.79 -46.65
CA PHE D 499 -25.76 9.35 -46.55
C PHE D 499 -24.74 8.65 -47.44
N VAL D 500 -23.72 8.05 -46.82
CA VAL D 500 -22.66 7.38 -47.56
C VAL D 500 -22.93 5.89 -47.63
N GLY D 501 -24.20 5.51 -47.50
CA GLY D 501 -24.58 4.11 -47.56
C GLY D 501 -26.08 3.89 -47.54
N THR D 502 -26.62 3.34 -48.62
CA THR D 502 -28.04 3.07 -48.72
C THR D 502 -28.31 1.59 -48.88
N ASP D 503 -29.49 1.25 -49.42
CA ASP D 503 -29.87 -0.13 -49.66
C ASP D 503 -30.06 -0.36 -51.17
N VAL D 504 -30.68 -1.49 -51.51
CA VAL D 504 -30.92 -1.82 -52.91
C VAL D 504 -32.17 -1.19 -53.47
N ASP D 505 -32.94 -0.48 -52.63
CA ASP D 505 -34.14 0.22 -53.08
C ASP D 505 -34.03 1.73 -52.94
N LYS D 506 -32.93 2.23 -52.37
CA LYS D 506 -32.72 3.67 -52.17
C LYS D 506 -33.85 4.29 -51.35
N THR D 507 -34.22 3.60 -50.26
CA THR D 507 -35.29 4.08 -49.40
C THR D 507 -34.84 4.08 -47.93
N ARG D 508 -34.21 3.00 -47.50
CA ARG D 508 -33.75 2.83 -46.13
C ARG D 508 -32.36 3.43 -45.99
N MET D 509 -32.21 4.40 -45.10
CA MET D 509 -30.92 5.03 -44.84
C MET D 509 -30.27 4.31 -43.65
N GLU D 510 -29.55 3.23 -43.98
CA GLU D 510 -28.92 2.43 -42.94
C GLU D 510 -27.60 3.03 -42.46
N ILE D 511 -26.94 3.82 -43.30
CA ILE D 511 -25.66 4.42 -42.95
C ILE D 511 -25.82 5.93 -43.04
N ILE D 512 -25.49 6.62 -41.95
CA ILE D 512 -25.58 8.07 -41.87
C ILE D 512 -24.22 8.63 -41.45
N GLU D 513 -23.96 9.87 -41.86
CA GLU D 513 -22.70 10.53 -41.55
C GLU D 513 -22.93 12.02 -41.44
N LEU D 514 -22.33 12.64 -40.43
CA LEU D 514 -22.46 14.07 -40.18
C LEU D 514 -21.24 14.79 -40.73
N SER D 515 -21.46 15.72 -41.65
CA SER D 515 -20.36 16.49 -42.22
C SER D 515 -19.83 17.48 -41.21
N GLY D 516 -18.55 17.85 -41.39
CA GLY D 516 -17.88 18.77 -40.50
C GLY D 516 -17.19 18.11 -39.32
N HIS D 517 -17.70 16.97 -38.87
CA HIS D 517 -17.07 16.27 -37.75
C HIS D 517 -15.79 15.58 -38.22
N PRO D 518 -14.72 15.60 -37.42
CA PRO D 518 -13.47 14.98 -37.86
C PRO D 518 -13.57 13.48 -38.03
N TYR D 519 -14.37 12.79 -37.20
CA TYR D 519 -14.50 11.34 -37.32
C TYR D 519 -15.84 10.95 -36.71
N PHE D 520 -16.84 10.78 -37.56
CA PHE D 520 -18.19 10.41 -37.14
C PHE D 520 -18.62 9.18 -37.91
N VAL D 521 -18.80 8.06 -37.23
CA VAL D 521 -19.21 6.80 -37.84
C VAL D 521 -20.53 6.37 -37.21
N ALA D 522 -21.50 6.02 -38.05
CA ALA D 522 -22.80 5.59 -37.57
C ALA D 522 -23.46 4.75 -38.65
N THR D 523 -23.89 3.54 -38.28
CA THR D 523 -24.54 2.63 -39.21
C THR D 523 -25.48 1.72 -38.42
N GLN D 524 -25.86 0.59 -39.01
CA GLN D 524 -26.78 -0.34 -38.38
C GLN D 524 -26.23 -1.74 -38.21
N TYR D 525 -25.29 -2.17 -39.05
CA TYR D 525 -24.73 -3.50 -38.91
C TYR D 525 -23.74 -3.56 -37.75
N HIS D 526 -23.24 -4.77 -37.47
CA HIS D 526 -22.32 -5.00 -36.37
C HIS D 526 -20.95 -5.38 -36.91
N PRO D 527 -20.03 -4.43 -37.09
CA PRO D 527 -18.69 -4.79 -37.58
C PRO D 527 -17.77 -5.37 -36.52
N GLU D 528 -18.19 -5.40 -35.25
CA GLU D 528 -17.35 -5.93 -34.19
C GLU D 528 -17.26 -7.44 -34.24
N TYR D 529 -18.35 -8.11 -34.65
CA TYR D 529 -18.34 -9.56 -34.73
C TYR D 529 -17.51 -10.07 -35.91
N LEU D 530 -17.27 -9.23 -36.91
CA LEU D 530 -16.45 -9.58 -38.07
C LEU D 530 -14.99 -9.16 -37.91
N SER D 531 -14.55 -8.93 -36.67
CA SER D 531 -13.18 -8.49 -36.42
C SER D 531 -12.21 -9.67 -36.57
N ARG D 532 -11.82 -9.97 -37.81
CA ARG D 532 -10.88 -11.05 -38.06
C ARG D 532 -9.46 -10.63 -37.68
N PRO D 533 -8.62 -11.57 -37.26
CA PRO D 533 -7.23 -11.22 -36.92
C PRO D 533 -6.41 -10.77 -38.12
N LEU D 534 -6.82 -11.13 -39.34
CA LEU D 534 -6.12 -10.71 -40.54
C LEU D 534 -6.78 -9.53 -41.24
N LYS D 535 -7.94 -9.09 -40.77
CA LYS D 535 -8.66 -7.96 -41.36
C LYS D 535 -9.25 -7.12 -40.24
N PRO D 536 -8.65 -5.96 -39.94
CA PRO D 536 -9.17 -5.11 -38.87
C PRO D 536 -10.56 -4.57 -39.21
N SER D 537 -11.26 -4.14 -38.16
CA SER D 537 -12.59 -3.59 -38.32
C SER D 537 -12.54 -2.14 -38.81
N PRO D 538 -13.55 -1.69 -39.55
CA PRO D 538 -13.56 -0.31 -40.05
C PRO D 538 -13.48 0.73 -38.94
N PRO D 539 -14.40 0.72 -37.94
CA PRO D 539 -14.55 1.91 -37.11
C PRO D 539 -13.46 2.09 -36.06
N PHE D 540 -13.24 1.07 -35.22
CA PHE D 540 -12.31 1.22 -34.10
C PHE D 540 -10.86 1.34 -34.56
N LEU D 541 -10.52 0.84 -35.75
CA LEU D 541 -9.16 0.93 -36.24
C LEU D 541 -8.87 2.29 -36.84
N GLY D 542 -9.86 2.90 -37.51
CA GLY D 542 -9.66 4.21 -38.11
C GLY D 542 -9.54 5.33 -37.11
N LEU D 543 -10.01 5.13 -35.88
CA LEU D 543 -9.92 6.17 -34.86
C LEU D 543 -8.50 6.28 -34.31
N ILE D 544 -7.82 5.14 -34.15
CA ILE D 544 -6.46 5.17 -33.62
C ILE D 544 -5.47 5.65 -34.67
N LEU D 545 -5.69 5.26 -35.94
CA LEU D 545 -4.78 5.66 -37.00
C LEU D 545 -4.86 7.16 -37.26
N ALA D 546 -6.06 7.73 -37.19
CA ALA D 546 -6.27 9.16 -37.41
C ALA D 546 -6.06 9.99 -36.15
N SER D 547 -5.53 9.40 -35.08
CA SER D 547 -5.31 10.12 -33.83
C SER D 547 -3.91 10.74 -33.79
N VAL D 548 -2.88 9.90 -33.82
CA VAL D 548 -1.50 10.38 -33.77
C VAL D 548 -0.75 10.10 -35.07
N ASP D 549 -1.23 9.19 -35.91
CA ASP D 549 -0.58 8.84 -37.18
C ASP D 549 0.87 8.41 -36.96
N ARG D 550 1.06 7.48 -36.02
CA ARG D 550 2.38 6.96 -35.69
C ARG D 550 2.63 5.69 -36.52
N LEU D 551 3.41 5.83 -37.59
CA LEU D 551 3.71 4.71 -38.46
C LEU D 551 5.19 4.37 -38.51
N ASN D 552 6.04 5.14 -37.81
CA ASN D 552 7.48 4.90 -37.80
C ASN D 552 7.91 4.00 -36.63
N GLN D 553 7.04 3.12 -36.16
CA GLN D 553 7.36 2.23 -35.06
C GLN D 553 7.88 0.88 -35.53
N TYR D 554 7.40 0.39 -36.68
CA TYR D 554 7.84 -0.91 -37.17
C TYR D 554 9.30 -0.87 -37.61
N ILE D 555 9.80 0.30 -38.02
CA ILE D 555 11.19 0.42 -38.45
C ILE D 555 12.17 0.55 -37.30
N GLN D 556 11.66 0.68 -36.07
CA GLN D 556 12.54 0.81 -34.91
C GLN D 556 12.90 -0.53 -34.29
N ARG D 557 12.03 -1.53 -34.40
CA ARG D 557 12.29 -2.85 -33.84
C ARG D 557 13.34 -3.58 -34.66
N GLY D 558 12.97 -4.00 -35.87
CA GLY D 558 13.91 -4.69 -36.74
C GLY D 558 14.16 -6.13 -36.36
N CYS D 559 13.19 -6.79 -35.73
CA CYS D 559 13.29 -8.19 -35.32
C CYS D 559 14.49 -8.40 -34.40
N ARG D 560 14.30 -8.17 -33.10
CA ARG D 560 15.39 -8.36 -32.14
C ARG D 560 15.74 -9.84 -31.99
N LEU D 561 14.72 -10.68 -31.74
CA LEU D 561 14.93 -12.11 -31.57
C LEU D 561 14.99 -12.76 -32.96
N SER D 562 16.17 -12.66 -33.57
CA SER D 562 16.38 -13.23 -34.90
C SER D 562 17.47 -14.29 -34.88
N MET E 1 7.07 48.72 32.50
CA MET E 1 8.26 48.29 33.23
C MET E 1 8.88 47.06 32.60
N LYS E 2 8.02 46.14 32.14
CA LYS E 2 8.46 44.91 31.50
C LYS E 2 8.18 44.99 30.01
N TYR E 3 9.22 44.75 29.21
CA TYR E 3 9.12 44.78 27.74
C TYR E 3 9.84 43.56 27.19
N ILE E 4 9.09 42.66 26.55
CA ILE E 4 9.64 41.45 25.95
C ILE E 4 9.28 41.46 24.47
N LEU E 5 10.29 41.46 23.62
CA LEU E 5 10.06 41.46 22.18
C LEU E 5 9.67 40.06 21.70
N VAL E 6 8.83 40.02 20.67
CA VAL E 6 8.34 38.78 20.09
C VAL E 6 8.72 38.78 18.62
N THR E 7 9.51 37.78 18.21
CA THR E 7 9.96 37.66 16.82
C THR E 7 9.05 36.69 16.08
N GLY E 8 8.47 37.17 14.97
CA GLY E 8 7.58 36.35 14.18
C GLY E 8 8.31 35.49 13.17
N GLY E 9 8.11 35.76 11.88
CA GLY E 9 8.75 35.00 10.84
C GLY E 9 9.43 35.86 9.79
N VAL E 10 9.75 35.26 8.63
CA VAL E 10 10.39 35.98 7.54
C VAL E 10 9.45 36.27 6.39
N ILE E 11 8.22 35.75 6.44
CA ILE E 11 7.25 35.97 5.38
C ILE E 11 5.86 35.96 6.01
N SER E 12 5.02 36.93 5.59
CA SER E 12 3.67 37.04 6.13
C SER E 12 2.81 35.92 5.55
N GLY E 13 2.70 34.82 6.28
CA GLY E 13 1.89 33.71 5.85
C GLY E 13 2.58 32.36 5.99
N VAL E 14 3.42 32.23 7.01
CA VAL E 14 4.12 30.98 7.26
C VAL E 14 3.64 30.25 8.51
N GLY E 15 3.28 30.95 9.58
CA GLY E 15 2.80 30.31 10.78
C GLY E 15 3.28 30.97 12.06
N LYS E 16 3.51 32.28 12.01
CA LYS E 16 3.96 33.02 13.17
C LYS E 16 2.82 33.38 14.12
N GLY E 17 1.58 33.13 13.73
CA GLY E 17 0.46 33.46 14.60
C GLY E 17 0.33 32.52 15.79
N VAL E 18 0.63 31.24 15.59
CA VAL E 18 0.55 30.28 16.69
C VAL E 18 1.74 30.42 17.63
N ILE E 19 2.88 30.89 17.12
CA ILE E 19 4.07 31.05 17.96
C ILE E 19 3.92 32.24 18.88
N ALA E 20 3.46 33.38 18.35
CA ALA E 20 3.29 34.58 19.17
C ALA E 20 2.13 34.47 20.14
N SER E 21 1.12 33.65 19.82
CA SER E 21 -0.02 33.48 20.70
C SER E 21 0.29 32.61 21.91
N SER E 22 1.38 31.83 21.86
CA SER E 22 1.72 30.99 23.00
C SER E 22 2.27 31.81 24.16
N PHE E 23 3.05 32.83 23.87
CA PHE E 23 3.61 33.69 24.92
C PHE E 23 2.59 34.65 25.48
N GLY E 24 1.50 34.92 24.76
CA GLY E 24 0.48 35.83 25.23
C GLY E 24 -0.46 35.20 26.22
N THR E 25 -0.80 33.93 26.01
CA THR E 25 -1.70 33.22 26.90
C THR E 25 -1.00 32.68 28.15
N LEU E 26 0.31 32.85 28.25
CA LEU E 26 1.03 32.37 29.43
C LEU E 26 0.73 33.24 30.64
N LEU E 27 0.85 34.56 30.49
CA LEU E 27 0.56 35.47 31.59
C LEU E 27 -0.94 35.65 31.83
N LYS E 28 -1.78 35.37 30.82
CA LYS E 28 -3.21 35.48 31.00
C LYS E 28 -3.73 34.36 31.92
N SER E 29 -3.06 33.22 31.95
CA SER E 29 -3.48 32.11 32.78
C SER E 29 -2.97 32.21 34.21
N CYS E 30 -1.99 33.06 34.46
CA CYS E 30 -1.41 33.23 35.79
C CYS E 30 -2.06 34.36 36.57
N GLY E 31 -3.09 35.00 36.02
CA GLY E 31 -3.76 36.09 36.70
C GLY E 31 -3.32 37.47 36.30
N LEU E 32 -2.61 37.61 35.19
CA LEU E 32 -2.13 38.89 34.72
C LEU E 32 -2.78 39.23 33.38
N ASP E 33 -2.54 40.44 32.91
CA ASP E 33 -3.09 40.91 31.64
C ASP E 33 -2.02 41.67 30.88
N VAL E 34 -1.98 41.44 29.56
CA VAL E 34 -1.01 42.07 28.68
C VAL E 34 -1.75 42.66 27.48
N THR E 35 -0.97 43.18 26.53
CA THR E 35 -1.50 43.77 25.31
C THR E 35 -0.92 43.03 24.10
N SER E 36 -0.95 43.70 22.95
CA SER E 36 -0.44 43.12 21.70
C SER E 36 -0.15 44.28 20.74
N ILE E 37 1.13 44.63 20.61
CA ILE E 37 1.56 45.70 19.71
C ILE E 37 2.54 45.10 18.71
N LYS E 38 2.25 45.29 17.43
CA LYS E 38 3.07 44.77 16.34
C LYS E 38 3.53 45.91 15.44
N ILE E 39 4.34 45.56 14.44
CA ILE E 39 4.88 46.54 13.50
C ILE E 39 5.12 45.83 12.17
N ASP E 40 4.70 46.46 11.07
CA ASP E 40 4.86 45.89 9.75
C ASP E 40 6.00 46.60 9.03
N PRO E 41 7.16 45.96 8.85
CA PRO E 41 8.29 46.59 8.15
C PRO E 41 8.14 46.59 6.63
N TYR E 42 7.06 47.21 6.14
CA TYR E 42 6.81 47.27 4.70
C TYR E 42 6.91 48.71 4.21
N ILE E 43 5.93 49.14 3.41
CA ILE E 43 5.91 50.50 2.87
C ILE E 43 4.80 51.30 3.55
N ASN E 44 3.55 50.89 3.32
CA ASN E 44 2.42 51.59 3.90
C ASN E 44 1.35 50.60 4.39
N ILE E 45 0.09 51.03 4.39
CA ILE E 45 -0.99 50.16 4.84
C ILE E 45 -1.25 49.09 3.80
N ASP E 46 -1.45 47.85 4.27
CA ASP E 46 -1.70 46.74 3.35
C ASP E 46 -3.12 46.81 2.77
N ALA E 47 -4.07 47.41 3.50
CA ALA E 47 -5.44 47.52 3.05
C ALA E 47 -5.70 48.80 2.26
N GLY E 48 -4.70 49.32 1.56
CA GLY E 48 -4.87 50.53 0.77
C GLY E 48 -5.20 50.24 -0.67
N THR E 49 -4.21 50.36 -1.55
CA THR E 49 -4.38 50.08 -2.96
C THR E 49 -4.08 48.63 -3.33
N PHE E 50 -3.67 47.81 -2.36
CA PHE E 50 -3.38 46.41 -2.63
C PHE E 50 -4.68 45.63 -2.82
N SER E 51 -4.55 44.44 -3.40
CA SER E 51 -5.71 43.59 -3.62
C SER E 51 -6.34 43.20 -2.29
N PRO E 52 -7.66 42.93 -2.28
CA PRO E 52 -8.31 42.58 -1.01
C PRO E 52 -7.82 41.25 -0.43
N TYR E 53 -7.38 40.32 -1.26
CA TYR E 53 -6.87 39.05 -0.78
C TYR E 53 -5.89 38.48 -1.80
N GLU E 54 -4.68 38.17 -1.33
CA GLU E 54 -3.64 37.59 -2.17
C GLU E 54 -2.53 37.01 -1.31
N HIS E 55 -2.02 37.81 -0.37
CA HIS E 55 -1.01 37.36 0.58
C HIS E 55 -1.38 37.59 2.03
N GLY E 56 -2.25 38.56 2.34
CA GLY E 56 -2.64 38.82 3.71
C GLY E 56 -4.14 38.81 3.90
N GLU E 57 -4.59 38.08 4.94
CA GLU E 57 -6.01 37.96 5.23
C GLU E 57 -6.47 39.22 5.95
N VAL E 58 -7.07 40.15 5.21
CA VAL E 58 -7.57 41.41 5.76
C VAL E 58 -9.06 41.27 6.01
N TYR E 59 -9.49 41.63 7.23
CA TYR E 59 -10.90 41.54 7.59
C TYR E 59 -11.35 42.81 8.32
N VAL E 60 -12.21 42.64 9.33
CA VAL E 60 -12.79 43.77 10.05
C VAL E 60 -13.20 43.30 11.44
N LEU E 61 -12.53 42.26 11.94
CA LEU E 61 -12.84 41.69 13.25
C LEU E 61 -12.72 42.73 14.36
N ASP E 62 -13.84 43.37 14.71
CA ASP E 62 -13.91 44.37 15.77
C ASP E 62 -12.93 45.52 15.51
N ASP E 63 -13.29 46.34 14.54
CA ASP E 63 -12.50 47.50 14.17
C ASP E 63 -13.35 48.42 13.30
N GLY E 64 -13.14 49.72 13.46
CA GLY E 64 -13.87 50.72 12.69
C GLY E 64 -13.23 51.15 11.40
N ALA E 65 -12.16 50.47 10.96
CA ALA E 65 -11.49 50.83 9.72
C ALA E 65 -10.81 49.62 9.10
N GLU E 66 -9.50 49.68 8.93
CA GLU E 66 -8.72 48.59 8.35
C GLU E 66 -7.91 47.90 9.45
N VAL E 67 -7.59 46.63 9.19
CA VAL E 67 -6.84 45.82 10.15
C VAL E 67 -5.55 45.34 9.49
N ASP E 68 -4.81 44.48 10.20
CA ASP E 68 -3.57 43.93 9.67
C ASP E 68 -3.84 42.61 8.95
N LEU E 69 -3.33 41.50 9.50
CA LEU E 69 -3.57 40.19 8.90
C LEU E 69 -3.42 39.08 9.93
N ASP E 70 -2.79 39.38 11.07
CA ASP E 70 -2.54 38.40 12.12
C ASP E 70 -3.03 38.92 13.47
N LEU E 71 -4.27 39.38 13.50
CA LEU E 71 -4.88 39.90 14.72
C LEU E 71 -6.20 39.21 15.06
N GLY E 72 -6.55 38.15 14.35
CA GLY E 72 -7.79 37.43 14.61
C GLY E 72 -7.64 36.38 15.68
N ASN E 73 -6.45 35.80 15.79
CA ASN E 73 -6.21 34.76 16.79
C ASN E 73 -5.97 35.35 18.18
N TYR E 74 -5.56 36.62 18.26
CA TYR E 74 -5.32 37.24 19.56
C TYR E 74 -6.62 37.52 20.30
N GLU E 75 -7.65 38.01 19.59
CA GLU E 75 -8.92 38.29 20.23
C GLU E 75 -9.68 37.02 20.57
N ARG E 76 -9.50 35.96 19.78
CA ARG E 76 -10.20 34.71 20.04
C ARG E 76 -9.57 33.94 21.20
N PHE E 77 -8.23 33.91 21.26
CA PHE E 77 -7.55 33.23 22.35
C PHE E 77 -7.55 34.05 23.62
N LEU E 78 -6.89 35.21 23.58
CA LEU E 78 -6.81 36.09 24.75
C LEU E 78 -8.12 36.86 24.92
N ASP E 79 -8.22 37.61 26.02
CA ASP E 79 -9.39 38.40 26.33
C ASP E 79 -9.21 39.87 25.99
N VAL E 80 -8.35 40.18 25.01
CA VAL E 80 -8.10 41.55 24.60
C VAL E 80 -8.66 41.75 23.19
N THR E 81 -8.75 43.01 22.78
CA THR E 81 -9.25 43.40 21.48
C THR E 81 -8.24 44.29 20.79
N LEU E 82 -8.53 44.67 19.55
CA LEU E 82 -7.68 45.54 18.76
C LEU E 82 -8.46 46.75 18.29
N HIS E 83 -7.79 47.90 18.25
CA HIS E 83 -8.42 49.14 17.84
C HIS E 83 -7.70 49.76 16.65
N ARG E 84 -7.74 51.07 16.53
CA ARG E 84 -7.08 51.78 15.43
C ARG E 84 -5.62 52.10 15.75
N ASP E 85 -5.19 51.96 16.99
CA ASP E 85 -3.82 52.25 17.38
C ASP E 85 -2.97 50.98 17.51
N ASN E 86 -3.44 49.87 16.94
CA ASN E 86 -2.70 48.61 17.00
C ASN E 86 -2.10 48.19 15.67
N ASN E 87 -2.60 48.71 14.55
CA ASN E 87 -2.06 48.37 13.23
C ASN E 87 -0.93 49.32 12.84
N ILE E 88 0.12 49.30 13.67
CA ILE E 88 1.26 50.17 13.44
C ILE E 88 2.09 49.64 12.28
N THR E 89 2.37 50.51 11.31
CA THR E 89 3.16 50.15 10.15
C THR E 89 4.11 51.29 9.83
N THR E 90 4.96 51.07 8.82
CA THR E 90 5.92 52.09 8.42
C THR E 90 5.23 53.28 7.74
N GLY E 91 4.08 53.05 7.11
CA GLY E 91 3.38 54.14 6.45
C GLY E 91 2.70 55.09 7.43
N LYS E 92 2.25 54.57 8.57
CA LYS E 92 1.59 55.43 9.55
C LYS E 92 2.58 56.36 10.24
N ILE E 93 3.82 55.90 10.45
CA ILE E 93 4.83 56.74 11.09
C ILE E 93 5.22 57.89 10.17
N TYR E 94 5.37 57.62 8.87
CA TYR E 94 5.76 58.65 7.92
C TYR E 94 4.71 59.74 7.74
N LYS E 95 3.49 59.54 8.23
CA LYS E 95 2.46 60.56 8.10
C LYS E 95 2.72 61.75 9.02
N LEU E 96 3.43 61.53 10.14
CA LEU E 96 3.73 62.59 11.08
C LEU E 96 5.18 63.04 11.06
N VAL E 97 6.10 62.23 10.55
CA VAL E 97 7.49 62.64 10.48
C VAL E 97 7.67 63.77 9.46
N ILE E 98 6.96 63.69 8.33
CA ILE E 98 7.04 64.75 7.34
C ILE E 98 6.29 65.99 7.83
N GLU E 99 5.28 65.81 8.67
CA GLU E 99 4.51 66.94 9.17
C GLU E 99 5.25 67.71 10.26
N LYS E 100 5.98 67.00 11.13
CA LYS E 100 6.67 67.67 12.21
C LYS E 100 7.87 68.48 11.71
N GLU E 101 8.48 68.06 10.60
CA GLU E 101 9.60 68.78 10.03
C GLU E 101 9.18 69.92 9.11
N ARG E 102 7.90 69.99 8.77
CA ARG E 102 7.39 71.06 7.91
C ARG E 102 6.71 72.17 8.70
N THR E 103 6.07 71.85 9.82
CA THR E 103 5.42 72.87 10.64
C THR E 103 6.46 73.73 11.36
N GLY E 104 7.32 73.10 12.15
CA GLY E 104 8.36 73.82 12.85
C GLY E 104 8.34 73.62 14.35
N GLU E 105 9.00 72.56 14.82
CA GLU E 105 9.11 72.27 16.24
C GLU E 105 10.54 72.14 16.74
N TYR E 106 11.49 71.79 15.89
CA TYR E 106 12.90 71.66 16.25
C TYR E 106 13.74 72.70 15.54
N LEU E 107 13.18 73.91 15.39
CA LEU E 107 13.85 75.04 14.73
C LEU E 107 14.21 74.73 13.28
N GLY E 108 13.57 73.73 12.68
CA GLY E 108 13.84 73.39 11.29
C GLY E 108 15.23 72.87 11.03
N LYS E 109 15.90 72.30 12.03
CA LYS E 109 17.25 71.80 11.84
C LYS E 109 17.23 70.50 11.04
N THR E 110 18.24 70.33 10.19
CA THR E 110 18.36 69.13 9.38
C THR E 110 18.84 67.96 10.24
N VAL E 111 17.97 66.97 10.43
CA VAL E 111 18.30 65.81 11.25
C VAL E 111 18.80 64.68 10.35
N GLN E 112 19.10 63.54 10.96
CA GLN E 112 19.58 62.38 10.20
C GLN E 112 18.80 61.13 10.57
N VAL E 113 19.12 60.55 11.73
CA VAL E 113 18.44 59.33 12.19
C VAL E 113 18.53 59.26 13.71
N VAL E 114 19.54 59.92 14.28
CA VAL E 114 19.73 59.93 15.73
C VAL E 114 20.05 61.35 16.18
N PRO E 115 19.53 61.80 17.34
CA PRO E 115 18.60 61.04 18.17
C PRO E 115 17.14 61.42 17.93
N HIS E 116 16.65 61.21 16.71
CA HIS E 116 15.29 61.60 16.37
C HIS E 116 14.44 60.42 15.94
N ILE E 117 14.92 59.65 14.96
CA ILE E 117 14.17 58.50 14.47
C ILE E 117 14.11 57.42 15.55
N THR E 118 15.23 57.14 16.22
CA THR E 118 15.24 56.15 17.28
C THR E 118 14.43 56.60 18.49
N ASP E 119 14.32 57.91 18.70
CA ASP E 119 13.52 58.44 19.80
C ASP E 119 12.05 58.61 19.46
N ALA E 120 11.71 58.65 18.16
CA ALA E 120 10.31 58.78 17.78
C ALA E 120 9.53 57.50 18.06
N ILE E 121 10.21 56.34 18.08
CA ILE E 121 9.55 55.08 18.40
C ILE E 121 9.19 55.01 19.87
N GLN E 122 9.88 55.76 20.72
CA GLN E 122 9.58 55.73 22.15
C GLN E 122 8.20 56.30 22.44
N GLU E 123 7.70 57.20 21.59
CA GLU E 123 6.37 57.74 21.80
C GLU E 123 5.28 56.75 21.44
N TRP E 124 5.61 55.74 20.62
CA TRP E 124 4.63 54.72 20.25
C TRP E 124 4.57 53.58 21.27
N VAL E 125 5.56 53.50 22.17
CA VAL E 125 5.57 52.42 23.14
C VAL E 125 5.09 52.91 24.50
N GLU E 126 5.50 54.13 24.89
CA GLU E 126 5.09 54.66 26.19
C GLU E 126 3.66 55.17 26.20
N ARG E 127 3.01 55.23 25.04
CA ARG E 127 1.62 55.69 24.99
C ARG E 127 0.64 54.53 25.05
N VAL E 128 1.04 53.37 24.53
CA VAL E 128 0.17 52.19 24.53
C VAL E 128 0.51 51.33 25.75
N ALA E 129 1.38 51.84 26.62
CA ALA E 129 1.80 51.09 27.80
C ALA E 129 0.71 51.12 28.88
N GLN E 130 0.22 52.31 29.22
CA GLN E 130 -0.80 52.47 30.25
C GLN E 130 -2.20 52.57 29.68
N THR E 131 -2.38 52.33 28.38
CA THR E 131 -3.68 52.38 27.72
C THR E 131 -3.96 51.03 27.09
N PRO E 132 -4.44 50.06 27.87
CA PRO E 132 -4.73 48.74 27.31
C PRO E 132 -6.05 48.71 26.55
N VAL E 133 -6.89 47.72 26.85
CA VAL E 133 -8.19 47.58 26.21
C VAL E 133 -9.29 47.72 27.25
N GLN E 134 -10.54 47.51 26.85
CA GLN E 134 -11.69 47.61 27.75
C GLN E 134 -11.84 46.27 28.49
N GLY E 135 -11.02 46.11 29.53
CA GLY E 135 -11.04 44.90 30.33
C GLY E 135 -9.98 44.88 31.41
N SER E 136 -9.09 45.86 31.40
CA SER E 136 -8.02 45.94 32.38
C SER E 136 -7.72 47.41 32.67
N SER E 137 -6.96 47.63 33.74
CA SER E 137 -6.58 49.00 34.15
C SER E 137 -5.23 49.37 33.54
N LYS E 138 -4.16 48.76 34.04
CA LYS E 138 -2.82 49.04 33.55
C LYS E 138 -2.02 47.75 33.49
N PRO E 139 -1.63 47.29 32.31
CA PRO E 139 -0.86 46.05 32.21
C PRO E 139 0.58 46.25 32.69
N GLN E 140 1.04 45.32 33.52
CA GLN E 140 2.41 45.41 34.04
C GLN E 140 3.44 44.97 33.00
N VAL E 141 3.09 44.01 32.16
CA VAL E 141 3.97 43.51 31.10
C VAL E 141 3.46 44.04 29.77
N CYS E 142 4.31 44.77 29.05
CA CYS E 142 3.98 45.34 27.75
C CYS E 142 4.91 44.73 26.71
N ILE E 143 4.43 43.70 26.02
CA ILE E 143 5.21 43.00 25.02
C ILE E 143 4.99 43.67 23.67
N VAL E 144 6.01 43.60 22.82
CA VAL E 144 5.96 44.17 21.47
C VAL E 144 6.28 43.07 20.48
N GLU E 145 5.39 42.86 19.51
CA GLU E 145 5.56 41.82 18.52
C GLU E 145 6.23 42.37 17.26
N LEU E 146 6.81 41.47 16.47
CA LEU E 146 7.48 41.82 15.23
C LEU E 146 7.00 40.86 14.14
N GLY E 147 6.09 41.33 13.30
CA GLY E 147 5.54 40.54 12.22
C GLY E 147 6.15 40.87 10.88
N GLY E 148 5.60 40.24 9.84
CA GLY E 148 6.07 40.46 8.49
C GLY E 148 7.42 39.85 8.22
N THR E 149 8.41 40.68 7.92
CA THR E 149 9.77 40.25 7.64
C THR E 149 10.70 40.68 8.77
N ILE E 150 11.96 40.27 8.67
CA ILE E 150 12.97 40.61 9.66
C ILE E 150 14.32 40.64 8.98
N GLY E 151 15.10 41.68 9.28
CA GLY E 151 16.42 41.84 8.69
C GLY E 151 16.39 42.35 7.28
N ASP E 152 16.37 43.67 7.12
CA ASP E 152 16.33 44.30 5.82
C ASP E 152 17.12 45.61 5.89
N ILE E 153 16.70 46.61 5.11
CA ILE E 153 17.39 47.89 5.11
C ILE E 153 16.97 48.74 6.30
N GLU E 154 15.67 48.78 6.60
CA GLU E 154 15.14 49.56 7.71
C GLU E 154 15.41 48.93 9.06
N GLY E 155 16.14 47.81 9.12
CA GLY E 155 16.45 47.15 10.36
C GLY E 155 17.55 47.79 11.19
N MET E 156 18.15 48.87 10.70
CA MET E 156 19.21 49.52 11.47
C MET E 156 18.67 50.35 12.63
N PRO E 157 17.69 51.24 12.45
CA PRO E 157 17.17 51.99 13.60
C PRO E 157 16.41 51.14 14.60
N PHE E 158 16.00 49.92 14.21
CA PHE E 158 15.30 49.05 15.15
C PHE E 158 16.25 48.52 16.21
N VAL E 159 17.50 48.24 15.84
CA VAL E 159 18.47 47.74 16.82
C VAL E 159 18.91 48.86 17.75
N GLU E 160 19.09 50.07 17.22
CA GLU E 160 19.51 51.19 18.04
C GLU E 160 18.44 51.63 19.02
N ALA E 161 17.18 51.29 18.77
CA ALA E 161 16.09 51.67 19.67
C ALA E 161 15.83 50.65 20.75
N PHE E 162 16.16 49.37 20.52
CA PHE E 162 15.93 48.35 21.53
C PHE E 162 16.94 48.44 22.66
N ARG E 163 18.16 48.90 22.37
CA ARG E 163 19.17 49.03 23.41
C ARG E 163 18.96 50.24 24.31
N GLN E 164 18.14 51.20 23.88
CA GLN E 164 17.89 52.38 24.71
C GLN E 164 17.05 52.03 25.92
N PHE E 165 16.03 51.19 25.75
CA PHE E 165 15.18 50.80 26.87
C PHE E 165 15.87 49.83 27.82
N GLN E 166 16.94 49.17 27.37
CA GLN E 166 17.63 48.20 28.20
C GLN E 166 18.76 48.81 29.01
N PHE E 167 19.49 49.78 28.45
CA PHE E 167 20.61 50.38 29.16
C PHE E 167 20.15 51.30 30.28
N ARG E 168 18.89 51.71 30.29
CA ARG E 168 18.38 52.59 31.34
C ARG E 168 17.81 51.84 32.53
N VAL E 169 17.49 50.56 32.38
CA VAL E 169 16.95 49.76 33.48
C VAL E 169 17.89 48.60 33.76
N LYS E 170 17.46 47.68 34.61
CA LYS E 170 18.27 46.52 34.97
C LYS E 170 18.25 45.49 33.84
N ARG E 171 19.04 44.43 34.01
CA ARG E 171 19.14 43.37 33.02
C ARG E 171 18.06 42.31 33.18
N GLU E 172 17.19 42.44 34.18
CA GLU E 172 16.13 41.47 34.44
C GLU E 172 14.79 41.91 33.86
N ASN E 173 14.81 42.64 32.75
CA ASN E 173 13.59 43.13 32.12
C ASN E 173 13.48 42.84 30.64
N PHE E 174 14.53 42.31 30.00
CA PHE E 174 14.53 42.03 28.58
C PHE E 174 15.10 40.65 28.32
N CYS E 175 14.54 39.97 27.31
CA CYS E 175 15.01 38.64 26.90
C CYS E 175 15.01 38.61 25.38
N LEU E 176 16.20 38.70 24.79
CA LEU E 176 16.32 38.73 23.34
C LEU E 176 16.07 37.35 22.75
N ALA E 177 15.28 37.30 21.68
CA ALA E 177 14.98 36.04 21.00
C ALA E 177 14.81 36.35 19.52
N HIS E 178 15.73 35.81 18.70
CA HIS E 178 15.69 36.06 17.26
C HIS E 178 14.84 35.00 16.56
N VAL E 179 15.35 34.43 15.48
CA VAL E 179 14.63 33.42 14.71
C VAL E 179 15.64 32.59 13.96
N SER E 180 15.42 31.27 13.93
CA SER E 180 16.32 30.36 13.22
C SER E 180 15.52 29.13 12.80
N LEU E 181 15.18 29.05 11.52
CA LEU E 181 14.44 27.92 11.00
C LEU E 181 15.35 26.70 10.87
N VAL E 182 14.76 25.52 11.05
CA VAL E 182 15.50 24.26 10.96
C VAL E 182 15.20 23.58 9.64
N PRO E 183 16.12 23.57 8.69
CA PRO E 183 15.87 22.90 7.41
C PRO E 183 15.96 21.38 7.55
N LEU E 184 15.36 20.71 6.57
CA LEU E 184 15.35 19.25 6.54
C LEU E 184 16.04 18.76 5.27
N PRO E 185 17.09 17.95 5.38
CA PRO E 185 17.76 17.47 4.17
C PRO E 185 16.94 16.41 3.44
N LYS E 186 17.32 16.16 2.19
CA LYS E 186 16.64 15.20 1.35
C LYS E 186 17.49 13.98 1.04
N ALA E 187 18.79 14.02 1.32
CA ALA E 187 19.70 12.90 1.05
C ALA E 187 20.13 12.20 2.32
N THR E 188 20.72 12.91 3.27
CA THR E 188 21.17 12.32 4.52
C THR E 188 20.00 12.10 5.47
N GLY E 189 19.85 12.99 6.44
CA GLY E 189 18.77 12.88 7.40
C GLY E 189 19.10 13.52 8.73
N GLU E 190 20.33 14.00 8.88
CA GLU E 190 20.74 14.63 10.13
C GLU E 190 20.23 16.07 10.17
N PRO E 191 19.53 16.47 11.24
CA PRO E 191 19.01 17.84 11.31
C PRO E 191 20.12 18.87 11.52
N LYS E 192 20.87 19.17 10.48
CA LYS E 192 21.94 20.16 10.54
C LYS E 192 21.34 21.53 10.24
N THR E 193 21.14 22.33 11.27
CA THR E 193 20.54 23.65 11.11
C THR E 193 21.59 24.66 10.66
N LYS E 194 21.22 25.50 9.69
CA LYS E 194 22.12 26.49 9.14
C LYS E 194 21.78 27.92 9.61
N PRO E 195 20.51 28.35 9.61
CA PRO E 195 20.21 29.71 10.07
C PRO E 195 20.55 29.96 11.54
N THR E 196 20.82 28.92 12.33
CA THR E 196 21.17 29.13 13.73
C THR E 196 22.52 29.82 13.86
N GLN E 197 23.55 29.27 13.21
CA GLN E 197 24.87 29.87 13.27
C GLN E 197 24.96 31.19 12.49
N SER E 198 24.02 31.42 11.57
CA SER E 198 24.03 32.66 10.81
C SER E 198 23.31 33.79 11.55
N SER E 199 22.36 33.47 12.40
CA SER E 199 21.64 34.49 13.15
C SER E 199 22.49 35.08 14.27
N VAL E 200 23.46 34.32 14.79
CA VAL E 200 24.32 34.83 15.85
C VAL E 200 25.27 35.88 15.29
N ARG E 201 25.74 35.69 14.06
CA ARG E 201 26.65 36.65 13.45
C ARG E 201 25.96 37.98 13.18
N GLU E 202 24.67 37.95 12.84
CA GLU E 202 23.95 39.20 12.60
C GLU E 202 23.70 39.97 13.88
N LEU E 203 23.48 39.27 15.00
CA LEU E 203 23.26 39.96 16.26
C LEU E 203 24.55 40.55 16.82
N ARG E 204 25.67 39.87 16.63
CA ARG E 204 26.95 40.39 17.10
C ARG E 204 27.45 41.54 16.24
N GLY E 205 27.01 41.64 14.99
CA GLY E 205 27.42 42.71 14.12
C GLY E 205 26.66 44.00 14.28
N CYS E 206 25.70 44.07 15.21
CA CYS E 206 24.92 45.28 15.44
C CYS E 206 24.90 45.73 16.90
N GLY E 207 25.29 44.88 17.84
CA GLY E 207 25.31 45.27 19.24
C GLY E 207 24.26 44.55 20.07
N LEU E 208 24.01 43.28 19.75
CA LEU E 208 23.04 42.47 20.46
C LEU E 208 23.67 41.16 20.90
N SER E 209 23.03 40.50 21.86
CA SER E 209 23.52 39.23 22.38
C SER E 209 22.35 38.29 22.62
N PRO E 210 22.29 37.15 21.93
CA PRO E 210 21.18 36.23 22.13
C PRO E 210 21.29 35.51 23.47
N ASP E 211 20.14 35.35 24.12
CA ASP E 211 20.07 34.69 25.42
C ASP E 211 19.09 33.53 25.47
N LEU E 212 18.01 33.57 24.68
CA LEU E 212 17.02 32.51 24.67
C LEU E 212 17.35 31.51 23.56
N ILE E 213 16.51 30.49 23.44
CA ILE E 213 16.68 29.42 22.45
C ILE E 213 15.45 29.44 21.56
N VAL E 214 15.66 29.61 20.25
CA VAL E 214 14.60 29.65 19.26
C VAL E 214 14.78 28.45 18.33
N CYS E 215 13.69 27.72 18.09
CA CYS E 215 13.74 26.55 17.22
C CYS E 215 12.34 26.31 16.67
N ARG E 216 12.27 25.45 15.65
CA ARG E 216 11.00 25.12 15.01
C ARG E 216 11.16 23.79 14.29
N SER E 217 10.37 22.80 14.67
CA SER E 217 10.41 21.48 14.05
C SER E 217 8.99 20.93 13.97
N GLU E 218 8.89 19.63 13.68
CA GLU E 218 7.59 18.97 13.58
C GLU E 218 7.51 17.64 14.30
N LYS E 219 8.63 17.02 14.65
CA LYS E 219 8.64 15.75 15.35
C LYS E 219 9.79 15.74 16.35
N PRO E 220 9.63 15.03 17.47
CA PRO E 220 10.71 14.98 18.48
C PRO E 220 11.99 14.36 17.92
N ILE E 221 12.97 15.21 17.64
CA ILE E 221 14.25 14.75 17.10
C ILE E 221 15.13 14.23 18.24
N GLY E 222 16.30 13.69 17.89
CA GLY E 222 17.19 13.15 18.89
C GLY E 222 17.88 14.23 19.71
N LEU E 223 18.61 13.77 20.72
CA LEU E 223 19.35 14.66 21.61
C LEU E 223 20.77 14.93 21.13
N GLU E 224 21.15 14.44 19.95
CA GLU E 224 22.50 14.67 19.45
C GLU E 224 22.70 16.07 18.91
N VAL E 225 21.62 16.82 18.68
CA VAL E 225 21.72 18.19 18.16
C VAL E 225 21.31 19.23 19.18
N LYS E 226 20.87 18.82 20.38
CA LYS E 226 20.48 19.80 21.39
C LYS E 226 21.69 20.46 22.03
N GLU E 227 22.81 19.73 22.12
CA GLU E 227 24.05 20.30 22.66
C GLU E 227 24.83 21.09 21.62
N LYS E 228 24.40 21.06 20.35
CA LYS E 228 25.10 21.83 19.33
C LYS E 228 24.78 23.31 19.40
N ILE E 229 23.52 23.65 19.70
CA ILE E 229 23.14 25.05 19.81
C ILE E 229 23.57 25.67 21.14
N SER E 230 23.74 24.86 22.18
CA SER E 230 24.11 25.40 23.49
C SER E 230 25.52 25.98 23.47
N ASN E 231 26.48 25.28 22.84
CA ASN E 231 27.84 25.78 22.81
C ASN E 231 28.01 26.95 21.86
N PHE E 232 27.17 27.04 20.82
CA PHE E 232 27.23 28.16 19.90
C PHE E 232 26.61 29.43 20.48
N CYS E 233 25.75 29.30 21.49
CA CYS E 233 25.12 30.44 22.12
C CYS E 233 25.56 30.67 23.56
N HIS E 234 26.35 29.74 24.13
CA HIS E 234 26.83 29.84 25.51
C HIS E 234 25.67 29.99 26.50
N VAL E 235 24.68 29.12 26.35
CA VAL E 235 23.50 29.13 27.22
C VAL E 235 23.40 27.80 27.94
N GLY E 236 22.31 27.60 28.67
CA GLY E 236 22.09 26.38 29.41
C GLY E 236 21.67 25.24 28.51
N PRO E 237 22.28 24.06 28.70
CA PRO E 237 21.92 22.91 27.86
C PRO E 237 20.54 22.34 28.16
N ASP E 238 20.00 22.58 29.36
CA ASP E 238 18.69 22.07 29.73
C ASP E 238 17.57 23.06 29.46
N GLN E 239 17.82 24.07 28.61
CA GLN E 239 16.83 25.08 28.27
C GLN E 239 16.58 25.14 26.76
N VAL E 240 16.86 24.06 26.04
CA VAL E 240 16.64 24.03 24.59
C VAL E 240 15.19 23.66 24.32
N ILE E 241 14.52 24.47 23.50
CA ILE E 241 13.12 24.24 23.16
C ILE E 241 13.06 23.37 21.92
N CYS E 242 12.30 22.28 21.99
CA CYS E 242 12.12 21.33 20.89
C CYS E 242 10.64 21.28 20.55
N ILE E 243 10.14 22.32 19.89
CA ILE E 243 8.73 22.42 19.56
C ILE E 243 8.46 21.57 18.32
N HIS E 244 7.42 20.73 18.40
CA HIS E 244 7.03 19.88 17.28
C HIS E 244 5.67 20.29 16.75
N ASP E 245 5.52 21.57 16.43
CA ASP E 245 4.23 22.07 15.94
C ASP E 245 3.92 21.51 14.56
N LEU E 246 2.66 21.09 14.38
CA LEU E 246 2.21 20.55 13.11
C LEU E 246 1.28 21.53 12.41
N ASN E 247 0.03 21.59 12.87
CA ASN E 247 -0.93 22.51 12.27
C ASN E 247 -2.01 22.97 13.24
N SER E 248 -1.84 22.76 14.55
CA SER E 248 -2.84 23.17 15.52
C SER E 248 -2.21 24.02 16.62
N ILE E 249 -2.85 24.07 17.78
CA ILE E 249 -2.36 24.87 18.90
C ILE E 249 -2.07 24.06 20.16
N TYR E 250 -2.58 22.83 20.28
CA TYR E 250 -2.35 22.04 21.48
C TYR E 250 -0.99 21.35 21.50
N HIS E 251 -0.14 21.61 20.53
CA HIS E 251 1.20 21.05 20.48
C HIS E 251 2.24 21.95 21.15
N VAL E 252 1.80 22.88 22.00
CA VAL E 252 2.70 23.82 22.66
C VAL E 252 2.65 23.64 24.18
N PRO E 253 1.48 23.62 24.84
CA PRO E 253 1.50 23.50 26.30
C PRO E 253 1.99 22.15 26.80
N LEU E 254 1.98 21.11 25.98
CA LEU E 254 2.48 19.81 26.41
C LEU E 254 4.00 19.76 26.47
N LEU E 255 4.70 20.75 25.92
CA LEU E 255 6.15 20.77 25.93
C LEU E 255 6.71 21.57 27.10
N MET E 256 6.01 22.64 27.52
CA MET E 256 6.50 23.47 28.61
C MET E 256 6.51 22.72 29.93
N GLU E 257 5.70 21.68 30.06
CA GLU E 257 5.63 20.88 31.28
C GLU E 257 6.67 19.76 31.31
N GLN E 258 7.51 19.65 30.29
CA GLN E 258 8.53 18.61 30.22
C GLN E 258 9.95 19.17 30.26
N ASN E 259 10.23 20.24 29.53
CA ASN E 259 11.56 20.84 29.55
C ASN E 259 11.80 21.59 30.86
N GLY E 260 11.06 22.67 31.07
CA GLY E 260 11.21 23.47 32.27
C GLY E 260 11.37 24.95 31.99
N VAL E 261 10.39 25.53 31.30
CA VAL E 261 10.42 26.94 30.95
C VAL E 261 9.32 27.75 31.64
N ILE E 262 8.36 27.09 32.29
CA ILE E 262 7.30 27.82 32.97
C ILE E 262 7.77 28.45 34.27
N GLU E 263 8.84 27.93 34.87
CA GLU E 263 9.39 28.48 36.10
C GLU E 263 10.68 29.26 35.89
N TYR E 264 11.25 29.22 34.67
CA TYR E 264 12.48 29.95 34.42
C TYR E 264 12.22 31.45 34.26
N LEU E 265 11.15 31.81 33.56
CA LEU E 265 10.82 33.23 33.36
C LEU E 265 10.20 33.88 34.59
N ASN E 266 9.79 33.09 35.58
CA ASN E 266 9.22 33.67 36.79
C ASN E 266 10.30 34.29 37.66
N GLU E 267 11.39 33.56 37.89
CA GLU E 267 12.49 34.07 38.70
C GLU E 267 13.47 34.93 37.89
N ARG E 268 13.30 34.99 36.57
CA ARG E 268 14.20 35.81 35.75
C ARG E 268 13.82 37.28 35.80
N LEU E 269 12.51 37.58 35.80
CA LEU E 269 12.03 38.95 35.83
C LEU E 269 11.38 39.32 37.15
N GLN E 270 11.38 38.40 38.14
CA GLN E 270 10.78 38.64 39.45
C GLN E 270 9.33 39.07 39.32
N LEU E 271 8.45 38.12 39.00
CA LEU E 271 7.02 38.39 38.85
C LEU E 271 6.23 37.47 39.76
N ASN E 272 4.97 37.82 39.97
CA ASN E 272 4.09 37.02 40.81
C ASN E 272 3.60 35.79 40.05
N ILE E 273 3.07 34.83 40.80
CA ILE E 273 2.58 33.58 40.22
C ILE E 273 1.49 33.01 41.13
N ASP E 274 0.37 32.60 40.54
CA ASP E 274 -0.74 32.00 41.27
C ASP E 274 -0.67 30.49 41.07
N MET E 275 0.06 29.83 41.96
CA MET E 275 0.24 28.38 41.86
C MET E 275 -1.02 27.66 42.31
N SER E 276 -1.37 26.59 41.60
CA SER E 276 -2.52 25.76 41.94
C SER E 276 -2.26 24.31 41.61
N LYS E 277 -1.95 24.02 40.35
CA LYS E 277 -1.61 22.67 39.93
C LYS E 277 -0.23 22.64 39.30
N ARG E 278 0.04 23.56 38.38
CA ARG E 278 1.34 23.68 37.75
C ARG E 278 1.53 25.08 37.18
N THR E 279 2.01 26.01 38.01
CA THR E 279 2.18 27.42 37.65
C THR E 279 0.87 28.01 37.13
N LYS E 280 0.59 27.80 35.85
CA LYS E 280 -0.63 28.30 35.23
C LYS E 280 -1.69 27.21 35.19
N CYS E 281 -2.94 27.63 34.97
CA CYS E 281 -4.04 26.68 34.90
C CYS E 281 -3.96 25.90 33.59
N LEU E 282 -4.04 24.57 33.69
CA LEU E 282 -3.94 23.69 32.53
C LEU E 282 -5.20 22.89 32.26
N GLN E 283 -6.10 22.76 33.23
CA GLN E 283 -7.32 21.98 33.03
C GLN E 283 -8.22 22.58 31.95
N GLN E 284 -8.07 23.87 31.64
CA GLN E 284 -8.87 24.47 30.59
C GLN E 284 -8.45 23.99 29.21
N TRP E 285 -7.16 23.70 29.03
CA TRP E 285 -6.66 23.24 27.73
C TRP E 285 -6.64 21.72 27.61
N ARG E 286 -6.60 21.00 28.73
CA ARG E 286 -6.57 19.54 28.65
C ARG E 286 -7.94 18.97 28.30
N ASP E 287 -9.02 19.69 28.64
CA ASP E 287 -10.36 19.21 28.31
C ASP E 287 -10.63 19.33 26.81
N LEU E 288 -10.16 20.41 26.18
CA LEU E 288 -10.36 20.60 24.75
C LEU E 288 -9.35 19.85 23.90
N ALA E 289 -8.28 19.31 24.51
CA ALA E 289 -7.28 18.59 23.74
C ALA E 289 -7.73 17.16 23.46
N ARG E 290 -8.18 16.45 24.50
CA ARG E 290 -8.63 15.07 24.31
C ARG E 290 -9.98 15.00 23.62
N ARG E 291 -10.85 15.97 23.86
CA ARG E 291 -12.17 15.95 23.23
C ARG E 291 -12.10 16.23 21.73
N THR E 292 -11.03 16.86 21.26
CA THR E 292 -10.88 17.17 19.85
C THR E 292 -10.37 15.98 19.04
N GLU E 293 -9.41 15.23 19.58
CA GLU E 293 -8.80 14.10 18.89
C GLU E 293 -9.58 12.81 19.09
N THR E 294 -10.84 12.88 19.53
CA THR E 294 -11.66 11.69 19.73
C THR E 294 -12.98 11.77 18.96
N VAL E 295 -13.08 12.65 17.97
CA VAL E 295 -14.27 12.79 17.15
C VAL E 295 -13.91 12.53 15.69
N ARG E 296 -14.88 12.03 14.94
CA ARG E 296 -14.68 11.71 13.54
C ARG E 296 -16.04 11.58 12.86
N ARG E 297 -16.04 11.79 11.55
CA ARG E 297 -17.27 11.68 10.76
C ARG E 297 -16.94 11.38 9.30
N GLU E 298 -15.89 12.04 8.78
CA GLU E 298 -15.46 11.87 7.39
C GLU E 298 -16.60 12.18 6.42
N VAL E 299 -17.23 13.33 6.60
CA VAL E 299 -18.32 13.78 5.76
C VAL E 299 -17.77 14.67 4.65
N CYS E 300 -18.40 14.60 3.47
CA CYS E 300 -17.97 15.39 2.33
C CYS E 300 -18.44 16.83 2.51
N ILE E 301 -17.49 17.75 2.63
CA ILE E 301 -17.76 19.18 2.75
C ILE E 301 -16.95 19.89 1.68
N ALA E 302 -17.64 20.45 0.69
CA ALA E 302 -17.00 21.12 -0.44
C ALA E 302 -16.96 22.62 -0.15
N VAL E 303 -15.75 23.19 -0.15
CA VAL E 303 -15.56 24.61 0.06
C VAL E 303 -14.89 25.20 -1.17
N VAL E 304 -15.13 26.48 -1.42
CA VAL E 304 -14.59 27.19 -2.58
C VAL E 304 -13.74 28.34 -2.07
N GLY E 305 -12.49 28.41 -2.52
CA GLY E 305 -11.59 29.47 -2.14
C GLY E 305 -11.23 30.39 -3.28
N LYS E 306 -10.06 30.18 -3.87
CA LYS E 306 -9.61 30.99 -5.00
C LYS E 306 -8.64 30.20 -5.88
N TYR E 307 -7.53 29.75 -5.30
CA TYR E 307 -6.55 28.96 -6.03
C TYR E 307 -6.50 27.53 -5.49
N THR E 308 -5.39 26.84 -5.73
CA THR E 308 -5.21 25.48 -5.26
C THR E 308 -4.20 25.36 -4.13
N LYS E 309 -3.31 26.33 -3.99
CA LYS E 309 -2.31 26.31 -2.93
C LYS E 309 -2.87 26.96 -1.66
N PHE E 310 -2.01 27.18 -0.68
CA PHE E 310 -2.42 27.81 0.58
C PHE E 310 -2.56 29.31 0.34
N THR E 311 -3.80 29.76 0.15
CA THR E 311 -4.08 31.16 -0.08
C THR E 311 -4.31 31.88 1.25
N ASP E 312 -4.84 33.10 1.20
CA ASP E 312 -5.10 33.90 2.38
C ASP E 312 -6.59 34.18 2.58
N SER E 313 -7.44 33.31 2.03
CA SER E 313 -8.88 33.45 2.14
C SER E 313 -9.49 32.58 3.23
N TYR E 314 -8.70 31.68 3.83
CA TYR E 314 -9.23 30.80 4.88
C TYR E 314 -8.14 30.37 5.85
N ALA E 315 -7.12 31.21 6.05
CA ALA E 315 -6.05 30.86 6.98
C ALA E 315 -6.54 30.89 8.42
N SER E 316 -7.28 31.94 8.80
CA SER E 316 -7.81 32.06 10.14
C SER E 316 -9.29 31.68 10.23
N VAL E 317 -9.87 31.18 9.14
CA VAL E 317 -11.28 30.80 9.13
C VAL E 317 -11.45 29.32 9.45
N VAL E 318 -10.58 28.46 8.90
CA VAL E 318 -10.70 27.03 9.13
C VAL E 318 -10.28 26.65 10.55
N LYS E 319 -9.60 27.55 11.26
CA LYS E 319 -9.17 27.26 12.63
C LYS E 319 -10.21 27.65 13.67
N ALA E 320 -10.90 28.77 13.45
CA ALA E 320 -11.91 29.21 14.41
C ALA E 320 -13.18 28.38 14.35
N LEU E 321 -13.56 27.93 13.15
CA LEU E 321 -14.78 27.13 13.00
C LEU E 321 -14.61 25.71 13.49
N GLN E 322 -13.37 25.21 13.60
CA GLN E 322 -13.14 23.85 14.06
C GLN E 322 -13.37 23.70 15.56
N HIS E 323 -13.05 24.73 16.34
CA HIS E 323 -13.25 24.65 17.78
C HIS E 323 -14.72 24.71 18.15
N ALA E 324 -15.50 25.52 17.42
CA ALA E 324 -16.92 25.62 17.70
C ALA E 324 -17.71 24.40 17.21
N ALA E 325 -17.11 23.59 16.33
CA ALA E 325 -17.76 22.40 15.82
C ALA E 325 -17.61 21.20 16.76
N LEU E 326 -16.97 21.38 17.91
CA LEU E 326 -16.78 20.28 18.86
C LEU E 326 -18.03 19.98 19.68
N ALA E 327 -19.03 20.87 19.66
CA ALA E 327 -20.24 20.61 20.43
C ALA E 327 -21.05 19.47 19.84
N VAL E 328 -21.06 19.35 18.50
CA VAL E 328 -21.77 18.26 17.84
C VAL E 328 -20.93 17.02 17.67
N ASN E 329 -19.62 17.08 17.97
CA ASN E 329 -18.72 15.94 17.85
C ASN E 329 -18.71 15.37 16.44
N ARG E 330 -18.60 16.26 15.46
CA ARG E 330 -18.59 15.88 14.05
C ARG E 330 -17.39 16.53 13.37
N LYS E 331 -16.72 15.77 12.50
CA LYS E 331 -15.56 16.24 11.77
C LYS E 331 -15.94 16.59 10.34
N LEU E 332 -15.47 17.73 9.88
CA LEU E 332 -15.74 18.22 8.53
C LEU E 332 -14.47 18.10 7.70
N GLU E 333 -14.57 17.36 6.59
CA GLU E 333 -13.42 17.18 5.70
C GLU E 333 -13.38 18.33 4.69
N LEU E 334 -12.28 19.06 4.67
CA LEU E 334 -12.11 20.20 3.78
C LEU E 334 -11.37 19.79 2.52
N VAL E 335 -11.87 20.26 1.37
CA VAL E 335 -11.25 19.98 0.09
C VAL E 335 -10.79 21.28 -0.55
N PHE E 336 -10.37 21.22 -1.81
CA PHE E 336 -9.90 22.39 -2.54
C PHE E 336 -10.63 22.47 -3.87
N ILE E 337 -11.43 23.52 -4.04
CA ILE E 337 -12.17 23.76 -5.26
C ILE E 337 -11.79 25.13 -5.80
N GLU E 338 -11.32 25.18 -7.05
CA GLU E 338 -10.90 26.41 -7.69
C GLU E 338 -12.03 26.92 -8.58
N SER E 339 -12.47 28.15 -8.33
CA SER E 339 -13.55 28.75 -9.10
C SER E 339 -13.05 29.46 -10.36
N CYS E 340 -11.73 29.55 -10.56
CA CYS E 340 -11.20 30.21 -11.75
C CYS E 340 -11.35 29.33 -12.98
N LEU E 341 -10.61 28.22 -13.03
CA LEU E 341 -10.66 27.30 -14.17
C LEU E 341 -11.88 26.39 -13.99
N LEU E 342 -13.04 26.92 -14.38
CA LEU E 342 -14.30 26.20 -14.26
C LEU E 342 -15.31 26.72 -15.27
N GLU E 343 -15.11 27.95 -15.73
CA GLU E 343 -16.03 28.58 -16.67
C GLU E 343 -15.79 28.08 -18.09
N GLU E 344 -15.92 28.98 -19.07
CA GLU E 344 -15.73 28.61 -20.47
C GLU E 344 -14.27 28.41 -20.83
N GLU E 345 -13.34 28.84 -19.98
CA GLU E 345 -11.92 28.66 -20.26
C GLU E 345 -11.45 27.22 -20.04
N THR E 346 -12.29 26.37 -19.46
CA THR E 346 -11.94 24.97 -19.21
C THR E 346 -12.78 24.00 -20.03
N LEU E 347 -14.08 24.25 -20.15
CA LEU E 347 -14.93 23.34 -20.94
C LEU E 347 -14.56 23.37 -22.41
N HIS E 348 -14.10 24.51 -22.92
CA HIS E 348 -13.69 24.61 -24.32
C HIS E 348 -12.28 24.07 -24.56
N SER E 349 -11.53 23.80 -23.50
CA SER E 349 -10.18 23.26 -23.65
C SER E 349 -10.16 21.77 -23.37
N GLU E 350 -10.02 21.38 -22.11
CA GLU E 350 -10.01 19.98 -21.72
C GLU E 350 -10.92 19.76 -20.52
N PRO E 351 -11.71 18.69 -20.53
CA PRO E 351 -12.61 18.42 -19.39
C PRO E 351 -11.92 17.68 -18.26
N SER E 352 -10.60 17.85 -18.13
CA SER E 352 -9.87 17.17 -17.07
C SER E 352 -10.21 17.74 -15.70
N LYS E 353 -9.86 19.00 -15.46
CA LYS E 353 -10.13 19.65 -14.20
C LYS E 353 -11.56 20.18 -14.09
N TYR E 354 -12.35 20.08 -15.17
CA TYR E 354 -13.73 20.55 -15.11
C TYR E 354 -14.61 19.57 -14.33
N HIS E 355 -14.60 18.29 -14.72
CA HIS E 355 -15.39 17.28 -14.04
C HIS E 355 -14.74 16.79 -12.76
N LYS E 356 -13.48 17.15 -12.51
CA LYS E 356 -12.81 16.71 -11.29
C LYS E 356 -13.34 17.44 -10.06
N GLU E 357 -13.55 18.76 -10.16
CA GLU E 357 -14.04 19.55 -9.05
C GLU E 357 -15.55 19.69 -9.03
N TRP E 358 -16.26 19.09 -9.99
CA TRP E 358 -17.70 19.18 -10.06
C TRP E 358 -18.40 17.95 -9.49
N GLN E 359 -17.68 17.12 -8.73
CA GLN E 359 -18.25 15.92 -8.12
C GLN E 359 -18.44 16.03 -6.62
N LYS E 360 -17.59 16.78 -5.93
CA LYS E 360 -17.69 16.90 -4.48
C LYS E 360 -18.67 17.99 -4.05
N LEU E 361 -19.06 18.90 -4.95
CA LEU E 361 -20.00 19.95 -4.62
C LEU E 361 -21.46 19.50 -4.71
N CYS E 362 -21.72 18.27 -5.13
CA CYS E 362 -23.07 17.72 -5.19
C CYS E 362 -23.36 16.73 -4.06
N ASP E 363 -22.39 15.91 -3.69
CA ASP E 363 -22.57 14.95 -2.61
C ASP E 363 -22.35 15.57 -1.23
N SER E 364 -22.03 16.85 -1.16
CA SER E 364 -21.80 17.51 0.11
C SER E 364 -23.12 17.98 0.71
N HIS E 365 -23.04 18.68 1.85
CA HIS E 365 -24.20 19.20 2.55
C HIS E 365 -24.15 20.70 2.79
N GLY E 366 -22.96 21.31 2.79
CA GLY E 366 -22.85 22.72 3.02
C GLY E 366 -21.91 23.41 2.03
N ILE E 367 -22.47 23.99 0.97
CA ILE E 367 -21.69 24.66 -0.05
C ILE E 367 -21.52 26.12 0.34
N LEU E 368 -20.28 26.59 0.37
CA LEU E 368 -19.98 27.97 0.72
C LEU E 368 -19.96 28.85 -0.53
N VAL E 369 -19.71 30.14 -0.33
CA VAL E 369 -19.66 31.12 -1.40
C VAL E 369 -18.28 31.75 -1.39
N PRO E 370 -17.57 31.82 -2.52
CA PRO E 370 -16.25 32.45 -2.53
C PRO E 370 -16.33 33.97 -2.48
N GLY E 371 -15.59 34.64 -3.37
CA GLY E 371 -15.58 36.09 -3.41
C GLY E 371 -15.56 36.64 -4.82
N GLY E 372 -14.50 37.35 -5.18
CA GLY E 372 -14.37 37.94 -6.49
C GLY E 372 -13.16 38.82 -6.63
N PHE E 373 -12.28 38.47 -7.58
CA PHE E 373 -11.04 39.21 -7.82
C PHE E 373 -11.11 39.79 -9.23
N GLY E 374 -11.62 41.02 -9.34
CA GLY E 374 -11.73 41.70 -10.61
C GLY E 374 -12.64 41.00 -11.60
N SER E 375 -12.04 40.26 -12.54
CA SER E 375 -12.78 39.54 -13.56
C SER E 375 -12.23 38.13 -13.72
N ARG E 376 -11.76 37.53 -12.62
CA ARG E 376 -11.21 36.19 -12.62
C ARG E 376 -12.23 35.14 -12.22
N GLY E 377 -13.51 35.37 -12.50
CA GLY E 377 -14.56 34.43 -12.15
C GLY E 377 -15.88 35.09 -11.83
N MET E 378 -16.89 34.85 -12.66
CA MET E 378 -18.21 35.43 -12.44
C MET E 378 -19.30 34.48 -12.93
N GLU E 379 -18.94 33.54 -13.78
CA GLU E 379 -19.90 32.58 -14.31
C GLU E 379 -19.96 31.29 -13.51
N GLY E 380 -18.80 30.79 -13.07
CA GLY E 380 -18.77 29.57 -12.29
C GLY E 380 -19.38 29.70 -10.91
N LYS E 381 -19.40 30.90 -10.34
CA LYS E 381 -19.98 31.13 -9.03
C LYS E 381 -21.50 31.15 -9.04
N ILE E 382 -22.12 31.29 -10.21
CA ILE E 382 -23.58 31.31 -10.30
C ILE E 382 -24.16 29.91 -10.33
N ARG E 383 -23.58 29.01 -11.13
CA ARG E 383 -24.08 27.65 -11.22
C ARG E 383 -23.77 26.80 -9.99
N ALA E 384 -22.91 27.29 -9.09
CA ALA E 384 -22.56 26.54 -7.90
C ALA E 384 -23.58 26.69 -6.77
N CYS E 385 -24.38 27.74 -6.78
CA CYS E 385 -25.38 27.97 -5.75
C CYS E 385 -26.79 27.59 -6.18
N GLN E 386 -27.13 27.77 -7.45
CA GLN E 386 -28.47 27.42 -7.92
C GLN E 386 -28.67 25.91 -8.01
N TRP E 387 -27.59 25.15 -8.18
CA TRP E 387 -27.71 23.70 -8.26
C TRP E 387 -27.94 23.07 -6.89
N ALA E 388 -27.41 23.67 -5.83
CA ALA E 388 -27.59 23.12 -4.49
C ALA E 388 -28.99 23.41 -3.95
N ARG E 389 -29.61 24.52 -4.37
CA ARG E 389 -30.94 24.85 -3.90
C ARG E 389 -32.00 23.94 -4.53
N GLU E 390 -31.80 23.53 -5.79
CA GLU E 390 -32.76 22.65 -6.44
C GLU E 390 -32.66 21.22 -5.91
N ASN E 391 -31.49 20.80 -5.46
CA ASN E 391 -31.27 19.46 -4.93
C ASN E 391 -31.39 19.42 -3.41
N GLN E 392 -32.34 20.18 -2.87
CA GLN E 392 -32.64 20.29 -1.44
C GLN E 392 -31.40 20.26 -0.55
N LYS E 393 -30.31 20.92 -0.99
CA LYS E 393 -29.12 21.02 -0.16
C LYS E 393 -29.05 22.39 0.48
N PRO E 394 -28.85 22.47 1.80
CA PRO E 394 -28.80 23.78 2.46
C PRO E 394 -27.50 24.52 2.14
N LEU E 395 -27.54 25.83 2.38
CA LEU E 395 -26.40 26.71 2.14
C LEU E 395 -26.09 27.50 3.41
N LEU E 396 -25.02 28.28 3.35
CA LEU E 396 -24.58 29.11 4.47
C LEU E 396 -24.50 30.56 4.04
N GLY E 397 -24.44 31.44 5.02
CA GLY E 397 -24.38 32.87 4.76
C GLY E 397 -22.95 33.40 4.69
N ILE E 398 -22.42 33.53 3.48
CA ILE E 398 -21.07 34.03 3.26
C ILE E 398 -21.16 35.34 2.50
N CYS E 399 -20.27 36.27 2.85
CA CYS E 399 -20.24 37.57 2.19
C CYS E 399 -19.73 37.42 0.76
N LEU E 400 -19.76 38.54 0.03
CA LEU E 400 -19.38 38.59 -1.39
C LEU E 400 -20.21 37.60 -2.21
N GLY E 401 -21.48 37.45 -1.85
CA GLY E 401 -22.36 36.52 -2.54
C GLY E 401 -23.72 37.12 -2.83
N LEU E 402 -23.97 38.33 -2.33
CA LEU E 402 -25.25 38.98 -2.59
C LEU E 402 -25.39 39.44 -4.04
N GLN E 403 -24.27 39.62 -4.75
CA GLN E 403 -24.35 40.02 -6.15
C GLN E 403 -24.72 38.85 -7.05
N ALA E 404 -24.36 37.62 -6.66
CA ALA E 404 -24.68 36.45 -7.46
C ALA E 404 -25.96 35.75 -7.00
N ALA E 405 -26.42 36.03 -5.78
CA ALA E 405 -27.65 35.39 -5.30
C ALA E 405 -28.88 35.97 -5.97
N VAL E 406 -28.84 37.25 -6.36
CA VAL E 406 -29.98 37.87 -7.03
C VAL E 406 -30.03 37.56 -8.52
N ILE E 407 -28.97 36.97 -9.08
CA ILE E 407 -28.96 36.63 -10.49
C ILE E 407 -29.66 35.31 -10.74
N GLU E 408 -29.32 34.28 -9.98
CA GLU E 408 -29.94 32.97 -10.14
C GLU E 408 -31.38 32.95 -9.67
N PHE E 409 -31.77 33.88 -8.79
CA PHE E 409 -33.14 33.92 -8.30
C PHE E 409 -34.09 34.57 -9.30
N ALA E 410 -33.59 35.49 -10.12
CA ALA E 410 -34.43 36.16 -11.09
C ALA E 410 -34.57 35.37 -12.38
N ARG E 411 -33.66 34.42 -12.62
CA ARG E 411 -33.70 33.61 -13.84
C ARG E 411 -34.47 32.31 -13.65
N ASN E 412 -34.48 31.77 -12.43
CA ASN E 412 -35.19 30.52 -12.16
C ASN E 412 -36.64 30.76 -11.76
N LYS E 413 -36.89 31.69 -10.84
CA LYS E 413 -38.25 31.98 -10.42
C LYS E 413 -38.99 32.82 -11.44
N LEU E 414 -38.29 33.69 -12.15
CA LEU E 414 -38.92 34.54 -13.16
C LEU E 414 -38.29 34.32 -14.52
N GLY E 415 -37.36 35.18 -14.90
CA GLY E 415 -36.70 35.06 -16.19
C GLY E 415 -36.03 36.35 -16.64
N LEU E 416 -35.28 36.98 -15.73
CA LEU E 416 -34.59 38.24 -16.02
C LEU E 416 -33.16 37.90 -16.45
N LYS E 417 -32.94 37.84 -17.77
CA LYS E 417 -31.62 37.53 -18.30
C LYS E 417 -30.73 38.76 -18.39
N ASP E 418 -31.31 39.96 -18.47
CA ASP E 418 -30.50 41.17 -18.56
C ASP E 418 -29.71 41.42 -17.27
N ALA E 419 -30.24 41.01 -16.13
CA ALA E 419 -29.56 41.20 -14.86
C ALA E 419 -28.33 40.29 -14.79
N ASN E 420 -27.15 40.88 -14.95
CA ASN E 420 -25.90 40.11 -14.91
C ASN E 420 -24.95 40.65 -13.85
N THR E 421 -23.65 40.55 -14.11
CA THR E 421 -22.65 41.04 -13.16
C THR E 421 -22.57 42.55 -13.22
N THR E 422 -22.69 43.20 -12.06
CA THR E 422 -22.64 44.66 -11.97
C THR E 422 -21.33 45.19 -11.42
N GLU E 423 -20.53 44.33 -10.78
CA GLU E 423 -19.25 44.77 -10.23
C GLU E 423 -18.13 44.82 -11.26
N ILE E 424 -18.40 44.41 -12.49
CA ILE E 424 -17.40 44.43 -13.57
C ILE E 424 -17.78 45.43 -14.66
N ASP E 425 -18.95 45.26 -15.26
CA ASP E 425 -19.43 46.14 -16.32
C ASP E 425 -20.82 46.67 -15.93
N PRO E 426 -20.91 47.86 -15.34
CA PRO E 426 -22.21 48.42 -14.94
C PRO E 426 -22.91 49.12 -16.10
N ASN E 427 -23.38 48.32 -17.06
CA ASN E 427 -24.07 48.85 -18.24
C ASN E 427 -25.44 48.22 -18.44
N THR E 428 -25.85 47.27 -17.62
CA THR E 428 -27.15 46.64 -17.78
C THR E 428 -28.25 47.55 -17.25
N ALA E 429 -29.49 47.23 -17.64
CA ALA E 429 -30.65 48.01 -17.22
C ALA E 429 -31.26 47.50 -15.92
N ASN E 430 -31.16 46.20 -15.65
CA ASN E 430 -31.71 45.60 -14.44
C ASN E 430 -30.64 45.42 -13.37
N ALA E 431 -29.82 46.45 -13.17
CA ALA E 431 -28.75 46.41 -12.16
C ALA E 431 -29.38 46.57 -10.78
N LEU E 432 -29.54 45.45 -10.07
CA LEU E 432 -30.14 45.50 -8.74
C LEU E 432 -29.16 46.06 -7.72
N VAL E 433 -28.03 45.40 -7.54
CA VAL E 433 -27.02 45.81 -6.58
C VAL E 433 -25.93 46.57 -7.33
N ILE E 434 -25.79 47.87 -7.02
CA ILE E 434 -24.79 48.71 -7.66
C ILE E 434 -23.80 49.19 -6.60
N ASP E 435 -22.94 50.13 -6.97
CA ASP E 435 -21.92 50.68 -6.08
C ASP E 435 -22.39 52.05 -5.59
N MET E 436 -22.80 52.11 -4.32
CA MET E 436 -23.26 53.36 -3.71
C MET E 436 -22.55 53.52 -2.38
N PRO E 437 -21.74 54.57 -2.21
CA PRO E 437 -21.04 54.75 -0.93
C PRO E 437 -21.97 55.28 0.16
N GLU E 438 -21.40 55.62 1.31
CA GLU E 438 -22.18 56.13 2.43
C GLU E 438 -22.42 57.63 2.25
N HIS E 439 -23.70 58.02 2.29
CA HIS E 439 -24.09 59.42 2.15
C HIS E 439 -24.60 60.02 3.46
N HIS E 440 -24.36 59.34 4.59
CA HIS E 440 -24.81 59.84 5.88
C HIS E 440 -23.67 60.54 6.62
N THR E 441 -23.64 60.38 7.94
CA THR E 441 -22.60 61.00 8.75
C THR E 441 -21.39 60.08 8.86
N GLY E 442 -20.29 60.64 9.36
CA GLY E 442 -19.06 59.87 9.52
C GLY E 442 -18.22 59.83 8.26
N GLN E 443 -18.63 59.00 7.31
CA GLN E 443 -17.93 58.85 6.04
C GLN E 443 -18.60 59.71 4.99
N LEU E 444 -17.82 60.55 4.30
CA LEU E 444 -18.32 61.43 3.27
C LEU E 444 -17.63 61.11 1.95
N GLY E 445 -18.42 61.10 0.87
CA GLY E 445 -17.88 60.80 -0.44
C GLY E 445 -17.77 59.30 -0.69
N GLY E 446 -17.01 58.98 -1.73
CA GLY E 446 -16.81 57.59 -2.12
C GLY E 446 -15.88 56.84 -1.18
N THR E 447 -16.44 56.25 -0.12
CA THR E 447 -15.69 55.51 0.88
C THR E 447 -16.07 54.03 0.78
N MET E 448 -16.00 53.31 1.90
CA MET E 448 -16.32 51.89 1.95
C MET E 448 -17.40 51.66 3.00
N ARG E 449 -18.32 50.75 2.70
CA ARG E 449 -19.44 50.43 3.59
C ARG E 449 -18.95 49.49 4.69
N LEU E 450 -18.38 50.08 5.74
CA LEU E 450 -17.89 49.31 6.88
C LEU E 450 -17.78 50.24 8.08
N GLY E 451 -17.52 49.65 9.23
CA GLY E 451 -17.36 50.39 10.47
C GLY E 451 -18.31 49.91 11.55
N LYS E 452 -18.24 50.59 12.69
CA LYS E 452 -19.09 50.27 13.83
C LYS E 452 -20.54 50.65 13.54
N ARG E 453 -21.30 49.73 12.96
CA ARG E 453 -22.69 49.97 12.61
C ARG E 453 -23.60 49.11 13.47
N ILE E 454 -24.79 49.63 13.75
CA ILE E 454 -25.78 48.94 14.56
C ILE E 454 -26.73 48.19 13.62
N THR E 455 -26.83 46.88 13.83
CA THR E 455 -27.69 46.02 13.02
C THR E 455 -28.92 45.62 13.84
N VAL E 456 -30.10 45.99 13.36
CA VAL E 456 -31.36 45.69 14.03
C VAL E 456 -32.15 44.74 13.15
N PHE E 457 -32.63 43.65 13.74
CA PHE E 457 -33.40 42.66 13.02
C PHE E 457 -34.83 43.15 12.81
N SER E 458 -35.63 42.35 12.10
CA SER E 458 -37.02 42.70 11.82
C SER E 458 -38.00 41.64 12.31
N ASP E 459 -37.76 40.37 11.98
CA ASP E 459 -38.65 39.30 12.41
C ASP E 459 -38.26 38.76 13.77
N GLY E 460 -38.56 37.49 14.03
CA GLY E 460 -38.26 36.89 15.31
C GLY E 460 -37.77 35.46 15.16
N PRO E 461 -38.69 34.52 14.95
CA PRO E 461 -38.30 33.11 14.81
C PRO E 461 -37.54 32.83 13.54
N SER E 462 -36.28 32.42 13.67
CA SER E 462 -35.43 32.12 12.53
C SER E 462 -34.35 31.16 13.00
N VAL E 463 -33.22 31.13 12.27
CA VAL E 463 -32.11 30.25 12.61
C VAL E 463 -30.85 31.02 13.01
N ILE E 464 -30.79 32.32 12.75
CA ILE E 464 -29.62 33.13 13.09
C ILE E 464 -29.98 34.20 14.11
N ARG E 465 -31.03 33.97 14.90
CA ARG E 465 -31.44 34.94 15.91
C ARG E 465 -31.75 34.25 17.23
N GLN E 466 -32.25 33.02 17.17
CA GLN E 466 -32.60 32.28 18.38
C GLN E 466 -31.38 31.77 19.13
N LEU E 467 -30.19 31.80 18.51
CA LEU E 467 -28.99 31.32 19.18
C LEU E 467 -28.35 32.37 20.07
N TYR E 468 -28.74 33.64 19.92
CA TYR E 468 -28.20 34.72 20.74
C TYR E 468 -29.08 35.06 21.93
N GLY E 469 -29.96 34.14 22.34
CA GLY E 469 -30.84 34.40 23.47
C GLY E 469 -31.90 35.43 23.20
N ASN E 470 -32.43 35.49 21.97
CA ASN E 470 -33.46 36.44 21.55
C ASN E 470 -32.99 37.87 21.80
N PRO E 471 -32.08 38.40 20.98
CA PRO E 471 -31.62 39.77 21.17
C PRO E 471 -32.56 40.80 20.57
N LYS E 472 -32.04 41.97 20.24
CA LYS E 472 -32.83 43.03 19.63
C LYS E 472 -31.95 43.98 18.83
N SER E 473 -30.66 44.03 19.18
CA SER E 473 -29.71 44.90 18.49
C SER E 473 -28.31 44.34 18.72
N VAL E 474 -27.80 43.62 17.73
CA VAL E 474 -26.48 43.01 17.78
C VAL E 474 -25.50 43.87 17.00
N GLN E 475 -24.31 44.05 17.55
CA GLN E 475 -23.28 44.87 16.91
C GLN E 475 -22.45 43.98 15.99
N GLU E 476 -22.58 44.19 14.68
CA GLU E 476 -21.86 43.43 13.68
C GLU E 476 -21.17 44.38 12.70
N ARG E 477 -20.07 43.92 12.13
CA ARG E 477 -19.30 44.70 11.17
C ARG E 477 -19.34 44.04 9.81
N HIS E 478 -19.24 44.84 8.76
CA HIS E 478 -19.28 44.37 7.38
C HIS E 478 -17.95 44.73 6.70
N ARG E 479 -17.80 44.24 5.46
CA ARG E 479 -16.60 44.49 4.67
C ARG E 479 -16.99 44.37 3.20
N HIS E 480 -17.67 45.40 2.70
CA HIS E 480 -18.10 45.45 1.31
C HIS E 480 -18.32 46.90 0.92
N ARG E 481 -18.65 47.12 -0.35
CA ARG E 481 -18.87 48.46 -0.87
C ARG E 481 -20.13 48.58 -1.73
N TYR E 482 -20.77 47.48 -2.09
CA TYR E 482 -21.97 47.51 -2.92
C TYR E 482 -23.21 47.42 -2.03
N GLU E 483 -24.22 48.23 -2.35
CA GLU E 483 -25.46 48.27 -1.60
C GLU E 483 -26.64 47.91 -2.51
N VAL E 484 -27.73 47.50 -1.88
CA VAL E 484 -28.94 47.11 -2.59
C VAL E 484 -29.83 48.35 -2.76
N ASN E 485 -30.37 48.50 -3.96
CA ASN E 485 -31.24 49.64 -4.24
C ASN E 485 -32.64 49.38 -3.70
N PRO E 486 -33.21 50.33 -2.95
CA PRO E 486 -34.58 50.12 -2.41
C PRO E 486 -35.67 50.25 -3.45
N LYS E 487 -35.35 50.66 -4.67
CA LYS E 487 -36.36 50.82 -5.71
C LYS E 487 -36.45 49.61 -6.64
N TYR E 488 -35.49 48.68 -6.57
CA TYR E 488 -35.48 47.50 -7.41
C TYR E 488 -35.77 46.23 -6.62
N VAL E 489 -36.43 46.35 -5.46
CA VAL E 489 -36.76 45.19 -4.64
C VAL E 489 -38.27 44.96 -4.68
N HIS E 490 -38.90 45.37 -5.78
CA HIS E 490 -40.35 45.20 -5.90
C HIS E 490 -40.72 43.74 -6.10
N LEU E 491 -39.90 42.99 -6.85
CA LEU E 491 -40.18 41.59 -7.10
C LEU E 491 -39.72 40.68 -5.97
N LEU E 492 -39.01 41.20 -4.98
CA LEU E 492 -38.58 40.39 -3.85
C LEU E 492 -39.61 40.34 -2.72
N GLU E 493 -40.58 41.26 -2.73
CA GLU E 493 -41.60 41.29 -1.69
C GLU E 493 -42.85 40.52 -2.06
N GLU E 494 -43.15 40.40 -3.36
CA GLU E 494 -44.34 39.69 -3.81
C GLU E 494 -44.13 38.19 -3.91
N GLN E 495 -42.95 37.69 -3.56
CA GLN E 495 -42.65 36.26 -3.56
C GLN E 495 -42.35 35.81 -2.13
N GLY E 496 -41.66 34.68 -2.00
CA GLY E 496 -41.29 34.17 -0.71
C GLY E 496 -39.86 34.51 -0.31
N MET E 497 -39.49 35.78 -0.49
CA MET E 497 -38.14 36.27 -0.19
C MET E 497 -38.27 37.34 0.89
N ARG E 498 -38.42 36.89 2.14
CA ARG E 498 -38.59 37.79 3.26
C ARG E 498 -37.24 38.40 3.67
N PHE E 499 -37.30 39.33 4.61
CA PHE E 499 -36.11 40.01 5.14
C PHE E 499 -36.17 39.93 6.66
N VAL E 500 -35.34 39.06 7.23
CA VAL E 500 -35.32 38.85 8.68
C VAL E 500 -34.21 39.66 9.31
N GLY E 501 -33.79 40.73 8.63
CA GLY E 501 -32.73 41.58 9.13
C GLY E 501 -32.51 42.81 8.29
N THR E 502 -32.74 43.99 8.88
CA THR E 502 -32.56 45.25 8.18
C THR E 502 -31.51 46.10 8.87
N ASP E 503 -31.54 47.41 8.63
CA ASP E 503 -30.61 48.35 9.23
C ASP E 503 -31.37 49.34 10.11
N VAL E 504 -30.70 50.42 10.50
CA VAL E 504 -31.33 51.43 11.34
C VAL E 504 -32.13 52.45 10.55
N ASP E 505 -32.12 52.37 9.22
CA ASP E 505 -32.89 53.26 8.37
C ASP E 505 -33.98 52.53 7.60
N LYS E 506 -34.05 51.20 7.69
CA LYS E 506 -35.04 50.39 6.99
C LYS E 506 -34.95 50.62 5.47
N THR E 507 -33.73 50.64 4.95
CA THR E 507 -33.51 50.84 3.53
C THR E 507 -32.61 49.76 2.94
N ARG E 508 -31.51 49.46 3.64
CA ARG E 508 -30.53 48.48 3.20
C ARG E 508 -30.95 47.10 3.69
N MET E 509 -31.15 46.17 2.76
CA MET E 509 -31.51 44.79 3.10
C MET E 509 -30.23 43.96 3.18
N GLU E 510 -29.62 43.97 4.37
CA GLU E 510 -28.36 43.26 4.57
C GLU E 510 -28.57 41.78 4.81
N ILE E 511 -29.73 41.38 5.31
CA ILE E 511 -30.03 39.98 5.59
C ILE E 511 -31.25 39.58 4.77
N ILE E 512 -31.10 38.51 3.98
CA ILE E 512 -32.18 38.00 3.14
C ILE E 512 -32.39 36.53 3.45
N GLU E 513 -33.61 36.05 3.23
CA GLU E 513 -33.97 34.68 3.50
C GLU E 513 -35.05 34.24 2.52
N LEU E 514 -34.92 33.03 2.00
CA LEU E 514 -35.86 32.49 1.04
C LEU E 514 -36.81 31.52 1.75
N SER E 515 -38.09 31.81 1.69
CA SER E 515 -39.09 30.95 2.32
C SER E 515 -39.24 29.65 1.55
N GLY E 516 -39.69 28.60 2.26
CA GLY E 516 -39.86 27.29 1.69
C GLY E 516 -38.63 26.41 1.77
N HIS E 517 -37.44 27.00 1.76
CA HIS E 517 -36.21 26.22 1.84
C HIS E 517 -36.03 25.71 3.28
N PRO E 518 -35.57 24.47 3.46
CA PRO E 518 -35.42 23.95 4.82
C PRO E 518 -34.35 24.67 5.63
N TYR E 519 -33.28 25.15 4.99
CA TYR E 519 -32.22 25.85 5.72
C TYR E 519 -31.48 26.74 4.71
N PHE E 520 -31.86 28.01 4.67
CA PHE E 520 -31.25 28.99 3.77
C PHE E 520 -30.79 30.19 4.59
N VAL E 521 -29.47 30.40 4.64
CA VAL E 521 -28.87 31.49 5.38
C VAL E 521 -28.10 32.37 4.40
N ALA E 522 -28.33 33.68 4.47
CA ALA E 522 -27.65 34.62 3.59
C ALA E 522 -27.65 35.99 4.25
N THR E 523 -26.46 36.58 4.37
CA THR E 523 -26.32 37.90 4.98
C THR E 523 -25.09 38.57 4.37
N GLN E 524 -24.57 39.59 5.07
CA GLN E 524 -23.42 40.35 4.58
C GLN E 524 -22.25 40.36 5.54
N TYR E 525 -22.47 40.21 6.85
CA TYR E 525 -21.37 40.22 7.79
C TYR E 525 -20.63 38.89 7.76
N HIS E 526 -19.54 38.81 8.54
CA HIS E 526 -18.70 37.62 8.58
C HIS E 526 -18.79 36.96 9.94
N PRO E 527 -19.68 35.98 10.14
CA PRO E 527 -19.76 35.29 11.43
C PRO E 527 -18.66 34.27 11.66
N GLU E 528 -17.81 34.00 10.67
CA GLU E 528 -16.76 33.00 10.85
C GLU E 528 -15.61 33.53 11.71
N TYR E 529 -15.31 34.82 11.62
CA TYR E 529 -14.24 35.40 12.42
C TYR E 529 -14.63 35.52 13.89
N LEU E 530 -15.93 35.53 14.20
CA LEU E 530 -16.41 35.60 15.57
C LEU E 530 -16.67 34.22 16.16
N SER E 531 -16.10 33.18 15.60
CA SER E 531 -16.31 31.82 16.09
C SER E 531 -15.53 31.58 17.37
N ARG E 532 -16.10 31.99 18.51
CA ARG E 532 -15.44 31.80 19.79
C ARG E 532 -15.60 30.35 20.26
N PRO E 533 -14.63 29.83 21.01
CA PRO E 533 -14.75 28.45 21.50
C PRO E 533 -15.87 28.25 22.50
N LEU E 534 -16.34 29.32 23.15
CA LEU E 534 -17.44 29.23 24.09
C LEU E 534 -18.78 29.67 23.49
N LYS E 535 -18.78 30.15 22.24
CA LYS E 535 -20.00 30.59 21.57
C LYS E 535 -19.93 30.18 20.11
N PRO E 536 -20.65 29.14 19.72
CA PRO E 536 -20.61 28.69 18.32
C PRO E 536 -21.21 29.74 17.38
N SER E 537 -20.86 29.60 16.10
CA SER E 537 -21.35 30.52 15.09
C SER E 537 -22.78 30.18 14.69
N PRO E 538 -23.57 31.17 14.28
CA PRO E 538 -24.96 30.91 13.88
C PRO E 538 -25.07 29.92 12.73
N PRO E 539 -24.41 30.15 11.57
CA PRO E 539 -24.81 29.39 10.37
C PRO E 539 -24.33 27.95 10.34
N PHE E 540 -23.02 27.73 10.47
CA PHE E 540 -22.47 26.40 10.31
C PHE E 540 -22.88 25.45 11.42
N LEU E 541 -23.24 25.97 12.59
CA LEU E 541 -23.65 25.10 13.70
C LEU E 541 -25.10 24.66 13.55
N GLY E 542 -25.96 25.54 13.01
CA GLY E 542 -27.35 25.18 12.84
C GLY E 542 -27.61 24.17 11.74
N LEU E 543 -26.65 24.01 10.82
CA LEU E 543 -26.83 23.04 9.74
C LEU E 543 -26.62 21.61 10.24
N ILE E 544 -25.66 21.41 11.15
CA ILE E 544 -25.39 20.09 11.68
C ILE E 544 -26.47 19.68 12.68
N LEU E 545 -26.95 20.63 13.47
CA LEU E 545 -27.98 20.31 14.46
C LEU E 545 -29.30 19.95 13.80
N ALA E 546 -29.64 20.61 12.71
CA ALA E 546 -30.88 20.35 11.99
C ALA E 546 -30.74 19.24 10.96
N SER E 547 -29.61 18.53 10.95
CA SER E 547 -29.38 17.45 10.01
C SER E 547 -29.89 16.11 10.55
N VAL E 548 -29.28 15.63 11.63
CA VAL E 548 -29.68 14.37 12.23
C VAL E 548 -30.31 14.54 13.61
N ASP E 549 -30.10 15.68 14.26
CA ASP E 549 -30.66 15.96 15.60
C ASP E 549 -30.24 14.89 16.61
N ARG E 550 -28.94 14.60 16.64
CA ARG E 550 -28.37 13.60 17.54
C ARG E 550 -27.91 14.30 18.80
N LEU E 551 -28.73 14.25 19.85
CA LEU E 551 -28.42 14.87 21.12
C LEU E 551 -28.26 13.87 22.26
N ASN E 552 -28.44 12.57 21.99
CA ASN E 552 -28.30 11.54 23.00
C ASN E 552 -26.90 10.96 23.07
N GLN E 553 -25.88 11.73 22.67
CA GLN E 553 -24.51 11.25 22.70
C GLN E 553 -23.81 11.58 24.01
N TYR E 554 -24.17 12.69 24.66
CA TYR E 554 -23.52 13.06 25.91
C TYR E 554 -23.86 12.09 27.04
N ILE E 555 -25.03 11.44 26.97
CA ILE E 555 -25.43 10.49 28.00
C ILE E 555 -24.84 9.11 27.80
N GLN E 556 -24.27 8.82 26.64
CA GLN E 556 -23.68 7.51 26.39
C GLN E 556 -22.25 7.40 26.89
N ARG E 557 -21.58 8.52 27.16
CA ARG E 557 -20.21 8.49 27.64
C ARG E 557 -20.18 8.20 29.15
N GLY E 558 -19.72 9.16 29.93
CA GLY E 558 -19.65 8.99 31.37
C GLY E 558 -18.27 9.23 31.95
N CYS E 559 -17.42 9.89 31.16
CA CYS E 559 -16.05 10.22 31.56
C CYS E 559 -15.26 8.97 31.95
N ARG E 560 -14.66 8.31 30.96
CA ARG E 560 -13.89 7.10 31.23
C ARG E 560 -12.62 7.43 32.02
N LEU E 561 -11.92 8.51 31.64
CA LEU E 561 -10.70 8.91 32.34
C LEU E 561 -11.05 9.78 33.54
N SER E 562 -11.58 9.11 34.56
CA SER E 562 -11.97 9.79 35.79
C SER E 562 -11.34 9.13 37.01
N MET F 1 46.73 30.14 -19.53
CA MET F 1 46.00 31.25 -20.15
C MET F 1 44.53 31.24 -19.73
N LYS F 2 43.95 30.05 -19.65
CA LYS F 2 42.56 29.87 -19.28
C LYS F 2 42.49 29.32 -17.86
N TYR F 3 41.73 29.99 -17.00
CA TYR F 3 41.55 29.58 -15.61
C TYR F 3 40.08 29.68 -15.26
N ILE F 4 39.45 28.55 -14.97
CA ILE F 4 38.04 28.49 -14.61
C ILE F 4 37.94 27.83 -13.24
N LEU F 5 37.39 28.56 -12.27
CA LEU F 5 37.24 28.04 -10.92
C LEU F 5 36.05 27.09 -10.84
N VAL F 6 36.18 26.09 -9.98
CA VAL F 6 35.14 25.09 -9.77
C VAL F 6 34.76 25.11 -8.30
N THR F 7 33.49 25.38 -8.03
CA THR F 7 32.97 25.45 -6.66
C THR F 7 32.34 24.11 -6.30
N GLY F 8 32.79 23.52 -5.20
CA GLY F 8 32.28 22.23 -4.76
C GLY F 8 31.02 22.35 -3.93
N GLY F 9 31.10 22.00 -2.65
CA GLY F 9 29.97 22.07 -1.76
C GLY F 9 30.26 22.78 -0.46
N VAL F 10 29.40 22.58 0.54
CA VAL F 10 29.58 23.20 1.85
C VAL F 10 30.04 22.21 2.91
N ILE F 11 30.12 20.93 2.58
CA ILE F 11 30.58 19.91 3.51
C ILE F 11 31.24 18.80 2.73
N SER F 12 32.39 18.33 3.22
CA SER F 12 33.13 17.26 2.56
C SER F 12 32.41 15.93 2.70
N GLY F 13 31.51 15.62 1.78
CA GLY F 13 30.78 14.38 1.81
C GLY F 13 29.32 14.53 1.47
N VAL F 14 28.99 15.45 0.57
CA VAL F 14 27.62 15.69 0.14
C VAL F 14 27.36 15.24 -1.28
N GLY F 15 28.28 15.47 -2.22
CA GLY F 15 28.08 15.07 -3.59
C GLY F 15 28.71 16.01 -4.60
N LYS F 16 29.80 16.67 -4.20
CA LYS F 16 30.49 17.60 -5.10
C LYS F 16 31.42 16.88 -6.07
N GLY F 17 31.59 15.57 -5.94
CA GLY F 17 32.47 14.86 -6.86
C GLY F 17 31.87 14.68 -8.25
N VAL F 18 30.55 14.47 -8.32
CA VAL F 18 29.92 14.30 -9.62
C VAL F 18 29.73 15.65 -10.32
N ILE F 19 29.64 16.74 -9.56
CA ILE F 19 29.46 18.06 -10.16
C ILE F 19 30.76 18.55 -10.78
N ALA F 20 31.88 18.39 -10.07
CA ALA F 20 33.16 18.85 -10.59
C ALA F 20 33.65 17.95 -11.73
N SER F 21 33.24 16.69 -11.75
CA SER F 21 33.66 15.78 -12.80
C SER F 21 32.94 16.03 -14.12
N SER F 22 31.82 16.75 -14.10
CA SER F 22 31.09 17.03 -15.33
C SER F 22 31.82 18.05 -16.18
N PHE F 23 32.41 19.08 -15.56
CA PHE F 23 33.14 20.10 -16.29
C PHE F 23 34.51 19.62 -16.75
N GLY F 24 35.04 18.57 -16.14
CA GLY F 24 36.34 18.05 -16.52
C GLY F 24 36.30 17.20 -17.76
N THR F 25 35.24 16.39 -17.91
CA THR F 25 35.09 15.52 -19.07
C THR F 25 34.53 16.25 -20.28
N LEU F 26 34.19 17.54 -20.15
CA LEU F 26 33.67 18.28 -21.29
C LEU F 26 34.77 18.59 -22.30
N LEU F 27 35.89 19.13 -21.83
CA LEU F 27 37.01 19.44 -22.71
C LEU F 27 37.81 18.19 -23.11
N LYS F 28 37.71 17.12 -22.32
CA LYS F 28 38.40 15.88 -22.70
C LYS F 28 37.76 15.22 -23.91
N SER F 29 36.46 15.45 -24.11
CA SER F 29 35.76 14.84 -25.24
C SER F 29 35.87 15.67 -26.51
N CYS F 30 36.33 16.92 -26.41
CA CYS F 30 36.48 17.79 -27.56
C CYS F 30 37.89 17.79 -28.14
N GLY F 31 38.77 16.92 -27.64
CA GLY F 31 40.13 16.85 -28.13
C GLY F 31 41.15 17.64 -27.35
N LEU F 32 40.81 18.10 -26.15
CA LEU F 32 41.71 18.88 -25.32
C LEU F 32 42.05 18.09 -24.06
N ASP F 33 42.99 18.62 -23.28
CA ASP F 33 43.41 18.00 -22.04
C ASP F 33 43.56 19.06 -20.96
N VAL F 34 43.08 18.74 -19.76
CA VAL F 34 43.14 19.66 -18.63
C VAL F 34 43.75 18.96 -17.43
N THR F 35 43.80 19.64 -16.29
CA THR F 35 44.35 19.07 -15.07
C THR F 35 43.30 19.06 -13.97
N SER F 36 43.75 18.95 -12.71
CA SER F 36 42.82 18.92 -11.58
C SER F 36 43.59 19.38 -10.34
N ILE F 37 43.40 20.65 -9.98
CA ILE F 37 44.04 21.24 -8.80
C ILE F 37 42.95 21.71 -7.85
N LYS F 38 43.03 21.24 -6.60
CA LYS F 38 42.05 21.57 -5.57
C LYS F 38 42.75 22.20 -4.37
N ILE F 39 41.94 22.64 -3.41
CA ILE F 39 42.45 23.26 -2.19
C ILE F 39 41.50 22.93 -1.05
N ASP F 40 42.07 22.52 0.09
CA ASP F 40 41.28 22.17 1.26
C ASP F 40 41.33 23.29 2.28
N PRO F 41 40.18 23.90 2.63
CA PRO F 41 40.17 24.98 3.61
C PRO F 41 40.20 24.52 5.06
N TYR F 42 40.61 23.28 5.33
CA TYR F 42 40.65 22.77 6.69
C TYR F 42 41.99 23.15 7.34
N ILE F 43 42.47 22.30 8.25
CA ILE F 43 43.73 22.55 8.94
C ILE F 43 44.86 21.96 8.12
N ASN F 44 44.93 20.63 8.05
CA ASN F 44 45.99 19.96 7.30
C ASN F 44 45.48 18.66 6.70
N ILE F 45 46.36 17.66 6.60
CA ILE F 45 45.97 16.38 6.04
C ILE F 45 45.07 15.63 7.02
N ASP F 46 43.99 15.04 6.50
CA ASP F 46 43.05 14.31 7.35
C ASP F 46 43.62 12.97 7.79
N ALA F 47 44.53 12.39 7.01
CA ALA F 47 45.13 11.10 7.32
C ALA F 47 46.34 11.22 8.24
N GLY F 48 46.51 12.35 8.92
CA GLY F 48 47.63 12.53 9.82
C GLY F 48 47.33 12.07 11.24
N THR F 49 46.74 12.96 12.04
CA THR F 49 46.40 12.65 13.42
C THR F 49 44.95 12.21 13.59
N PHE F 50 44.08 12.53 12.64
CA PHE F 50 42.69 12.13 12.71
C PHE F 50 42.54 10.65 12.37
N SER F 51 41.34 10.13 12.62
CA SER F 51 41.06 8.73 12.34
C SER F 51 41.20 8.46 10.85
N PRO F 52 41.55 7.23 10.46
CA PRO F 52 41.73 6.94 9.03
C PRO F 52 40.44 7.03 8.23
N TYR F 53 39.29 6.79 8.85
CA TYR F 53 38.01 6.90 8.16
C TYR F 53 36.94 7.33 9.14
N GLU F 54 36.22 8.40 8.79
CA GLU F 54 35.14 8.93 9.62
C GLU F 54 34.29 9.90 8.81
N HIS F 55 34.95 10.84 8.15
CA HIS F 55 34.28 11.80 7.26
C HIS F 55 34.85 11.86 5.86
N GLY F 56 36.12 11.51 5.66
CA GLY F 56 36.72 11.54 4.34
C GLY F 56 37.30 10.21 3.92
N GLU F 57 36.96 9.76 2.73
CA GLU F 57 37.44 8.48 2.20
C GLU F 57 38.88 8.65 1.74
N VAL F 58 39.83 8.23 2.57
CA VAL F 58 41.25 8.32 2.28
C VAL F 58 41.74 6.97 1.78
N TYR F 59 42.44 6.97 0.65
CA TYR F 59 42.95 5.73 0.06
C TYR F 59 44.41 5.89 -0.38
N VAL F 60 44.76 5.29 -1.51
CA VAL F 60 46.14 5.30 -2.00
C VAL F 60 46.11 5.08 -3.51
N LEU F 61 45.00 5.45 -4.14
CA LEU F 61 44.84 5.27 -5.59
C LEU F 61 45.92 6.02 -6.36
N ASP F 62 47.00 5.31 -6.70
CA ASP F 62 48.11 5.86 -7.48
C ASP F 62 48.71 7.08 -6.80
N ASP F 63 49.44 6.81 -5.72
CA ASP F 63 50.11 7.86 -4.96
C ASP F 63 51.12 7.20 -4.03
N GLY F 64 52.23 7.92 -3.80
CA GLY F 64 53.30 7.45 -2.95
C GLY F 64 53.25 7.91 -1.52
N ALA F 65 52.16 8.56 -1.10
CA ALA F 65 52.04 9.06 0.27
C ALA F 65 50.58 9.11 0.69
N GLU F 66 50.11 10.31 1.05
CA GLU F 66 48.74 10.52 1.47
C GLU F 66 47.95 11.21 0.36
N VAL F 67 46.64 10.99 0.36
CA VAL F 67 45.75 11.56 -0.64
C VAL F 67 44.70 12.43 0.03
N ASP F 68 43.77 12.96 -0.76
CA ASP F 68 42.70 13.79 -0.22
C ASP F 68 41.48 12.93 0.11
N LEU F 69 40.38 13.13 -0.61
CA LEU F 69 39.17 12.33 -0.39
C LEU F 69 38.29 12.30 -1.62
N ASP F 70 38.53 13.21 -2.56
CA ASP F 70 37.73 13.32 -3.78
C ASP F 70 38.63 13.36 -5.01
N LEU F 71 39.55 12.40 -5.09
CA LEU F 71 40.48 12.30 -6.21
C LEU F 71 40.41 10.94 -6.90
N GLY F 72 39.44 10.09 -6.54
CA GLY F 72 39.33 8.79 -7.17
C GLY F 72 38.50 8.79 -8.43
N ASN F 73 37.47 9.65 -8.49
CA ASN F 73 36.63 9.72 -9.67
C ASN F 73 37.28 10.45 -10.83
N TYR F 74 38.29 11.29 -10.56
CA TYR F 74 38.97 12.02 -11.64
C TYR F 74 39.85 11.09 -12.47
N GLU F 75 40.56 10.17 -11.81
CA GLU F 75 41.43 9.25 -12.54
C GLU F 75 40.62 8.19 -13.29
N ARG F 76 39.45 7.82 -12.76
CA ARG F 76 38.62 6.82 -13.42
C ARG F 76 37.87 7.39 -14.61
N PHE F 77 37.32 8.60 -14.47
CA PHE F 77 36.61 9.23 -15.56
C PHE F 77 37.57 9.80 -16.60
N LEU F 78 38.38 10.78 -16.20
CA LEU F 78 39.33 11.42 -17.09
C LEU F 78 40.56 10.53 -17.27
N ASP F 79 41.46 10.95 -18.15
CA ASP F 79 42.69 10.21 -18.44
C ASP F 79 43.90 10.81 -17.72
N VAL F 80 43.69 11.48 -16.61
CA VAL F 80 44.76 12.09 -15.83
C VAL F 80 44.94 11.32 -14.53
N THR F 81 46.03 11.61 -13.84
CA THR F 81 46.36 10.96 -12.57
C THR F 81 46.68 12.03 -11.54
N LEU F 82 46.92 11.59 -10.30
CA LEU F 82 47.24 12.48 -9.20
C LEU F 82 48.58 12.10 -8.60
N HIS F 83 49.32 13.11 -8.12
CA HIS F 83 50.62 12.88 -7.52
C HIS F 83 50.68 13.49 -6.13
N ARG F 84 51.88 13.90 -5.70
CA ARG F 84 52.07 14.50 -4.39
C ARG F 84 51.84 16.01 -4.38
N ASP F 85 51.81 16.65 -5.54
CA ASP F 85 51.60 18.09 -5.64
C ASP F 85 50.14 18.43 -5.94
N ASN F 86 49.22 17.52 -5.66
CA ASN F 86 47.80 17.74 -5.91
C ASN F 86 46.96 17.89 -4.67
N ASN F 87 47.43 17.39 -3.52
CA ASN F 87 46.68 17.51 -2.26
C ASN F 87 47.06 18.80 -1.53
N ILE F 88 46.80 19.92 -2.20
CA ILE F 88 47.11 21.22 -1.65
C ILE F 88 46.11 21.57 -0.56
N THR F 89 46.62 21.92 0.62
CA THR F 89 45.78 22.29 1.75
C THR F 89 46.39 23.50 2.44
N THR F 90 45.71 23.97 3.50
CA THR F 90 46.20 25.13 4.23
C THR F 90 47.42 24.79 5.08
N GLY F 91 47.56 23.52 5.49
CA GLY F 91 48.70 23.13 6.28
C GLY F 91 49.99 23.04 5.48
N LYS F 92 49.88 22.67 4.21
CA LYS F 92 51.08 22.57 3.37
C LYS F 92 51.66 23.95 3.05
N ILE F 93 50.80 24.96 2.90
CA ILE F 93 51.30 26.30 2.61
C ILE F 93 52.03 26.88 3.82
N TYR F 94 51.51 26.65 5.02
CA TYR F 94 52.13 27.17 6.23
C TYR F 94 53.48 26.54 6.53
N LYS F 95 53.85 25.46 5.85
CA LYS F 95 55.14 24.83 6.09
C LYS F 95 56.28 25.69 5.54
N LEU F 96 56.02 26.49 4.52
CA LEU F 96 57.05 27.35 3.92
C LEU F 96 56.89 28.82 4.27
N VAL F 97 55.72 29.27 4.70
CA VAL F 97 55.54 30.67 5.07
C VAL F 97 56.31 30.96 6.36
N ILE F 98 56.28 30.03 7.32
CA ILE F 98 57.03 30.24 8.55
C ILE F 98 58.53 30.09 8.30
N GLU F 99 58.91 29.31 7.29
CA GLU F 99 60.33 29.10 7.01
C GLU F 99 60.94 30.30 6.27
N LYS F 100 60.18 30.93 5.38
CA LYS F 100 60.74 32.04 4.62
C LYS F 100 60.89 33.29 5.47
N GLU F 101 60.05 33.45 6.51
CA GLU F 101 60.14 34.59 7.39
C GLU F 101 61.19 34.43 8.48
N ARG F 102 61.67 33.19 8.70
CA ARG F 102 62.70 32.93 9.69
C ARG F 102 64.10 32.90 9.10
N THR F 103 64.25 32.43 7.86
CA THR F 103 65.56 32.40 7.23
C THR F 103 66.00 33.81 6.83
N GLY F 104 65.23 34.46 5.96
CA GLY F 104 65.54 35.81 5.53
C GLY F 104 65.66 35.97 4.04
N GLU F 105 64.55 36.32 3.38
CA GLU F 105 64.53 36.56 1.95
C GLU F 105 63.96 37.91 1.55
N TYR F 106 63.09 38.49 2.38
CA TYR F 106 62.49 39.80 2.12
C TYR F 106 62.95 40.81 3.17
N LEU F 107 64.21 40.72 3.58
CA LEU F 107 64.84 41.58 4.58
C LEU F 107 64.16 41.49 5.95
N GLY F 108 63.29 40.50 6.15
CA GLY F 108 62.62 40.35 7.43
C GLY F 108 61.68 41.48 7.78
N LYS F 109 61.09 42.13 6.78
CA LYS F 109 60.18 43.23 7.05
C LYS F 109 58.88 42.73 7.67
N THR F 110 58.41 43.45 8.68
CA THR F 110 57.16 43.10 9.37
C THR F 110 55.99 43.47 8.48
N VAL F 111 55.35 42.45 7.90
CA VAL F 111 54.22 42.66 6.99
C VAL F 111 52.94 42.17 7.65
N GLN F 112 51.83 42.22 6.91
CA GLN F 112 50.54 41.77 7.43
C GLN F 112 50.02 40.57 6.65
N VAL F 113 49.52 40.77 5.44
CA VAL F 113 48.97 39.66 4.66
C VAL F 113 49.14 39.95 3.17
N VAL F 114 48.97 41.21 2.78
CA VAL F 114 49.08 41.61 1.37
C VAL F 114 50.20 42.64 1.23
N PRO F 115 50.92 42.65 0.10
CA PRO F 115 50.78 41.71 -1.01
C PRO F 115 51.74 40.52 -0.90
N HIS F 116 51.51 39.65 0.09
CA HIS F 116 52.37 38.49 0.29
C HIS F 116 51.59 37.19 0.18
N ILE F 117 50.44 37.11 0.87
CA ILE F 117 49.64 35.90 0.82
C ILE F 117 48.98 35.76 -0.55
N THR F 118 48.45 36.87 -1.09
CA THR F 118 47.83 36.82 -2.41
C THR F 118 48.85 36.51 -3.50
N ASP F 119 50.10 36.90 -3.30
CA ASP F 119 51.15 36.60 -4.28
C ASP F 119 51.76 35.23 -4.08
N ALA F 120 51.63 34.65 -2.88
CA ALA F 120 52.17 33.31 -2.65
C ALA F 120 51.34 32.24 -3.33
N ILE F 121 50.03 32.49 -3.52
CA ILE F 121 49.19 31.52 -4.22
C ILE F 121 49.52 31.48 -5.69
N GLN F 122 50.08 32.58 -6.23
CA GLN F 122 50.43 32.62 -7.64
C GLN F 122 51.54 31.63 -7.97
N GLU F 123 52.38 31.29 -6.98
CA GLU F 123 53.45 30.32 -7.22
C GLU F 123 52.92 28.90 -7.27
N TRP F 124 51.73 28.66 -6.70
CA TRP F 124 51.15 27.32 -6.71
C TRP F 124 50.29 27.08 -7.95
N VAL F 125 49.94 28.15 -8.68
CA VAL F 125 49.11 27.99 -9.86
C VAL F 125 49.95 28.04 -11.13
N GLU F 126 50.94 28.93 -11.18
CA GLU F 126 51.77 29.05 -12.37
C GLU F 126 52.81 27.95 -12.47
N ARG F 127 52.96 27.12 -11.43
CA ARG F 127 53.92 26.02 -11.48
C ARG F 127 53.27 24.72 -11.96
N VAL F 128 51.99 24.54 -11.65
CA VAL F 128 51.26 23.35 -12.06
C VAL F 128 50.54 23.61 -13.37
N ALA F 129 50.79 24.77 -13.97
CA ALA F 129 50.13 25.14 -15.22
C ALA F 129 50.74 24.40 -16.41
N GLN F 130 52.07 24.45 -16.51
CA GLN F 130 52.77 23.80 -17.62
C GLN F 130 53.34 22.44 -17.25
N THR F 131 52.98 21.90 -16.07
CA THR F 131 53.43 20.59 -15.63
C THR F 131 52.20 19.72 -15.37
N PRO F 132 51.64 19.11 -16.41
CA PRO F 132 50.46 18.26 -16.22
C PRO F 132 50.82 16.88 -15.69
N VAL F 133 50.29 15.83 -16.33
CA VAL F 133 50.56 14.46 -15.93
C VAL F 133 51.26 13.74 -17.07
N GLN F 134 51.49 12.44 -16.90
CA GLN F 134 52.15 11.62 -17.92
C GLN F 134 51.12 11.20 -18.96
N GLY F 135 50.84 12.12 -19.88
CA GLY F 135 49.88 11.86 -20.94
C GLY F 135 49.64 13.06 -21.83
N SER F 136 50.16 14.22 -21.44
CA SER F 136 50.00 15.44 -22.22
C SER F 136 51.26 16.28 -22.10
N SER F 137 51.35 17.29 -22.96
CA SER F 137 52.51 18.18 -22.98
C SER F 137 52.23 19.42 -22.12
N LYS F 138 51.33 20.29 -22.59
CA LYS F 138 50.99 21.50 -21.86
C LYS F 138 49.49 21.76 -21.99
N PRO F 139 48.73 21.69 -20.90
CA PRO F 139 47.29 21.93 -20.98
C PRO F 139 47.00 23.41 -21.20
N GLN F 140 46.11 23.71 -22.15
CA GLN F 140 45.75 25.08 -22.44
C GLN F 140 44.78 25.65 -21.40
N VAL F 141 43.90 24.81 -20.85
CA VAL F 141 42.94 25.21 -19.83
C VAL F 141 43.41 24.64 -18.49
N CYS F 142 43.63 25.52 -17.52
CA CYS F 142 44.08 25.12 -16.18
C CYS F 142 42.98 25.52 -15.19
N ILE F 143 42.12 24.56 -14.85
CA ILE F 143 41.02 24.81 -13.93
C ILE F 143 41.49 24.54 -12.52
N VAL F 144 40.89 25.27 -11.57
CA VAL F 144 41.21 25.14 -10.15
C VAL F 144 39.92 24.82 -9.41
N GLU F 145 39.91 23.71 -8.68
CA GLU F 145 38.73 23.28 -7.94
C GLU F 145 38.76 23.82 -6.50
N LEU F 146 37.60 23.80 -5.87
CA LEU F 146 37.44 24.28 -4.49
C LEU F 146 36.59 23.26 -3.73
N GLY F 147 37.24 22.43 -2.93
CA GLY F 147 36.56 21.42 -2.15
C GLY F 147 36.35 21.83 -0.70
N GLY F 148 35.81 20.89 0.07
CA GLY F 148 35.56 21.13 1.48
C GLY F 148 34.43 22.11 1.72
N THR F 149 34.72 23.19 2.43
CA THR F 149 33.76 24.23 2.75
C THR F 149 34.03 25.47 1.89
N ILE F 150 33.18 26.48 2.07
CA ILE F 150 33.29 27.73 1.32
C ILE F 150 32.65 28.84 2.14
N GLY F 151 33.36 29.96 2.25
CA GLY F 151 32.86 31.10 2.99
C GLY F 151 32.99 30.95 4.49
N ASP F 152 34.05 31.50 5.07
CA ASP F 152 34.28 31.42 6.51
C ASP F 152 35.17 32.55 6.98
N ILE F 153 36.34 32.21 7.52
CA ILE F 153 37.27 33.24 7.98
C ILE F 153 38.46 33.36 7.03
N GLU F 154 39.03 32.22 6.63
CA GLU F 154 40.16 32.21 5.71
C GLU F 154 39.75 32.47 4.26
N GLY F 155 38.47 32.72 3.99
CA GLY F 155 38.00 32.99 2.66
C GLY F 155 38.22 34.39 2.15
N MET F 156 38.77 35.29 2.99
CA MET F 156 39.02 36.66 2.58
C MET F 156 40.18 36.78 1.60
N PRO F 157 41.34 36.16 1.87
CA PRO F 157 42.42 36.24 0.87
C PRO F 157 42.15 35.46 -0.40
N PHE F 158 41.19 34.52 -0.38
CA PHE F 158 40.86 33.78 -1.59
C PHE F 158 40.12 34.66 -2.59
N VAL F 159 39.35 35.64 -2.12
CA VAL F 159 38.63 36.54 -3.02
C VAL F 159 39.61 37.52 -3.67
N GLU F 160 40.56 38.04 -2.90
CA GLU F 160 41.53 38.98 -3.45
C GLU F 160 42.49 38.32 -4.43
N ALA F 161 42.66 37.01 -4.36
CA ALA F 161 43.55 36.30 -5.28
C ALA F 161 42.88 35.96 -6.59
N PHE F 162 41.55 35.75 -6.60
CA PHE F 162 40.86 35.41 -7.83
C PHE F 162 40.72 36.63 -8.75
N ARG F 163 40.57 37.82 -8.18
CA ARG F 163 40.44 39.03 -8.98
C ARG F 163 41.77 39.54 -9.50
N GLN F 164 42.89 39.04 -8.97
CA GLN F 164 44.20 39.48 -9.43
C GLN F 164 44.50 38.94 -10.83
N PHE F 165 44.16 37.68 -11.09
CA PHE F 165 44.38 37.09 -12.40
C PHE F 165 43.41 37.61 -13.45
N GLN F 166 42.30 38.19 -13.03
CA GLN F 166 41.28 38.67 -13.96
C GLN F 166 41.52 40.11 -14.39
N PHE F 167 42.00 40.96 -13.48
CA PHE F 167 42.22 42.36 -13.82
C PHE F 167 43.45 42.58 -14.68
N ARG F 168 44.28 41.55 -14.87
CA ARG F 168 45.48 41.67 -15.68
C ARG F 168 45.28 41.17 -17.11
N VAL F 169 44.25 40.36 -17.36
CA VAL F 169 43.98 39.86 -18.70
C VAL F 169 42.60 40.33 -19.15
N LYS F 170 42.12 39.79 -20.26
CA LYS F 170 40.81 40.17 -20.78
C LYS F 170 39.70 39.53 -19.94
N ARG F 171 38.46 39.94 -20.22
CA ARG F 171 37.30 39.43 -19.50
C ARG F 171 36.79 38.11 -20.05
N GLU F 172 37.37 37.60 -21.14
CA GLU F 172 36.94 36.36 -21.76
C GLU F 172 37.76 35.15 -21.31
N ASN F 173 38.25 35.17 -20.07
CA ASN F 173 39.05 34.07 -19.55
C ASN F 173 38.58 33.55 -18.21
N PHE F 174 37.57 34.16 -17.59
CA PHE F 174 37.09 33.74 -16.29
C PHE F 174 35.56 33.73 -16.28
N CYS F 175 35.00 32.76 -15.56
CA CYS F 175 33.55 32.63 -15.41
C CYS F 175 33.26 32.30 -13.96
N LEU F 176 32.80 33.28 -13.20
CA LEU F 176 32.54 33.08 -11.78
C LEU F 176 31.28 32.24 -11.58
N ALA F 177 31.38 31.27 -10.66
CA ALA F 177 30.24 30.41 -10.34
C ALA F 177 30.33 30.03 -8.88
N HIS F 178 29.37 30.51 -8.08
CA HIS F 178 29.36 30.24 -6.64
C HIS F 178 28.63 28.95 -6.34
N VAL F 179 27.73 28.98 -5.36
CA VAL F 179 26.97 27.80 -4.96
C VAL F 179 25.70 28.27 -4.26
N SER F 180 24.59 27.60 -4.56
CA SER F 180 23.30 27.95 -3.97
C SER F 180 22.42 26.71 -4.00
N LEU F 181 22.23 26.09 -2.83
CA LEU F 181 21.38 24.92 -2.74
C LEU F 181 19.91 25.32 -2.78
N VAL F 182 19.09 24.43 -3.36
CA VAL F 182 17.66 24.66 -3.51
C VAL F 182 16.94 23.85 -2.44
N PRO F 183 16.40 24.47 -1.39
CA PRO F 183 15.68 23.72 -0.38
C PRO F 183 14.31 23.28 -0.87
N LEU F 184 13.75 22.28 -0.19
CA LEU F 184 12.45 21.74 -0.52
C LEU F 184 11.49 21.96 0.64
N PRO F 185 10.32 22.56 0.42
CA PRO F 185 9.38 22.78 1.53
C PRO F 185 8.74 21.47 1.97
N LYS F 186 8.14 21.52 3.16
CA LYS F 186 7.47 20.37 3.75
C LYS F 186 6.00 20.61 4.02
N ALA F 187 5.46 21.75 3.60
CA ALA F 187 4.05 22.05 3.82
C ALA F 187 3.40 22.59 2.55
N THR F 188 4.02 23.59 1.94
CA THR F 188 3.49 24.19 0.72
C THR F 188 3.80 23.31 -0.48
N GLY F 189 4.80 23.69 -1.27
CA GLY F 189 5.19 22.93 -2.45
C GLY F 189 5.93 23.75 -3.47
N GLU F 190 5.92 25.07 -3.31
CA GLU F 190 6.61 25.96 -4.24
C GLU F 190 8.10 25.94 -3.95
N PRO F 191 8.95 25.64 -4.94
CA PRO F 191 10.40 25.60 -4.69
C PRO F 191 11.00 27.00 -4.50
N LYS F 192 10.78 27.59 -3.33
CA LYS F 192 11.32 28.90 -3.02
C LYS F 192 12.75 28.73 -2.50
N THR F 193 13.73 29.17 -3.28
CA THR F 193 15.13 29.03 -2.92
C THR F 193 15.58 30.23 -2.09
N LYS F 194 16.32 29.95 -1.03
CA LYS F 194 16.81 30.99 -0.12
C LYS F 194 18.30 31.27 -0.29
N PRO F 195 19.18 30.25 -0.38
CA PRO F 195 20.61 30.54 -0.55
C PRO F 195 20.95 31.25 -1.85
N THR F 196 20.03 31.31 -2.82
CA THR F 196 20.33 32.01 -4.07
C THR F 196 20.44 33.52 -3.85
N GLN F 197 19.43 34.11 -3.20
CA GLN F 197 19.47 35.54 -2.94
C GLN F 197 20.49 35.91 -1.88
N SER F 198 20.93 34.94 -1.06
CA SER F 198 21.91 35.23 -0.03
C SER F 198 23.34 35.13 -0.56
N SER F 199 23.56 34.33 -1.61
CA SER F 199 24.89 34.20 -2.17
C SER F 199 25.28 35.42 -2.99
N VAL F 200 24.29 36.15 -3.54
CA VAL F 200 24.59 37.34 -4.32
C VAL F 200 25.07 38.46 -3.40
N ARG F 201 24.51 38.55 -2.20
CA ARG F 201 24.93 39.59 -1.26
C ARG F 201 26.37 39.38 -0.79
N GLU F 202 26.79 38.12 -0.66
CA GLU F 202 28.16 37.85 -0.23
C GLU F 202 29.17 38.19 -1.32
N LEU F 203 28.80 37.97 -2.59
CA LEU F 203 29.71 38.28 -3.68
C LEU F 203 29.82 39.78 -3.90
N ARG F 204 28.72 40.51 -3.73
CA ARG F 204 28.74 41.96 -3.88
C ARG F 204 29.43 42.64 -2.70
N GLY F 205 29.49 42.00 -1.54
CA GLY F 205 30.13 42.56 -0.37
C GLY F 205 31.63 42.39 -0.31
N CYS F 206 32.23 41.74 -1.31
CA CYS F 206 33.67 41.52 -1.33
C CYS F 206 34.35 42.00 -2.61
N GLY F 207 33.62 42.18 -3.71
CA GLY F 207 34.22 42.65 -4.94
C GLY F 207 34.12 41.64 -6.07
N LEU F 208 33.02 40.89 -6.10
CA LEU F 208 32.80 39.88 -7.14
C LEU F 208 31.44 40.10 -7.77
N SER F 209 31.25 39.49 -8.95
CA SER F 209 30.00 39.61 -9.68
C SER F 209 29.64 38.27 -10.31
N PRO F 210 28.53 37.65 -9.91
CA PRO F 210 28.15 36.36 -10.48
C PRO F 210 27.69 36.50 -11.92
N ASP F 211 28.11 35.55 -12.76
CA ASP F 211 27.76 35.54 -14.16
C ASP F 211 27.09 34.25 -14.61
N LEU F 212 27.44 33.11 -14.02
CA LEU F 212 26.85 31.84 -14.41
C LEU F 212 25.63 31.54 -13.53
N ILE F 213 25.01 30.39 -13.78
CA ILE F 213 23.82 29.96 -13.05
C ILE F 213 24.16 28.64 -12.35
N VAL F 214 24.01 28.62 -11.04
CA VAL F 214 24.29 27.44 -10.22
C VAL F 214 22.97 26.98 -9.60
N CYS F 215 22.71 25.68 -9.68
CA CYS F 215 21.48 25.11 -9.14
C CYS F 215 21.72 23.63 -8.85
N ARG F 216 20.80 23.04 -8.09
CA ARG F 216 20.89 21.63 -7.73
C ARG F 216 19.51 21.14 -7.33
N SER F 217 19.02 20.11 -8.01
CA SER F 217 17.71 19.54 -7.73
C SER F 217 17.76 18.05 -8.06
N GLU F 218 16.59 17.41 -8.02
CA GLU F 218 16.48 15.98 -8.31
C GLU F 218 15.39 15.63 -9.31
N LYS F 219 14.42 16.51 -9.54
CA LYS F 219 13.34 16.26 -10.49
C LYS F 219 13.08 17.52 -11.30
N PRO F 220 12.64 17.36 -12.56
CA PRO F 220 12.36 18.54 -13.38
C PRO F 220 11.25 19.41 -12.81
N ILE F 221 11.62 20.54 -12.22
CA ILE F 221 10.65 21.46 -11.61
C ILE F 221 10.03 22.31 -12.70
N GLY F 222 9.02 23.10 -12.34
CA GLY F 222 8.33 23.93 -13.30
C GLY F 222 9.16 25.11 -13.76
N LEU F 223 8.62 25.81 -14.76
CA LEU F 223 9.28 26.98 -15.33
C LEU F 223 8.90 28.28 -14.63
N GLU F 224 8.10 28.21 -13.57
CA GLU F 224 7.71 29.42 -12.84
C GLU F 224 8.83 29.98 -11.99
N VAL F 225 9.88 29.20 -11.73
CA VAL F 225 11.00 29.64 -10.90
C VAL F 225 12.27 29.86 -11.71
N LYS F 226 12.25 29.61 -13.02
CA LYS F 226 13.45 29.83 -13.82
C LYS F 226 13.66 31.30 -14.12
N GLU F 227 12.58 32.08 -14.20
CA GLU F 227 12.68 33.52 -14.38
C GLU F 227 12.91 34.27 -13.07
N LYS F 228 12.84 33.57 -11.93
CA LYS F 228 13.07 34.23 -10.65
C LYS F 228 14.55 34.49 -10.41
N ILE F 229 15.42 33.56 -10.84
CA ILE F 229 16.85 33.74 -10.64
C ILE F 229 17.47 34.62 -11.71
N SER F 230 16.86 34.70 -12.90
CA SER F 230 17.44 35.51 -13.97
C SER F 230 17.40 36.99 -13.64
N ASN F 231 16.31 37.46 -13.02
CA ASN F 231 16.22 38.89 -12.69
C ASN F 231 17.08 39.24 -11.48
N PHE F 232 17.31 38.29 -10.58
CA PHE F 232 18.16 38.54 -9.43
C PHE F 232 19.65 38.55 -9.79
N CYS F 233 20.03 37.92 -10.91
CA CYS F 233 21.42 37.89 -11.35
C CYS F 233 21.66 38.70 -12.61
N HIS F 234 20.62 39.21 -13.26
CA HIS F 234 20.74 40.01 -14.48
C HIS F 234 21.49 39.25 -15.57
N VAL F 235 21.07 38.01 -15.79
CA VAL F 235 21.69 37.15 -16.80
C VAL F 235 20.64 36.74 -17.81
N GLY F 236 20.99 35.83 -18.71
CA GLY F 236 20.09 35.36 -19.73
C GLY F 236 19.07 34.38 -19.18
N PRO F 237 17.80 34.56 -19.56
CA PRO F 237 16.77 33.65 -19.06
C PRO F 237 16.83 32.26 -19.67
N ASP F 238 17.44 32.11 -20.85
CA ASP F 238 17.56 30.82 -21.52
C ASP F 238 18.85 30.09 -21.17
N GLN F 239 19.53 30.50 -20.09
CA GLN F 239 20.78 29.87 -19.67
C GLN F 239 20.70 29.33 -18.25
N VAL F 240 19.49 29.06 -17.75
CA VAL F 240 19.32 28.54 -16.40
C VAL F 240 19.48 27.03 -16.43
N ILE F 241 20.33 26.50 -15.55
CA ILE F 241 20.61 25.08 -15.49
C ILE F 241 19.64 24.43 -14.51
N CYS F 242 18.96 23.38 -14.96
CA CYS F 242 17.99 22.64 -14.15
C CYS F 242 18.47 21.20 -14.05
N ILE F 243 19.50 20.98 -13.22
CA ILE F 243 20.07 19.65 -13.06
C ILE F 243 19.18 18.84 -12.12
N HIS F 244 18.85 17.61 -12.54
CA HIS F 244 18.04 16.73 -11.73
C HIS F 244 18.84 15.49 -11.32
N ASP F 245 20.00 15.71 -10.70
CA ASP F 245 20.87 14.61 -10.33
C ASP F 245 20.25 13.80 -9.18
N LEU F 246 20.32 12.47 -9.30
CA LEU F 246 19.80 11.59 -8.27
C LEU F 246 20.93 10.93 -7.50
N ASN F 247 21.59 9.93 -8.13
CA ASN F 247 22.69 9.25 -7.46
C ASN F 247 23.71 8.66 -8.43
N SER F 248 23.65 8.99 -9.73
CA SER F 248 24.59 8.45 -10.69
C SER F 248 25.29 9.57 -11.47
N ILE F 249 25.77 9.26 -12.67
CA ILE F 249 26.49 10.25 -13.48
C ILE F 249 25.85 10.50 -14.83
N TYR F 250 24.93 9.66 -15.30
CA TYR F 250 24.32 9.84 -16.61
C TYR F 250 23.19 10.86 -16.59
N HIS F 251 22.93 11.51 -15.47
CA HIS F 251 21.90 12.53 -15.36
C HIS F 251 22.42 13.93 -15.64
N VAL F 252 23.57 14.04 -16.31
CA VAL F 252 24.20 15.33 -16.60
C VAL F 252 24.30 15.56 -18.10
N PRO F 253 24.83 14.64 -18.91
CA PRO F 253 24.95 14.92 -20.34
C PRO F 253 23.62 15.03 -21.07
N LEU F 254 22.54 14.48 -20.51
CA LEU F 254 21.23 14.58 -21.14
C LEU F 254 20.62 15.96 -21.01
N LEU F 255 21.17 16.81 -20.15
CA LEU F 255 20.63 18.16 -19.96
C LEU F 255 21.34 19.20 -20.81
N MET F 256 22.64 19.02 -21.08
CA MET F 256 23.39 20.00 -21.86
C MET F 256 22.91 20.03 -23.31
N GLU F 257 22.30 18.95 -23.79
CA GLU F 257 21.79 18.88 -25.16
C GLU F 257 20.38 19.43 -25.29
N GLN F 258 19.80 19.96 -24.23
CA GLN F 258 18.45 20.51 -24.25
C GLN F 258 18.41 22.01 -23.96
N ASN F 259 19.16 22.47 -22.95
CA ASN F 259 19.19 23.90 -22.65
C ASN F 259 20.01 24.67 -23.68
N GLY F 260 21.31 24.38 -23.76
CA GLY F 260 22.17 25.06 -24.70
C GLY F 260 23.40 25.66 -24.05
N VAL F 261 24.20 24.83 -23.39
CA VAL F 261 25.41 25.27 -22.71
C VAL F 261 26.68 24.72 -23.35
N ILE F 262 26.58 23.76 -24.27
CA ILE F 262 27.77 23.21 -24.90
C ILE F 262 28.36 24.15 -25.94
N GLU F 263 27.56 25.08 -26.47
CA GLU F 263 28.05 26.06 -27.45
C GLU F 263 28.22 27.45 -26.86
N TYR F 264 27.77 27.68 -25.63
CA TYR F 264 27.91 29.00 -25.02
C TYR F 264 29.34 29.25 -24.56
N LEU F 265 29.98 28.24 -23.96
CA LEU F 265 31.34 28.38 -23.48
C LEU F 265 32.38 28.32 -24.60
N ASN F 266 31.99 27.88 -25.80
CA ASN F 266 32.94 27.83 -26.91
C ASN F 266 33.24 29.23 -27.43
N GLU F 267 32.20 30.04 -27.66
CA GLU F 267 32.38 31.40 -28.15
C GLU F 267 32.64 32.39 -27.02
N ARG F 268 32.53 31.97 -25.77
CA ARG F 268 32.78 32.89 -24.66
C ARG F 268 34.27 33.07 -24.40
N LEU F 269 35.05 31.99 -24.53
CA LEU F 269 36.49 32.04 -24.31
C LEU F 269 37.29 31.87 -25.60
N GLN F 270 36.62 31.78 -26.75
CA GLN F 270 37.28 31.60 -28.04
C GLN F 270 38.22 30.39 -28.03
N LEU F 271 37.65 29.20 -28.08
CA LEU F 271 38.43 27.96 -28.08
C LEU F 271 38.04 27.12 -29.28
N ASN F 272 38.89 26.14 -29.59
CA ASN F 272 38.65 25.24 -30.70
C ASN F 272 37.59 24.21 -30.34
N ILE F 273 37.04 23.55 -31.36
CA ILE F 273 36.01 22.53 -31.17
C ILE F 273 36.06 21.56 -32.33
N ASP F 274 36.02 20.26 -32.01
CA ASP F 274 36.03 19.20 -33.02
C ASP F 274 34.60 18.70 -33.18
N MET F 275 33.86 19.33 -34.08
CA MET F 275 32.46 18.99 -34.30
C MET F 275 32.37 17.68 -35.08
N SER F 276 31.40 16.85 -34.71
CA SER F 276 31.17 15.58 -35.39
C SER F 276 29.69 15.22 -35.38
N LYS F 277 29.11 15.11 -34.18
CA LYS F 277 27.69 14.82 -34.05
C LYS F 277 27.00 15.93 -33.28
N ARG F 278 27.56 16.30 -32.12
CA ARG F 278 27.01 17.39 -31.31
C ARG F 278 28.14 17.90 -30.42
N THR F 279 28.93 18.82 -30.96
CA THR F 279 30.11 19.37 -30.29
C THR F 279 31.05 18.27 -29.84
N LYS F 280 30.80 17.72 -28.65
CA LYS F 280 31.63 16.65 -28.11
C LYS F 280 31.03 15.28 -28.47
N CYS F 281 31.86 14.25 -28.36
CA CYS F 281 31.41 12.90 -28.65
C CYS F 281 30.46 12.42 -27.57
N LEU F 282 29.29 11.92 -27.99
CA LEU F 282 28.26 11.46 -27.08
C LEU F 282 27.99 9.97 -27.17
N GLN F 283 28.39 9.32 -28.27
CA GLN F 283 28.13 7.90 -28.45
C GLN F 283 28.84 7.05 -27.40
N GLN F 284 29.90 7.57 -26.78
CA GLN F 284 30.60 6.81 -25.76
C GLN F 284 29.78 6.71 -24.47
N TRP F 285 28.99 7.73 -24.16
CA TRP F 285 28.17 7.74 -22.96
C TRP F 285 26.78 7.17 -23.18
N ARG F 286 26.28 7.21 -24.42
CA ARG F 286 24.95 6.69 -24.69
C ARG F 286 24.92 5.18 -24.70
N ASP F 287 26.05 4.53 -25.00
CA ASP F 287 26.09 3.08 -25.01
C ASP F 287 26.07 2.52 -23.58
N LEU F 288 26.65 3.24 -22.63
CA LEU F 288 26.66 2.80 -21.24
C LEU F 288 25.45 3.30 -20.46
N ALA F 289 24.62 4.15 -21.07
CA ALA F 289 23.44 4.66 -20.37
C ALA F 289 22.26 3.71 -20.50
N ARG F 290 21.98 3.25 -21.73
CA ARG F 290 20.87 2.32 -21.94
C ARG F 290 21.22 0.92 -21.47
N ARG F 291 22.49 0.52 -21.59
CA ARG F 291 22.89 -0.82 -21.18
C ARG F 291 22.86 -0.99 -19.67
N THR F 292 22.92 0.10 -18.90
CA THR F 292 22.90 0.03 -17.45
C THR F 292 21.49 -0.11 -16.90
N GLU F 293 20.52 0.63 -17.47
CA GLU F 293 19.15 0.62 -16.99
C GLU F 293 18.31 -0.49 -17.60
N THR F 294 18.93 -1.51 -18.20
CA THR F 294 18.21 -2.62 -18.80
C THR F 294 18.67 -3.97 -18.24
N VAL F 295 19.37 -3.97 -17.11
CA VAL F 295 19.83 -5.19 -16.48
C VAL F 295 19.23 -5.27 -15.08
N ARG F 296 19.01 -6.50 -14.62
CA ARG F 296 18.42 -6.74 -13.31
C ARG F 296 18.71 -8.17 -12.89
N ARG F 297 18.67 -8.40 -11.58
CA ARG F 297 18.91 -9.72 -11.02
C ARG F 297 18.28 -9.85 -9.64
N GLU F 298 18.35 -8.77 -8.85
CA GLU F 298 17.80 -8.73 -7.50
C GLU F 298 18.36 -9.86 -6.64
N VAL F 299 19.67 -10.06 -6.71
CA VAL F 299 20.35 -11.10 -5.93
C VAL F 299 20.74 -10.51 -4.58
N CYS F 300 20.72 -11.35 -3.56
CA CYS F 300 21.07 -10.93 -2.21
C CYS F 300 22.58 -10.79 -2.09
N ILE F 301 23.05 -9.59 -1.80
CA ILE F 301 24.46 -9.30 -1.62
C ILE F 301 24.63 -8.56 -0.30
N ALA F 302 25.44 -9.11 0.59
CA ALA F 302 25.66 -8.53 1.92
C ALA F 302 27.02 -7.85 1.94
N VAL F 303 27.02 -6.57 2.28
CA VAL F 303 28.25 -5.79 2.42
C VAL F 303 28.32 -5.23 3.83
N VAL F 304 29.54 -5.12 4.35
CA VAL F 304 29.78 -4.64 5.71
C VAL F 304 30.60 -3.37 5.64
N GLY F 305 30.13 -2.31 6.30
CA GLY F 305 30.84 -1.06 6.32
C GLY F 305 31.30 -0.67 7.71
N LYS F 306 30.49 0.14 8.41
CA LYS F 306 30.82 0.56 9.77
C LYS F 306 29.55 0.90 10.54
N TYR F 307 28.89 1.98 10.14
CA TYR F 307 27.64 2.42 10.76
C TYR F 307 26.47 2.09 9.85
N THR F 308 25.33 2.75 10.09
CA THR F 308 24.14 2.55 9.29
C THR F 308 23.84 3.69 8.33
N LYS F 309 24.42 4.87 8.57
CA LYS F 309 24.20 6.02 7.71
C LYS F 309 25.25 6.02 6.58
N PHE F 310 25.28 7.10 5.81
CA PHE F 310 26.24 7.24 4.70
C PHE F 310 27.59 7.58 5.29
N THR F 311 28.45 6.57 5.42
CA THR F 311 29.79 6.77 5.96
C THR F 311 30.76 7.08 4.83
N ASP F 312 32.07 7.02 5.13
CA ASP F 312 33.11 7.30 4.16
C ASP F 312 33.95 6.05 3.85
N SER F 313 33.36 4.87 4.04
CA SER F 313 34.05 3.61 3.77
C SER F 313 33.67 2.99 2.43
N TYR F 314 32.66 3.55 1.73
CA TYR F 314 32.23 3.00 0.45
C TYR F 314 31.60 4.05 -0.44
N ALA F 315 32.01 5.32 -0.29
CA ALA F 315 31.45 6.39 -1.11
C ALA F 315 31.90 6.26 -2.57
N SER F 316 33.19 6.03 -2.79
CA SER F 316 33.74 5.88 -4.14
C SER F 316 33.96 4.42 -4.51
N VAL F 317 33.58 3.48 -3.65
CA VAL F 317 33.76 2.06 -3.93
C VAL F 317 32.53 1.47 -4.62
N VAL F 318 31.34 1.82 -4.16
CA VAL F 318 30.11 1.29 -4.73
C VAL F 318 29.81 1.85 -6.12
N LYS F 319 30.49 2.92 -6.52
CA LYS F 319 30.27 3.51 -7.84
C LYS F 319 31.19 2.93 -8.91
N ALA F 320 32.44 2.64 -8.56
CA ALA F 320 33.38 2.08 -9.53
C ALA F 320 33.09 0.62 -9.83
N LEU F 321 32.63 -0.15 -8.83
CA LEU F 321 32.33 -1.56 -9.05
C LEU F 321 31.05 -1.78 -9.83
N GLN F 322 30.16 -0.79 -9.89
CA GLN F 322 28.90 -0.96 -10.61
C GLN F 322 29.11 -0.90 -12.11
N HIS F 323 30.05 -0.08 -12.59
CA HIS F 323 30.29 0.02 -14.03
C HIS F 323 30.98 -1.22 -14.57
N ALA F 324 31.88 -1.82 -13.78
CA ALA F 324 32.57 -3.02 -14.22
C ALA F 324 31.68 -4.25 -14.15
N ALA F 325 30.59 -4.19 -13.41
CA ALA F 325 29.66 -5.31 -13.30
C ALA F 325 28.67 -5.38 -14.46
N LEU F 326 28.78 -4.48 -15.43
CA LEU F 326 27.86 -4.48 -16.57
C LEU F 326 28.22 -5.51 -17.62
N ALA F 327 29.41 -6.11 -17.55
CA ALA F 327 29.80 -7.12 -18.54
C ALA F 327 28.97 -8.39 -18.37
N VAL F 328 28.64 -8.75 -17.13
CA VAL F 328 27.83 -9.94 -16.87
C VAL F 328 26.34 -9.66 -16.90
N ASN F 329 25.93 -8.39 -16.99
CA ASN F 329 24.53 -8.00 -17.04
C ASN F 329 23.77 -8.51 -15.81
N ARG F 330 24.36 -8.31 -14.64
CA ARG F 330 23.77 -8.74 -13.38
C ARG F 330 23.79 -7.57 -12.39
N LYS F 331 22.71 -7.43 -11.64
CA LYS F 331 22.57 -6.36 -10.66
C LYS F 331 22.78 -6.92 -9.26
N LEU F 332 23.56 -6.20 -8.45
CA LEU F 332 23.87 -6.58 -7.08
C LEU F 332 23.11 -5.65 -6.14
N GLU F 333 22.27 -6.22 -5.29
CA GLU F 333 21.49 -5.43 -4.34
C GLU F 333 22.33 -5.18 -3.09
N LEU F 334 22.56 -3.90 -2.79
CA LEU F 334 23.38 -3.51 -1.66
C LEU F 334 22.52 -3.32 -0.43
N VAL F 335 22.99 -3.84 0.71
CA VAL F 335 22.29 -3.71 1.98
C VAL F 335 23.19 -2.99 2.98
N PHE F 336 22.81 -3.02 4.25
CA PHE F 336 23.57 -2.37 5.31
C PHE F 336 23.76 -3.36 6.45
N ILE F 337 25.00 -3.75 6.71
CA ILE F 337 25.36 -4.67 7.78
C ILE F 337 26.31 -3.94 8.72
N GLU F 338 25.88 -3.73 9.95
CA GLU F 338 26.69 -3.04 10.95
C GLU F 338 27.48 -4.06 11.77
N SER F 339 28.79 -3.84 11.88
CA SER F 339 29.66 -4.73 12.64
C SER F 339 29.95 -4.24 14.05
N CYS F 340 29.49 -3.04 14.41
CA CYS F 340 29.72 -2.53 15.76
C CYS F 340 28.82 -3.23 16.77
N LEU F 341 27.52 -2.99 16.69
CA LEU F 341 26.55 -3.62 17.60
C LEU F 341 26.21 -5.01 17.06
N LEU F 342 27.05 -5.97 17.42
CA LEU F 342 26.88 -7.35 16.98
C LEU F 342 27.54 -8.31 17.96
N GLU F 343 28.51 -7.81 18.73
CA GLU F 343 29.23 -8.64 19.69
C GLU F 343 28.41 -8.86 20.95
N GLU F 344 29.05 -8.75 22.12
CA GLU F 344 28.38 -8.96 23.39
C GLU F 344 27.49 -7.80 23.80
N GLU F 345 27.63 -6.63 23.16
CA GLU F 345 26.81 -5.48 23.50
C GLU F 345 25.38 -5.60 23.00
N THR F 346 25.12 -6.53 22.08
CA THR F 346 23.78 -6.72 21.52
C THR F 346 23.14 -8.04 21.96
N LEU F 347 23.94 -9.10 22.07
CA LEU F 347 23.39 -10.39 22.48
C LEU F 347 22.87 -10.36 23.92
N HIS F 348 23.49 -9.55 24.78
CA HIS F 348 23.03 -9.47 26.16
C HIS F 348 21.86 -8.52 26.31
N SER F 349 21.82 -7.44 25.52
CA SER F 349 20.72 -6.49 25.60
C SER F 349 19.52 -6.98 24.80
N GLU F 350 19.44 -6.61 23.53
CA GLU F 350 18.35 -7.01 22.64
C GLU F 350 18.94 -7.88 21.52
N PRO F 351 19.03 -9.19 21.72
CA PRO F 351 19.62 -10.06 20.69
C PRO F 351 18.73 -10.28 19.48
N SER F 352 17.54 -9.68 19.42
CA SER F 352 16.70 -9.81 18.25
C SER F 352 17.31 -9.11 17.04
N LYS F 353 17.96 -7.96 17.26
CA LYS F 353 18.64 -7.27 16.18
C LYS F 353 19.89 -8.00 15.72
N TYR F 354 20.49 -8.82 16.60
CA TYR F 354 21.68 -9.58 16.22
C TYR F 354 21.37 -10.59 15.13
N HIS F 355 20.20 -11.21 15.18
CA HIS F 355 19.80 -12.21 14.20
C HIS F 355 19.21 -11.59 12.93
N LYS F 356 19.31 -10.27 12.76
CA LYS F 356 18.77 -9.61 11.59
C LYS F 356 19.78 -9.60 10.44
N GLU F 357 21.05 -9.37 10.72
CA GLU F 357 22.07 -9.34 9.67
C GLU F 357 22.42 -10.73 9.16
N TRP F 358 22.28 -11.75 10.01
CA TRP F 358 22.64 -13.11 9.61
C TRP F 358 21.71 -13.67 8.54
N GLN F 359 20.50 -13.11 8.41
CA GLN F 359 19.58 -13.60 7.39
C GLN F 359 20.00 -13.17 6.00
N LYS F 360 20.71 -12.05 5.88
CA LYS F 360 21.10 -11.50 4.58
C LYS F 360 22.52 -11.85 4.18
N LEU F 361 23.30 -12.46 5.06
CA LEU F 361 24.67 -12.84 4.74
C LEU F 361 24.86 -14.34 4.55
N CYS F 362 24.03 -15.17 5.19
CA CYS F 362 24.15 -16.61 5.01
C CYS F 362 23.61 -17.05 3.65
N ASP F 363 22.58 -16.37 3.15
CA ASP F 363 22.01 -16.70 1.84
C ASP F 363 22.73 -15.99 0.71
N SER F 364 23.44 -14.90 0.98
CA SER F 364 24.15 -14.18 -0.06
C SER F 364 25.32 -14.99 -0.60
N HIS F 365 25.77 -14.62 -1.79
CA HIS F 365 26.88 -15.30 -2.44
C HIS F 365 28.22 -14.59 -2.25
N GLY F 366 28.20 -13.29 -1.95
CA GLY F 366 29.43 -12.55 -1.75
C GLY F 366 29.49 -11.83 -0.42
N ILE F 367 30.48 -12.16 0.40
CA ILE F 367 30.66 -11.55 1.71
C ILE F 367 31.99 -10.81 1.72
N LEU F 368 31.95 -9.54 2.09
CA LEU F 368 33.13 -8.70 2.15
C LEU F 368 33.69 -8.67 3.57
N VAL F 369 34.81 -7.96 3.74
CA VAL F 369 35.48 -7.83 5.02
C VAL F 369 35.54 -6.35 5.36
N PRO F 370 35.14 -5.92 6.55
CA PRO F 370 35.22 -4.50 6.91
C PRO F 370 36.64 -4.07 7.24
N GLY F 371 36.80 -3.40 8.39
CA GLY F 371 38.11 -2.93 8.80
C GLY F 371 38.33 -3.00 10.30
N GLY F 372 38.68 -1.87 10.91
CA GLY F 372 38.92 -1.82 12.34
C GLY F 372 39.13 -0.41 12.85
N PHE F 373 38.29 0.02 13.78
CA PHE F 373 38.35 1.36 14.38
C PHE F 373 38.77 1.20 15.84
N GLY F 374 40.07 1.10 16.06
CA GLY F 374 40.61 0.97 17.40
C GLY F 374 40.16 -0.29 18.13
N SER F 375 39.16 -0.16 18.99
CA SER F 375 38.61 -1.26 19.76
C SER F 375 37.09 -1.23 19.75
N ARG F 376 36.50 -0.83 18.62
CA ARG F 376 35.06 -0.76 18.46
C ARG F 376 34.49 -1.94 17.68
N GLY F 377 35.21 -3.06 17.67
CA GLY F 377 34.74 -4.24 16.96
C GLY F 377 35.85 -5.21 16.62
N MET F 378 35.88 -6.35 17.31
CA MET F 378 36.91 -7.36 17.07
C MET F 378 36.41 -8.80 17.17
N GLU F 379 35.25 -9.06 17.79
CA GLU F 379 34.74 -10.42 17.90
C GLU F 379 33.72 -10.74 16.82
N GLY F 380 32.89 -9.78 16.43
CA GLY F 380 31.89 -10.02 15.40
C GLY F 380 32.49 -10.22 14.03
N LYS F 381 33.66 -9.63 13.78
CA LYS F 381 34.32 -9.77 12.49
C LYS F 381 34.99 -11.12 12.31
N ILE F 382 35.16 -11.89 13.37
CA ILE F 382 35.79 -13.20 13.25
C ILE F 382 34.77 -14.27 12.85
N ARG F 383 33.60 -14.25 13.47
CA ARG F 383 32.56 -15.23 13.14
C ARG F 383 31.85 -14.94 11.83
N ALA F 384 32.12 -13.79 11.21
CA ALA F 384 31.48 -13.44 9.94
C ALA F 384 32.19 -14.01 8.73
N CYS F 385 33.47 -14.37 8.87
CA CYS F 385 34.24 -14.94 7.75
C CYS F 385 34.38 -16.46 7.83
N GLN F 386 34.46 -17.02 9.04
CA GLN F 386 34.59 -18.46 9.17
C GLN F 386 33.27 -19.18 8.90
N TRP F 387 32.14 -18.50 9.08
CA TRP F 387 30.86 -19.14 8.82
C TRP F 387 30.58 -19.30 7.33
N ALA F 388 31.11 -18.40 6.50
CA ALA F 388 30.90 -18.49 5.07
C ALA F 388 31.78 -19.54 4.42
N ARG F 389 32.95 -19.82 4.99
CA ARG F 389 33.83 -20.83 4.42
C ARG F 389 33.32 -22.23 4.69
N GLU F 390 32.65 -22.46 5.82
CA GLU F 390 32.14 -23.78 6.13
C GLU F 390 30.92 -24.13 5.27
N ASN F 391 30.14 -23.14 4.86
CA ASN F 391 28.95 -23.34 4.04
C ASN F 391 29.25 -23.12 2.56
N GLN F 392 30.41 -23.59 2.10
CA GLN F 392 30.89 -23.49 0.72
C GLN F 392 30.54 -22.17 0.04
N LYS F 393 30.62 -21.07 0.78
CA LYS F 393 30.36 -19.80 0.11
C LYS F 393 31.67 -19.08 -0.21
N PRO F 394 31.80 -18.55 -1.42
CA PRO F 394 33.04 -17.87 -1.79
C PRO F 394 33.17 -16.52 -1.09
N LEU F 395 34.41 -16.03 -1.04
CA LEU F 395 34.74 -14.76 -0.42
C LEU F 395 35.55 -13.92 -1.39
N LEU F 396 35.81 -12.67 -0.99
CA LEU F 396 36.57 -11.73 -1.79
C LEU F 396 37.79 -11.24 -1.01
N GLY F 397 38.73 -10.66 -1.74
CA GLY F 397 39.96 -10.16 -1.13
C GLY F 397 39.87 -8.70 -0.75
N ILE F 398 39.59 -8.43 0.52
CA ILE F 398 39.48 -7.07 1.04
C ILE F 398 40.58 -6.86 2.07
N CYS F 399 41.13 -5.64 2.09
CA CYS F 399 42.17 -5.31 3.04
C CYS F 399 41.61 -5.23 4.45
N LEU F 400 42.52 -5.06 5.42
CA LEU F 400 42.17 -5.04 6.84
C LEU F 400 41.45 -6.31 7.25
N GLY F 401 41.85 -7.44 6.65
CA GLY F 401 41.24 -8.71 6.95
C GLY F 401 42.24 -9.82 7.21
N LEU F 402 43.53 -9.52 6.99
CA LEU F 402 44.57 -10.51 7.23
C LEU F 402 44.78 -10.77 8.71
N GLN F 403 44.39 -9.84 9.58
CA GLN F 403 44.53 -10.06 11.02
C GLN F 403 43.47 -11.01 11.56
N ALA F 404 42.29 -11.04 10.95
CA ALA F 404 41.22 -11.93 11.38
C ALA F 404 41.18 -13.24 10.60
N ALA F 405 41.81 -13.30 9.44
CA ALA F 405 41.80 -14.53 8.66
C ALA F 405 42.72 -15.58 9.28
N VAL F 406 43.80 -15.17 9.93
CA VAL F 406 44.71 -16.11 10.57
C VAL F 406 44.22 -16.60 11.92
N ILE F 407 43.18 -15.98 12.47
CA ILE F 407 42.64 -16.40 13.76
C ILE F 407 41.67 -17.56 13.57
N GLU F 408 40.72 -17.42 12.65
CA GLU F 408 39.74 -18.47 12.40
C GLU F 408 40.36 -19.69 11.74
N PHE F 409 41.49 -19.53 11.05
CA PHE F 409 42.13 -20.67 10.39
C PHE F 409 42.90 -21.53 11.37
N ALA F 410 43.42 -20.95 12.45
CA ALA F 410 44.18 -21.71 13.44
C ALA F 410 43.27 -22.39 14.46
N ARG F 411 42.03 -21.95 14.58
CA ARG F 411 41.10 -22.53 15.54
C ARG F 411 40.25 -23.64 14.93
N ASN F 412 39.97 -23.57 13.63
CA ASN F 412 39.15 -24.57 12.96
C ASN F 412 40.00 -25.73 12.43
N LYS F 413 41.10 -25.43 11.75
CA LYS F 413 41.96 -26.48 11.23
C LYS F 413 42.82 -27.09 12.30
N LEU F 414 43.22 -26.30 13.30
CA LEU F 414 44.06 -26.80 14.39
C LEU F 414 43.38 -26.61 15.74
N GLY F 415 43.74 -25.54 16.44
CA GLY F 415 43.15 -25.27 17.74
C GLY F 415 43.98 -24.31 18.57
N LEU F 416 44.42 -23.21 17.95
CA LEU F 416 45.23 -22.20 18.62
C LEU F 416 44.30 -21.12 19.17
N LYS F 417 43.94 -21.24 20.44
CA LYS F 417 43.06 -20.26 21.07
C LYS F 417 43.81 -19.04 21.58
N ASP F 418 45.11 -19.17 21.87
CA ASP F 418 45.87 -18.04 22.37
C ASP F 418 46.02 -16.94 21.32
N ALA F 419 46.04 -17.31 20.04
CA ALA F 419 46.18 -16.34 18.96
C ALA F 419 44.89 -15.52 18.86
N ASN F 420 44.94 -14.27 19.31
CA ASN F 420 43.78 -13.39 19.27
C ASN F 420 44.10 -12.10 18.53
N THR F 421 43.44 -11.01 18.92
CA THR F 421 43.66 -9.73 18.28
C THR F 421 44.98 -9.13 18.74
N THR F 422 45.83 -8.75 17.78
CA THR F 422 47.14 -8.19 18.07
C THR F 422 47.24 -6.70 17.77
N GLU F 423 46.20 -6.10 17.19
CA GLU F 423 46.22 -4.68 16.86
C GLU F 423 45.61 -3.82 17.95
N ILE F 424 45.28 -4.39 19.10
CA ILE F 424 44.70 -3.64 20.21
C ILE F 424 45.60 -3.74 21.42
N ASP F 425 45.79 -4.96 21.93
CA ASP F 425 46.63 -5.22 23.09
C ASP F 425 47.62 -6.33 22.75
N PRO F 426 48.78 -5.97 22.19
CA PRO F 426 49.78 -7.00 21.85
C PRO F 426 50.37 -7.66 23.08
N ASN F 427 49.78 -8.77 23.51
CA ASN F 427 50.29 -9.49 24.68
C ASN F 427 50.26 -11.01 24.53
N THR F 428 49.69 -11.55 23.46
CA THR F 428 49.64 -13.00 23.28
C THR F 428 50.99 -13.53 22.83
N ALA F 429 51.17 -14.84 22.99
CA ALA F 429 52.41 -15.50 22.59
C ALA F 429 52.40 -15.95 21.14
N ASN F 430 51.23 -16.25 20.59
CA ASN F 430 51.11 -16.70 19.20
C ASN F 430 50.71 -15.54 18.29
N ALA F 431 51.35 -14.39 18.47
CA ALA F 431 51.07 -13.21 17.66
C ALA F 431 51.69 -13.41 16.28
N LEU F 432 50.86 -13.80 15.32
CA LEU F 432 51.35 -14.04 13.97
C LEU F 432 51.61 -12.73 13.24
N VAL F 433 50.61 -11.84 13.20
CA VAL F 433 50.73 -10.56 12.53
C VAL F 433 50.91 -9.47 13.59
N ILE F 434 52.05 -8.81 13.57
CA ILE F 434 52.35 -7.74 14.52
C ILE F 434 52.57 -6.43 13.76
N ASP F 435 53.05 -5.41 14.46
CA ASP F 435 53.29 -4.10 13.87
C ASP F 435 54.80 -3.94 13.65
N MET F 436 55.22 -4.02 12.39
CA MET F 436 56.63 -3.87 12.03
C MET F 436 56.73 -2.87 10.89
N PRO F 437 57.39 -1.73 11.09
CA PRO F 437 57.50 -0.75 10.00
C PRO F 437 58.51 -1.16 8.94
N GLU F 438 58.78 -0.28 7.98
CA GLU F 438 59.74 -0.57 6.92
C GLU F 438 61.16 -0.31 7.40
N HIS F 439 62.01 -1.32 7.30
CA HIS F 439 63.41 -1.23 7.70
C HIS F 439 64.36 -1.18 6.52
N HIS F 440 63.85 -0.96 5.31
CA HIS F 440 64.70 -0.90 4.13
C HIS F 440 65.01 0.54 3.76
N THR F 441 65.10 0.82 2.45
CA THR F 441 65.39 2.15 1.97
C THR F 441 64.09 2.96 1.82
N GLY F 442 64.26 4.27 1.63
CA GLY F 442 63.12 5.15 1.47
C GLY F 442 62.53 5.61 2.79
N GLN F 443 61.79 4.74 3.45
CA GLN F 443 61.16 5.05 4.73
C GLN F 443 62.03 4.50 5.86
N LEU F 444 62.37 5.35 6.82
CA LEU F 444 63.20 4.98 7.96
C LEU F 444 62.42 5.20 9.25
N GLY F 445 62.54 4.25 10.17
CA GLY F 445 61.84 4.34 11.43
C GLY F 445 60.40 3.86 11.34
N GLY F 446 59.63 4.21 12.37
CA GLY F 446 58.23 3.83 12.42
C GLY F 446 57.36 4.62 11.48
N THR F 447 57.21 4.14 10.25
CA THR F 447 56.42 4.77 9.21
C THR F 447 55.20 3.89 8.91
N MET F 448 54.70 3.95 7.67
CA MET F 448 53.55 3.18 7.24
C MET F 448 53.94 2.35 6.02
N ARG F 449 53.41 1.12 5.96
CA ARG F 449 53.71 0.20 4.87
C ARG F 449 52.84 0.56 3.67
N LEU F 450 53.34 1.51 2.88
CA LEU F 450 52.65 1.94 1.67
C LEU F 450 53.65 2.63 0.76
N GLY F 451 53.21 2.92 -0.46
CA GLY F 451 54.03 3.60 -1.44
C GLY F 451 54.14 2.80 -2.73
N LYS F 452 54.92 3.36 -3.66
CA LYS F 452 55.15 2.72 -4.95
C LYS F 452 56.01 1.48 -4.80
N ARG F 453 55.37 0.33 -4.55
CA ARG F 453 56.07 -0.93 -4.37
C ARG F 453 55.78 -1.87 -5.53
N ILE F 454 56.76 -2.70 -5.85
CA ILE F 454 56.65 -3.67 -6.94
C ILE F 454 56.18 -5.00 -6.36
N THR F 455 55.06 -5.51 -6.88
CA THR F 455 54.48 -6.76 -6.43
C THR F 455 54.74 -7.83 -7.49
N VAL F 456 55.44 -8.89 -7.10
CA VAL F 456 55.77 -9.99 -7.99
C VAL F 456 55.07 -11.24 -7.49
N PHE F 457 54.36 -11.91 -8.39
CA PHE F 457 53.64 -13.13 -8.04
C PHE F 457 54.61 -14.31 -7.94
N SER F 458 54.08 -15.47 -7.56
CA SER F 458 54.87 -16.68 -7.40
C SER F 458 54.38 -17.83 -8.27
N ASP F 459 53.09 -18.13 -8.22
CA ASP F 459 52.53 -19.22 -9.01
C ASP F 459 52.12 -18.74 -10.40
N GLY F 460 51.13 -19.40 -11.00
CA GLY F 460 50.67 -19.06 -12.32
C GLY F 460 49.16 -19.13 -12.45
N PRO F 461 48.64 -20.36 -12.60
CA PRO F 461 47.18 -20.52 -12.75
C PRO F 461 46.42 -20.20 -11.47
N SER F 462 45.59 -19.18 -11.52
CA SER F 462 44.78 -18.75 -10.38
C SER F 462 43.57 -17.99 -10.90
N VAL F 463 43.00 -17.14 -10.04
CA VAL F 463 41.82 -16.36 -10.41
C VAL F 463 42.09 -14.87 -10.43
N ILE F 464 43.21 -14.41 -9.87
CA ILE F 464 43.55 -12.99 -9.84
C ILE F 464 44.83 -12.71 -10.62
N ARG F 465 45.17 -13.56 -11.57
CA ARG F 465 46.37 -13.39 -12.38
C ARG F 465 46.08 -13.61 -13.86
N GLN F 466 45.16 -14.52 -14.16
CA GLN F 466 44.82 -14.82 -15.55
C GLN F 466 44.00 -13.72 -16.21
N LEU F 467 43.47 -12.77 -15.45
CA LEU F 467 42.68 -11.69 -16.03
C LEU F 467 43.54 -10.54 -16.55
N TYR F 468 44.81 -10.48 -16.15
CA TYR F 468 45.71 -9.44 -16.60
C TYR F 468 46.55 -9.85 -17.80
N GLY F 469 46.14 -10.89 -18.52
CA GLY F 469 46.90 -11.34 -19.68
C GLY F 469 48.20 -12.02 -19.33
N ASN F 470 48.24 -12.75 -18.21
CA ASN F 470 49.44 -13.45 -17.73
C ASN F 470 50.60 -12.47 -17.56
N PRO F 471 50.58 -11.64 -16.51
CA PRO F 471 51.69 -10.69 -16.31
C PRO F 471 52.89 -11.33 -15.62
N LYS F 472 53.70 -10.52 -14.95
CA LYS F 472 54.85 -11.01 -14.23
C LYS F 472 55.25 -10.05 -13.11
N SER F 473 54.85 -8.78 -13.25
CA SER F 473 55.17 -7.77 -12.24
C SER F 473 54.16 -6.64 -12.39
N VAL F 474 53.13 -6.66 -11.53
CA VAL F 474 52.07 -5.65 -11.54
C VAL F 474 52.35 -4.64 -10.45
N GLN F 475 52.15 -3.35 -10.75
CA GLN F 475 52.38 -2.28 -9.79
C GLN F 475 51.10 -2.03 -9.01
N GLU F 476 51.13 -2.38 -7.72
CA GLU F 476 49.99 -2.20 -6.83
C GLU F 476 50.43 -1.47 -5.57
N ARG F 477 49.49 -0.75 -4.97
CA ARG F 477 49.73 0.02 -3.77
C ARG F 477 48.91 -0.54 -2.61
N HIS F 478 49.44 -0.42 -1.40
CA HIS F 478 48.79 -0.91 -0.20
C HIS F 478 48.48 0.27 0.73
N ARG F 479 47.79 -0.04 1.84
CA ARG F 479 47.41 0.97 2.82
C ARG F 479 47.20 0.25 4.15
N HIS F 480 48.31 -0.13 4.78
CA HIS F 480 48.28 -0.80 6.07
C HIS F 480 49.62 -0.58 6.75
N ARG F 481 49.74 -1.09 7.98
CA ARG F 481 50.95 -0.94 8.77
C ARG F 481 51.41 -2.24 9.43
N TYR F 482 50.60 -3.29 9.43
CA TYR F 482 50.95 -4.56 10.06
C TYR F 482 51.50 -5.51 9.00
N GLU F 483 52.55 -6.24 9.37
CA GLU F 483 53.19 -7.19 8.47
C GLU F 483 53.15 -8.60 9.09
N VAL F 484 53.36 -9.59 8.23
CA VAL F 484 53.36 -10.99 8.64
C VAL F 484 54.78 -11.40 8.98
N ASN F 485 54.94 -12.12 10.09
CA ASN F 485 56.26 -12.57 10.52
C ASN F 485 56.67 -13.80 9.72
N PRO F 486 57.87 -13.83 9.13
CA PRO F 486 58.30 -15.01 8.37
C PRO F 486 58.68 -16.20 9.24
N LYS F 487 58.73 -16.04 10.56
CA LYS F 487 59.09 -17.13 11.45
C LYS F 487 57.87 -17.84 12.05
N TYR F 488 56.68 -17.27 11.90
CA TYR F 488 55.45 -17.87 12.43
C TYR F 488 54.54 -18.40 11.32
N VAL F 489 55.10 -18.70 10.15
CA VAL F 489 54.32 -19.22 9.04
C VAL F 489 54.67 -20.68 8.81
N HIS F 490 55.11 -21.36 9.86
CA HIS F 490 55.48 -22.77 9.74
C HIS F 490 54.26 -23.67 9.53
N LEU F 491 53.15 -23.36 10.19
CA LEU F 491 51.94 -24.16 10.06
C LEU F 491 51.13 -23.81 8.81
N LEU F 492 51.50 -22.75 8.08
CA LEU F 492 50.79 -22.39 6.87
C LEU F 492 51.32 -23.10 5.64
N GLU F 493 52.53 -23.66 5.71
CA GLU F 493 53.12 -24.34 4.57
C GLU F 493 52.86 -25.84 4.58
N GLU F 494 52.66 -26.44 5.75
CA GLU F 494 52.39 -27.87 5.85
C GLU F 494 50.94 -28.22 5.61
N GLN F 495 50.08 -27.25 5.34
CA GLN F 495 48.67 -27.47 5.04
C GLN F 495 48.38 -27.03 3.60
N GLY F 496 47.11 -26.77 3.32
CA GLY F 496 46.71 -26.32 2.00
C GLY F 496 46.54 -24.82 1.91
N MET F 497 47.52 -24.07 2.42
CA MET F 497 47.49 -22.61 2.44
C MET F 497 48.69 -22.12 1.63
N ARG F 498 48.55 -22.14 0.31
CA ARG F 498 49.63 -21.72 -0.57
C ARG F 498 49.73 -20.20 -0.63
N PHE F 499 50.76 -19.71 -1.32
CA PHE F 499 51.01 -18.28 -1.49
C PHE F 499 51.19 -18.02 -2.98
N VAL F 500 50.18 -17.45 -3.62
CA VAL F 500 50.22 -17.18 -5.06
C VAL F 500 50.63 -15.73 -5.30
N GLY F 501 51.31 -15.14 -4.33
CA GLY F 501 51.76 -13.76 -4.47
C GLY F 501 52.65 -13.31 -3.33
N THR F 502 53.91 -12.99 -3.65
CA THR F 502 54.86 -12.54 -2.65
C THR F 502 55.34 -11.12 -2.96
N ASP F 503 56.50 -10.75 -2.42
CA ASP F 503 57.10 -9.45 -2.64
C ASP F 503 58.44 -9.61 -3.36
N VAL F 504 59.22 -8.52 -3.40
CA VAL F 504 60.52 -8.56 -4.05
C VAL F 504 61.62 -9.11 -3.16
N ASP F 505 61.32 -9.41 -1.90
CA ASP F 505 62.28 -10.00 -0.99
C ASP F 505 61.92 -11.42 -0.57
N LYS F 506 60.76 -11.92 -0.99
CA LYS F 506 60.29 -13.27 -0.64
C LYS F 506 60.22 -13.44 0.88
N THR F 507 59.67 -12.45 1.56
CA THR F 507 59.53 -12.49 3.01
C THR F 507 58.10 -12.16 3.43
N ARG F 508 57.52 -11.12 2.85
CA ARG F 508 56.17 -10.67 3.18
C ARG F 508 55.17 -11.42 2.32
N MET F 509 54.25 -12.14 2.96
CA MET F 509 53.20 -12.88 2.26
C MET F 509 51.97 -11.98 2.17
N GLU F 510 51.93 -11.16 1.12
CA GLU F 510 50.84 -10.22 0.94
C GLU F 510 49.61 -10.87 0.33
N ILE F 511 49.78 -11.97 -0.42
CA ILE F 511 48.68 -12.66 -1.06
C ILE F 511 48.64 -14.09 -0.55
N ILE F 512 47.51 -14.50 -0.02
CA ILE F 512 47.31 -15.84 0.52
C ILE F 512 46.11 -16.48 -0.16
N GLU F 513 46.13 -17.80 -0.25
CA GLU F 513 45.04 -18.55 -0.89
C GLU F 513 44.92 -19.90 -0.21
N LEU F 514 43.68 -20.32 0.03
CA LEU F 514 43.37 -21.58 0.69
C LEU F 514 42.99 -22.62 -0.36
N SER F 515 43.76 -23.71 -0.42
CA SER F 515 43.48 -24.77 -1.38
C SER F 515 42.23 -25.54 -0.97
N GLY F 516 41.58 -26.15 -1.96
CA GLY F 516 40.36 -26.89 -1.76
C GLY F 516 39.09 -26.06 -1.85
N HIS F 517 39.17 -24.77 -1.54
CA HIS F 517 38.00 -23.92 -1.64
C HIS F 517 37.70 -23.60 -3.10
N PRO F 518 36.42 -23.58 -3.50
CA PRO F 518 36.11 -23.31 -4.91
C PRO F 518 36.49 -21.91 -5.36
N TYR F 519 36.39 -20.91 -4.48
CA TYR F 519 36.74 -19.54 -4.86
C TYR F 519 37.10 -18.79 -3.58
N PHE F 520 38.40 -18.69 -3.29
CA PHE F 520 38.90 -18.00 -2.11
C PHE F 520 39.93 -16.97 -2.55
N VAL F 521 39.62 -15.70 -2.34
CA VAL F 521 40.51 -14.59 -2.71
C VAL F 521 40.84 -13.82 -1.45
N ALA F 522 42.14 -13.55 -1.25
CA ALA F 522 42.58 -12.79 -0.08
C ALA F 522 43.93 -12.17 -0.39
N THR F 523 44.03 -10.85 -0.20
CA THR F 523 45.26 -10.12 -0.46
C THR F 523 45.30 -8.91 0.46
N GLN F 524 46.13 -7.93 0.11
CA GLN F 524 46.29 -6.73 0.93
C GLN F 524 46.00 -5.44 0.18
N TYR F 525 46.18 -5.40 -1.14
CA TYR F 525 45.92 -4.18 -1.89
C TYR F 525 44.42 -3.98 -2.06
N HIS F 526 44.05 -2.85 -2.68
CA HIS F 526 42.66 -2.48 -2.87
C HIS F 526 42.32 -2.50 -4.36
N PRO F 527 41.80 -3.59 -4.91
CA PRO F 527 41.43 -3.62 -6.32
C PRO F 527 40.11 -2.94 -6.63
N GLU F 528 39.38 -2.47 -5.62
CA GLU F 528 38.09 -1.83 -5.87
C GLU F 528 38.25 -0.42 -6.40
N TYR F 529 39.29 0.29 -5.97
CA TYR F 529 39.53 1.65 -6.44
C TYR F 529 40.03 1.67 -7.88
N LEU F 530 40.61 0.57 -8.36
CA LEU F 530 41.09 0.46 -9.73
C LEU F 530 40.05 -0.13 -10.67
N SER F 531 38.77 -0.09 -10.29
CA SER F 531 37.71 -0.65 -11.12
C SER F 531 37.40 0.26 -12.31
N ARG F 532 38.19 0.13 -13.37
CA ARG F 532 37.97 0.95 -14.55
C ARG F 532 36.79 0.40 -15.37
N PRO F 533 36.07 1.28 -16.08
CA PRO F 533 34.95 0.80 -16.89
C PRO F 533 35.37 -0.07 -18.06
N LEU F 534 36.63 0.02 -18.50
CA LEU F 534 37.14 -0.82 -19.58
C LEU F 534 37.93 -2.01 -19.09
N LYS F 535 38.17 -2.12 -17.78
CA LYS F 535 38.93 -3.22 -17.21
C LYS F 535 38.29 -3.61 -15.89
N PRO F 536 37.55 -4.73 -15.85
CA PRO F 536 36.90 -5.15 -14.60
C PRO F 536 37.92 -5.55 -13.54
N SER F 537 37.45 -5.55 -12.30
CA SER F 537 38.31 -5.91 -11.18
C SER F 537 38.49 -7.42 -11.10
N PRO F 538 39.61 -7.88 -10.57
CA PRO F 538 39.86 -9.33 -10.46
C PRO F 538 38.81 -10.04 -9.62
N PRO F 539 38.57 -9.63 -8.35
CA PRO F 539 37.84 -10.54 -7.45
C PRO F 539 36.34 -10.60 -7.69
N PHE F 540 35.66 -9.45 -7.66
CA PHE F 540 34.21 -9.45 -7.74
C PHE F 540 33.69 -9.90 -9.11
N LEU F 541 34.50 -9.80 -10.16
CA LEU F 541 34.05 -10.22 -11.49
C LEU F 541 34.19 -11.72 -11.66
N GLY F 542 35.22 -12.32 -11.07
CA GLY F 542 35.41 -13.76 -11.19
C GLY F 542 34.40 -14.58 -10.42
N LEU F 543 33.73 -13.98 -9.44
CA LEU F 543 32.74 -14.71 -8.66
C LEU F 543 31.44 -14.90 -9.44
N ILE F 544 31.05 -13.90 -10.24
CA ILE F 544 29.83 -13.99 -11.01
C ILE F 544 30.03 -14.89 -12.24
N LEU F 545 31.21 -14.83 -12.84
CA LEU F 545 31.48 -15.65 -14.02
C LEU F 545 31.55 -17.13 -13.66
N ALA F 546 32.11 -17.45 -12.51
CA ALA F 546 32.24 -18.83 -12.06
C ALA F 546 31.00 -19.32 -11.30
N SER F 547 29.93 -18.53 -11.30
CA SER F 547 28.70 -18.92 -10.61
C SER F 547 27.77 -19.73 -11.52
N VAL F 548 27.28 -19.10 -12.59
CA VAL F 548 26.38 -19.75 -13.52
C VAL F 548 27.01 -19.97 -14.89
N ASP F 549 28.08 -19.24 -15.23
CA ASP F 549 28.76 -19.36 -16.52
C ASP F 549 27.79 -19.13 -17.69
N ARG F 550 27.04 -18.03 -17.61
CA ARG F 550 26.06 -17.66 -18.62
C ARG F 550 26.74 -16.72 -19.61
N LEU F 551 27.13 -17.26 -20.77
CA LEU F 551 27.79 -16.48 -21.80
C LEU F 551 27.00 -16.43 -23.11
N ASN F 552 25.87 -17.12 -23.20
CA ASN F 552 25.04 -17.12 -24.40
C ASN F 552 23.98 -16.03 -24.39
N GLN F 553 24.21 -14.93 -23.67
CA GLN F 553 23.24 -13.85 -23.62
C GLN F 553 23.49 -12.77 -24.66
N TYR F 554 24.75 -12.53 -25.02
CA TYR F 554 25.07 -11.51 -26.01
C TYR F 554 24.56 -11.89 -27.39
N ILE F 555 24.45 -13.19 -27.68
CA ILE F 555 23.96 -13.64 -28.99
C ILE F 555 22.45 -13.63 -29.10
N GLN F 556 21.75 -13.30 -28.02
CA GLN F 556 20.29 -13.26 -28.05
C GLN F 556 19.74 -11.87 -28.34
N ARG F 557 20.47 -10.82 -27.99
CA ARG F 557 20.03 -9.45 -28.23
C ARG F 557 20.12 -9.11 -29.72
N GLY F 558 21.31 -8.72 -30.16
CA GLY F 558 21.52 -8.38 -31.55
C GLY F 558 21.27 -6.93 -31.91
N CYS F 559 21.39 -6.01 -30.95
CA CYS F 559 21.17 -4.58 -31.19
C CYS F 559 19.79 -4.31 -31.75
N ARG F 560 18.79 -4.20 -30.87
CA ARG F 560 17.43 -3.93 -31.33
C ARG F 560 17.30 -2.52 -31.89
N LEU F 561 17.80 -1.53 -31.15
CA LEU F 561 17.74 -0.13 -31.57
C LEU F 561 18.87 0.12 -32.58
N SER F 562 18.61 -0.26 -33.82
CA SER F 562 19.59 -0.09 -34.89
C SER F 562 18.96 0.59 -36.11
N MET G 1 41.78 37.61 39.78
CA MET G 1 40.38 37.95 40.01
C MET G 1 40.01 39.24 39.28
N LYS G 2 40.94 40.18 39.23
CA LYS G 2 40.75 41.46 38.57
C LYS G 2 41.58 41.51 37.30
N TYR G 3 40.92 41.80 36.18
CA TYR G 3 41.57 41.88 34.87
C TYR G 3 41.07 43.12 34.16
N ILE G 4 41.98 44.07 33.91
CA ILE G 4 41.65 45.31 33.23
C ILE G 4 42.54 45.42 32.01
N LEU G 5 41.91 45.51 30.83
CA LEU G 5 42.65 45.61 29.58
C LEU G 5 43.14 47.05 29.37
N VAL G 6 44.31 47.16 28.75
CA VAL G 6 44.94 48.44 28.46
C VAL G 6 45.13 48.55 26.95
N THR G 7 44.58 49.60 26.36
CA THR G 7 44.68 49.84 24.92
C THR G 7 45.82 50.79 24.63
N GLY G 8 46.75 50.35 23.80
CA GLY G 8 47.90 51.18 23.44
C GLY G 8 47.59 52.19 22.35
N GLY G 9 48.18 51.98 21.18
CA GLY G 9 47.97 52.88 20.05
C GLY G 9 47.76 52.15 18.75
N VAL G 10 47.87 52.90 17.63
CA VAL G 10 47.69 52.32 16.30
C VAL G 10 49.01 52.13 15.57
N ILE G 11 50.12 52.53 16.16
CA ILE G 11 51.43 52.40 15.54
C ILE G 11 52.49 52.31 16.64
N SER G 12 53.43 51.38 16.48
CA SER G 12 54.49 51.20 17.46
C SER G 12 55.46 52.39 17.38
N GLY G 13 55.28 53.35 18.28
CA GLY G 13 56.12 54.53 18.31
C GLY G 13 55.35 55.82 18.11
N VAL G 14 54.35 56.04 18.95
CA VAL G 14 53.52 57.25 18.88
C VAL G 14 53.45 57.89 20.26
N GLY G 15 53.62 57.08 21.31
CA GLY G 15 53.57 57.58 22.66
C GLY G 15 52.60 56.82 23.54
N LYS G 16 52.44 55.51 23.27
CA LYS G 16 51.55 54.68 24.06
C LYS G 16 52.17 54.20 25.37
N GLY G 17 53.47 54.40 25.55
CA GLY G 17 54.11 53.96 26.78
C GLY G 17 53.78 54.82 27.98
N VAL G 18 53.59 56.13 27.76
CA VAL G 18 53.26 57.02 28.87
C VAL G 18 51.81 56.85 29.30
N ILE G 19 50.94 56.40 28.39
CA ILE G 19 49.54 56.20 28.72
C ILE G 19 49.36 54.93 29.55
N ALA G 20 50.01 53.84 29.16
CA ALA G 20 49.88 52.59 29.91
C ALA G 20 50.61 52.65 31.24
N SER G 21 51.64 53.50 31.35
CA SER G 21 52.38 53.61 32.62
C SER G 21 51.60 54.39 33.66
N SER G 22 50.60 55.18 33.26
CA SER G 22 49.83 55.94 34.23
C SER G 22 48.90 55.04 35.04
N PHE G 23 48.29 54.05 34.39
CA PHE G 23 47.41 53.12 35.09
C PHE G 23 48.17 52.10 35.92
N GLY G 24 49.45 51.89 35.64
CA GLY G 24 50.25 50.93 36.40
C GLY G 24 50.71 51.47 37.72
N THR G 25 51.09 52.75 37.75
CA THR G 25 51.55 53.39 38.98
C THR G 25 50.42 53.85 39.88
N LEU G 26 49.16 53.68 39.46
CA LEU G 26 48.04 54.09 40.29
C LEU G 26 47.87 53.15 41.48
N LEU G 27 47.86 51.84 41.22
CA LEU G 27 47.72 50.86 42.29
C LEU G 27 49.02 50.66 43.06
N LYS G 28 50.16 51.01 42.47
CA LYS G 28 51.43 50.88 43.18
C LYS G 28 51.54 51.92 44.29
N SER G 29 50.91 53.08 44.12
CA SER G 29 50.95 54.13 45.13
C SER G 29 49.94 53.95 46.24
N CYS G 30 48.99 53.03 46.08
CA CYS G 30 47.97 52.78 47.09
C CYS G 30 48.32 51.60 48.00
N GLY G 31 49.50 51.01 47.84
CA GLY G 31 49.89 49.89 48.65
C GLY G 31 49.68 48.53 48.05
N LEU G 32 49.41 48.46 46.74
CA LEU G 32 49.18 47.20 46.06
C LEU G 32 50.28 46.96 45.02
N ASP G 33 50.29 45.76 44.47
CA ASP G 33 51.28 45.38 43.47
C ASP G 33 50.57 44.70 42.30
N VAL G 34 50.99 45.03 41.09
CA VAL G 34 50.43 44.48 39.86
C VAL G 34 51.57 44.00 38.97
N THR G 35 51.21 43.54 37.77
CA THR G 35 52.16 43.05 36.79
C THR G 35 52.02 43.86 35.50
N SER G 36 52.62 43.33 34.43
CA SER G 36 52.60 43.97 33.12
C SER G 36 52.72 42.88 32.05
N ILE G 37 51.60 42.54 31.44
CA ILE G 37 51.55 41.53 30.37
C ILE G 37 51.04 42.21 29.12
N LYS G 38 51.79 42.10 28.03
CA LYS G 38 51.44 42.71 26.75
C LYS G 38 51.35 41.64 25.67
N ILE G 39 50.90 42.06 24.49
CA ILE G 39 50.75 41.18 23.35
C ILE G 39 50.89 42.00 22.08
N ASP G 40 51.69 41.52 21.14
CA ASP G 40 51.91 42.21 19.87
C ASP G 40 51.10 41.56 18.76
N PRO G 41 50.26 42.32 18.05
CA PRO G 41 49.47 41.71 16.97
C PRO G 41 50.25 41.60 15.66
N TYR G 42 51.58 41.68 15.73
CA TYR G 42 52.41 41.60 14.55
C TYR G 42 52.67 40.14 14.16
N ILE G 43 53.85 39.87 13.60
CA ILE G 43 54.21 38.53 13.17
C ILE G 43 54.91 37.80 14.31
N ASN G 44 56.15 38.19 14.60
CA ASN G 44 56.92 37.55 15.65
C ASN G 44 57.86 38.55 16.32
N ILE G 45 59.03 38.09 16.74
CA ILE G 45 60.00 38.97 17.38
C ILE G 45 60.61 39.90 16.36
N ASP G 46 60.70 41.19 16.71
CA ASP G 46 61.27 42.18 15.80
C ASP G 46 62.78 42.08 15.71
N ALA G 47 63.44 41.59 16.76
CA ALA G 47 64.89 41.46 16.80
C ALA G 47 65.38 40.14 16.20
N GLY G 48 64.64 39.55 15.28
CA GLY G 48 65.04 38.31 14.65
C GLY G 48 65.66 38.51 13.27
N THR G 49 64.81 38.65 12.26
CA THR G 49 65.27 38.87 10.90
C THR G 49 65.24 40.33 10.49
N PHE G 50 64.48 41.17 11.18
CA PHE G 50 64.41 42.59 10.86
C PHE G 50 65.67 43.30 11.37
N SER G 51 65.83 44.55 10.94
CA SER G 51 66.97 45.34 11.35
C SER G 51 66.96 45.54 12.87
N PRO G 52 68.14 45.71 13.48
CA PRO G 52 68.17 45.88 14.95
C PRO G 52 67.48 47.15 15.42
N TYR G 53 67.44 48.19 14.61
CA TYR G 53 66.77 49.44 14.99
C TYR G 53 66.26 50.12 13.73
N GLU G 54 64.96 50.46 13.74
CA GLU G 54 64.33 51.16 12.63
C GLU G 54 62.98 51.70 13.06
N HIS G 55 62.15 50.84 13.65
CA HIS G 55 60.85 51.24 14.19
C HIS G 55 60.66 50.94 15.66
N GLY G 56 61.34 49.92 16.20
CA GLY G 56 61.21 49.58 17.60
C GLY G 56 62.52 49.58 18.35
N GLU G 57 62.56 50.25 19.49
CA GLU G 57 63.78 50.35 20.30
C GLU G 57 63.98 49.03 21.04
N VAL G 58 64.89 48.21 20.54
CA VAL G 58 65.19 46.91 21.13
C VAL G 58 66.46 47.04 21.96
N TYR G 59 66.42 46.57 23.20
CA TYR G 59 67.57 46.64 24.10
C TYR G 59 67.78 45.33 24.84
N VAL G 60 68.17 45.41 26.12
CA VAL G 60 68.48 44.23 26.90
C VAL G 60 68.33 44.57 28.38
N LEU G 61 67.47 45.55 28.67
CA LEU G 61 67.23 46.01 30.03
C LEU G 61 66.73 44.87 30.91
N ASP G 62 67.65 44.18 31.58
CA ASP G 62 67.35 43.09 32.51
C ASP G 62 66.55 41.99 31.80
N ASP G 63 67.28 41.22 31.00
CA ASP G 63 66.70 40.10 30.25
C ASP G 63 67.83 39.22 29.74
N GLY G 64 67.57 37.92 29.68
CA GLY G 64 68.53 36.94 29.23
C GLY G 64 68.45 36.59 27.77
N ALA G 65 67.62 37.28 26.99
CA ALA G 65 67.48 36.99 25.56
C ALA G 65 67.06 38.24 24.79
N GLU G 66 65.92 38.17 24.12
CA GLU G 66 65.39 39.29 23.36
C GLU G 66 64.25 39.95 24.12
N VAL G 67 64.04 41.24 23.83
CA VAL G 67 63.00 42.01 24.49
C VAL G 67 62.01 42.52 23.45
N ASP G 68 61.04 43.31 23.89
CA ASP G 68 60.05 43.88 22.99
C ASP G 68 60.51 45.24 22.48
N LEU G 69 59.82 46.31 22.90
CA LEU G 69 60.20 47.66 22.48
C LEU G 69 59.67 48.71 23.46
N ASP G 70 58.73 48.32 24.32
CA ASP G 70 58.09 49.24 25.26
C ASP G 70 58.06 48.63 26.66
N LEU G 71 59.21 48.13 27.11
CA LEU G 71 59.32 47.52 28.43
C LEU G 71 60.38 48.20 29.30
N GLY G 72 60.91 49.35 28.87
CA GLY G 72 61.92 50.05 29.64
C GLY G 72 61.34 51.02 30.65
N ASN G 73 60.22 51.65 30.30
CA ASN G 73 59.57 52.59 31.19
C ASN G 73 58.82 51.91 32.33
N TYR G 74 58.45 50.64 32.17
CA TYR G 74 57.73 49.95 33.23
C TYR G 74 58.65 49.60 34.40
N GLU G 75 59.88 49.18 34.10
CA GLU G 75 60.81 48.84 35.17
C GLU G 75 61.34 50.07 35.88
N ARG G 76 61.45 51.20 35.17
CA ARG G 76 61.96 52.42 35.78
C ARG G 76 60.91 53.10 36.63
N PHE G 77 59.66 53.15 36.16
CA PHE G 77 58.60 53.77 36.93
C PHE G 77 58.13 52.87 38.06
N LEU G 78 57.64 51.68 37.72
CA LEU G 78 57.16 50.74 38.73
C LEU G 78 58.34 49.99 39.35
N ASP G 79 58.02 49.08 40.26
CA ASP G 79 59.03 48.28 40.96
C ASP G 79 59.05 46.83 40.48
N VAL G 80 58.60 46.58 39.25
CA VAL G 80 58.56 45.24 38.70
C VAL G 80 59.60 45.14 37.58
N THR G 81 59.92 43.91 37.20
CA THR G 81 60.89 43.63 36.15
C THR G 81 60.22 42.80 35.06
N LEU G 82 60.97 42.56 33.99
CA LEU G 82 60.50 41.78 32.86
C LEU G 82 61.40 40.57 32.65
N HIS G 83 60.80 39.45 32.25
CA HIS G 83 61.56 38.22 32.01
C HIS G 83 61.35 37.72 30.59
N ARG G 84 61.51 36.42 30.38
CA ARG G 84 61.35 35.83 29.06
C ARG G 84 59.90 35.49 28.73
N ASP G 85 59.01 35.51 29.72
CA ASP G 85 57.60 35.20 29.52
C ASP G 85 56.74 36.46 29.41
N ASN G 86 57.37 37.61 29.16
CA ASN G 86 56.64 38.87 29.04
C ASN G 86 56.55 39.39 27.62
N ASN G 87 57.43 38.97 26.72
CA ASN G 87 57.40 39.41 25.33
C ASN G 87 56.52 38.47 24.49
N ILE G 88 55.25 38.40 24.87
CA ILE G 88 54.30 37.55 24.19
C ILE G 88 53.90 38.18 22.86
N THR G 89 54.03 37.41 21.78
CA THR G 89 53.68 37.86 20.44
C THR G 89 52.97 36.74 19.70
N THR G 90 52.53 37.03 18.48
CA THR G 90 51.83 36.03 17.68
C THR G 90 52.75 34.92 17.20
N GLY G 91 54.06 35.20 17.10
CA GLY G 91 54.99 34.17 16.65
C GLY G 91 55.28 33.13 17.71
N LYS G 92 55.24 33.52 18.99
CA LYS G 92 55.51 32.57 20.06
C LYS G 92 54.34 31.60 20.25
N ILE G 93 53.11 32.05 20.00
CA ILE G 93 51.96 31.17 20.14
C ILE G 93 51.96 30.11 19.05
N TYR G 94 52.31 30.48 17.83
CA TYR G 94 52.33 29.54 16.71
C TYR G 94 53.38 28.45 16.86
N LYS G 95 54.34 28.62 17.78
CA LYS G 95 55.35 27.60 17.98
C LYS G 95 54.81 26.35 18.66
N LEU G 96 53.72 26.47 19.41
CA LEU G 96 53.12 25.34 20.11
C LEU G 96 51.79 24.89 19.52
N VAL G 97 51.10 25.74 18.76
CA VAL G 97 49.83 25.34 18.16
C VAL G 97 50.07 24.33 17.05
N ILE G 98 51.13 24.52 16.26
CA ILE G 98 51.46 23.57 15.20
C ILE G 98 52.00 22.28 15.80
N GLU G 99 52.63 22.36 16.97
CA GLU G 99 53.21 21.17 17.58
C GLU G 99 52.14 20.29 18.23
N LYS G 100 51.11 20.90 18.83
CA LYS G 100 50.09 20.11 19.50
C LYS G 100 49.16 19.42 18.51
N GLU G 101 48.98 20.01 17.32
CA GLU G 101 48.13 19.39 16.32
C GLU G 101 48.84 18.32 15.52
N ARG G 102 50.18 18.28 15.58
CA ARG G 102 50.94 17.27 14.87
C ARG G 102 51.24 16.05 15.74
N THR G 103 51.46 16.25 17.04
CA THR G 103 51.71 15.13 17.93
C THR G 103 50.43 14.33 18.20
N GLY G 104 49.43 14.97 18.78
CA GLY G 104 48.16 14.32 19.04
C GLY G 104 47.76 14.33 20.50
N GLU G 105 47.16 15.44 20.95
CA GLU G 105 46.67 15.55 22.32
C GLU G 105 45.16 15.63 22.42
N TYR G 106 44.47 16.08 21.39
CA TYR G 106 43.01 16.18 21.38
C TYR G 106 42.41 15.24 20.33
N LEU G 107 42.96 14.02 20.24
CA LEU G 107 42.53 12.98 19.32
C LEU G 107 42.66 13.40 17.85
N GLY G 108 43.38 14.49 17.57
CA GLY G 108 43.57 14.94 16.20
C GLY G 108 42.29 15.39 15.51
N LYS G 109 41.35 15.93 16.27
CA LYS G 109 40.09 16.38 15.68
C LYS G 109 40.31 17.62 14.84
N THR G 110 39.88 17.56 13.58
CA THR G 110 40.02 18.69 12.66
C THR G 110 38.91 19.69 12.94
N VAL G 111 39.28 20.86 13.46
CA VAL G 111 38.31 21.91 13.78
C VAL G 111 38.61 23.14 12.94
N GLN G 112 38.01 24.28 13.32
CA GLN G 112 38.20 25.53 12.60
C GLN G 112 39.13 26.46 13.38
N VAL G 113 38.64 27.08 14.46
CA VAL G 113 39.44 28.01 15.25
C VAL G 113 38.92 28.02 16.67
N VAL G 114 37.65 27.67 16.85
CA VAL G 114 37.01 27.67 18.16
C VAL G 114 36.43 26.28 18.42
N PRO G 115 36.38 25.82 19.68
CA PRO G 115 36.90 26.50 20.87
C PRO G 115 38.34 26.10 21.21
N HIS G 116 39.27 26.36 20.29
CA HIS G 116 40.66 25.99 20.54
C HIS G 116 41.53 27.22 20.74
N ILE G 117 41.35 28.25 19.91
CA ILE G 117 42.15 29.46 20.04
C ILE G 117 41.68 30.29 21.23
N THR G 118 40.37 30.36 21.45
CA THR G 118 39.85 31.13 22.58
C THR G 118 40.26 30.51 23.90
N ASP G 119 40.39 29.20 23.96
CA ASP G 119 40.84 28.53 25.17
C ASP G 119 42.35 28.48 25.30
N ALA G 120 43.09 28.70 24.20
CA ALA G 120 44.54 28.70 24.28
C ALA G 120 45.06 29.98 24.94
N ILE G 121 44.37 31.10 24.77
CA ILE G 121 44.80 32.34 25.39
C ILE G 121 44.57 32.29 26.90
N GLN G 122 43.62 31.45 27.35
CA GLN G 122 43.37 31.32 28.78
C GLN G 122 44.56 30.72 29.53
N GLU G 123 45.38 29.94 28.83
CA GLU G 123 46.55 29.35 29.48
C GLU G 123 47.67 30.37 29.63
N TRP G 124 47.65 31.45 28.85
CA TRP G 124 48.68 32.47 28.96
C TRP G 124 48.34 33.54 29.98
N VAL G 125 47.08 33.57 30.44
CA VAL G 125 46.67 34.58 31.41
C VAL G 125 46.61 34.00 32.81
N GLU G 126 46.11 32.76 32.95
CA GLU G 126 45.99 32.14 34.26
C GLU G 126 47.33 31.61 34.77
N ARG G 127 48.37 31.63 33.95
CA ARG G 127 49.68 31.16 34.40
C ARG G 127 50.54 32.30 34.90
N VAL G 128 50.37 33.50 34.34
CA VAL G 128 51.14 34.67 34.75
C VAL G 128 50.36 35.44 35.80
N ALA G 129 49.24 34.89 36.24
CA ALA G 129 48.40 35.56 37.24
C ALA G 129 48.99 35.45 38.64
N GLN G 130 49.34 34.23 39.05
CA GLN G 130 49.90 33.99 40.38
C GLN G 130 51.41 33.90 40.37
N THR G 131 52.07 34.23 39.26
CA THR G 131 53.52 34.21 39.14
C THR G 131 54.00 35.61 38.76
N PRO G 132 54.15 36.50 39.74
CA PRO G 132 54.61 37.85 39.44
C PRO G 132 56.12 37.92 39.24
N VAL G 133 56.77 38.89 39.89
CA VAL G 133 58.22 39.06 39.80
C VAL G 133 58.83 38.89 41.18
N GLN G 134 60.14 39.11 41.28
CA GLN G 134 60.86 38.99 42.55
C GLN G 134 60.66 40.28 43.36
N GLY G 135 59.52 40.34 44.05
CA GLY G 135 59.19 41.49 44.85
C GLY G 135 57.81 41.43 45.46
N SER G 136 57.02 40.44 45.04
CA SER G 136 55.66 40.27 45.56
C SER G 136 55.33 38.79 45.60
N SER G 137 54.22 38.47 46.24
CA SER G 137 53.76 37.08 46.38
C SER G 137 52.73 36.75 45.30
N LYS G 138 51.57 37.37 45.39
CA LYS G 138 50.50 37.13 44.42
C LYS G 138 49.74 38.44 44.17
N PRO G 139 49.82 39.00 42.96
CA PRO G 139 49.12 40.25 42.68
C PRO G 139 47.62 40.01 42.58
N GLN G 140 46.84 40.88 43.22
CA GLN G 140 45.38 40.76 43.18
C GLN G 140 44.81 41.27 41.88
N VAL G 141 45.41 42.31 41.29
CA VAL G 141 44.98 42.87 40.02
C VAL G 141 45.98 42.46 38.96
N CYS G 142 45.50 41.77 37.92
CA CYS G 142 46.33 41.30 36.81
C CYS G 142 45.84 41.97 35.54
N ILE G 143 46.49 43.07 35.17
CA ILE G 143 46.13 43.82 33.98
C ILE G 143 46.87 43.25 32.77
N VAL G 144 46.23 43.35 31.61
CA VAL G 144 46.79 42.86 30.34
C VAL G 144 46.81 44.02 29.37
N GLU G 145 48.00 44.38 28.89
CA GLU G 145 48.16 45.48 27.97
C GLU G 145 48.04 44.99 26.52
N LEU G 146 47.71 45.93 25.63
CA LEU G 146 47.57 45.63 24.20
C LEU G 146 48.33 46.70 23.44
N GLY G 147 49.56 46.36 23.00
CA GLY G 147 50.39 47.26 22.26
C GLY G 147 50.32 47.05 20.77
N GLY G 148 51.26 47.65 20.06
CA GLY G 148 51.32 47.53 18.61
C GLY G 148 50.21 48.28 17.90
N THR G 149 49.36 47.54 17.19
CA THR G 149 48.24 48.11 16.45
C THR G 149 46.93 47.61 17.05
N ILE G 150 45.82 48.13 16.52
CA ILE G 150 44.49 47.74 16.97
C ILE G 150 43.53 47.86 15.80
N GLY G 151 42.67 46.86 15.65
CA GLY G 151 41.72 46.85 14.54
C GLY G 151 42.25 46.14 13.32
N ASP G 152 42.63 44.88 13.48
CA ASP G 152 43.20 44.07 12.41
C ASP G 152 42.33 42.83 12.18
N ILE G 153 42.62 42.10 11.11
CA ILE G 153 41.89 40.88 10.82
C ILE G 153 42.13 39.83 11.90
N GLU G 154 43.36 39.75 12.41
CA GLU G 154 43.68 38.78 13.46
C GLU G 154 43.02 39.11 14.79
N GLY G 155 42.48 40.32 14.94
CA GLY G 155 41.82 40.73 16.17
C GLY G 155 40.41 40.20 16.36
N MET G 156 39.97 39.26 15.52
CA MET G 156 38.62 38.72 15.69
C MET G 156 38.52 37.77 16.87
N PRO G 157 39.41 36.78 17.04
CA PRO G 157 39.32 35.92 18.24
C PRO G 157 39.65 36.65 19.53
N PHE G 158 40.29 37.82 19.47
CA PHE G 158 40.57 38.57 20.68
C PHE G 158 39.31 39.13 21.30
N VAL G 159 38.29 39.41 20.48
CA VAL G 159 37.03 39.93 21.01
C VAL G 159 36.26 38.82 21.73
N GLU G 160 36.24 37.61 21.15
CA GLU G 160 35.54 36.50 21.77
C GLU G 160 36.24 36.00 23.03
N ALA G 161 37.53 36.32 23.20
CA ALA G 161 38.24 35.89 24.39
C ALA G 161 38.05 36.85 25.55
N PHE G 162 37.83 38.14 25.27
CA PHE G 162 37.64 39.10 26.35
C PHE G 162 36.27 38.94 27.02
N ARG G 163 35.25 38.54 26.25
CA ARG G 163 33.92 38.35 26.81
C ARG G 163 33.79 37.03 27.57
N GLN G 164 34.72 36.10 27.37
CA GLN G 164 34.65 34.82 28.07
C GLN G 164 34.93 34.98 29.55
N PHE G 165 35.95 35.79 29.90
CA PHE G 165 36.28 36.02 31.29
C PHE G 165 35.27 36.91 31.99
N GLN G 166 34.46 37.66 31.23
CA GLN G 166 33.49 38.58 31.81
C GLN G 166 32.14 37.92 32.06
N PHE G 167 31.72 37.02 31.18
CA PHE G 167 30.42 36.38 31.32
C PHE G 167 30.43 35.32 32.43
N ARG G 168 31.60 34.93 32.92
CA ARG G 168 31.67 33.93 33.98
C ARG G 168 31.74 34.55 35.37
N VAL G 169 32.07 35.83 35.48
CA VAL G 169 32.14 36.52 36.77
C VAL G 169 31.14 37.67 36.78
N LYS G 170 31.21 38.50 37.81
CA LYS G 170 30.32 39.65 37.93
C LYS G 170 30.75 40.76 36.98
N ARG G 171 29.92 41.80 36.89
CA ARG G 171 30.18 42.94 36.02
C ARG G 171 31.11 43.96 36.65
N GLU G 172 31.52 43.77 37.91
CA GLU G 172 32.39 44.70 38.61
C GLU G 172 33.86 44.31 38.53
N ASN G 173 34.28 43.66 37.44
CA ASN G 173 35.66 43.22 37.29
C ASN G 173 36.30 43.63 35.97
N PHE G 174 35.53 44.17 35.02
CA PHE G 174 36.06 44.54 33.72
C PHE G 174 35.56 45.92 33.32
N CYS G 175 36.42 46.69 32.66
CA CYS G 175 36.07 48.02 32.18
C CYS G 175 36.66 48.18 30.79
N LEU G 176 35.80 48.14 29.77
CA LEU G 176 36.26 48.24 28.39
C LEU G 176 36.68 49.67 28.06
N ALA G 177 37.82 49.80 27.39
CA ALA G 177 38.34 51.10 26.99
C ALA G 177 39.05 50.94 25.65
N HIS G 178 38.47 51.51 24.59
CA HIS G 178 39.04 51.40 23.27
C HIS G 178 40.08 52.50 23.02
N VAL G 179 39.96 53.20 21.89
CA VAL G 179 40.90 54.25 21.54
C VAL G 179 40.20 55.19 20.56
N SER G 180 40.45 56.49 20.72
CA SER G 180 39.85 57.49 19.85
C SER G 180 40.76 58.71 19.86
N LEU G 181 41.54 58.87 18.78
CA LEU G 181 42.44 60.01 18.66
C LEU G 181 41.65 61.26 18.28
N VAL G 182 42.13 62.41 18.74
CA VAL G 182 41.47 63.69 18.47
C VAL G 182 42.36 64.52 17.54
N PRO G 183 42.07 64.54 16.24
CA PRO G 183 42.87 65.36 15.34
C PRO G 183 42.48 66.83 15.40
N LEU G 184 43.44 67.68 15.04
CA LEU G 184 43.25 69.13 15.04
C LEU G 184 43.54 69.67 13.64
N PRO G 185 42.51 69.99 12.84
CA PRO G 185 42.77 70.53 11.50
C PRO G 185 43.28 71.96 11.56
N LYS G 186 44.06 72.32 10.56
CA LYS G 186 44.65 73.65 10.46
C LYS G 186 43.81 74.59 9.59
N ALA G 187 42.54 74.24 9.33
CA ALA G 187 41.66 75.07 8.53
C ALA G 187 40.52 75.66 9.35
N THR G 188 39.73 74.82 10.02
CA THR G 188 38.62 75.30 10.83
C THR G 188 39.11 75.76 12.20
N GLY G 189 38.80 74.99 13.24
CA GLY G 189 39.21 75.34 14.58
C GLY G 189 38.45 74.59 15.66
N GLU G 190 37.24 74.16 15.33
CA GLU G 190 36.43 73.42 16.29
C GLU G 190 36.95 71.99 16.42
N PRO G 191 37.22 71.51 17.63
CA PRO G 191 37.74 70.14 17.79
C PRO G 191 36.68 69.09 17.52
N LYS G 192 36.37 68.86 16.25
CA LYS G 192 35.39 67.85 15.85
C LYS G 192 36.11 66.52 15.70
N THR G 193 35.97 65.65 16.70
CA THR G 193 36.64 64.36 16.67
C THR G 193 35.89 63.37 15.79
N LYS G 194 36.64 62.63 14.98
CA LYS G 194 36.05 61.66 14.05
C LYS G 194 36.24 60.22 14.51
N PRO G 195 37.43 59.80 14.99
CA PRO G 195 37.58 58.41 15.44
C PRO G 195 36.71 58.06 16.65
N THR G 196 36.12 59.03 17.33
CA THR G 196 35.27 58.72 18.47
C THR G 196 33.99 58.01 18.02
N GLN G 197 33.28 58.59 17.05
CA GLN G 197 32.06 57.97 16.55
C GLN G 197 32.34 56.73 15.71
N SER G 198 33.57 56.58 15.21
CA SER G 198 33.90 55.41 14.42
C SER G 198 34.32 54.23 15.29
N SER G 199 34.85 54.49 16.48
CA SER G 199 35.25 53.40 17.37
C SER G 199 34.04 52.73 18.00
N VAL G 200 32.93 53.45 18.16
CA VAL G 200 31.73 52.86 18.73
C VAL G 200 31.11 51.86 17.75
N ARG G 201 31.17 52.17 16.46
CA ARG G 201 30.61 51.25 15.46
C ARG G 201 31.39 49.95 15.39
N GLU G 202 32.70 50.01 15.60
CA GLU G 202 33.51 48.79 15.56
C GLU G 202 33.22 47.89 16.76
N LEU G 203 32.94 48.48 17.93
CA LEU G 203 32.63 47.68 19.10
C LEU G 203 31.24 47.03 18.97
N ARG G 204 30.29 47.73 18.35
CA ARG G 204 28.97 47.15 18.15
C ARG G 204 28.94 46.12 17.04
N GLY G 205 29.91 46.15 16.14
CA GLY G 205 30.00 45.19 15.05
C GLY G 205 30.66 43.88 15.39
N CYS G 206 31.04 43.67 16.66
CA CYS G 206 31.68 42.44 17.08
C CYS G 206 31.00 41.87 18.31
N GLY G 207 30.43 42.75 19.13
CA GLY G 207 29.73 42.32 20.33
C GLY G 207 30.33 42.89 21.60
N LEU G 208 30.65 44.19 21.59
CA LEU G 208 31.22 44.87 22.74
C LEU G 208 30.42 46.14 23.02
N SER G 209 30.64 46.70 24.20
CA SER G 209 29.96 47.92 24.62
C SER G 209 30.93 48.81 25.38
N PRO G 210 31.19 50.03 24.89
CA PRO G 210 32.12 50.92 25.58
C PRO G 210 31.51 51.44 26.88
N ASP G 211 32.36 51.53 27.91
CA ASP G 211 31.95 52.01 29.22
C ASP G 211 32.78 53.16 29.74
N LEU G 212 34.08 53.21 29.43
CA LEU G 212 34.95 54.28 29.90
C LEU G 212 35.03 55.39 28.85
N ILE G 213 35.87 56.39 29.13
CA ILE G 213 36.06 57.52 28.24
C ILE G 213 37.56 57.58 27.88
N VAL G 214 37.85 57.50 26.59
CA VAL G 214 39.22 57.53 26.09
C VAL G 214 39.39 58.78 25.23
N CYS G 215 40.49 59.51 25.46
CA CYS G 215 40.76 60.72 24.71
C CYS G 215 42.27 60.98 24.75
N ARG G 216 42.71 61.88 23.87
CA ARG G 216 44.12 62.24 23.80
C ARG G 216 44.23 63.60 23.12
N SER G 217 44.84 64.56 23.81
CA SER G 217 45.02 65.91 23.27
C SER G 217 46.33 66.47 23.82
N GLU G 218 46.59 67.74 23.50
CA GLU G 218 47.80 68.39 23.98
C GLU G 218 47.56 69.79 24.51
N LYS G 219 46.30 70.23 24.59
CA LYS G 219 45.98 71.56 25.10
C LYS G 219 44.58 71.52 25.66
N PRO G 220 44.29 72.31 26.71
CA PRO G 220 42.94 72.32 27.29
C PRO G 220 41.92 72.85 26.29
N ILE G 221 40.97 71.99 25.93
CA ILE G 221 39.91 72.35 24.98
C ILE G 221 38.70 72.85 25.74
N GLY G 222 37.73 73.40 25.01
CA GLY G 222 36.54 73.93 25.64
C GLY G 222 35.60 72.84 26.13
N LEU G 223 34.58 73.27 26.87
CA LEU G 223 33.58 72.37 27.43
C LEU G 223 32.44 72.09 26.47
N GLU G 224 32.44 72.69 25.27
CA GLU G 224 31.37 72.45 24.31
C GLU G 224 31.47 71.07 23.67
N VAL G 225 32.63 70.42 23.74
CA VAL G 225 32.81 69.08 23.18
C VAL G 225 32.86 68.00 24.23
N LYS G 226 32.82 68.35 25.52
CA LYS G 226 32.83 67.34 26.56
C LYS G 226 31.53 66.55 26.62
N GLU G 227 30.40 67.22 26.35
CA GLU G 227 29.10 66.55 26.35
C GLU G 227 28.79 65.84 25.05
N LYS G 228 29.63 66.00 24.02
CA LYS G 228 29.38 65.33 22.75
C LYS G 228 29.67 63.84 22.84
N ILE G 229 30.71 63.46 23.58
CA ILE G 229 31.07 62.06 23.72
C ILE G 229 30.17 61.34 24.73
N SER G 230 29.59 62.07 25.69
CA SER G 230 28.77 61.44 26.71
C SER G 230 27.49 60.85 26.12
N ASN G 231 26.82 61.61 25.24
CA ASN G 231 25.58 61.13 24.64
C ASN G 231 25.83 60.03 23.62
N PHE G 232 27.00 60.01 22.99
CA PHE G 232 27.33 58.96 22.03
C PHE G 232 27.80 57.68 22.70
N CYS G 233 28.15 57.74 23.98
CA CYS G 233 28.61 56.56 24.71
C CYS G 233 27.70 56.21 25.89
N HIS G 234 26.65 56.99 26.14
CA HIS G 234 25.72 56.74 27.25
C HIS G 234 26.45 56.67 28.59
N VAL G 235 27.36 57.63 28.82
CA VAL G 235 28.12 57.69 30.06
C VAL G 235 27.83 59.00 30.76
N GLY G 236 28.53 59.26 31.86
CA GLY G 236 28.34 60.48 32.62
C GLY G 236 29.16 61.63 32.06
N PRO G 237 28.57 62.84 32.06
CA PRO G 237 29.30 63.99 31.53
C PRO G 237 30.44 64.46 32.42
N ASP G 238 30.42 64.12 33.71
CA ASP G 238 31.47 64.53 34.64
C ASP G 238 32.60 63.52 34.73
N GLN G 239 32.66 62.55 33.80
CA GLN G 239 33.71 61.54 33.79
C GLN G 239 34.51 61.56 32.50
N VAL G 240 34.48 62.68 31.77
CA VAL G 240 35.23 62.79 30.53
C VAL G 240 36.67 63.19 30.83
N ILE G 241 37.62 62.44 30.29
CA ILE G 241 39.04 62.70 30.51
C ILE G 241 39.53 63.62 29.41
N CYS G 242 40.10 64.76 29.82
CA CYS G 242 40.65 65.75 28.90
C CYS G 242 42.15 65.86 29.19
N ILE G 243 42.91 64.91 28.67
CA ILE G 243 44.35 64.85 28.89
C ILE G 243 45.05 65.73 27.88
N HIS G 244 45.99 66.56 28.36
CA HIS G 244 46.77 67.42 27.50
C HIS G 244 48.25 67.05 27.56
N ASP G 245 48.57 65.82 27.20
CA ASP G 245 49.95 65.35 27.25
C ASP G 245 50.81 66.04 26.20
N LEU G 246 52.01 66.44 26.60
CA LEU G 246 52.94 67.09 25.67
C LEU G 246 54.08 66.16 25.31
N ASN G 247 55.06 66.04 26.21
CA ASN G 247 56.20 65.15 25.94
C ASN G 247 56.82 64.59 27.20
N SER G 248 56.19 64.72 28.37
CA SER G 248 56.75 64.20 29.61
C SER G 248 55.76 63.28 30.31
N ILE G 249 55.89 63.14 31.62
CA ILE G 249 55.02 62.26 32.40
C ILE G 249 54.24 62.98 33.50
N TYR G 250 54.62 64.20 33.88
CA TYR G 250 53.93 64.90 34.96
C TYR G 250 52.65 65.57 34.49
N HIS G 251 52.28 65.43 33.22
CA HIS G 251 51.04 65.99 32.70
C HIS G 251 49.85 65.05 32.87
N VAL G 252 49.95 64.07 33.75
CA VAL G 252 48.88 63.09 33.96
C VAL G 252 48.34 63.19 35.39
N PRO G 253 49.16 63.18 36.44
CA PRO G 253 48.58 63.24 37.80
C PRO G 253 47.91 64.58 38.11
N LEU G 254 48.20 65.64 37.37
CA LEU G 254 47.55 66.92 37.60
C LEU G 254 46.11 66.96 37.11
N LEU G 255 45.68 65.96 36.33
CA LEU G 255 44.31 65.91 35.83
C LEU G 255 43.39 65.05 36.67
N MET G 256 43.91 63.95 37.25
CA MET G 256 43.08 63.06 38.04
C MET G 256 42.57 63.71 39.32
N GLU G 257 43.25 64.75 39.81
CA GLU G 257 42.84 65.45 41.02
C GLU G 257 41.85 66.57 40.76
N GLN G 258 41.41 66.74 39.50
CA GLN G 258 40.45 67.78 39.15
C GLN G 258 39.14 67.24 38.63
N ASN G 259 39.17 66.21 37.78
CA ASN G 259 37.94 65.62 37.28
C ASN G 259 37.25 64.77 38.34
N GLY G 260 37.90 63.68 38.75
CA GLY G 260 37.33 62.80 39.75
C GLY G 260 37.34 61.35 39.33
N VAL G 261 38.52 60.83 39.00
CA VAL G 261 38.66 59.44 38.57
C VAL G 261 39.45 58.60 39.56
N ILE G 262 40.08 59.20 40.58
CA ILE G 262 40.83 58.42 41.55
C ILE G 262 39.93 57.70 42.54
N GLU G 263 38.69 58.15 42.70
CA GLU G 263 37.74 57.51 43.60
C GLU G 263 36.64 56.75 42.87
N TYR G 264 36.55 56.88 41.54
CA TYR G 264 35.53 56.17 40.79
C TYR G 264 35.86 54.69 40.64
N LEU G 265 37.12 54.37 40.37
CA LEU G 265 37.54 52.98 40.21
C LEU G 265 37.67 52.24 41.54
N ASN G 266 37.66 52.95 42.67
CA ASN G 266 37.75 52.28 43.96
C ASN G 266 36.43 51.60 44.31
N GLU G 267 35.32 52.30 44.16
CA GLU G 267 34.00 51.74 44.44
C GLU G 267 33.42 50.96 43.27
N ARG G 268 34.07 50.98 42.11
CA ARG G 268 33.57 50.24 40.96
C ARG G 268 33.94 48.77 41.03
N LEU G 269 35.16 48.46 41.49
CA LEU G 269 35.62 47.08 41.61
C LEU G 269 35.72 46.61 43.05
N GLN G 270 35.32 47.45 44.01
CA GLN G 270 35.39 47.11 45.43
C GLN G 270 36.79 46.68 45.85
N LEU G 271 37.70 47.64 45.95
CA LEU G 271 39.07 47.38 46.34
C LEU G 271 39.44 48.24 47.55
N ASN G 272 40.54 47.85 48.20
CA ASN G 272 41.01 48.59 49.36
C ASN G 272 41.74 49.87 48.93
N ILE G 273 41.91 50.77 49.89
CA ILE G 273 42.57 52.05 49.64
C ILE G 273 43.21 52.55 50.93
N ASP G 274 44.46 53.00 50.83
CA ASP G 274 45.19 53.53 51.98
C ASP G 274 45.17 55.05 51.87
N MET G 275 44.13 55.65 52.45
CA MET G 275 43.96 57.10 52.40
C MET G 275 44.94 57.78 53.34
N SER G 276 45.48 58.92 52.90
CA SER G 276 46.42 59.68 53.71
C SER G 276 46.28 61.17 53.41
N LYS G 277 46.48 61.56 52.15
CA LYS G 277 46.32 62.95 51.74
C LYS G 277 45.26 63.06 50.64
N ARG G 278 45.38 62.22 49.61
CA ARG G 278 44.40 62.22 48.51
C ARG G 278 44.50 60.84 47.84
N THR G 279 43.75 59.88 48.39
CA THR G 279 43.75 58.50 47.92
C THR G 279 45.16 57.93 47.91
N LYS G 280 45.90 58.18 46.84
CA LYS G 280 47.27 57.70 46.70
C LYS G 280 48.26 58.79 47.12
N CYS G 281 49.49 58.36 47.40
CA CYS G 281 50.53 59.29 47.80
C CYS G 281 50.96 60.13 46.60
N LEU G 282 50.90 61.46 46.75
CA LEU G 282 51.23 62.39 45.68
C LEU G 282 52.48 63.21 45.97
N GLN G 283 52.95 63.26 47.22
CA GLN G 283 54.12 64.05 47.55
C GLN G 283 55.38 63.52 46.89
N GLN G 284 55.39 62.24 46.47
CA GLN G 284 56.56 61.69 45.80
C GLN G 284 56.70 62.22 44.38
N TRP G 285 55.59 62.49 43.70
CA TRP G 285 55.62 62.99 42.33
C TRP G 285 55.66 64.51 42.26
N ARG G 286 55.18 65.21 43.28
CA ARG G 286 55.19 66.67 43.25
C ARG G 286 56.60 67.21 43.46
N ASP G 287 57.45 66.48 44.18
CA ASP G 287 58.82 66.95 44.41
C ASP G 287 59.69 66.81 43.16
N LEU G 288 59.33 65.93 42.23
CA LEU G 288 60.08 65.74 41.00
C LEU G 288 59.47 66.48 39.81
N ALA G 289 58.28 67.02 39.95
CA ALA G 289 57.63 67.75 38.86
C ALA G 289 57.86 69.26 38.97
N ARG G 290 57.76 69.81 40.18
CA ARG G 290 57.98 71.24 40.35
C ARG G 290 59.47 71.59 40.28
N ARG G 291 60.33 70.73 40.84
CA ARG G 291 61.76 70.98 40.82
C ARG G 291 62.34 70.83 39.42
N THR G 292 61.70 70.06 38.54
CA THR G 292 62.23 69.87 37.19
C THR G 292 62.09 71.15 36.37
N GLU G 293 60.97 71.85 36.48
CA GLU G 293 60.71 73.07 35.72
C GLU G 293 61.33 74.31 36.34
N THR G 294 62.33 74.16 37.21
CA THR G 294 62.99 75.28 37.84
C THR G 294 64.49 75.32 37.57
N VAL G 295 64.97 74.53 36.61
CA VAL G 295 66.39 74.49 36.27
C VAL G 295 66.55 74.90 34.81
N ARG G 296 67.73 75.45 34.50
CA ARG G 296 68.03 75.88 33.14
C ARG G 296 69.53 76.06 33.01
N ARG G 297 70.01 75.91 31.77
CA ARG G 297 71.43 76.05 31.48
C ARG G 297 71.66 76.41 30.02
N GLU G 298 70.95 75.72 29.13
CA GLU G 298 71.07 75.95 27.68
C GLU G 298 72.52 75.81 27.21
N VAL G 299 73.11 74.66 27.51
CA VAL G 299 74.49 74.38 27.13
C VAL G 299 74.49 73.68 25.79
N CYS G 300 75.47 74.03 24.95
CA CYS G 300 75.59 73.43 23.61
C CYS G 300 76.12 72.01 23.75
N ILE G 301 75.27 71.03 23.49
CA ILE G 301 75.63 69.62 23.55
C ILE G 301 75.30 69.00 22.20
N ALA G 302 76.33 68.65 21.43
CA ALA G 302 76.16 68.07 20.12
C ALA G 302 76.10 66.56 20.24
N VAL G 303 74.99 65.97 19.76
CA VAL G 303 74.80 64.52 19.79
C VAL G 303 74.67 64.02 18.36
N VAL G 304 74.93 62.73 18.19
CA VAL G 304 74.86 62.08 16.88
C VAL G 304 73.82 60.96 16.98
N GLY G 305 72.85 61.00 16.08
CA GLY G 305 71.81 59.99 16.06
C GLY G 305 71.90 59.06 14.87
N LYS G 306 70.87 59.08 14.02
CA LYS G 306 70.85 58.25 12.82
C LYS G 306 70.26 59.01 11.64
N TYR G 307 68.99 59.39 11.75
CA TYR G 307 68.31 60.17 10.74
C TYR G 307 68.02 61.58 11.27
N THR G 308 67.04 62.24 10.68
CA THR G 308 66.66 63.59 11.10
C THR G 308 65.30 63.65 11.77
N LYS G 309 64.49 62.60 11.70
CA LYS G 309 63.18 62.56 12.31
C LYS G 309 63.25 61.79 13.62
N PHE G 310 62.08 61.48 14.19
CA PHE G 310 62.00 60.75 15.45
C PHE G 310 62.24 59.27 15.16
N THR G 311 63.45 58.79 15.41
CA THR G 311 63.79 57.40 15.19
C THR G 311 63.55 56.58 16.45
N ASP G 312 64.11 55.38 16.51
CA ASP G 312 63.95 54.48 17.65
C ASP G 312 65.28 54.21 18.35
N SER G 313 66.22 55.15 18.24
CA SER G 313 67.52 55.00 18.88
C SER G 313 67.66 55.83 20.15
N TYR G 314 66.67 56.67 20.48
CA TYR G 314 66.73 57.49 21.69
C TYR G 314 65.35 57.82 22.22
N ALA G 315 64.35 56.99 21.95
CA ALA G 315 63.01 57.26 22.44
C ALA G 315 62.92 57.10 23.95
N SER G 316 63.55 56.06 24.49
CA SER G 316 63.56 55.80 25.92
C SER G 316 64.89 56.14 26.58
N VAL G 317 65.82 56.73 25.83
CA VAL G 317 67.13 57.10 26.36
C VAL G 317 67.15 58.52 26.87
N VAL G 318 66.58 59.46 26.10
CA VAL G 318 66.56 60.87 26.51
C VAL G 318 65.61 61.15 27.66
N LYS G 319 64.72 60.21 27.98
CA LYS G 319 63.78 60.39 29.07
C LYS G 319 64.33 59.94 30.41
N ALA G 320 65.10 58.84 30.43
CA ALA G 320 65.65 58.35 31.68
C ALA G 320 66.85 59.18 32.14
N LEU G 321 67.62 59.73 31.21
CA LEU G 321 68.78 60.54 31.58
C LEU G 321 68.40 61.93 32.06
N GLN G 322 67.19 62.39 31.77
CA GLN G 322 66.78 63.73 32.20
C GLN G 322 66.40 63.76 33.67
N HIS G 323 65.81 62.67 34.19
CA HIS G 323 65.43 62.64 35.60
C HIS G 323 66.64 62.54 36.51
N ALA G 324 67.67 61.80 36.09
CA ALA G 324 68.86 61.65 36.89
C ALA G 324 69.77 62.87 36.86
N ALA G 325 69.53 63.80 35.93
CA ALA G 325 70.32 65.02 35.81
C ALA G 325 69.80 66.14 36.70
N LEU G 326 68.81 65.88 37.55
CA LEU G 326 68.26 66.91 38.42
C LEU G 326 69.09 67.14 39.67
N ALA G 327 70.06 66.26 39.96
CA ALA G 327 70.88 66.44 41.15
C ALA G 327 71.88 67.57 40.99
N VAL G 328 72.25 67.89 39.74
CA VAL G 328 73.20 68.96 39.47
C VAL G 328 72.52 70.25 39.04
N ASN G 329 71.20 70.24 38.85
CA ASN G 329 70.43 71.42 38.46
C ASN G 329 70.95 72.01 37.14
N ARG G 330 71.21 71.13 36.17
CA ARG G 330 71.71 71.55 34.87
C ARG G 330 70.84 70.94 33.78
N LYS G 331 70.63 71.70 32.71
CA LYS G 331 69.81 71.27 31.58
C LYS G 331 70.68 71.10 30.34
N LEU G 332 70.52 69.96 29.68
CA LEU G 332 71.28 69.63 28.47
C LEU G 332 70.40 69.84 27.25
N GLU G 333 70.95 70.48 26.22
CA GLU G 333 70.23 70.75 24.99
C GLU G 333 70.63 69.69 23.96
N LEU G 334 69.63 69.01 23.40
CA LEU G 334 69.85 67.97 22.41
C LEU G 334 69.59 68.52 21.01
N VAL G 335 70.49 68.22 20.08
CA VAL G 335 70.36 68.67 18.70
C VAL G 335 70.16 67.46 17.79
N PHE G 336 70.19 67.69 16.48
CA PHE G 336 70.00 66.62 15.49
C PHE G 336 71.12 66.72 14.46
N ILE G 337 72.09 65.81 14.55
CA ILE G 337 73.22 65.76 13.64
C ILE G 337 73.23 64.39 12.99
N GLU G 338 72.97 64.34 11.69
CA GLU G 338 72.93 63.08 10.96
C GLU G 338 74.34 62.66 10.56
N SER G 339 74.69 61.41 10.84
CA SER G 339 76.00 60.88 10.52
C SER G 339 76.10 60.36 9.09
N CYS G 340 74.98 60.26 8.37
CA CYS G 340 75.02 59.77 7.00
C CYS G 340 75.57 60.82 6.05
N LEU G 341 75.00 62.03 6.08
CA LEU G 341 75.45 63.12 5.22
C LEU G 341 76.55 63.88 5.96
N LEU G 342 77.75 63.29 5.94
CA LEU G 342 78.90 63.89 6.59
C LEU G 342 80.20 63.41 5.94
N GLU G 343 80.15 62.22 5.33
CA GLU G 343 81.33 61.65 4.69
C GLU G 343 81.57 62.28 3.33
N GLU G 344 81.90 61.45 2.33
CA GLU G 344 82.17 61.93 0.98
C GLU G 344 80.90 62.25 0.21
N GLU G 345 79.73 61.92 0.74
CA GLU G 345 78.47 62.21 0.06
C GLU G 345 77.99 63.64 0.24
N THR G 346 78.73 64.46 1.00
CA THR G 346 78.37 65.85 1.23
C THR G 346 79.43 66.82 0.73
N LEU G 347 80.71 66.54 1.01
CA LEU G 347 81.77 67.43 0.55
C LEU G 347 81.92 67.41 -0.96
N HIS G 348 81.65 66.27 -1.60
CA HIS G 348 81.73 66.16 -3.05
C HIS G 348 80.48 66.67 -3.75
N SER G 349 79.39 66.87 -3.02
CA SER G 349 78.15 67.37 -3.61
C SER G 349 77.98 68.85 -3.35
N GLU G 350 77.47 69.20 -2.17
CA GLU G 350 77.25 70.59 -1.78
C GLU G 350 77.84 70.81 -0.40
N PRO G 351 78.78 71.74 -0.22
CA PRO G 351 79.36 71.96 1.11
C PRO G 351 78.54 72.92 1.95
N SER G 352 77.24 73.01 1.67
CA SER G 352 76.38 73.92 2.42
C SER G 352 76.06 73.35 3.81
N LYS G 353 75.60 72.11 3.86
CA LYS G 353 75.25 71.45 5.11
C LYS G 353 76.43 70.75 5.77
N TYR G 354 77.66 71.11 5.41
CA TYR G 354 78.84 70.48 5.97
C TYR G 354 79.61 71.39 6.92
N HIS G 355 79.70 72.69 6.62
CA HIS G 355 80.44 73.60 7.48
C HIS G 355 79.66 73.96 8.74
N LYS G 356 78.33 73.97 8.68
CA LYS G 356 77.52 74.30 9.84
C LYS G 356 77.50 73.20 10.89
N GLU G 357 77.90 71.98 10.53
CA GLU G 357 77.90 70.89 11.51
C GLU G 357 79.12 70.95 12.41
N TRP G 358 80.27 71.35 11.87
CA TRP G 358 81.49 71.43 12.68
C TRP G 358 81.50 72.64 13.60
N GLN G 359 80.61 73.62 13.37
CA GLN G 359 80.55 74.80 14.21
C GLN G 359 79.73 74.60 15.47
N LYS G 360 79.17 73.39 15.68
CA LYS G 360 78.38 73.10 16.87
C LYS G 360 78.94 71.97 17.71
N LEU G 361 79.92 71.22 17.21
CA LEU G 361 80.51 70.13 17.97
C LEU G 361 81.88 70.46 18.54
N CYS G 362 82.57 71.46 17.99
CA CYS G 362 83.87 71.84 18.52
C CYS G 362 83.75 72.66 19.80
N ASP G 363 82.73 73.50 19.90
CA ASP G 363 82.51 74.33 21.09
C ASP G 363 81.56 73.66 22.09
N SER G 364 81.30 72.37 21.94
CA SER G 364 80.40 71.65 22.84
C SER G 364 81.20 71.06 24.00
N HIS G 365 80.55 70.26 24.82
CA HIS G 365 81.20 69.62 25.96
C HIS G 365 81.02 68.11 25.98
N GLY G 366 79.83 67.62 25.63
CA GLY G 366 79.59 66.18 25.61
C GLY G 366 79.25 65.65 24.24
N ILE G 367 80.13 64.81 23.69
CA ILE G 367 79.94 64.21 22.38
C ILE G 367 79.65 62.72 22.58
N LEU G 368 78.54 62.26 22.03
CA LEU G 368 78.13 60.87 22.14
C LEU G 368 78.62 60.08 20.93
N VAL G 369 78.37 58.78 20.97
CA VAL G 369 78.76 57.84 19.91
C VAL G 369 77.49 57.24 19.34
N PRO G 370 77.31 57.23 18.01
CA PRO G 370 76.12 56.63 17.43
C PRO G 370 76.18 55.10 17.43
N GLY G 371 75.98 54.51 16.25
CA GLY G 371 76.02 53.06 16.13
C GLY G 371 76.54 52.57 14.79
N GLY G 372 75.71 51.83 14.06
CA GLY G 372 76.11 51.31 12.77
C GLY G 372 75.02 50.49 12.11
N PHE G 373 74.70 50.81 10.85
CA PHE G 373 73.66 50.11 10.09
C PHE G 373 74.29 49.58 8.80
N GLY G 374 74.92 48.42 8.90
CA GLY G 374 75.54 47.79 7.75
C GLY G 374 76.66 48.61 7.14
N SER G 375 76.37 49.29 6.03
CA SER G 375 77.36 50.12 5.36
C SER G 375 76.79 51.49 5.04
N ARG G 376 75.98 52.04 5.96
CA ARG G 376 75.36 53.35 5.80
C ARG G 376 76.06 54.41 6.64
N GLY G 377 77.37 54.28 6.85
CA GLY G 377 78.12 55.24 7.63
C GLY G 377 79.24 54.61 8.42
N MET G 378 80.48 54.90 8.03
CA MET G 378 81.65 54.35 8.72
C MET G 378 82.84 55.29 8.78
N GLU G 379 82.92 56.31 7.92
CA GLU G 379 84.06 57.24 7.93
C GLU G 379 83.78 58.46 8.80
N GLY G 380 82.54 58.95 8.80
CA GLY G 380 82.22 60.13 9.60
C GLY G 380 82.24 59.86 11.09
N LYS G 381 82.01 58.61 11.49
CA LYS G 381 82.03 58.27 12.91
C LYS G 381 83.45 58.20 13.46
N ILE G 382 84.46 58.10 12.60
CA ILE G 382 85.85 58.05 13.04
C ILE G 382 86.40 59.44 13.30
N ARG G 383 86.15 60.39 12.41
CA ARG G 383 86.63 61.75 12.57
C ARG G 383 85.87 62.53 13.64
N ALA G 384 84.73 62.03 14.10
CA ALA G 384 83.93 62.72 15.11
C ALA G 384 84.44 62.49 16.52
N CYS G 385 85.16 61.40 16.77
CA CYS G 385 85.67 61.09 18.10
C CYS G 385 87.13 61.48 18.29
N GLN G 386 87.94 61.46 17.23
CA GLN G 386 89.34 61.83 17.37
C GLN G 386 89.52 63.34 17.50
N TRP G 387 88.58 64.13 17.00
CA TRP G 387 88.67 65.58 17.11
C TRP G 387 88.34 66.08 18.51
N ALA G 388 87.45 65.37 19.22
CA ALA G 388 87.09 65.79 20.56
C ALA G 388 88.18 65.46 21.57
N ARG G 389 88.94 64.38 21.35
CA ARG G 389 90.01 64.02 22.26
C ARG G 389 91.19 64.96 22.16
N GLU G 390 91.49 65.46 20.95
CA GLU G 390 92.61 66.39 20.80
C GLU G 390 92.28 67.78 21.33
N ASN G 391 91.00 68.16 21.33
CA ASN G 391 90.56 69.46 21.82
C ASN G 391 90.10 69.39 23.27
N GLN G 392 90.79 68.59 24.09
CA GLN G 392 90.52 68.38 25.51
C GLN G 392 89.03 68.34 25.85
N LYS G 393 88.23 67.72 24.99
CA LYS G 393 86.80 67.56 25.28
C LYS G 393 86.52 66.14 25.74
N PRO G 394 85.86 65.95 26.88
CA PRO G 394 85.60 64.60 27.37
C PRO G 394 84.53 63.90 26.55
N LEU G 395 84.49 62.57 26.69
CA LEU G 395 83.54 61.73 25.98
C LEU G 395 82.80 60.86 26.99
N LEU G 396 81.83 60.10 26.48
CA LEU G 396 81.01 59.20 27.29
C LEU G 396 81.16 57.77 26.79
N GLY G 397 80.71 56.83 27.62
CA GLY G 397 80.78 55.43 27.27
C GLY G 397 79.52 54.91 26.61
N ILE G 398 79.51 54.89 25.27
CA ILE G 398 78.38 54.42 24.50
C ILE G 398 78.80 53.18 23.72
N CYS G 399 77.90 52.20 23.65
CA CYS G 399 78.20 50.97 22.92
C CYS G 399 78.18 51.22 21.42
N LEU G 400 78.45 50.15 20.67
CA LEU G 400 78.53 50.21 19.20
C LEU G 400 79.57 51.24 18.75
N GLY G 401 80.65 51.36 19.51
CA GLY G 401 81.70 52.32 19.20
C GLY G 401 83.10 51.78 19.45
N LEU G 402 83.18 50.55 19.96
CA LEU G 402 84.48 49.94 20.22
C LEU G 402 85.21 49.56 18.94
N GLN G 403 84.49 49.39 17.83
CA GLN G 403 85.14 49.07 16.56
C GLN G 403 85.82 50.29 15.95
N ALA G 404 85.29 51.48 16.18
CA ALA G 404 85.88 52.70 15.65
C ALA G 404 86.84 53.37 16.62
N ALA G 405 86.78 53.00 17.91
CA ALA G 405 87.69 53.61 18.88
C ALA G 405 89.11 53.10 18.72
N VAL G 406 89.28 51.85 18.27
CA VAL G 406 90.61 51.29 18.07
C VAL G 406 91.23 51.70 16.74
N ILE G 407 90.45 52.31 15.85
CA ILE G 407 90.99 52.74 14.57
C ILE G 407 91.70 54.08 14.69
N GLU G 408 91.06 55.05 15.34
CA GLU G 408 91.67 56.36 15.51
C GLU G 408 92.82 56.34 16.50
N PHE G 409 92.86 55.35 17.39
CA PHE G 409 93.95 55.26 18.36
C PHE G 409 95.22 54.69 17.76
N ALA G 410 95.09 53.82 16.75
CA ALA G 410 96.27 53.22 16.12
C ALA G 410 96.86 54.12 15.04
N ARG G 411 96.09 55.09 14.54
CA ARG G 411 96.57 55.97 13.50
C ARG G 411 97.17 57.26 14.06
N ASN G 412 96.72 57.72 15.22
CA ASN G 412 97.22 58.94 15.82
C ASN G 412 98.43 58.67 16.73
N LYS G 413 98.32 57.66 17.60
CA LYS G 413 99.43 57.34 18.50
C LYS G 413 100.53 56.57 17.78
N LEU G 414 100.17 55.76 16.79
CA LEU G 414 101.15 54.98 16.05
C LEU G 414 101.10 55.30 14.57
N GLY G 415 100.38 54.49 13.79
CA GLY G 415 100.27 54.70 12.36
C GLY G 415 99.83 53.46 11.61
N LEU G 416 98.82 52.77 12.12
CA LEU G 416 98.32 51.55 11.48
C LEU G 416 97.15 51.92 10.57
N LYS G 417 97.46 52.09 9.28
CA LYS G 417 96.43 52.45 8.30
C LYS G 417 95.67 51.24 7.79
N ASP G 418 96.27 50.04 7.85
CA ASP G 418 95.59 48.84 7.37
C ASP G 418 94.38 48.49 8.23
N ALA G 419 94.43 48.82 9.52
CA ALA G 419 93.32 48.52 10.43
C ALA G 419 92.13 49.43 10.10
N ASN G 420 91.11 48.86 9.47
CA ASN G 420 89.92 49.62 9.09
C ASN G 420 88.67 49.00 9.67
N THR G 421 87.54 49.14 8.98
CA THR G 421 86.28 48.60 9.45
C THR G 421 86.24 47.09 9.20
N THR G 422 85.93 46.33 10.25
CA THR G 422 85.88 44.88 10.16
C THR G 422 84.46 44.32 10.19
N GLU G 423 83.45 45.15 10.42
CA GLU G 423 82.06 44.71 10.47
C GLU G 423 81.35 44.82 9.12
N ILE G 424 82.09 45.13 8.05
CA ILE G 424 81.50 45.25 6.73
C ILE G 424 82.14 44.24 5.79
N ASP G 425 83.45 44.37 5.58
CA ASP G 425 84.21 43.47 4.70
C ASP G 425 85.46 43.01 5.45
N PRO G 426 85.36 41.91 6.20
CA PRO G 426 86.52 41.39 6.92
C PRO G 426 87.61 40.87 6.00
N ASN G 427 88.56 41.74 5.64
CA ASN G 427 89.65 41.35 4.76
C ASN G 427 91.00 41.93 5.14
N THR G 428 91.07 42.83 6.13
CA THR G 428 92.34 43.42 6.52
C THR G 428 93.15 42.44 7.37
N ALA G 429 94.45 42.71 7.48
CA ALA G 429 95.35 41.88 8.25
C ALA G 429 95.42 42.29 9.72
N ASN G 430 95.20 43.57 10.02
CA ASN G 430 95.25 44.07 11.38
C ASN G 430 93.85 44.18 11.99
N ALA G 431 93.04 43.14 11.77
CA ALA G 431 91.66 43.11 12.29
C ALA G 431 91.73 42.86 13.78
N LEU G 432 91.60 43.92 14.58
CA LEU G 432 91.66 43.79 16.03
C LEU G 432 90.37 43.18 16.58
N VAL G 433 89.23 43.76 16.24
CA VAL G 433 87.93 43.30 16.70
C VAL G 433 87.25 42.59 15.55
N ILE G 434 87.00 41.28 15.71
CA ILE G 434 86.32 40.48 14.69
C ILE G 434 85.02 39.95 15.26
N ASP G 435 84.39 39.02 14.53
CA ASP G 435 83.12 38.42 14.94
C ASP G 435 83.40 37.02 15.48
N MET G 436 83.31 36.87 16.80
CA MET G 436 83.53 35.58 17.45
C MET G 436 82.37 35.32 18.41
N PRO G 437 81.58 34.27 18.20
CA PRO G 437 80.46 34.00 19.10
C PRO G 437 80.91 33.39 20.42
N GLU G 438 79.96 32.97 21.25
CA GLU G 438 80.28 32.38 22.54
C GLU G 438 80.61 30.90 22.35
N HIS G 439 81.78 30.48 22.85
CA HIS G 439 82.22 29.10 22.74
C HIS G 439 82.20 28.40 24.09
N HIS G 440 81.57 28.98 25.10
CA HIS G 440 81.51 28.36 26.42
C HIS G 440 80.19 27.63 26.62
N THR G 441 79.69 27.61 27.86
CA THR G 441 78.43 26.95 28.15
C THR G 441 77.25 27.88 27.86
N GLY G 442 76.05 27.30 27.86
CA GLY G 442 74.86 28.06 27.60
C GLY G 442 74.55 28.21 26.12
N GLN G 443 75.26 29.12 25.46
CA GLN G 443 75.09 29.37 24.04
C GLN G 443 76.14 28.60 23.25
N LEU G 444 75.68 27.82 22.27
CA LEU G 444 76.56 27.02 21.43
C LEU G 444 76.42 27.45 19.98
N GLY G 445 77.55 27.54 19.28
CA GLY G 445 77.52 27.94 17.89
C GLY G 445 77.48 29.45 17.72
N GLY G 446 77.15 29.87 16.50
CA GLY G 446 77.06 31.27 16.18
C GLY G 446 75.84 31.95 16.77
N THR G 447 75.96 32.45 17.99
CA THR G 447 74.89 33.12 18.71
C THR G 447 75.24 34.60 18.86
N MET G 448 74.71 35.24 19.90
CA MET G 448 74.96 36.66 20.17
C MET G 448 75.54 36.80 21.56
N ARG G 449 76.48 37.74 21.69
CA ARG G 449 77.17 37.98 22.97
C ARG G 449 76.27 38.85 23.85
N LEU G 450 75.37 38.19 24.56
CA LEU G 450 74.46 38.86 25.48
C LEU G 450 73.93 37.84 26.47
N GLY G 451 73.24 38.34 27.49
CA GLY G 451 72.63 37.52 28.51
C GLY G 451 73.09 37.89 29.90
N LYS G 452 72.61 37.12 30.87
CA LYS G 452 72.97 37.35 32.27
C LYS G 452 74.42 36.98 32.52
N ARG G 453 75.33 37.93 32.33
CA ARG G 453 76.75 37.72 32.52
C ARG G 453 77.25 38.50 33.72
N ILE G 454 78.27 37.96 34.38
CA ILE G 454 78.87 38.58 35.55
C ILE G 454 80.08 39.39 35.11
N THR G 455 80.07 40.69 35.43
CA THR G 455 81.14 41.60 35.08
C THR G 455 81.95 41.91 36.33
N VAL G 456 83.24 41.59 36.30
CA VAL G 456 84.15 41.82 37.41
C VAL G 456 85.19 42.84 36.99
N PHE G 457 85.38 43.87 37.81
CA PHE G 457 86.35 44.92 37.51
C PHE G 457 87.76 44.43 37.83
N SER G 458 88.74 45.27 37.53
CA SER G 458 90.15 44.95 37.77
C SER G 458 90.84 45.95 38.67
N ASP G 459 90.72 47.25 38.37
CA ASP G 459 91.36 48.28 39.18
C ASP G 459 90.47 48.70 40.33
N GLY G 460 90.62 49.95 40.78
CA GLY G 460 89.84 50.47 41.88
C GLY G 460 89.40 51.90 41.67
N PRO G 461 90.33 52.85 41.89
CA PRO G 461 89.98 54.27 41.72
C PRO G 461 89.75 54.64 40.27
N SER G 462 88.52 55.04 39.94
CA SER G 462 88.15 55.44 38.59
C SER G 462 86.94 56.36 38.69
N VAL G 463 86.20 56.47 37.59
CA VAL G 463 85.00 57.32 37.54
C VAL G 463 83.72 56.54 37.38
N ILE G 464 83.79 55.26 37.04
CA ILE G 464 82.61 54.43 36.86
C ILE G 464 82.58 53.27 37.86
N ARG G 465 83.23 53.44 39.00
CA ARG G 465 83.26 52.40 40.03
C ARG G 465 83.03 52.99 41.41
N GLN G 466 83.49 54.23 41.62
CA GLN G 466 83.34 54.86 42.92
C GLN G 466 81.91 55.32 43.19
N LEU G 467 81.06 55.35 42.16
CA LEU G 467 79.68 55.78 42.35
C LEU G 467 78.78 54.67 42.85
N TYR G 468 79.22 53.41 42.75
CA TYR G 468 78.44 52.26 43.22
C TYR G 468 78.80 51.84 44.63
N GLY G 469 79.45 52.71 45.40
CA GLY G 469 79.82 52.37 46.76
C GLY G 469 80.95 51.36 46.85
N ASN G 470 81.90 51.40 45.90
CA ASN G 470 83.03 50.48 45.84
C ASN G 470 82.55 49.03 45.80
N PRO G 471 82.03 48.57 44.66
CA PRO G 471 81.56 47.18 44.58
C PRO G 471 82.69 46.20 44.31
N LYS G 472 82.36 45.05 43.72
CA LYS G 472 83.36 44.05 43.37
C LYS G 472 82.86 43.17 42.23
N SER G 473 81.54 43.11 42.05
CA SER G 473 80.94 42.29 40.99
C SER G 473 79.55 42.84 40.72
N VAL G 474 79.43 43.62 39.65
CA VAL G 474 78.16 44.23 39.25
C VAL G 474 77.58 43.44 38.09
N GLN G 475 76.27 43.21 38.13
CA GLN G 475 75.56 42.46 37.10
C GLN G 475 75.13 43.42 36.00
N GLU G 476 75.76 43.31 34.83
CA GLU G 476 75.45 44.16 33.69
C GLU G 476 75.21 43.28 32.46
N ARG G 477 74.40 43.80 31.53
CA ARG G 477 74.07 43.11 30.31
C ARG G 477 74.61 43.88 29.11
N HIS G 478 74.89 43.15 28.04
CA HIS G 478 75.43 43.72 26.81
C HIS G 478 74.47 43.44 25.66
N ARG G 479 74.80 44.00 24.48
CA ARG G 479 73.98 43.83 23.28
C ARG G 479 74.89 44.06 22.08
N HIS G 480 75.74 43.06 21.81
CA HIS G 480 76.66 43.12 20.69
C HIS G 480 77.04 41.69 20.31
N ARG G 481 77.84 41.57 19.25
CA ARG G 481 78.29 40.27 18.77
C ARG G 481 79.77 40.20 18.44
N TYR G 482 80.48 41.32 18.43
CA TYR G 482 81.90 41.36 18.13
C TYR G 482 82.71 41.37 19.42
N GLU G 483 83.79 40.60 19.44
CA GLU G 483 84.66 40.49 20.60
C GLU G 483 86.08 40.91 20.24
N VAL G 484 86.86 41.24 21.26
CA VAL G 484 88.24 41.68 21.09
C VAL G 484 89.15 40.46 21.17
N ASN G 485 90.12 40.39 20.26
CA ASN G 485 91.05 39.26 20.25
C ASN G 485 92.13 39.46 21.31
N PRO G 486 92.40 38.46 22.15
CA PRO G 486 93.44 38.63 23.17
C PRO G 486 94.85 38.57 22.63
N LYS G 487 95.03 38.25 21.35
CA LYS G 487 96.37 38.18 20.76
C LYS G 487 96.76 39.45 20.02
N TYR G 488 95.83 40.37 19.80
CA TYR G 488 96.11 41.63 19.11
C TYR G 488 96.04 42.83 20.05
N VAL G 489 96.24 42.61 21.35
CA VAL G 489 96.20 43.69 22.32
C VAL G 489 97.60 43.93 22.86
N HIS G 490 98.62 43.61 22.06
CA HIS G 490 100.00 43.78 22.50
C HIS G 490 100.38 45.26 22.55
N LEU G 491 99.88 46.05 21.61
CA LEU G 491 100.20 47.47 21.57
C LEU G 491 99.33 48.31 22.51
N LEU G 492 98.31 47.70 23.13
CA LEU G 492 97.47 48.43 24.06
C LEU G 492 97.99 48.39 25.49
N GLU G 493 98.91 47.47 25.79
CA GLU G 493 99.46 47.36 27.14
C GLU G 493 100.75 48.15 27.32
N GLU G 494 101.50 48.36 26.25
CA GLU G 494 102.76 49.10 26.33
C GLU G 494 102.56 50.61 26.27
N GLN G 495 101.32 51.09 26.17
CA GLN G 495 101.02 52.51 26.17
C GLN G 495 100.18 52.85 27.41
N GLY G 496 99.46 53.97 27.35
CA GLY G 496 98.62 54.38 28.44
C GLY G 496 97.16 54.02 28.24
N MET G 497 96.92 52.78 27.83
CA MET G 497 95.57 52.27 27.57
C MET G 497 95.31 51.12 28.53
N ARG G 498 94.97 51.47 29.77
CA ARG G 498 94.72 50.48 30.81
C ARG G 498 93.34 49.86 30.63
N PHE G 499 93.05 48.86 31.46
CA PHE G 499 91.77 48.15 31.45
C PHE G 499 91.25 48.11 32.88
N VAL G 500 90.25 48.95 33.18
CA VAL G 500 89.69 49.05 34.52
C VAL G 500 88.44 48.19 34.62
N GLY G 501 88.33 47.18 33.76
CA GLY G 501 87.18 46.29 33.77
C GLY G 501 87.31 45.12 32.81
N THR G 502 87.34 43.91 33.36
CA THR G 502 87.46 42.71 32.53
C THR G 502 86.25 41.82 32.71
N ASP G 503 86.40 40.53 32.40
CA ASP G 503 85.34 39.55 32.54
C ASP G 503 85.73 38.50 33.57
N VAL G 504 84.99 37.39 33.60
CA VAL G 504 85.27 36.30 34.54
C VAL G 504 86.33 35.35 34.04
N ASP G 505 86.83 35.54 32.82
CA ASP G 505 87.90 34.71 32.26
C ASP G 505 89.17 35.48 32.01
N LYS G 506 89.17 36.80 32.23
CA LYS G 506 90.34 37.65 32.00
C LYS G 506 90.84 37.54 30.56
N THR G 507 89.90 37.57 29.61
CA THR G 507 90.25 37.47 28.20
C THR G 507 89.60 38.59 27.39
N ARG G 508 88.31 38.84 27.64
CA ARG G 508 87.56 39.87 26.93
C ARG G 508 87.73 41.20 27.64
N MET G 509 88.23 42.21 26.92
CA MET G 509 88.41 43.55 27.47
C MET G 509 87.18 44.38 27.12
N GLU G 510 86.17 44.27 27.97
CA GLU G 510 84.91 44.97 27.74
C GLU G 510 84.97 46.43 28.14
N ILE G 511 85.85 46.78 29.08
CA ILE G 511 85.98 48.15 29.56
C ILE G 511 87.41 48.61 29.29
N ILE G 512 87.54 49.74 28.59
CA ILE G 512 88.83 50.32 28.25
C ILE G 512 88.86 51.75 28.75
N GLU G 513 90.08 52.23 29.02
CA GLU G 513 90.27 53.60 29.51
C GLU G 513 91.63 54.09 29.06
N LEU G 514 91.68 55.34 28.60
CA LEU G 514 92.90 55.97 28.11
C LEU G 514 93.47 56.87 29.20
N SER G 515 94.71 56.58 29.62
CA SER G 515 95.36 57.38 30.64
C SER G 515 95.76 58.75 30.08
N GLY G 516 95.88 59.72 30.98
CA GLY G 516 96.22 61.07 30.62
C GLY G 516 95.03 61.96 30.30
N HIS G 517 93.95 61.38 29.78
CA HIS G 517 92.76 62.16 29.46
C HIS G 517 92.03 62.55 30.74
N PRO G 518 91.51 63.76 30.82
CA PRO G 518 90.83 64.18 32.06
C PRO G 518 89.56 63.41 32.35
N TYR G 519 88.82 63.00 31.32
CA TYR G 519 87.58 62.24 31.53
C TYR G 519 87.31 61.44 30.26
N PHE G 520 87.69 60.16 30.27
CA PHE G 520 87.50 59.27 29.14
C PHE G 520 86.79 58.01 29.63
N VAL G 521 85.56 57.81 29.17
CA VAL G 521 84.75 56.66 29.55
C VAL G 521 84.42 55.87 28.29
N ALA G 522 84.64 54.56 28.33
CA ALA G 522 84.36 53.69 27.19
C ALA G 522 84.16 52.28 27.70
N THR G 523 83.05 51.67 27.33
CA THR G 523 82.73 50.31 27.74
C THR G 523 81.83 49.68 26.68
N GLN G 524 81.13 48.62 27.05
CA GLN G 524 80.25 47.90 26.13
C GLN G 524 78.80 47.82 26.58
N TYR G 525 78.52 47.89 27.88
CA TYR G 525 77.15 47.81 28.35
C TYR G 525 76.44 49.15 28.12
N HIS G 526 75.15 49.18 28.40
CA HIS G 526 74.31 50.35 28.19
C HIS G 526 73.82 50.88 29.54
N PRO G 527 74.54 51.84 30.14
CA PRO G 527 74.09 52.41 31.42
C PRO G 527 72.96 53.43 31.29
N GLU G 528 72.57 53.79 30.07
CA GLU G 528 71.52 54.79 29.90
C GLU G 528 70.15 54.22 30.22
N TYR G 529 69.93 52.92 29.92
CA TYR G 529 68.65 52.30 30.21
C TYR G 529 68.44 52.06 31.70
N LEU G 530 69.52 52.02 32.48
CA LEU G 530 69.43 51.83 33.92
C LEU G 530 69.45 53.16 34.69
N SER G 531 69.13 54.27 34.01
CA SER G 531 69.13 55.59 34.64
C SER G 531 67.91 55.71 35.53
N ARG G 532 68.05 55.25 36.77
CA ARG G 532 66.96 55.32 37.73
C ARG G 532 66.86 56.72 38.32
N PRO G 533 65.65 57.15 38.70
CA PRO G 533 65.51 58.48 39.31
C PRO G 533 66.17 58.61 40.67
N LEU G 534 66.41 57.50 41.36
CA LEU G 534 67.09 57.52 42.65
C LEU G 534 68.55 57.14 42.57
N LYS G 535 69.03 56.73 41.39
CA LYS G 535 70.43 56.34 41.20
C LYS G 535 70.89 56.86 39.85
N PRO G 536 71.70 57.93 39.82
CA PRO G 536 72.17 58.46 38.54
C PRO G 536 73.10 57.50 37.84
N SER G 537 73.28 57.74 36.53
CA SER G 537 74.15 56.90 35.73
C SER G 537 75.61 57.28 35.92
N PRO G 538 76.53 56.33 35.76
CA PRO G 538 77.96 56.63 35.93
C PRO G 538 78.46 57.72 34.98
N PRO G 539 78.29 57.57 33.64
CA PRO G 539 79.07 58.42 32.74
C PRO G 539 78.58 59.86 32.63
N PHE G 540 77.30 60.04 32.29
CA PHE G 540 76.79 61.39 32.03
C PHE G 540 76.73 62.25 33.29
N LEU G 541 76.67 61.64 34.47
CA LEU G 541 76.60 62.42 35.70
C LEU G 541 77.99 62.86 36.14
N GLY G 542 79.01 62.01 35.93
CA GLY G 542 80.35 62.36 36.32
C GLY G 542 80.98 63.46 35.49
N LEU G 543 80.46 63.70 34.28
CA LEU G 543 81.01 64.75 33.43
C LEU G 543 80.58 66.13 33.91
N ILE G 544 79.34 66.26 34.39
CA ILE G 544 78.85 67.56 34.86
C ILE G 544 79.44 67.90 36.22
N LEU G 545 79.61 66.89 37.08
CA LEU G 545 80.16 67.13 38.42
C LEU G 545 81.63 67.53 38.35
N ALA G 546 82.38 66.94 37.43
CA ALA G 546 83.80 67.24 37.26
C ALA G 546 84.04 68.41 36.31
N SER G 547 83.00 69.19 35.98
CA SER G 547 83.15 70.32 35.08
C SER G 547 83.36 71.62 35.87
N VAL G 548 82.37 72.02 36.66
CA VAL G 548 82.45 73.24 37.44
C VAL G 548 82.52 72.97 38.95
N ASP G 549 82.11 71.79 39.41
CA ASP G 549 82.14 71.43 40.82
C ASP G 549 81.33 72.43 41.65
N ARG G 550 80.11 72.68 41.23
CA ARG G 550 79.21 73.62 41.90
C ARG G 550 78.30 72.82 42.83
N LEU G 551 78.63 72.82 44.12
CA LEU G 551 77.85 72.11 45.12
C LEU G 551 77.28 73.02 46.20
N ASN G 552 77.53 74.32 46.13
CA ASN G 552 77.02 75.28 47.11
C ASN G 552 75.69 75.90 46.69
N GLN G 553 74.92 75.21 45.85
CA GLN G 553 73.64 75.74 45.40
C GLN G 553 72.48 75.33 46.30
N TYR G 554 72.57 74.15 46.94
CA TYR G 554 71.49 73.70 47.80
C TYR G 554 71.36 74.56 49.05
N ILE G 555 72.46 75.19 49.49
CA ILE G 555 72.43 76.03 50.68
C ILE G 555 71.98 77.46 50.38
N GLN G 556 71.68 77.78 49.11
CA GLN G 556 71.25 79.12 48.75
C GLN G 556 69.74 79.27 48.70
N ARG G 557 69.01 78.18 48.42
CA ARG G 557 67.56 78.25 48.36
C ARG G 557 66.96 78.36 49.75
N GLY G 558 67.10 77.31 50.56
CA GLY G 558 66.58 77.34 51.92
C GLY G 558 65.07 77.21 52.02
N CYS G 559 64.43 76.60 51.01
CA CYS G 559 62.98 76.41 51.00
C CYS G 559 62.24 77.73 51.13
N ARG G 560 62.08 78.45 50.02
CA ARG G 560 61.37 79.72 50.06
C ARG G 560 59.88 79.53 50.33
N LEU G 561 59.25 78.59 49.62
CA LEU G 561 57.82 78.31 49.79
C LEU G 561 57.68 77.14 50.75
N SER G 562 57.94 77.42 52.03
CA SER G 562 57.84 76.40 53.07
C SER G 562 56.57 76.58 53.90
N MET H 1 24.09 59.77 -24.17
CA MET H 1 24.91 58.60 -24.46
C MET H 1 26.11 58.53 -23.51
N LYS H 2 26.62 59.69 -23.13
CA LYS H 2 27.76 59.80 -22.23
C LYS H 2 27.29 60.29 -20.87
N TYR H 3 27.62 59.54 -19.83
CA TYR H 3 27.24 59.88 -18.45
C TYR H 3 28.47 59.70 -17.56
N ILE H 4 28.97 60.81 -17.00
CA ILE H 4 30.13 60.79 -16.13
C ILE H 4 29.71 61.37 -14.78
N LEU H 5 29.85 60.58 -13.73
CA LEU H 5 29.48 61.03 -12.39
C LEU H 5 30.59 61.89 -11.79
N VAL H 6 30.18 62.88 -11.00
CA VAL H 6 31.10 63.80 -10.33
C VAL H 6 30.86 63.70 -8.84
N THR H 7 31.92 63.39 -8.09
CA THR H 7 31.86 63.26 -6.65
C THR H 7 32.29 64.57 -6.00
N GLY H 8 31.44 65.11 -5.13
CA GLY H 8 31.74 66.36 -4.46
C GLY H 8 32.55 66.16 -3.19
N GLY H 9 31.92 66.38 -2.04
CA GLY H 9 32.61 66.22 -0.77
C GLY H 9 31.77 65.50 0.27
N VAL H 10 32.16 65.63 1.54
CA VAL H 10 31.46 64.98 2.65
C VAL H 10 30.71 65.98 3.51
N ILE H 11 30.83 67.28 3.24
CA ILE H 11 30.14 68.30 4.02
C ILE H 11 29.87 69.49 3.11
N SER H 12 28.67 70.04 3.20
CA SER H 12 28.27 71.19 2.38
C SER H 12 29.02 72.42 2.85
N GLY H 13 30.09 72.78 2.14
CA GLY H 13 30.89 73.92 2.50
C GLY H 13 32.32 73.57 2.86
N VAL H 14 33.01 72.88 1.95
CA VAL H 14 34.40 72.48 2.18
C VAL H 14 35.24 72.92 0.98
N GLY H 15 34.60 73.07 -0.17
CA GLY H 15 35.30 73.49 -1.37
C GLY H 15 35.09 72.54 -2.54
N LYS H 16 33.93 71.90 -2.59
CA LYS H 16 33.61 70.97 -3.68
C LYS H 16 33.14 71.68 -4.93
N GLY H 17 32.88 72.99 -4.87
CA GLY H 17 32.43 73.69 -6.05
C GLY H 17 33.52 73.94 -7.08
N VAL H 18 34.76 74.13 -6.62
CA VAL H 18 35.86 74.35 -7.55
C VAL H 18 36.28 73.05 -8.20
N ILE H 19 36.05 71.92 -7.55
CA ILE H 19 36.44 70.64 -8.11
C ILE H 19 35.48 70.22 -9.23
N ALA H 20 34.17 70.38 -9.00
CA ALA H 20 33.20 70.00 -10.02
C ALA H 20 33.19 70.98 -11.18
N SER H 21 33.58 72.24 -10.94
CA SER H 21 33.62 73.22 -12.02
C SER H 21 34.79 72.99 -12.98
N SER H 22 35.81 72.26 -12.56
CA SER H 22 36.96 72.01 -13.42
C SER H 22 36.60 71.03 -14.55
N PHE H 23 35.81 70.00 -14.23
CA PHE H 23 35.41 69.03 -15.24
C PHE H 23 34.31 69.56 -16.16
N GLY H 24 33.61 70.61 -15.75
CA GLY H 24 32.56 71.18 -16.57
C GLY H 24 33.09 72.09 -17.66
N THR H 25 34.12 72.87 -17.35
CA THR H 25 34.72 73.78 -18.31
C THR H 25 35.70 73.09 -19.26
N LEU H 26 35.95 71.79 -19.08
CA LEU H 26 36.87 71.08 -19.96
C LEU H 26 36.25 70.88 -21.35
N LEU H 27 35.02 70.36 -21.39
CA LEU H 27 34.34 70.16 -22.66
C LEU H 27 33.80 71.45 -23.25
N LYS H 28 33.60 72.49 -22.43
CA LYS H 28 33.15 73.77 -22.95
C LYS H 28 34.23 74.46 -23.77
N SER H 29 35.50 74.22 -23.45
CA SER H 29 36.60 74.83 -24.17
C SER H 29 36.97 74.07 -25.45
N CYS H 30 36.51 72.83 -25.59
CA CYS H 30 36.80 72.02 -26.77
C CYS H 30 35.74 72.13 -27.85
N GLY H 31 34.67 72.88 -27.60
CA GLY H 31 33.61 73.05 -28.58
C GLY H 31 32.34 72.27 -28.31
N LEU H 32 32.19 71.72 -27.11
CA LEU H 32 31.00 70.95 -26.73
C LEU H 32 30.22 71.71 -25.67
N ASP H 33 29.09 71.13 -25.26
CA ASP H 33 28.23 71.72 -24.25
C ASP H 33 27.65 70.62 -23.38
N VAL H 34 27.61 70.87 -22.06
CA VAL H 34 27.08 69.91 -21.10
C VAL H 34 26.08 70.60 -20.20
N THR H 35 25.54 69.86 -19.23
CA THR H 35 24.57 70.41 -18.28
C THR H 35 25.12 70.35 -16.87
N SER H 36 24.24 70.48 -15.88
CA SER H 36 24.67 70.44 -14.47
C SER H 36 23.45 70.03 -13.63
N ILE H 37 23.30 68.73 -13.42
CA ILE H 37 22.23 68.17 -12.61
C ILE H 37 22.85 67.35 -11.50
N LYS H 38 22.52 67.68 -10.25
CA LYS H 38 23.07 67.01 -9.08
C LYS H 38 21.93 66.44 -8.23
N ILE H 39 22.27 65.89 -7.08
CA ILE H 39 21.31 65.31 -6.15
C ILE H 39 21.86 65.44 -4.74
N ASP H 40 21.00 65.91 -3.82
CA ASP H 40 21.41 66.11 -2.44
C ASP H 40 20.89 64.97 -1.59
N PRO H 41 21.77 64.17 -0.96
CA PRO H 41 21.28 63.08 -0.10
C PRO H 41 20.89 63.55 1.28
N TYR H 42 20.05 64.59 1.35
CA TYR H 42 19.60 65.13 2.63
C TYR H 42 18.16 64.74 2.90
N ILE H 43 17.38 65.66 3.45
CA ILE H 43 15.97 65.41 3.76
C ILE H 43 15.10 65.98 2.65
N ASN H 44 15.00 67.32 2.61
CA ASN H 44 14.19 67.98 1.60
C ASN H 44 14.80 69.31 1.19
N ILE H 45 13.97 70.29 0.84
CA ILE H 45 14.47 71.59 0.42
C ILE H 45 15.02 72.34 1.63
N ASP H 46 16.20 72.94 1.46
CA ASP H 46 16.83 73.68 2.54
C ASP H 46 16.19 75.05 2.75
N ALA H 47 15.58 75.61 1.70
CA ALA H 47 14.95 76.92 1.78
C ALA H 47 13.52 76.85 2.29
N GLY H 48 13.27 76.07 3.34
CA GLY H 48 11.93 75.96 3.89
C GLY H 48 11.89 76.27 5.37
N THR H 49 12.01 75.24 6.21
CA THR H 49 12.01 75.42 7.65
C THR H 49 13.39 75.70 8.23
N PHE H 50 14.44 75.45 7.45
CA PHE H 50 15.79 75.70 7.92
C PHE H 50 16.10 77.20 7.90
N SER H 51 17.15 77.58 8.62
CA SER H 51 17.57 78.97 8.67
C SER H 51 17.95 79.47 7.28
N PRO H 52 17.77 80.77 7.01
CA PRO H 52 18.12 81.28 5.67
C PRO H 52 19.59 81.19 5.35
N TYR H 53 20.47 81.25 6.35
CA TYR H 53 21.91 81.16 6.12
C TYR H 53 22.57 80.62 7.39
N GLU H 54 23.33 79.55 7.23
CA GLU H 54 24.05 78.94 8.35
C GLU H 54 25.09 77.96 7.83
N HIS H 55 24.69 77.09 6.92
CA HIS H 55 25.60 76.13 6.29
C HIS H 55 25.55 76.18 4.77
N GLY H 56 24.40 76.49 4.18
CA GLY H 56 24.25 76.55 2.75
C GLY H 56 23.81 77.95 2.31
N GLU H 57 24.48 78.48 1.30
CA GLU H 57 24.20 79.81 0.78
C GLU H 57 23.06 79.70 -0.23
N VAL H 58 21.86 80.09 0.20
CA VAL H 58 20.67 80.05 -0.64
C VAL H 58 20.40 81.46 -1.17
N TYR H 59 20.25 81.56 -2.49
CA TYR H 59 20.01 82.85 -3.12
C TYR H 59 18.88 82.77 -4.14
N VAL H 60 19.05 83.44 -5.29
CA VAL H 60 18.00 83.51 -6.29
C VAL H 60 18.64 83.82 -7.64
N LEU H 61 19.90 83.42 -7.80
CA LEU H 61 20.65 83.68 -9.04
C LEU H 61 19.96 83.05 -10.24
N ASP H 62 19.13 83.85 -10.93
CA ASP H 62 18.43 83.44 -12.14
C ASP H 62 17.56 82.20 -11.88
N ASP H 63 16.46 82.45 -11.16
CA ASP H 63 15.50 81.41 -10.82
C ASP H 63 14.22 82.07 -10.33
N GLY H 64 13.10 81.43 -10.62
CA GLY H 64 11.79 81.93 -10.23
C GLY H 64 11.26 81.38 -8.92
N ALA H 65 12.07 80.63 -8.17
CA ALA H 65 11.63 80.07 -6.90
C ALA H 65 12.79 79.88 -5.95
N GLU H 66 13.04 78.65 -5.53
CA GLU H 66 14.13 78.32 -4.63
C GLU H 66 15.28 77.69 -5.41
N VAL H 67 16.50 77.86 -4.88
CA VAL H 67 17.70 77.33 -5.51
C VAL H 67 18.37 76.33 -4.58
N ASP H 68 19.54 75.84 -4.97
CA ASP H 68 20.28 74.89 -4.15
C ASP H 68 21.23 75.62 -3.22
N LEU H 69 22.54 75.47 -3.44
CA LEU H 69 23.53 76.15 -2.62
C LEU H 69 24.87 76.24 -3.35
N ASP H 70 25.06 75.44 -4.39
CA ASP H 70 26.29 75.39 -5.15
C ASP H 70 26.02 75.53 -6.64
N LEU H 71 25.17 76.47 -7.02
CA LEU H 71 24.82 76.71 -8.41
C LEU H 71 25.24 78.09 -8.89
N GLY H 72 26.01 78.83 -8.09
CA GLY H 72 26.44 80.17 -8.48
C GLY H 72 27.68 80.16 -9.34
N ASN H 73 28.60 79.23 -9.05
CA ASN H 73 29.84 79.13 -9.82
C ASN H 73 29.65 78.48 -11.18
N TYR H 74 28.59 77.68 -11.34
CA TYR H 74 28.37 77.02 -12.63
C TYR H 74 27.87 78.00 -13.68
N GLU H 75 27.00 78.93 -13.30
CA GLU H 75 26.48 79.90 -14.26
C GLU H 75 27.52 80.96 -14.61
N ARG H 76 28.41 81.28 -13.68
CA ARG H 76 29.43 82.30 -13.94
C ARG H 76 30.57 81.74 -14.77
N PHE H 77 31.02 80.52 -14.47
CA PHE H 77 32.10 79.91 -15.24
C PHE H 77 31.61 79.43 -16.60
N LEU H 78 30.66 78.50 -16.60
CA LEU H 78 30.12 77.96 -17.83
C LEU H 78 29.10 78.92 -18.44
N ASP H 79 28.57 78.55 -19.60
CA ASP H 79 27.58 79.35 -20.30
C ASP H 79 26.17 78.80 -20.16
N VAL H 80 25.91 78.02 -19.10
CA VAL H 80 24.61 77.44 -18.87
C VAL H 80 23.98 78.11 -17.66
N THR H 81 22.68 77.89 -17.50
CA THR H 81 21.90 78.45 -16.40
C THR H 81 21.18 77.32 -15.65
N LEU H 82 20.45 77.69 -14.61
CA LEU H 82 19.71 76.75 -13.79
C LEU H 82 18.25 77.17 -13.74
N HIS H 83 17.35 76.18 -13.73
CA HIS H 83 15.92 76.38 -13.69
C HIS H 83 15.36 75.72 -12.43
N ARG H 84 14.09 75.32 -12.46
CA ARG H 84 13.44 74.69 -11.32
C ARG H 84 13.65 73.17 -11.28
N ASP H 85 14.09 72.57 -12.39
CA ASP H 85 14.32 71.13 -12.45
C ASP H 85 15.79 70.77 -12.21
N ASN H 86 16.53 71.63 -11.53
CA ASN H 86 17.94 71.39 -11.24
C ASN H 86 18.25 71.16 -9.77
N ASN H 87 17.41 71.66 -8.86
CA ASN H 87 17.63 71.47 -7.42
C ASN H 87 16.96 70.18 -6.95
N ILE H 88 17.43 69.07 -7.52
CA ILE H 88 16.88 67.75 -7.20
C ILE H 88 17.39 67.32 -5.84
N THR H 89 16.46 66.98 -4.94
CA THR H 89 16.79 66.52 -3.60
C THR H 89 15.91 65.32 -3.26
N THR H 90 16.16 64.74 -2.08
CA THR H 90 15.38 63.58 -1.66
C THR H 90 13.94 63.95 -1.30
N GLY H 91 13.69 65.20 -0.94
CA GLY H 91 12.33 65.60 -0.60
C GLY H 91 11.43 65.72 -1.81
N LYS H 92 11.98 66.16 -2.95
CA LYS H 92 11.19 66.29 -4.16
C LYS H 92 10.77 64.94 -4.72
N ILE H 93 11.62 63.93 -4.56
CA ILE H 93 11.29 62.59 -5.06
C ILE H 93 10.14 61.99 -4.24
N TYR H 94 10.17 62.19 -2.92
CA TYR H 94 9.12 61.63 -2.07
C TYR H 94 7.76 62.26 -2.31
N LYS H 95 7.71 63.39 -3.01
CA LYS H 95 6.43 64.03 -3.29
C LYS H 95 5.62 63.27 -4.34
N LEU H 96 6.28 62.46 -5.17
CA LEU H 96 5.59 61.69 -6.21
C LEU H 96 5.57 60.20 -5.96
N VAL H 97 6.49 59.68 -5.13
CA VAL H 97 6.49 58.25 -4.83
C VAL H 97 5.28 57.89 -3.99
N ILE H 98 4.93 58.73 -3.01
CA ILE H 98 3.76 58.47 -2.19
C ILE H 98 2.48 58.68 -2.99
N GLU H 99 2.52 59.56 -4.00
CA GLU H 99 1.33 59.85 -4.78
C GLU H 99 1.04 58.75 -5.79
N LYS H 100 2.08 58.15 -6.38
CA LYS H 100 1.87 57.12 -7.38
C LYS H 100 1.38 55.81 -6.76
N GLU H 101 1.74 55.56 -5.50
CA GLU H 101 1.29 54.34 -4.83
C GLU H 101 -0.09 54.50 -4.22
N ARG H 102 -0.59 55.73 -4.09
CA ARG H 102 -1.91 55.97 -3.55
C ARG H 102 -2.99 56.08 -4.63
N THR H 103 -2.63 56.62 -5.79
CA THR H 103 -3.61 56.74 -6.88
C THR H 103 -3.89 55.37 -7.51
N GLY H 104 -2.85 54.71 -8.01
CA GLY H 104 -3.01 53.39 -8.60
C GLY H 104 -2.56 53.32 -10.04
N GLU H 105 -1.26 53.09 -10.26
CA GLU H 105 -0.72 52.93 -11.59
C GLU H 105 -0.06 51.60 -11.84
N TYR H 106 0.41 50.93 -10.80
CA TYR H 106 1.05 49.61 -10.90
C TYR H 106 0.21 48.55 -10.20
N LEU H 107 -1.11 48.69 -10.27
CA LEU H 107 -2.08 47.79 -9.66
C LEU H 107 -1.95 47.70 -8.14
N GLY H 108 -1.23 48.63 -7.52
CA GLY H 108 -1.07 48.63 -6.08
C GLY H 108 -0.29 47.46 -5.54
N LYS H 109 0.68 46.95 -6.28
CA LYS H 109 1.47 45.81 -5.83
C LYS H 109 2.42 46.24 -4.72
N THR H 110 2.37 45.52 -3.59
CA THR H 110 3.23 45.81 -2.45
C THR H 110 4.59 45.16 -2.67
N VAL H 111 5.61 45.98 -2.91
CA VAL H 111 6.97 45.48 -3.13
C VAL H 111 7.86 45.96 -2.00
N GLN H 112 9.18 45.84 -2.19
CA GLN H 112 10.13 46.26 -1.19
C GLN H 112 10.72 47.62 -1.52
N VAL H 113 11.60 47.67 -2.53
CA VAL H 113 12.25 48.91 -2.94
C VAL H 113 12.66 48.79 -4.41
N VAL H 114 12.85 47.56 -4.87
CA VAL H 114 13.27 47.31 -6.25
C VAL H 114 12.26 46.38 -6.91
N PRO H 115 12.03 46.50 -8.23
CA PRO H 115 12.62 47.49 -9.11
C PRO H 115 11.77 48.74 -9.28
N HIS H 116 11.51 49.45 -8.18
CA HIS H 116 10.69 50.65 -8.24
C HIS H 116 11.50 51.91 -7.98
N ILE H 117 12.51 51.82 -7.12
CA ILE H 117 13.34 52.98 -6.82
C ILE H 117 14.46 53.12 -7.85
N THR H 118 15.06 52.00 -8.25
CA THR H 118 16.14 52.05 -9.24
C THR H 118 15.61 52.53 -10.59
N ASP H 119 14.37 52.21 -10.92
CA ASP H 119 13.77 52.66 -12.16
C ASP H 119 13.19 54.07 -12.07
N ALA H 120 12.93 54.56 -10.86
CA ALA H 120 12.42 55.92 -10.72
C ALA H 120 13.50 56.96 -11.00
N ILE H 121 14.75 56.66 -10.67
CA ILE H 121 15.85 57.58 -10.94
C ILE H 121 16.11 57.71 -12.43
N GLN H 122 15.79 56.67 -13.22
CA GLN H 122 16.00 56.73 -14.66
C GLN H 122 15.12 57.79 -15.32
N GLU H 123 13.97 58.11 -14.72
CA GLU H 123 13.10 59.13 -15.29
C GLU H 123 13.65 60.52 -15.05
N TRP H 124 14.54 60.68 -14.07
CA TRP H 124 15.11 61.99 -13.79
C TRP H 124 16.36 62.26 -14.62
N VAL H 125 17.04 61.20 -15.08
CA VAL H 125 18.26 61.39 -15.87
C VAL H 125 17.95 61.45 -17.36
N GLU H 126 17.03 60.62 -17.83
CA GLU H 126 16.70 60.59 -19.26
C GLU H 126 15.85 61.79 -19.67
N ARG H 127 15.33 62.56 -18.72
CA ARG H 127 14.51 63.73 -19.04
C ARG H 127 15.32 65.01 -19.14
N VAL H 128 16.35 65.17 -18.31
CA VAL H 128 17.18 66.36 -18.33
C VAL H 128 18.35 66.13 -19.28
N ALA H 129 18.35 65.01 -19.98
CA ALA H 129 19.43 64.69 -20.91
C ALA H 129 19.32 65.51 -22.20
N GLN H 130 18.21 65.37 -22.92
CA GLN H 130 18.01 66.06 -24.17
C GLN H 130 17.33 67.42 -24.00
N THR H 131 17.20 67.90 -22.76
CA THR H 131 16.60 69.19 -22.46
C THR H 131 17.61 70.04 -21.70
N PRO H 132 18.54 70.68 -22.41
CA PRO H 132 19.54 71.51 -21.73
C PRO H 132 19.00 72.88 -21.33
N VAL H 133 19.74 73.93 -21.66
CA VAL H 133 19.32 75.30 -21.36
C VAL H 133 19.13 76.07 -22.66
N GLN H 134 18.85 77.36 -22.55
CA GLN H 134 18.64 78.22 -23.72
C GLN H 134 20.00 78.66 -24.25
N GLY H 135 20.63 77.76 -25.01
CA GLY H 135 21.93 78.04 -25.59
C GLY H 135 22.50 76.88 -26.38
N SER H 136 21.83 75.73 -26.31
CA SER H 136 22.28 74.54 -27.02
C SER H 136 21.07 73.72 -27.42
N SER H 137 21.30 72.77 -28.35
CA SER H 137 20.23 71.92 -28.84
C SER H 137 20.13 70.64 -28.01
N LYS H 138 21.06 69.71 -28.23
CA LYS H 138 21.08 68.43 -27.51
C LYS H 138 22.51 68.15 -27.09
N PRO H 139 22.82 68.17 -25.79
CA PRO H 139 24.19 67.89 -25.36
C PRO H 139 24.53 66.41 -25.50
N GLN H 140 25.73 66.15 -26.02
CA GLN H 140 26.16 64.77 -26.20
C GLN H 140 26.63 64.14 -24.89
N VAL H 141 27.22 64.93 -24.01
CA VAL H 141 27.69 64.46 -22.70
C VAL H 141 26.74 65.00 -21.64
N CYS H 142 26.17 64.11 -20.85
CA CYS H 142 25.24 64.45 -19.78
C CYS H 142 25.83 63.96 -18.46
N ILE H 143 26.54 64.85 -17.76
CA ILE H 143 27.17 64.50 -16.50
C ILE H 143 26.16 64.68 -15.37
N VAL H 144 26.32 63.86 -14.33
CA VAL H 144 25.45 63.90 -13.15
C VAL H 144 26.35 64.09 -11.93
N GLU H 145 26.30 65.27 -11.34
CA GLU H 145 27.12 65.58 -10.19
C GLU H 145 26.50 64.99 -8.92
N LEU H 146 27.29 65.02 -7.84
CA LEU H 146 26.83 64.50 -6.54
C LEU H 146 27.41 65.39 -5.45
N GLY H 147 26.56 66.25 -4.87
CA GLY H 147 26.97 67.15 -3.82
C GLY H 147 26.53 66.69 -2.44
N GLY H 148 26.74 67.56 -1.46
CA GLY H 148 26.37 67.26 -0.10
C GLY H 148 27.28 66.25 0.56
N THR H 149 26.73 65.10 0.95
CA THR H 149 27.48 64.04 1.60
C THR H 149 27.59 62.85 0.66
N ILE H 150 28.31 61.82 1.11
CA ILE H 150 28.50 60.60 0.34
C ILE H 150 28.71 59.44 1.31
N GLY H 151 28.05 58.33 1.04
CA GLY H 151 28.16 57.15 1.89
C GLY H 151 27.37 57.26 3.17
N ASP H 152 26.08 56.95 3.10
CA ASP H 152 25.20 57.03 4.26
C ASP H 152 24.22 55.85 4.20
N ILE H 153 23.05 56.01 4.80
CA ILE H 153 22.06 54.94 4.80
C ILE H 153 21.37 54.86 3.44
N GLU H 154 21.00 56.01 2.88
CA GLU H 154 20.31 56.07 1.60
C GLU H 154 21.25 55.82 0.42
N GLY H 155 22.53 55.55 0.67
CA GLY H 155 23.48 55.28 -0.39
C GLY H 155 23.42 53.91 -0.99
N MET H 156 22.51 53.05 -0.52
CA MET H 156 22.43 51.70 -1.09
C MET H 156 21.77 51.68 -2.46
N PRO H 157 20.60 52.31 -2.69
CA PRO H 157 20.02 52.29 -4.04
C PRO H 157 20.82 53.12 -5.04
N PHE H 158 21.68 54.02 -4.57
CA PHE H 158 22.49 54.81 -5.50
C PHE H 158 23.56 53.95 -6.18
N VAL H 159 24.03 52.90 -5.51
CA VAL H 159 25.03 52.02 -6.10
C VAL H 159 24.39 51.13 -7.17
N GLU H 160 23.20 50.60 -6.89
CA GLU H 160 22.52 49.74 -7.85
C GLU H 160 22.02 50.51 -9.07
N ALA H 161 21.87 51.83 -8.96
CA ALA H 161 21.39 52.63 -10.08
C ALA H 161 22.51 53.03 -11.03
N PHE H 162 23.74 53.17 -10.53
CA PHE H 162 24.85 53.56 -11.39
C PHE H 162 25.30 52.40 -12.27
N ARG H 163 25.22 51.16 -11.77
CA ARG H 163 25.63 50.01 -12.55
C ARG H 163 24.60 49.59 -13.59
N GLN H 164 23.36 50.08 -13.47
CA GLN H 164 22.35 49.72 -14.45
C GLN H 164 22.61 50.36 -15.80
N PHE H 165 23.03 51.63 -15.80
CA PHE H 165 23.34 52.31 -17.06
C PHE H 165 24.64 51.82 -17.68
N GLN H 166 25.50 51.17 -16.90
CA GLN H 166 26.79 50.70 -17.40
C GLN H 166 26.73 49.31 -17.98
N PHE H 167 25.94 48.41 -17.38
CA PHE H 167 25.85 47.04 -17.86
C PHE H 167 25.06 46.93 -19.16
N ARG H 168 24.34 47.97 -19.55
CA ARG H 168 23.56 47.93 -20.79
C ARG H 168 24.32 48.50 -21.98
N VAL H 169 25.39 49.26 -21.75
CA VAL H 169 26.18 49.83 -22.84
C VAL H 169 27.61 49.32 -22.73
N LYS H 170 28.51 49.87 -23.53
CA LYS H 170 29.90 49.48 -23.52
C LYS H 170 30.61 50.04 -22.29
N ARG H 171 31.85 49.60 -22.08
CA ARG H 171 32.65 50.03 -20.94
C ARG H 171 33.35 51.36 -21.18
N GLU H 172 33.23 51.94 -22.38
CA GLU H 172 33.87 53.21 -22.71
C GLU H 172 32.96 54.41 -22.51
N ASN H 173 32.03 54.34 -21.57
CA ASN H 173 31.10 55.43 -21.32
C ASN H 173 31.02 55.87 -19.87
N PHE H 174 31.66 55.16 -18.93
CA PHE H 174 31.59 55.49 -17.53
C PHE H 174 32.98 55.41 -16.90
N CYS H 175 33.24 56.30 -15.95
CA CYS H 175 34.52 56.34 -15.24
C CYS H 175 34.22 56.61 -13.77
N LEU H 176 34.35 55.58 -12.93
CA LEU H 176 34.05 55.72 -11.52
C LEU H 176 35.14 56.53 -10.81
N ALA H 177 34.72 57.46 -9.97
CA ALA H 177 35.65 58.29 -9.20
C ALA H 177 35.02 58.60 -7.85
N HIS H 178 35.60 58.06 -6.78
CA HIS H 178 35.07 58.26 -5.44
C HIS H 178 35.64 59.54 -4.83
N VAL H 179 36.12 59.44 -3.59
CA VAL H 179 36.69 60.58 -2.87
C VAL H 179 37.61 60.06 -1.78
N SER H 180 38.76 60.72 -1.63
CA SER H 180 39.74 60.32 -0.62
C SER H 180 40.54 61.55 -0.23
N LEU H 181 40.25 62.09 0.95
CA LEU H 181 40.96 63.26 1.45
C LEU H 181 42.34 62.86 1.98
N VAL H 182 43.28 63.79 1.88
CA VAL H 182 44.66 63.56 2.31
C VAL H 182 44.95 64.43 3.53
N PRO H 183 44.87 63.89 4.74
CA PRO H 183 45.17 64.69 5.93
C PRO H 183 46.68 64.85 6.12
N LEU H 184 47.03 65.92 6.83
CA LEU H 184 48.43 66.24 7.13
C LEU H 184 48.61 66.32 8.64
N PRO H 185 49.23 65.31 9.26
CA PRO H 185 49.44 65.37 10.72
C PRO H 185 50.53 66.37 11.08
N LYS H 186 50.39 66.94 12.29
CA LYS H 186 51.34 67.92 12.80
C LYS H 186 52.41 67.30 13.69
N ALA H 187 52.55 65.97 13.65
CA ALA H 187 53.54 65.27 14.46
C ALA H 187 54.66 64.67 13.61
N THR H 188 54.31 63.76 12.69
CA THR H 188 55.32 63.13 11.84
C THR H 188 55.71 64.05 10.69
N GLY H 189 55.12 63.83 9.52
CA GLY H 189 55.42 64.65 8.36
C GLY H 189 55.19 63.92 7.04
N GLU H 190 55.21 62.59 7.09
CA GLU H 190 55.01 61.81 5.88
C GLU H 190 53.53 61.81 5.50
N PRO H 191 53.19 62.17 4.26
CA PRO H 191 51.77 62.19 3.87
C PRO H 191 51.17 60.81 3.72
N LYS H 192 50.88 60.16 4.85
CA LYS H 192 50.27 58.84 4.86
C LYS H 192 48.76 59.01 4.80
N THR H 193 48.18 58.78 3.63
CA THR H 193 46.75 58.95 3.44
C THR H 193 46.00 57.73 3.97
N LYS H 194 44.90 57.99 4.69
CA LYS H 194 44.09 56.93 5.28
C LYS H 194 42.78 56.72 4.52
N PRO H 195 42.02 57.77 4.15
CA PRO H 195 40.77 57.53 3.42
C PRO H 195 40.96 56.88 2.05
N THR H 196 42.19 56.82 1.53
CA THR H 196 42.40 56.18 0.23
C THR H 196 42.17 54.67 0.33
N GLN H 197 42.82 54.02 1.29
CA GLN H 197 42.64 52.58 1.46
C GLN H 197 41.28 52.22 2.03
N SER H 198 40.59 53.19 2.65
CA SER H 198 39.26 52.93 3.21
C SER H 198 38.17 53.09 2.16
N SER H 199 38.40 53.93 1.15
CA SER H 199 37.39 54.13 0.11
C SER H 199 37.32 52.93 -0.83
N VAL H 200 38.42 52.19 -0.98
CA VAL H 200 38.41 51.01 -1.84
C VAL H 200 37.58 49.90 -1.22
N ARG H 201 37.63 49.77 0.12
CA ARG H 201 36.85 48.75 0.80
C ARG H 201 35.35 49.02 0.70
N GLU H 202 34.96 50.29 0.68
CA GLU H 202 33.54 50.63 0.56
C GLU H 202 33.02 50.32 -0.84
N LEU H 203 33.87 50.50 -1.86
CA LEU H 203 33.43 50.19 -3.23
C LEU H 203 33.35 48.69 -3.47
N ARG H 204 34.26 47.92 -2.89
CA ARG H 204 34.24 46.47 -3.04
C ARG H 204 33.13 45.82 -2.22
N GLY H 205 32.65 46.49 -1.18
CA GLY H 205 31.59 45.97 -0.34
C GLY H 205 30.18 46.19 -0.86
N CYS H 206 30.04 46.76 -2.06
CA CYS H 206 28.73 47.00 -2.63
C CYS H 206 28.66 46.50 -4.06
N GLY H 207 29.81 46.43 -4.73
CA GLY H 207 29.86 45.95 -6.10
C GLY H 207 30.36 46.98 -7.09
N LEU H 208 31.42 47.70 -6.71
CA LEU H 208 32.00 48.72 -7.56
C LEU H 208 33.50 48.51 -7.66
N SER H 209 34.11 49.14 -8.66
CA SER H 209 35.55 49.03 -8.88
C SER H 209 36.12 50.39 -9.27
N PRO H 210 37.04 50.94 -8.50
CA PRO H 210 37.61 52.25 -8.84
C PRO H 210 38.52 52.15 -10.06
N ASP H 211 38.46 53.19 -10.90
CA ASP H 211 39.25 53.25 -12.12
C ASP H 211 40.10 54.50 -12.22
N LEU H 212 39.59 55.64 -11.75
CA LEU H 212 40.31 56.90 -11.82
C LEU H 212 41.14 57.11 -10.55
N ILE H 213 41.78 58.27 -10.46
CA ILE H 213 42.60 58.64 -9.32
C ILE H 213 42.04 59.94 -8.75
N VAL H 214 41.64 59.89 -7.47
CA VAL H 214 41.08 61.04 -6.78
C VAL H 214 42.03 61.43 -5.65
N CYS H 215 42.31 62.73 -5.54
CA CYS H 215 43.20 63.23 -4.50
C CYS H 215 42.90 64.70 -4.27
N ARG H 216 43.40 65.22 -3.15
CA ARG H 216 43.19 66.62 -2.79
C ARG H 216 44.29 67.03 -1.81
N SER H 217 45.03 68.07 -2.16
CA SER H 217 46.11 68.57 -1.31
C SER H 217 46.23 70.07 -1.52
N GLU H 218 47.22 70.68 -0.88
CA GLU H 218 47.44 72.11 -1.01
C GLU H 218 48.91 72.48 -1.21
N LYS H 219 49.80 71.50 -1.38
CA LYS H 219 51.22 71.76 -1.59
C LYS H 219 51.81 70.60 -2.36
N PRO H 220 52.80 70.86 -3.22
CA PRO H 220 53.42 69.76 -3.99
C PRO H 220 54.10 68.74 -3.09
N ILE H 221 53.52 67.55 -3.00
CA ILE H 221 54.06 66.47 -2.18
C ILE H 221 55.13 65.72 -2.98
N GLY H 222 55.88 64.87 -2.30
CA GLY H 222 56.93 64.12 -2.97
C GLY H 222 56.38 63.00 -3.83
N LEU H 223 57.29 62.39 -4.60
CA LEU H 223 56.94 61.28 -5.48
C LEU H 223 56.97 59.93 -4.79
N GLU H 224 57.31 59.88 -3.49
CA GLU H 224 57.35 58.61 -2.79
C GLU H 224 55.95 58.08 -2.48
N VAL H 225 54.94 58.94 -2.50
CA VAL H 225 53.56 58.53 -2.24
C VAL H 225 52.71 58.45 -3.50
N LYS H 226 53.23 58.84 -4.66
CA LYS H 226 52.46 58.76 -5.89
C LYS H 226 52.28 57.31 -6.33
N GLU H 227 53.27 56.45 -6.08
CA GLU H 227 53.18 55.04 -6.44
C GLU H 227 52.46 54.20 -5.39
N LYS H 228 52.09 54.79 -4.25
CA LYS H 228 51.40 54.04 -3.22
C LYS H 228 49.96 53.76 -3.62
N ILE H 229 49.30 54.71 -4.28
CA ILE H 229 47.92 54.54 -4.69
C ILE H 229 47.80 53.71 -5.96
N SER H 230 48.84 53.69 -6.80
CA SER H 230 48.77 52.95 -8.06
C SER H 230 48.71 51.45 -7.82
N ASN H 231 49.49 50.94 -6.87
CA ASN H 231 49.47 49.50 -6.60
C ASN H 231 48.22 49.07 -5.85
N PHE H 232 47.61 49.98 -5.09
CA PHE H 232 46.39 49.67 -4.36
C PHE H 232 45.15 49.76 -5.24
N CYS H 233 45.25 50.35 -6.43
CA CYS H 233 44.13 50.47 -7.34
C CYS H 233 44.36 49.83 -8.70
N HIS H 234 45.57 49.31 -8.97
CA HIS H 234 45.91 48.68 -10.24
C HIS H 234 45.66 49.63 -11.41
N VAL H 235 46.19 50.85 -11.28
CA VAL H 235 46.05 51.87 -12.32
C VAL H 235 47.44 52.26 -12.83
N GLY H 236 47.48 53.26 -13.71
CA GLY H 236 48.73 53.73 -14.26
C GLY H 236 49.48 54.63 -13.30
N PRO H 237 50.80 54.45 -13.23
CA PRO H 237 51.60 55.30 -12.32
C PRO H 237 51.73 56.74 -12.78
N ASP H 238 51.60 57.00 -14.09
CA ASP H 238 51.71 58.34 -14.62
C ASP H 238 50.35 59.04 -14.74
N GLN H 239 49.32 58.53 -14.06
CA GLN H 239 47.98 59.10 -14.11
C GLN H 239 47.52 59.56 -12.74
N VAL H 240 48.43 59.74 -11.79
CA VAL H 240 48.07 60.17 -10.44
C VAL H 240 47.95 61.69 -10.43
N ILE H 241 46.82 62.18 -9.93
CA ILE H 241 46.55 63.62 -9.87
C ILE H 241 47.06 64.16 -8.54
N CYS H 242 47.95 65.15 -8.61
CA CYS H 242 48.52 65.80 -7.43
C CYS H 242 48.08 67.26 -7.46
N ILE H 243 46.85 67.51 -7.04
CA ILE H 243 46.28 68.86 -7.07
C ILE H 243 46.66 69.59 -5.79
N HIS H 244 47.12 70.84 -5.93
CA HIS H 244 47.49 71.66 -4.79
C HIS H 244 46.60 72.90 -4.72
N ASP H 245 45.30 72.70 -4.59
CA ASP H 245 44.36 73.82 -4.56
C ASP H 245 44.50 74.60 -3.25
N LEU H 246 44.51 75.92 -3.36
CA LEU H 246 44.62 76.78 -2.19
C LEU H 246 43.28 77.44 -1.88
N ASN H 247 42.91 78.47 -2.66
CA ASN H 247 41.65 79.15 -2.43
C ASN H 247 41.10 79.83 -3.69
N SER H 248 41.65 79.52 -4.87
CA SER H 248 41.18 80.14 -6.11
C SER H 248 40.83 79.07 -7.14
N ILE H 249 40.87 79.43 -8.42
CA ILE H 249 40.52 78.50 -9.49
C ILE H 249 41.63 78.27 -10.49
N TYR H 250 42.67 79.11 -10.54
CA TYR H 250 43.74 78.95 -11.51
C TYR H 250 44.76 77.89 -11.10
N HIS H 251 44.56 77.21 -9.97
CA HIS H 251 45.45 76.16 -9.51
C HIS H 251 45.06 74.78 -10.06
N VAL H 252 44.26 74.75 -11.13
CA VAL H 252 43.80 73.49 -11.72
C VAL H 252 44.32 73.33 -13.14
N PRO H 253 44.17 74.32 -14.04
CA PRO H 253 44.67 74.11 -15.41
C PRO H 253 46.17 74.00 -15.52
N LEU H 254 46.92 74.46 -14.51
CA LEU H 254 48.38 74.33 -14.55
C LEU H 254 48.85 72.91 -14.27
N LEU H 255 47.97 72.02 -13.81
CA LEU H 255 48.33 70.65 -13.52
C LEU H 255 48.01 69.69 -14.66
N MET H 256 46.93 69.94 -15.39
CA MET H 256 46.56 69.04 -16.47
C MET H 256 47.55 69.09 -17.62
N GLU H 257 48.31 70.18 -17.75
CA GLU H 257 49.30 70.32 -18.80
C GLU H 257 50.66 69.72 -18.43
N GLN H 258 50.77 69.11 -17.26
CA GLN H 258 52.02 68.50 -16.81
C GLN H 258 51.93 67.00 -16.64
N ASN H 259 50.85 66.49 -16.04
CA ASN H 259 50.69 65.05 -15.87
C ASN H 259 50.35 64.38 -17.20
N GLY H 260 49.18 64.70 -17.75
CA GLY H 260 48.75 64.11 -19.00
C GLY H 260 47.36 63.51 -18.93
N VAL H 261 46.38 64.34 -18.58
CA VAL H 261 44.99 63.90 -18.47
C VAL H 261 44.08 64.54 -19.49
N ILE H 262 44.56 65.55 -20.23
CA ILE H 262 43.72 66.19 -21.24
C ILE H 262 43.56 65.33 -22.49
N GLU H 263 44.47 64.39 -22.72
CA GLU H 263 44.38 63.50 -23.87
C GLU H 263 43.98 62.07 -23.49
N TYR H 264 43.92 61.75 -22.20
CA TYR H 264 43.53 60.41 -21.78
C TYR H 264 42.03 60.19 -21.94
N LEU H 265 41.23 61.18 -21.56
CA LEU H 265 39.78 61.06 -21.66
C LEU H 265 39.26 61.21 -23.08
N ASN H 266 40.09 61.70 -24.01
CA ASN H 266 39.65 61.83 -25.40
C ASN H 266 39.57 60.47 -26.08
N GLU H 267 40.61 59.65 -25.93
CA GLU H 267 40.64 58.32 -26.52
C GLU H 267 39.94 57.27 -25.66
N ARG H 268 39.54 57.63 -24.43
CA ARG H 268 38.86 56.67 -23.57
C ARG H 268 37.39 56.53 -23.92
N LEU H 269 36.73 57.64 -24.26
CA LEU H 269 35.32 57.64 -24.61
C LEU H 269 35.08 57.89 -26.09
N GLN H 270 36.14 58.02 -26.89
CA GLN H 270 36.03 58.27 -28.33
C GLN H 270 35.19 59.50 -28.61
N LEU H 271 35.73 60.69 -28.35
CA LEU H 271 35.04 61.95 -28.58
C LEU H 271 35.88 62.83 -29.48
N ASN H 272 35.23 63.85 -30.04
CA ASN H 272 35.91 64.78 -30.92
C ASN H 272 36.75 65.77 -30.11
N ILE H 273 37.66 66.45 -30.82
CA ILE H 273 38.55 67.42 -30.19
C ILE H 273 38.98 68.46 -31.21
N ASP H 274 38.89 69.74 -30.85
CA ASP H 274 39.28 70.84 -31.74
C ASP H 274 40.67 71.30 -31.30
N MET H 275 41.70 70.67 -31.87
CA MET H 275 43.08 70.99 -31.51
C MET H 275 43.47 72.33 -32.12
N SER H 276 44.25 73.11 -31.36
CA SER H 276 44.73 74.41 -31.83
C SER H 276 46.09 74.72 -31.23
N LYS H 277 46.16 74.73 -29.90
CA LYS H 277 47.43 74.97 -29.21
C LYS H 277 47.75 73.80 -28.28
N ARG H 278 46.79 73.39 -27.46
CA ARG H 278 46.96 72.26 -26.56
C ARG H 278 45.57 71.74 -26.21
N THR H 279 45.05 70.85 -27.07
CA THR H 279 43.71 70.28 -26.93
C THR H 279 42.66 71.40 -26.84
N LYS H 280 42.45 71.92 -25.64
CA LYS H 280 41.48 72.98 -25.42
C LYS H 280 42.17 74.34 -25.43
N CYS H 281 41.37 75.39 -25.61
CA CYS H 281 41.90 76.74 -25.64
C CYS H 281 42.32 77.16 -24.23
N LEU H 282 43.58 77.58 -24.09
CA LEU H 282 44.12 77.97 -22.80
C LEU H 282 44.46 79.46 -22.70
N GLN H 283 44.53 80.16 -23.83
CA GLN H 283 44.87 81.59 -23.80
C GLN H 283 43.80 82.42 -23.09
N GLN H 284 42.57 81.90 -22.98
CA GLN H 284 41.52 82.64 -22.28
C GLN H 284 41.73 82.63 -20.77
N TRP H 285 42.28 81.56 -20.22
CA TRP H 285 42.51 81.46 -18.79
C TRP H 285 43.87 81.99 -18.36
N ARG H 286 44.86 82.01 -19.27
CA ARG H 286 46.18 82.50 -18.90
C ARG H 286 46.20 84.02 -18.77
N ASP H 287 45.32 84.72 -19.51
CA ASP H 287 45.27 86.16 -19.42
C ASP H 287 44.63 86.65 -18.13
N LEU H 288 43.80 85.82 -17.49
CA LEU H 288 43.15 86.19 -16.24
C LEU H 288 43.85 85.62 -15.01
N ALA H 289 44.84 84.74 -15.20
CA ALA H 289 45.57 84.16 -14.09
C ALA H 289 46.88 84.90 -13.81
N ARG H 290 47.62 85.25 -14.87
CA ARG H 290 48.88 85.97 -14.67
C ARG H 290 48.62 87.43 -14.32
N ARG H 291 47.61 88.06 -14.93
CA ARG H 291 47.29 89.44 -14.63
C ARG H 291 46.72 89.63 -13.24
N THR H 292 46.11 88.60 -12.66
CA THR H 292 45.53 88.72 -11.33
C THR H 292 46.61 88.84 -10.27
N GLU H 293 47.68 88.08 -10.39
CA GLU H 293 48.76 88.07 -9.41
C GLU H 293 49.78 89.19 -9.64
N THR H 294 49.41 90.26 -10.36
CA THR H 294 50.29 91.38 -10.61
C THR H 294 49.71 92.70 -10.13
N VAL H 295 48.66 92.67 -9.30
CA VAL H 295 48.05 93.88 -8.78
C VAL H 295 48.13 93.85 -7.26
N ARG H 296 48.15 95.05 -6.66
CA ARG H 296 48.22 95.18 -5.21
C ARG H 296 47.78 96.57 -4.83
N ARG H 297 47.27 96.70 -3.59
CA ARG H 297 46.83 97.99 -3.09
C ARG H 297 46.85 97.99 -1.56
N GLU H 298 46.33 96.92 -0.95
CA GLU H 298 46.26 96.79 0.50
C GLU H 298 45.52 97.96 1.14
N VAL H 299 44.30 98.19 0.68
CA VAL H 299 43.45 99.27 1.18
C VAL H 299 42.60 98.75 2.32
N CYS H 300 42.43 99.56 3.36
CA CYS H 300 41.64 99.19 4.52
C CYS H 300 40.16 99.24 4.15
N ILE H 301 39.54 98.07 4.04
CA ILE H 301 38.12 97.95 3.71
C ILE H 301 37.47 97.14 4.83
N ALA H 302 36.64 97.80 5.64
CA ALA H 302 35.96 97.16 6.76
C ALA H 302 34.62 96.60 6.28
N VAL H 303 34.43 95.30 6.44
CA VAL H 303 33.19 94.64 6.06
C VAL H 303 32.55 94.03 7.31
N VAL H 304 31.24 93.81 7.22
CA VAL H 304 30.46 93.25 8.31
C VAL H 304 29.81 91.96 7.82
N GLY H 305 30.07 90.87 8.54
CA GLY H 305 29.50 89.58 8.18
C GLY H 305 28.45 89.10 9.15
N LYS H 306 28.67 87.96 9.79
CA LYS H 306 27.73 87.42 10.76
C LYS H 306 28.47 86.87 11.98
N TYR H 307 29.39 85.93 11.75
CA TYR H 307 30.19 85.37 12.84
C TYR H 307 31.67 85.67 12.63
N THR H 308 32.54 84.83 13.19
CA THR H 308 33.97 85.00 13.06
C THR H 308 34.65 83.92 12.22
N LYS H 309 34.02 82.76 12.07
CA LYS H 309 34.59 81.68 11.28
C LYS H 309 34.11 81.79 9.83
N PHE H 310 34.36 80.74 9.04
CA PHE H 310 33.94 80.72 7.64
C PHE H 310 32.45 80.40 7.58
N THR H 311 31.63 81.43 7.39
CA THR H 311 30.19 81.26 7.33
C THR H 311 29.77 81.03 5.87
N ASP H 312 28.47 81.13 5.60
CA ASP H 312 27.94 80.92 4.26
C ASP H 312 27.29 82.19 3.70
N SER H 313 27.65 83.36 4.21
CA SER H 313 27.11 84.63 3.75
C SER H 313 27.99 85.30 2.71
N TYR H 314 29.19 84.75 2.42
CA TYR H 314 30.07 85.36 1.44
C TYR H 314 31.01 84.33 0.81
N ALA H 315 30.59 83.06 0.76
CA ALA H 315 31.43 82.03 0.16
C ALA H 315 31.53 82.20 -1.35
N SER H 316 30.42 82.51 -2.00
CA SER H 316 30.38 82.72 -3.44
C SER H 316 30.30 84.19 -3.82
N VAL H 317 30.43 85.09 -2.85
CA VAL H 317 30.35 86.53 -3.10
C VAL H 317 31.73 87.14 -3.28
N VAL H 318 32.68 86.79 -2.41
CA VAL H 318 34.02 87.34 -2.48
C VAL H 318 34.82 86.82 -3.67
N LYS H 319 34.36 85.75 -4.31
CA LYS H 319 35.05 85.18 -5.46
C LYS H 319 34.62 85.83 -6.77
N ALA H 320 33.34 86.15 -6.91
CA ALA H 320 32.85 86.77 -8.14
C ALA H 320 33.24 88.24 -8.24
N LEU H 321 33.30 88.94 -7.11
CA LEU H 321 33.66 90.36 -7.12
C LEU H 321 35.15 90.59 -7.33
N GLN H 322 35.98 89.57 -7.10
CA GLN H 322 37.43 89.74 -7.27
C GLN H 322 37.83 89.74 -8.74
N HIS H 323 37.14 88.95 -9.57
CA HIS H 323 37.48 88.90 -10.99
C HIS H 323 37.08 90.18 -11.71
N ALA H 324 35.94 90.78 -11.31
CA ALA H 324 35.48 92.01 -11.93
C ALA H 324 36.27 93.23 -11.49
N ALA H 325 37.05 93.12 -10.43
CA ALA H 325 37.85 94.23 -9.93
C ALA H 325 39.22 94.31 -10.59
N LEU H 326 39.48 93.50 -11.62
CA LEU H 326 40.77 93.52 -12.30
C LEU H 326 40.87 94.63 -13.34
N ALA H 327 39.76 95.29 -13.68
CA ALA H 327 39.81 96.35 -14.67
C ALA H 327 40.45 97.62 -14.10
N VAL H 328 40.39 97.80 -12.77
CA VAL H 328 40.97 98.97 -12.13
C VAL H 328 42.34 98.68 -11.53
N ASN H 329 42.78 97.42 -11.54
CA ASN H 329 44.08 97.02 -11.00
C ASN H 329 44.21 97.41 -9.53
N ARG H 330 43.17 97.15 -8.74
CA ARG H 330 43.14 97.47 -7.33
C ARG H 330 42.74 96.22 -6.54
N LYS H 331 43.35 96.05 -5.38
CA LYS H 331 43.08 94.91 -4.50
C LYS H 331 42.41 95.39 -3.23
N LEU H 332 41.32 94.71 -2.87
CA LEU H 332 40.54 95.04 -1.67
C LEU H 332 40.88 94.03 -0.58
N GLU H 333 41.06 94.53 0.65
CA GLU H 333 41.37 93.68 1.79
C GLU H 333 40.10 93.46 2.61
N LEU H 334 39.78 92.20 2.86
CA LEU H 334 38.59 91.82 3.62
C LEU H 334 38.98 91.49 5.06
N VAL H 335 38.20 92.00 6.01
CA VAL H 335 38.45 91.74 7.42
C VAL H 335 37.28 90.94 7.99
N PHE H 336 37.28 90.74 9.31
CA PHE H 336 36.23 89.99 9.99
C PHE H 336 35.73 90.84 11.16
N ILE H 337 34.55 91.44 11.00
CA ILE H 337 33.93 92.27 12.02
C ILE H 337 32.56 91.67 12.32
N GLU H 338 32.38 91.14 13.53
CA GLU H 338 31.12 90.54 13.91
C GLU H 338 30.16 91.61 14.43
N SER H 339 28.92 91.58 13.93
CA SER H 339 27.92 92.55 14.34
C SER H 339 27.19 92.14 15.61
N CYS H 340 27.40 90.92 16.11
CA CYS H 340 26.71 90.48 17.32
C CYS H 340 27.34 91.13 18.55
N LEU H 341 28.66 91.02 18.70
CA LEU H 341 29.37 91.61 19.83
C LEU H 341 29.76 93.04 19.47
N LEU H 342 28.77 93.93 19.54
CA LEU H 342 28.99 95.34 19.22
C LEU H 342 27.96 96.21 19.92
N GLU H 343 26.81 95.64 20.25
CA GLU H 343 25.74 96.38 20.90
C GLU H 343 26.00 96.51 22.39
N GLU H 344 24.96 96.31 23.21
CA GLU H 344 25.09 96.43 24.65
C GLU H 344 25.73 95.21 25.30
N GLU H 345 25.96 94.14 24.53
CA GLU H 345 26.57 92.93 25.07
C GLU H 345 28.09 93.03 25.15
N THR H 346 28.69 94.14 24.71
CA THR H 346 30.13 94.32 24.74
C THR H 346 30.54 95.52 25.60
N LEU H 347 29.85 96.65 25.46
CA LEU H 347 30.20 97.83 26.25
C LEU H 347 29.89 97.62 27.72
N HIS H 348 28.84 96.85 28.04
CA HIS H 348 28.50 96.59 29.43
C HIS H 348 29.31 95.45 30.03
N SER H 349 30.01 94.68 29.22
CA SER H 349 30.83 93.57 29.71
C SER H 349 32.30 93.98 29.78
N GLU H 350 32.99 93.88 28.65
CA GLU H 350 34.41 94.25 28.57
C GLU H 350 34.61 95.15 27.36
N PRO H 351 35.13 96.37 27.55
CA PRO H 351 35.32 97.27 26.40
C PRO H 351 36.65 97.02 25.68
N SER H 352 37.17 95.80 25.78
CA SER H 352 38.44 95.48 25.14
C SER H 352 38.26 95.31 23.63
N LYS H 353 37.30 94.46 23.23
CA LYS H 353 37.04 94.20 21.82
C LYS H 353 36.06 95.18 21.21
N TYR H 354 35.86 96.35 21.81
CA TYR H 354 34.94 97.35 21.30
C TYR H 354 35.63 98.56 20.70
N HIS H 355 36.74 99.02 21.30
CA HIS H 355 37.43 100.19 20.79
C HIS H 355 38.26 99.87 19.54
N LYS H 356 38.74 98.64 19.41
CA LYS H 356 39.54 98.26 18.25
C LYS H 356 38.71 98.11 16.99
N GLU H 357 37.39 97.99 17.11
CA GLU H 357 36.54 97.83 15.93
C GLU H 357 36.28 99.16 15.25
N TRP H 358 36.14 100.23 16.02
CA TRP H 358 35.89 101.55 15.44
C TRP H 358 37.14 102.16 14.83
N GLN H 359 38.32 101.63 15.15
CA GLN H 359 39.56 102.15 14.59
C GLN H 359 39.87 101.62 13.20
N LYS H 360 39.01 100.75 12.65
CA LYS H 360 39.22 100.19 11.32
C LYS H 360 38.12 100.52 10.33
N LEU H 361 36.97 101.02 10.79
CA LEU H 361 35.87 101.36 9.91
C LEU H 361 35.75 102.84 9.64
N CYS H 362 36.33 103.69 10.49
CA CYS H 362 36.28 105.13 10.26
C CYS H 362 37.27 105.57 9.18
N ASP H 363 38.44 104.94 9.12
CA ASP H 363 39.45 105.26 8.13
C ASP H 363 39.35 104.40 6.88
N SER H 364 38.25 103.69 6.69
CA SER H 364 38.06 102.83 5.53
C SER H 364 37.42 103.63 4.40
N HIS H 365 37.05 102.95 3.32
CA HIS H 365 36.44 103.60 2.17
C HIS H 365 35.11 102.92 1.81
N GLY H 366 35.09 101.59 1.83
CA GLY H 366 33.89 100.85 1.51
C GLY H 366 33.32 100.09 2.68
N ILE H 367 32.09 100.44 3.08
CA ILE H 367 31.41 99.81 4.19
C ILE H 367 30.19 99.08 3.64
N LEU H 368 30.09 97.78 3.92
CA LEU H 368 28.99 96.96 3.45
C LEU H 368 27.90 96.88 4.51
N VAL H 369 26.79 96.25 4.15
CA VAL H 369 25.64 96.08 5.03
C VAL H 369 25.45 94.58 5.27
N PRO H 370 25.31 94.15 6.52
CA PRO H 370 25.11 92.71 6.78
C PRO H 370 23.68 92.26 6.46
N GLY H 371 23.06 91.57 7.41
CA GLY H 371 21.71 91.07 7.21
C GLY H 371 20.87 91.10 8.47
N GLY H 372 20.52 89.93 8.98
CA GLY H 372 19.71 89.83 10.18
C GLY H 372 19.11 88.46 10.37
N PHE H 373 19.36 87.85 11.54
CA PHE H 373 18.85 86.52 11.87
C PHE H 373 17.99 86.63 13.12
N GLY H 374 16.68 86.81 12.92
CA GLY H 374 15.76 86.91 14.03
C GLY H 374 15.99 88.13 14.91
N SER H 375 16.57 87.89 16.09
CA SER H 375 16.87 88.95 17.05
C SER H 375 18.31 88.85 17.54
N ARG H 376 19.22 88.45 16.65
CA ARG H 376 20.63 88.30 16.99
C ARG H 376 21.45 89.50 16.52
N GLY H 377 20.89 90.69 16.56
CA GLY H 377 21.59 91.89 16.14
C GLY H 377 20.70 92.88 15.42
N MET H 378 20.44 94.03 16.05
CA MET H 378 19.60 95.06 15.44
C MET H 378 20.03 96.49 15.76
N GLU H 379 20.79 96.72 16.83
CA GLU H 379 21.22 98.07 17.17
C GLU H 379 22.58 98.43 16.58
N GLY H 380 23.49 97.45 16.49
CA GLY H 380 24.79 97.73 15.94
C GLY H 380 24.78 98.00 14.45
N LYS H 381 23.78 97.45 13.74
CA LYS H 381 23.67 97.69 12.30
C LYS H 381 23.17 99.08 11.97
N ILE H 382 22.57 99.78 12.93
CA ILE H 382 22.08 101.13 12.70
C ILE H 382 23.18 102.16 12.83
N ARG H 383 24.01 102.05 13.88
CA ARG H 383 25.10 102.99 14.09
C ARG H 383 26.27 102.79 13.13
N ALA H 384 26.30 101.67 12.41
CA ALA H 384 27.40 101.40 11.48
C ALA H 384 27.22 102.09 10.14
N CYS H 385 25.99 102.44 9.76
CA CYS H 385 25.73 103.09 8.48
C CYS H 385 25.58 104.60 8.59
N GLN H 386 25.09 105.10 9.72
CA GLN H 386 24.92 106.54 9.89
C GLN H 386 26.25 107.25 10.12
N TRP H 387 27.25 106.53 10.65
CA TRP H 387 28.55 107.14 10.90
C TRP H 387 29.36 107.29 9.61
N ALA H 388 29.16 106.39 8.64
CA ALA H 388 29.90 106.50 7.39
C ALA H 388 29.35 107.61 6.51
N ARG H 389 28.05 107.88 6.59
CA ARG H 389 27.45 108.94 5.78
C ARG H 389 27.85 110.32 6.28
N GLU H 390 28.02 110.50 7.59
CA GLU H 390 28.41 111.80 8.12
C GLU H 390 29.89 112.09 7.86
N ASN H 391 30.72 111.05 7.76
CA ASN H 391 32.16 111.20 7.52
C ASN H 391 32.49 111.06 6.04
N GLN H 392 31.62 111.60 5.18
CA GLN H 392 31.76 111.59 3.72
C GLN H 392 32.33 110.30 3.15
N LYS H 393 31.93 109.16 3.74
CA LYS H 393 32.36 107.87 3.20
C LYS H 393 31.24 107.23 2.40
N PRO H 394 31.50 106.81 1.16
CA PRO H 394 30.44 106.22 0.34
C PRO H 394 30.06 104.83 0.83
N LEU H 395 28.89 104.38 0.38
CA LEU H 395 28.36 103.07 0.73
C LEU H 395 28.01 102.31 -0.54
N LEU H 396 27.58 101.07 -0.36
CA LEU H 396 27.21 100.19 -1.45
C LEU H 396 25.77 99.73 -1.28
N GLY H 397 25.21 99.19 -2.35
CA GLY H 397 23.84 98.70 -2.33
C GLY H 397 23.73 97.23 -2.00
N ILE H 398 23.51 96.93 -0.72
CA ILE H 398 23.38 95.56 -0.23
C ILE H 398 21.97 95.36 0.29
N CYS H 399 21.40 94.18 0.01
CA CYS H 399 20.05 93.88 0.47
C CYS H 399 20.05 93.62 1.98
N LEU H 400 18.85 93.35 2.51
CA LEU H 400 18.64 93.13 3.94
C LEU H 400 19.12 94.32 4.76
N GLY H 401 18.94 95.52 4.21
CA GLY H 401 19.37 96.73 4.87
C GLY H 401 18.40 97.89 4.70
N LEU H 402 17.32 97.65 3.96
CA LEU H 402 16.32 98.69 3.75
C LEU H 402 15.50 98.96 5.00
N GLN H 403 15.44 98.00 5.93
CA GLN H 403 14.70 98.22 7.17
C GLN H 403 15.46 99.13 8.14
N ALA H 404 16.79 99.08 8.11
CA ALA H 404 17.60 99.92 8.98
C ALA H 404 18.00 101.24 8.34
N ALA H 405 17.89 101.35 7.00
CA ALA H 405 18.26 102.59 6.34
C ALA H 405 17.24 103.69 6.58
N VAL H 406 15.96 103.32 6.75
CA VAL H 406 14.92 104.31 7.02
C VAL H 406 14.84 104.72 8.48
N ILE H 407 15.56 104.03 9.36
CA ILE H 407 15.55 104.38 10.77
C ILE H 407 16.52 105.52 11.06
N GLU H 408 17.76 105.39 10.57
CA GLU H 408 18.76 106.43 10.79
C GLU H 408 18.47 107.70 10.00
N PHE H 409 17.69 107.60 8.92
CA PHE H 409 17.36 108.77 8.13
C PHE H 409 16.26 109.61 8.76
N ALA H 410 15.37 108.99 9.52
CA ALA H 410 14.29 109.73 10.15
C ALA H 410 14.70 110.33 11.49
N ARG H 411 15.79 109.84 12.08
CA ARG H 411 16.26 110.36 13.36
C ARG H 411 17.30 111.46 13.21
N ASN H 412 18.06 111.45 12.12
CA ASN H 412 19.09 112.46 11.88
C ASN H 412 18.53 113.67 11.13
N LYS H 413 17.80 113.41 10.04
CA LYS H 413 17.23 114.52 9.27
C LYS H 413 16.00 115.11 9.95
N LEU H 414 15.23 114.29 10.65
CA LEU H 414 14.03 114.77 11.34
C LEU H 414 14.11 114.50 12.83
N GLY H 415 13.50 113.41 13.28
CA GLY H 415 13.52 113.06 14.70
C GLY H 415 12.42 112.09 15.07
N LEU H 416 12.25 111.04 14.29
CA LEU H 416 11.22 110.03 14.54
C LEU H 416 11.85 108.89 15.33
N LYS H 417 11.68 108.93 16.65
CA LYS H 417 12.23 107.90 17.52
C LYS H 417 11.33 106.68 17.62
N ASP H 418 10.02 106.83 17.37
CA ASP H 418 9.11 105.70 17.46
C ASP H 418 9.38 104.66 16.37
N ALA H 419 9.88 105.10 15.21
CA ALA H 419 10.17 104.19 14.11
C ALA H 419 11.39 103.34 14.48
N ASN H 420 11.15 102.08 14.84
CA ASN H 420 12.22 101.17 15.21
C ASN H 420 12.23 99.93 14.32
N THR H 421 12.65 98.80 14.88
CA THR H 421 12.70 97.56 14.11
C THR H 421 11.30 96.97 13.97
N THR H 422 10.91 96.67 12.73
CA THR H 422 9.59 96.12 12.45
C THR H 422 9.60 94.62 12.19
N GLU H 423 10.75 94.04 11.85
CA GLU H 423 10.84 92.61 11.56
C GLU H 423 10.89 91.76 12.82
N ILE H 424 11.01 92.37 14.00
CA ILE H 424 11.07 91.65 15.26
C ILE H 424 9.77 91.83 16.05
N ASP H 425 9.41 93.07 16.36
CA ASP H 425 8.19 93.39 17.11
C ASP H 425 7.41 94.45 16.35
N PRO H 426 6.41 94.04 15.57
CA PRO H 426 5.60 95.02 14.81
C PRO H 426 4.47 95.61 15.65
N ASN H 427 4.86 96.49 16.59
CA ASN H 427 3.90 97.14 17.46
C ASN H 427 4.02 98.66 17.46
N THR H 428 4.98 99.21 16.72
CA THR H 428 5.16 100.66 16.67
C THR H 428 4.10 101.29 15.77
N ALA H 429 3.96 102.62 15.91
CA ALA H 429 2.99 103.37 15.12
C ALA H 429 3.59 103.89 13.81
N ASN H 430 4.88 104.16 13.78
CA ASN H 430 5.55 104.66 12.58
C ASN H 430 6.27 103.54 11.84
N ALA H 431 5.57 102.43 11.65
CA ALA H 431 6.13 101.27 10.94
C ALA H 431 6.11 101.57 9.45
N LEU H 432 7.26 101.96 8.90
CA LEU H 432 7.33 102.29 7.48
C LEU H 432 7.32 101.02 6.63
N VAL H 433 8.28 100.14 6.84
CA VAL H 433 8.39 98.89 6.09
C VAL H 433 7.82 97.76 6.94
N ILE H 434 6.73 97.16 6.48
CA ILE H 434 6.10 96.06 7.19
C ILE H 434 6.17 94.80 6.34
N ASP H 435 5.45 93.76 6.74
CA ASP H 435 5.44 92.48 6.03
C ASP H 435 4.14 92.39 5.24
N MET H 436 4.24 92.52 3.92
CA MET H 436 3.09 92.43 3.03
C MET H 436 3.45 91.49 1.89
N PRO H 437 2.76 90.36 1.74
CA PRO H 437 3.07 89.44 0.64
C PRO H 437 2.54 89.94 -0.70
N GLU H 438 2.65 89.10 -1.73
CA GLU H 438 2.18 89.46 -3.06
C GLU H 438 0.68 89.23 -3.16
N HIS H 439 -0.05 90.27 -3.57
CA HIS H 439 -1.49 90.20 -3.72
C HIS H 439 -1.92 90.24 -5.18
N HIS H 440 -0.99 90.07 -6.12
CA HIS H 440 -1.31 90.09 -7.54
C HIS H 440 -1.46 88.68 -8.08
N THR H 441 -1.09 88.49 -9.35
CA THR H 441 -1.18 87.17 -9.97
C THR H 441 0.05 86.34 -9.66
N GLY H 442 -0.02 85.06 -9.96
CA GLY H 442 1.08 84.15 -9.71
C GLY H 442 1.10 83.60 -8.30
N GLN H 443 1.55 84.41 -7.35
CA GLN H 443 1.62 84.02 -5.94
C GLN H 443 0.39 84.55 -5.21
N LEU H 444 -0.31 83.67 -4.50
CA LEU H 444 -1.49 84.02 -3.75
C LEU H 444 -1.28 83.71 -2.27
N GLY H 445 -1.72 84.63 -1.42
CA GLY H 445 -1.57 84.44 0.01
C GLY H 445 -0.20 84.87 0.51
N GLY H 446 0.11 84.44 1.72
CA GLY H 446 1.38 84.77 2.34
C GLY H 446 2.55 84.00 1.76
N THR H 447 3.15 84.54 0.70
CA THR H 447 4.28 83.94 0.02
C THR H 447 5.53 84.80 0.25
N MET H 448 6.47 84.75 -0.68
CA MET H 448 7.71 85.51 -0.59
C MET H 448 7.85 86.40 -1.81
N ARG H 449 8.37 87.60 -1.60
CA ARG H 449 8.54 88.59 -2.67
C ARG H 449 9.80 88.25 -3.46
N LEU H 450 9.65 87.35 -4.43
CA LEU H 450 10.75 86.94 -5.29
C LEU H 450 10.17 86.33 -6.56
N GLY H 451 11.06 86.08 -7.51
CA GLY H 451 10.68 85.46 -8.77
C GLY H 451 11.08 86.32 -9.95
N LYS H 452 10.72 85.84 -11.14
CA LYS H 452 11.01 86.54 -12.38
C LYS H 452 10.17 87.80 -12.50
N ARG H 453 10.67 88.91 -11.96
CA ARG H 453 9.98 90.19 -11.98
C ARG H 453 10.70 91.18 -12.89
N ILE H 454 9.92 92.07 -13.50
CA ILE H 454 10.46 93.07 -14.40
C ILE H 454 10.68 94.36 -13.62
N THR H 455 11.91 94.86 -13.64
CA THR H 455 12.29 96.08 -12.93
C THR H 455 12.48 97.20 -13.95
N VAL H 456 11.70 98.27 -13.80
CA VAL H 456 11.74 99.42 -14.69
C VAL H 456 12.21 100.63 -13.90
N PHE H 457 13.23 101.32 -14.42
CA PHE H 457 13.77 102.49 -13.76
C PHE H 457 12.85 103.69 -13.98
N SER H 458 13.20 104.81 -13.35
CA SER H 458 12.42 106.04 -13.45
C SER H 458 13.22 107.20 -14.00
N ASP H 459 14.41 107.47 -13.43
CA ASP H 459 15.23 108.58 -13.88
C ASP H 459 16.14 108.16 -15.03
N GLY H 460 17.30 108.81 -15.15
CA GLY H 460 18.23 108.51 -16.21
C GLY H 460 19.66 108.55 -15.75
N PRO H 461 20.22 109.76 -15.61
CA PRO H 461 21.63 109.89 -15.18
C PRO H 461 21.82 109.48 -13.72
N SER H 462 22.60 108.42 -13.50
CA SER H 462 22.88 107.91 -12.17
C SER H 462 24.19 107.14 -12.23
N VAL H 463 24.40 106.25 -11.24
CA VAL H 463 25.62 105.44 -11.18
C VAL H 463 25.36 103.96 -11.39
N ILE H 464 24.10 103.52 -11.34
CA ILE H 464 23.75 102.12 -11.52
C ILE H 464 22.87 101.92 -12.76
N ARG H 465 22.96 102.83 -13.72
CA ARG H 465 22.16 102.73 -14.94
C ARG H 465 23.00 103.02 -16.18
N GLN H 466 23.99 103.89 -16.03
CA GLN H 466 24.85 104.25 -17.17
C GLN H 466 25.83 103.16 -17.52
N LEU H 467 26.02 102.17 -16.65
CA LEU H 467 26.96 101.08 -16.93
C LEU H 467 26.35 99.98 -17.79
N TYR H 468 25.03 99.95 -17.94
CA TYR H 468 24.34 98.96 -18.75
C TYR H 468 24.04 99.47 -20.16
N GLY H 469 24.73 100.51 -20.60
CA GLY H 469 24.48 101.04 -21.93
C GLY H 469 23.16 101.75 -22.09
N ASN H 470 22.68 102.42 -21.03
CA ASN H 470 21.41 103.14 -21.02
C ASN H 470 20.27 102.20 -21.38
N PRO H 471 19.85 101.32 -20.46
CA PRO H 471 18.75 100.40 -20.76
C PRO H 471 17.38 101.05 -20.56
N LYS H 472 16.37 100.23 -20.29
CA LYS H 472 15.02 100.73 -20.05
C LYS H 472 14.23 99.73 -19.22
N SER H 473 14.63 98.47 -19.25
CA SER H 473 13.94 97.42 -18.50
C SER H 473 14.92 96.26 -18.30
N VAL H 474 15.51 96.18 -17.12
CA VAL H 474 16.47 95.15 -16.77
C VAL H 474 15.78 94.09 -15.93
N GLN H 475 16.08 92.82 -16.19
CA GLN H 475 15.49 91.70 -15.47
C GLN H 475 16.36 91.39 -14.26
N GLU H 476 15.83 91.67 -13.06
CA GLU H 476 16.54 91.42 -11.82
C GLU H 476 15.64 90.64 -10.87
N ARG H 477 16.27 89.87 -9.98
CA ARG H 477 15.57 89.06 -9.01
C ARG H 477 15.86 89.57 -7.60
N HIS H 478 14.92 89.35 -6.69
CA HIS H 478 15.04 89.76 -5.30
C HIS H 478 14.94 88.55 -4.39
N ARG H 479 15.18 88.78 -3.10
CA ARG H 479 15.14 87.72 -2.09
C ARG H 479 14.81 88.39 -0.75
N HIS H 480 13.53 88.76 -0.59
CA HIS H 480 13.06 89.39 0.63
C HIS H 480 11.56 89.17 0.73
N ARG H 481 10.97 89.63 1.84
CA ARG H 481 9.54 89.49 2.07
C ARG H 481 8.88 90.76 2.59
N TYR H 482 9.63 91.79 2.95
CA TYR H 482 9.09 93.03 3.46
C TYR H 482 9.00 94.06 2.33
N GLU H 483 7.88 94.77 2.27
CA GLU H 483 7.65 95.79 1.26
C GLU H 483 7.43 97.14 1.92
N VAL H 484 7.64 98.19 1.13
CA VAL H 484 7.49 99.57 1.60
C VAL H 484 6.05 100.01 1.37
N ASN H 485 5.48 100.68 2.37
CA ASN H 485 4.11 101.15 2.27
C ASN H 485 4.06 102.43 1.45
N PRO H 486 3.18 102.53 0.45
CA PRO H 486 3.10 103.76 -0.35
C PRO H 486 2.44 104.92 0.37
N LYS H 487 1.88 104.71 1.56
CA LYS H 487 1.22 105.77 2.30
C LYS H 487 2.12 106.41 3.36
N TYR H 488 3.28 105.81 3.65
CA TYR H 488 4.20 106.34 4.63
C TYR H 488 5.47 106.89 4.00
N VAL H 489 5.42 107.27 2.72
CA VAL H 489 6.57 107.81 2.02
C VAL H 489 6.35 109.29 1.76
N HIS H 490 5.54 109.94 2.60
CA HIS H 490 5.26 111.36 2.41
C HIS H 490 6.47 112.22 2.75
N LEU H 491 7.24 111.83 3.77
CA LEU H 491 8.41 112.59 4.18
C LEU H 491 9.65 112.27 3.34
N LEU H 492 9.58 111.27 2.45
CA LEU H 492 10.71 110.94 1.60
C LEU H 492 10.70 111.72 0.30
N GLU H 493 9.56 112.32 -0.07
CA GLU H 493 9.47 113.08 -1.32
C GLU H 493 9.74 114.57 -1.13
N GLU H 494 9.48 115.10 0.07
CA GLU H 494 9.70 116.51 0.33
C GLU H 494 11.14 116.83 0.70
N GLN H 495 12.02 115.84 0.73
CA GLN H 495 13.44 116.03 1.00
C GLN H 495 14.27 115.64 -0.23
N GLY H 496 15.54 115.35 -0.02
CA GLY H 496 16.41 114.95 -1.11
C GLY H 496 16.58 113.45 -1.21
N MET H 497 15.48 112.72 -1.13
CA MET H 497 15.47 111.26 -1.18
C MET H 497 14.68 110.84 -2.42
N ARG H 498 15.32 110.92 -3.57
CA ARG H 498 14.66 110.58 -4.83
C ARG H 498 14.59 109.06 -5.01
N PHE H 499 13.91 108.65 -6.08
CA PHE H 499 13.74 107.23 -6.41
C PHE H 499 14.14 107.06 -7.88
N VAL H 500 15.31 106.48 -8.11
CA VAL H 500 15.82 106.29 -9.46
C VAL H 500 15.51 104.88 -9.94
N GLY H 501 14.50 104.26 -9.35
CA GLY H 501 14.12 102.90 -9.73
C GLY H 501 12.85 102.43 -9.06
N THR H 502 11.82 102.17 -9.85
CA THR H 502 10.54 101.69 -9.31
C THR H 502 10.21 100.31 -9.87
N ASP H 503 8.93 99.96 -9.83
CA ASP H 503 8.45 98.68 -10.34
C ASP H 503 7.51 98.91 -11.52
N VAL H 504 6.78 97.86 -11.91
CA VAL H 504 5.83 97.96 -13.01
C VAL H 504 4.48 98.51 -12.60
N ASP H 505 4.27 98.76 -11.30
CA ASP H 505 3.02 99.33 -10.81
C ASP H 505 3.21 100.71 -10.20
N LYS H 506 4.46 101.20 -10.11
CA LYS H 506 4.77 102.51 -9.53
C LYS H 506 4.24 102.61 -8.10
N THR H 507 4.48 101.57 -7.30
CA THR H 507 4.03 101.54 -5.92
C THR H 507 5.18 101.15 -4.99
N ARG H 508 5.92 100.11 -5.34
CA ARG H 508 7.03 99.61 -4.54
C ARG H 508 8.29 100.37 -4.89
N MET H 509 8.91 101.01 -3.90
CA MET H 509 10.16 101.74 -4.09
C MET H 509 11.32 100.81 -3.75
N GLU H 510 11.74 100.03 -4.75
CA GLU H 510 12.80 99.06 -4.54
C GLU H 510 14.18 99.70 -4.60
N ILE H 511 14.32 100.83 -5.29
CA ILE H 511 15.60 101.52 -5.44
C ILE H 511 15.45 102.92 -4.86
N ILE H 512 16.32 103.26 -3.91
CA ILE H 512 16.31 104.56 -3.27
C ILE H 512 17.69 105.20 -3.42
N GLU H 513 17.72 106.53 -3.38
CA GLU H 513 18.97 107.27 -3.53
C GLU H 513 18.85 108.58 -2.78
N LEU H 514 19.90 108.95 -2.05
CA LEU H 514 19.93 110.17 -1.26
C LEU H 514 20.71 111.24 -2.03
N SER H 515 20.06 112.36 -2.32
CA SER H 515 20.72 113.45 -3.02
C SER H 515 21.73 114.15 -2.11
N GLY H 516 22.71 114.78 -2.74
CA GLY H 516 23.77 115.47 -2.04
C GLY H 516 24.97 114.60 -1.69
N HIS H 517 24.75 113.30 -1.50
CA HIS H 517 25.86 112.41 -1.18
C HIS H 517 26.69 112.16 -2.44
N PRO H 518 28.02 112.11 -2.32
CA PRO H 518 28.84 111.89 -3.52
C PRO H 518 28.66 110.52 -4.15
N TYR H 519 28.39 109.49 -3.36
CA TYR H 519 28.20 108.15 -3.91
C TYR H 519 27.37 107.34 -2.91
N PHE H 520 26.06 107.28 -3.15
CA PHE H 520 25.13 106.55 -2.30
C PHE H 520 24.33 105.59 -3.15
N VAL H 521 24.53 104.29 -2.94
CA VAL H 521 23.84 103.24 -3.67
C VAL H 521 23.04 102.40 -2.68
N ALA H 522 21.77 102.18 -2.98
CA ALA H 522 20.91 101.38 -2.12
C ALA H 522 19.76 100.84 -2.97
N THR H 523 19.56 99.52 -2.90
CA THR H 523 18.51 98.86 -3.65
C THR H 523 18.10 97.60 -2.91
N GLN H 524 17.44 96.67 -3.61
CA GLN H 524 16.97 95.43 -3.01
C GLN H 524 17.53 94.17 -3.66
N TYR H 525 17.88 94.23 -4.94
CA TYR H 525 18.41 93.04 -5.61
C TYR H 525 19.85 92.80 -5.19
N HIS H 526 20.41 91.67 -5.65
CA HIS H 526 21.76 91.26 -5.31
C HIS H 526 22.64 91.29 -6.55
N PRO H 527 23.35 92.40 -6.81
CA PRO H 527 24.22 92.46 -7.98
C PRO H 527 25.55 91.74 -7.80
N GLU H 528 25.84 91.23 -6.61
CA GLU H 528 27.12 90.54 -6.38
C GLU H 528 27.14 89.16 -7.02
N TYR H 529 25.98 88.48 -7.06
CA TYR H 529 25.93 87.16 -7.67
C TYR H 529 26.00 87.22 -9.19
N LEU H 530 25.71 88.37 -9.80
CA LEU H 530 25.80 88.54 -11.23
C LEU H 530 27.12 89.16 -11.67
N SER H 531 28.15 89.09 -10.83
CA SER H 531 29.46 89.65 -11.15
C SER H 531 30.19 88.79 -12.16
N ARG H 532 29.88 88.97 -13.44
CA ARG H 532 30.54 88.21 -14.49
C ARG H 532 31.95 88.76 -14.75
N PRO H 533 32.88 87.89 -15.16
CA PRO H 533 34.24 88.37 -15.45
C PRO H 533 34.31 89.32 -16.63
N LEU H 534 33.32 89.30 -17.53
CA LEU H 534 33.30 90.19 -18.67
C LEU H 534 32.38 91.39 -18.47
N LYS H 535 31.63 91.44 -17.36
CA LYS H 535 30.73 92.54 -17.07
C LYS H 535 30.83 92.87 -15.58
N PRO H 536 31.49 93.95 -15.22
CA PRO H 536 31.62 94.30 -13.79
C PRO H 536 30.27 94.67 -13.19
N SER H 537 30.22 94.63 -11.85
CA SER H 537 29.00 94.95 -11.13
C SER H 537 28.83 96.46 -11.02
N PRO H 538 27.60 96.93 -10.93
CA PRO H 538 27.36 98.38 -10.82
C PRO H 538 28.01 98.99 -9.59
N PRO H 539 27.74 98.49 -8.36
CA PRO H 539 28.07 99.31 -7.18
C PRO H 539 29.55 99.32 -6.82
N PHE H 540 30.15 98.13 -6.62
CA PHE H 540 31.52 98.08 -6.14
C PHE H 540 32.53 98.58 -7.16
N LEU H 541 32.19 98.57 -8.44
CA LEU H 541 33.13 99.04 -9.46
C LEU H 541 33.07 100.56 -9.59
N GLY H 542 31.89 101.15 -9.43
CA GLY H 542 31.76 102.60 -9.54
C GLY H 542 32.40 103.36 -8.40
N LEU H 543 32.62 102.71 -7.26
CA LEU H 543 33.24 103.38 -6.13
C LEU H 543 34.74 103.56 -6.33
N ILE H 544 35.40 102.57 -6.94
CA ILE H 544 36.84 102.66 -7.18
C ILE H 544 37.14 103.60 -8.33
N LEU H 545 36.29 103.60 -9.36
CA LEU H 545 36.53 104.48 -10.50
C LEU H 545 36.33 105.95 -10.14
N ALA H 546 35.36 106.23 -9.27
CA ALA H 546 35.08 107.60 -8.84
C ALA H 546 35.90 108.01 -7.63
N SER H 547 36.95 107.26 -7.29
CA SER H 547 37.80 107.58 -6.15
C SER H 547 39.03 108.37 -6.57
N VAL H 548 39.89 107.78 -7.38
CA VAL H 548 41.10 108.43 -7.86
C VAL H 548 41.07 108.73 -9.35
N ASP H 549 40.22 108.06 -10.12
CA ASP H 549 40.10 108.27 -11.56
C ASP H 549 41.45 108.06 -12.26
N ARG H 550 42.07 106.92 -11.98
CA ARG H 550 43.37 106.56 -12.54
C ARG H 550 43.13 105.66 -13.75
N LEU H 551 43.20 106.24 -14.94
CA LEU H 551 43.00 105.50 -16.18
C LEU H 551 44.21 105.51 -17.10
N ASN H 552 45.31 106.17 -16.69
CA ASN H 552 46.52 106.24 -17.50
C ASN H 552 47.52 105.14 -17.15
N GLN H 553 47.06 104.02 -16.60
CA GLN H 553 47.94 102.92 -16.24
C GLN H 553 48.13 101.92 -17.37
N TYR H 554 47.13 101.74 -18.23
CA TYR H 554 47.26 100.79 -19.33
C TYR H 554 48.29 101.23 -20.35
N ILE H 555 48.53 102.55 -20.48
CA ILE H 555 49.50 103.06 -21.43
C ILE H 555 50.92 103.06 -20.88
N GLN H 556 51.12 102.62 -19.64
CA GLN H 556 52.45 102.61 -19.05
C GLN H 556 53.13 101.25 -19.19
N ARG H 557 52.37 100.16 -19.27
CA ARG H 557 52.96 98.84 -19.41
C ARG H 557 53.51 98.64 -20.82
N GLY H 558 52.63 98.59 -21.80
CA GLY H 558 53.06 98.41 -23.18
C GLY H 558 53.52 97.01 -23.52
N CYS H 559 53.05 96.00 -22.80
CA CYS H 559 53.41 94.60 -23.03
C CYS H 559 54.92 94.40 -22.96
N ARG H 560 55.45 94.24 -21.75
CA ARG H 560 56.89 94.03 -21.61
C ARG H 560 57.31 92.66 -22.13
N LEU H 561 56.58 91.61 -21.76
CA LEU H 561 56.88 90.26 -22.19
C LEU H 561 56.01 89.93 -23.40
N SER H 562 56.38 90.54 -24.53
CA SER H 562 55.64 90.34 -25.78
C SER H 562 56.41 89.42 -26.72
#